data_7U1A
#
_entry.id   7U1A
#
_cell.length_a   1.00
_cell.length_b   1.00
_cell.length_c   1.00
_cell.angle_alpha   90.00
_cell.angle_beta   90.00
_cell.angle_gamma   90.00
#
_symmetry.space_group_name_H-M   'P 1'
#
loop_
_entity.id
_entity.type
_entity.pdbx_description
1 polymer 'Replication factor C subunit 1'
2 polymer 'Replication factor C subunit 4'
3 polymer 'Replication factor C subunit 3'
4 polymer 'Replication factor C subunit 2'
5 polymer 'Replication factor C subunit 5'
6 polymer 'Proliferating cell nuclear antigen'
7 polymer 'DNA - Primer'
8 polymer 'DNA - Template'
9 polymer 'DNA - non primer'
10 non-polymer 'PHOSPHOTHIOPHOSPHORIC ACID-ADENYLATE ESTER'
11 non-polymer 'MAGNESIUM ION'
12 non-polymer "ADENOSINE-5'-DIPHOSPHATE"
#
loop_
_entity_poly.entity_id
_entity_poly.type
_entity_poly.pdbx_seq_one_letter_code
_entity_poly.pdbx_strand_id
1 'polypeptide(L)'
;MVNISDFFGKNKKSVRSSTSRPTRQVGSSKPEVIDLDTESDQESTNKTPKKMPVSNVIDVSETPEGEKKLPLPAKRKASS
PTVKPASSKKTKPSSKSSDSASNITAQDVLDKIPSLDLSNVHVKENAKFDFKSANSNADPDEIVSEIGSFPEGKPNCLLG
LTIVFTGVLPTLERGASEALAKRYGARVTKSISSKTSVVVLGDEAGPKKLEKIKQLKIKAIDEEGFKQLIAGMPAEGGDG
EAAEKARRKLEEQHNIATKEAELLVKKEEERSKKLAATRVSGGHLERDNVVREEDKLWTVKYAPTNLQQVCGNKGSVMKL
KNWLANWENSKKNSFKHAGKDGSGVFRAAMLYGPPGIGKTTAAHLVAQELGYDILEQNASDVRSKTLLNAGVKNALDNMS
VVGYFKHNEEAQNLNGKHFVIIMDEVDGMSGGDRGGVGQLAQFCRKTSTPLILICNERNLPKMRPFDRVCLDIQFRRPDA
NSIKSRLMTIAIREKFKLDPNVIDRLIQTTRGDIRQVINLLSTISTTTKTINHENINEISKAWEKNIALKPFDIAHKMLD
GQIYSDIGSRNFTLNDKIALYFDDFDFTPLMIQENYLSTRPSVLKPGQSHLEAVAEAANCISLGDIVEKKIRSSEQLWSL
LPLHAVLSSVYPASKVAGHMAGRINFTAWLGQNSKSAKYYRLLQEIHYHTRLGTSTDKIGLRLDYLPTFRKRLLDPFLKQ
GADAISSVIEVMDDYYLTKEDWDSIMEFFVGPDVTTAIIKKIPATVKSGFTRKYNSMTHPVAIYRTGSTIGGGGVGTSTS
TPDFEDVVDADDNPVPADDEETQDSSTDLKKDKLIKQKAKPTKRKTATSKPGGSKKRKTKA
;
A
2 'polypeptide(L)'
;MSKTLSLQLPWVEKYRPQVLSDIVGNKETIDRLQQIAKDGNMPHMIISGMPGIGKTTSVHCLAHELLGRSYADGVLELNA
SDDRGIDVVRNQIKHFAQKKLHLPPGKHKIVILDEADSMTAGAQQALRRTMELYSNSTRFAFACNQSNKIIEPLQSRCAI
LRYSKLSDEDVLKRLLQIIKLEDVKYTNDGLEAIIFTAEGDMRQAINNLQSTVAGHGLVNADNVFKIVDSPHPLIVKKML
LASNLEDSIQILRTDLWKKGYSSIDIVTTSFRVTKNLAQVKESVRLEMIKEIGLTHMRILEGVGTYLQLASMLAKIHKLN
NKA
;
B
3 'polypeptide(L)'
;MSTSTEKRSKENLPWVEKYRPETLDEVYGQNEVITTVRKFVDEGKLPHLLFYGPPGTGKTSTIVALAREIYGKNYSNMVL
ELNASDDRGIDVVRNQIKDFASTRQIFSKGFKLIILDEADAMTNAAQNALRRVIERYTKNTRFCVLANYAHKLTPALLSR
CTRFRFQPLPQEAIERRIANVLVHEKLKLSPNAEKALIELSNGDMRRVLNVLQSCKATLDNPDEDEISDDVIYECCGAPR
PSDLKAVLKSILEDDWGTAHYTLNKVRSAKGLALIDLIEGIVKILEDYELQNEETRVHLLTKLADIEYSISKGGNDQIQG
SAVIGAIKASFENETVKANV
;
C
4 'polypeptide(L)'
;MFEGFGPNKKRKISKLAAEQSLAQQPWVEKYRPKNLDEVTAQDHAVTVLKKTLKSANLPHMLFYGPPGTGKTSTILALTK
ELYGPDLMKSRILELNASDERGISIVREKVKNFARLTVSKPSKHDLENYPCPPYKIIILDEADSMTADAQSALRRTMETY
SGVTRFCLICNYVTRIIDPLASRCSKFRFKALDASNAIDRLRFISEQENVKCDDGVLERILDISAGDLRRGITLLQSASK
GAQYLGDGKNITSTQVEELAGVVPHDILIEIVEKVKSGDFDEIKKYVNTFMKSGWSAASVVNQLHEYYITNDNFDTNFKN
QISWLLFTTDSRLNNGTNEHIQLLNLLVKISQL
;
D
5 'polypeptide(L)'
;MSLWVDKYRPKSLNALSHNEELTNFLKSLSDQPRDLPHLLLYGPNGTGKKTRCMALLESIFGPGVYRLKIDVRQFVTASN
RKLELNVVSSPYHLEITPSDMGNNDRIVIQELLKEVAQMEQVDFQDSKDGLAHRYKCVIINEANSLTKDAQAALRRTMEK
YSKNIRLIMVCDSMSPIIAPIKSRCLLIRCPAPSDSEISTILSDVVTNERIQLETKDILKRIAQASNGNLRVSLLMLESM
ALNNELALKSSSPIIKPDWIIVIHKLTRKIVKERSVNSLIECRAVLYDLLAHCIPANIILKELTFSLLDVETLNTTNKSS
IIEYSSVFDERLSLGNKAIFHLEGFIAKVMCCLD
;
E
6 'polypeptide(L)'
;GPHMASMLEAKFEEASLFKRIIDGFKDCVQLVNFQCKEDGIIAQAVDDSRVLLVSLEIGVEAFQEYRCDHPVTLGMDLTS
LSKILRCGNNTDTLTLIADNTPDSIILLFEDTKKDRIAEYSLKLMDIDADFLKIEELQYDSTLSLPSSEFSKIVRDLSQL
SDSINIMITKETIKFVADGDIGSGSVIIKPFVDMEHPETSIKLEMDQPVDLTFGAKYLLDIIKGSSLSDRVGIRLSSEAP
ALFQFDLKSGFLQFFLAPKFNDEE
;
F,G,H
7 'polydeoxyribonucleotide'
;(DG)(DG)(DG)(DA)(DC)(DG)(DC)(DA)(DC)(DG)(DC)(DG)(DG)(DC)(DA)(DT)(DT)(DC)(DA)(DA)
(DG)(DG)(DA)(DC)
;
I
8 'polydeoxyribonucleotide'
;(DT)(DT)(DG)(DT)(DG)(DG)(DG)(DT)(DA)(DG)(DA)(DT)(DA)(DA)(DA)(DT)(DA)(DC)(DA)(DG)
(DA)(DC)(DC)(DT)(DA)(DA)(DG)(DT)(DC)(DC)(DT)(DT)(DG)(DA)(DA)(DT)(DG)(DC)(DC)(DG)
(DC)(DG)(DT)(DG)(DC)(DG)(DT)(DC)(DC)(DC)
;
J
9 'polydeoxyribonucleotide' (DC)(DT)(DG)(DT)(DA)(DT)(DT)(DT)(DA)(DT)(DC)(DT)(DA)(DC)(DC)(DC)(DA)(DC)(DA)(DA) K
#
loop_
_chem_comp.id
_chem_comp.type
_chem_comp.name
_chem_comp.formula
ADP non-polymer ADENOSINE-5'-DIPHOSPHATE 'C10 H15 N5 O10 P2'
AGS non-polymer 'PHOSPHOTHIOPHOSPHORIC ACID-ADENYLATE ESTER' 'C10 H16 N5 O12 P3 S'
DA DNA linking 2'-DEOXYADENOSINE-5'-MONOPHOSPHATE 'C10 H14 N5 O6 P'
DC DNA linking 2'-DEOXYCYTIDINE-5'-MONOPHOSPHATE 'C9 H14 N3 O7 P'
DG DNA linking 2'-DEOXYGUANOSINE-5'-MONOPHOSPHATE 'C10 H14 N5 O7 P'
DT DNA linking THYMIDINE-5'-MONOPHOSPHATE 'C10 H15 N2 O8 P'
MG non-polymer 'MAGNESIUM ION' 'Mg 2'
#
# COMPACT_ATOMS: atom_id res chain seq x y z
N SER A 149 16.48 -1.59 54.68
CA SER A 149 17.59 -1.06 55.45
C SER A 149 17.24 0.31 56.05
N PHE A 150 16.11 0.87 55.63
CA PHE A 150 15.68 2.19 56.09
C PHE A 150 14.85 2.09 57.36
N PRO A 151 15.22 2.86 58.38
CA PRO A 151 14.46 2.81 59.65
C PRO A 151 13.02 3.25 59.45
N GLU A 152 12.12 2.64 60.21
CA GLU A 152 10.70 2.97 60.14
C GLU A 152 10.44 4.28 60.87
N GLY A 153 10.34 5.37 60.11
CA GLY A 153 10.08 6.66 60.71
C GLY A 153 8.65 6.81 61.19
N LYS A 154 8.43 7.79 62.07
CA LYS A 154 7.09 8.05 62.56
C LYS A 154 6.19 8.50 61.41
N PRO A 155 4.90 8.21 61.47
CA PRO A 155 4.01 8.57 60.36
C PRO A 155 3.97 10.08 60.13
N ASN A 156 4.06 10.47 58.86
CA ASN A 156 4.05 11.88 58.47
C ASN A 156 5.14 12.69 59.16
N CYS A 157 6.29 12.06 59.40
CA CYS A 157 7.39 12.78 60.03
C CYS A 157 7.96 13.84 59.11
N LEU A 158 7.94 13.61 57.80
CA LEU A 158 8.42 14.55 56.80
C LEU A 158 7.32 15.49 56.32
N LEU A 159 6.16 15.48 56.98
CA LEU A 159 5.07 16.36 56.61
C LEU A 159 5.49 17.82 56.70
N GLY A 160 5.18 18.58 55.63
CA GLY A 160 5.50 19.99 55.58
C GLY A 160 6.81 20.35 54.92
N LEU A 161 7.68 19.37 54.65
CA LEU A 161 8.98 19.65 54.07
C LEU A 161 8.96 19.48 52.56
N THR A 162 9.73 20.31 51.87
CA THR A 162 9.90 20.24 50.43
C THR A 162 11.30 19.69 50.17
N ILE A 163 11.37 18.52 49.53
CA ILE A 163 12.63 17.80 49.33
C ILE A 163 12.88 17.64 47.83
N VAL A 164 14.09 17.99 47.40
CA VAL A 164 14.54 17.81 46.03
C VAL A 164 15.73 16.87 46.03
N PHE A 165 15.67 15.83 45.19
CA PHE A 165 16.74 14.86 45.09
C PHE A 165 17.63 15.21 43.90
N THR A 166 18.95 15.22 44.12
CA THR A 166 19.90 15.53 43.07
C THR A 166 21.00 14.48 43.04
N GLY A 167 21.56 14.26 41.84
CA GLY A 167 22.60 13.26 41.67
C GLY A 167 22.07 11.85 41.68
N VAL A 168 22.98 10.89 41.77
CA VAL A 168 22.65 9.48 41.79
C VAL A 168 22.99 8.91 43.16
N LEU A 169 21.99 8.29 43.80
CA LEU A 169 22.16 7.79 45.17
C LEU A 169 22.46 6.30 45.12
N PRO A 170 23.62 5.86 45.63
CA PRO A 170 24.06 4.47 45.41
C PRO A 170 23.25 3.41 46.15
N THR A 171 22.43 3.77 47.13
CA THR A 171 21.65 2.78 47.85
C THR A 171 20.21 2.70 47.38
N LEU A 172 19.54 3.83 47.21
CA LEU A 172 18.17 3.85 46.74
C LEU A 172 18.10 4.56 45.40
N GLU A 173 17.30 4.03 44.49
CA GLU A 173 17.08 4.68 43.21
C GLU A 173 16.34 5.99 43.40
N ARG A 174 16.50 6.91 42.44
CA ARG A 174 15.87 8.22 42.54
C ARG A 174 14.36 8.12 42.66
N GLY A 175 13.73 7.26 41.84
CA GLY A 175 12.29 7.08 41.94
C GLY A 175 11.87 6.48 43.26
N ALA A 176 12.61 5.47 43.73
CA ALA A 176 12.32 4.88 45.02
C ALA A 176 12.50 5.89 46.15
N SER A 177 13.54 6.73 46.06
CA SER A 177 13.76 7.77 47.05
C SER A 177 12.60 8.77 47.05
N GLU A 178 12.13 9.16 45.86
CA GLU A 178 11.01 10.08 45.77
C GLU A 178 9.75 9.48 46.37
N ALA A 179 9.48 8.20 46.08
CA ALA A 179 8.31 7.54 46.63
C ALA A 179 8.40 7.43 48.15
N LEU A 180 9.59 7.11 48.68
CA LEU A 180 9.77 7.06 50.12
C LEU A 180 9.61 8.43 50.75
N ALA A 181 10.05 9.48 50.06
CA ALA A 181 9.83 10.83 50.57
C ALA A 181 8.35 11.16 50.65
N LYS A 182 7.60 10.83 49.60
CA LYS A 182 6.15 11.06 49.65
C LYS A 182 5.47 10.13 50.66
N ARG A 183 6.14 9.04 51.04
CA ARG A 183 5.56 8.11 52.00
C ARG A 183 5.29 8.77 53.35
N TYR A 184 6.24 9.58 53.84
CA TYR A 184 6.06 10.30 55.09
C TYR A 184 5.54 11.73 54.88
N GLY A 185 4.89 12.00 53.74
CA GLY A 185 4.22 13.27 53.54
C GLY A 185 5.09 14.40 53.01
N ALA A 186 6.36 14.13 52.71
CA ALA A 186 7.22 15.18 52.17
C ALA A 186 6.81 15.55 50.75
N ARG A 187 6.86 16.85 50.45
CA ARG A 187 6.57 17.32 49.11
C ARG A 187 7.82 17.25 48.26
N VAL A 188 7.71 16.65 47.08
CA VAL A 188 8.84 16.43 46.19
C VAL A 188 8.67 17.30 44.95
N THR A 189 9.67 18.14 44.69
CA THR A 189 9.71 18.98 43.50
C THR A 189 11.00 18.70 42.74
N LYS A 190 10.90 18.68 41.42
CA LYS A 190 12.07 18.36 40.59
C LYS A 190 13.05 19.53 40.51
N SER A 191 12.59 20.75 40.75
CA SER A 191 13.42 21.94 40.64
C SER A 191 13.67 22.56 42.01
N ILE A 192 14.89 23.04 42.22
CA ILE A 192 15.25 23.70 43.46
C ILE A 192 14.72 25.12 43.44
N SER A 193 13.95 25.49 44.46
CA SER A 193 13.36 26.80 44.57
C SER A 193 13.56 27.35 45.98
N SER A 194 13.12 28.59 46.19
CA SER A 194 13.26 29.23 47.49
C SER A 194 12.42 28.56 48.56
N LYS A 195 11.39 27.80 48.19
CA LYS A 195 10.55 27.09 49.15
C LYS A 195 11.10 25.72 49.53
N THR A 196 12.20 25.30 48.92
CA THR A 196 12.79 24.00 49.24
C THR A 196 13.40 24.04 50.64
N SER A 197 13.09 23.02 51.45
CA SER A 197 13.64 22.95 52.80
C SER A 197 14.95 22.16 52.83
N VAL A 198 14.96 20.98 52.22
CA VAL A 198 16.13 20.10 52.26
C VAL A 198 16.35 19.54 50.85
N VAL A 199 17.61 19.56 50.42
CA VAL A 199 18.03 18.95 49.16
C VAL A 199 18.98 17.81 49.48
N VAL A 200 18.63 16.62 49.00
CA VAL A 200 19.46 15.44 49.20
C VAL A 200 20.53 15.42 48.10
N LEU A 201 21.80 15.45 48.50
CA LEU A 201 22.91 15.58 47.57
C LEU A 201 23.51 14.22 47.29
N GLY A 202 23.54 13.85 46.00
CA GLY A 202 24.17 12.62 45.57
C GLY A 202 25.38 12.87 44.69
N ASP A 203 25.98 11.76 44.25
CA ASP A 203 27.16 11.84 43.39
C ASP A 203 26.77 12.28 41.98
N GLU A 204 27.72 12.93 41.30
CA GLU A 204 27.57 13.36 39.90
C GLU A 204 26.43 14.38 39.77
N ALA A 205 26.13 15.09 40.86
CA ALA A 205 25.07 16.09 40.84
C ALA A 205 25.44 17.23 39.91
N GLY A 206 24.46 17.71 39.15
CA GLY A 206 24.67 18.75 38.17
C GLY A 206 25.24 20.01 38.79
N PRO A 207 26.21 20.62 38.10
CA PRO A 207 26.88 21.79 38.69
C PRO A 207 25.96 22.97 38.96
N LYS A 208 24.96 23.19 38.10
CA LYS A 208 24.09 24.34 38.31
C LYS A 208 23.08 24.04 39.42
N LYS A 209 22.79 22.75 39.68
CA LYS A 209 22.14 22.42 40.94
C LYS A 209 22.91 23.00 42.13
N LEU A 210 24.23 22.72 42.17
CA LEU A 210 25.06 23.21 43.26
C LEU A 210 25.12 24.73 43.29
N GLU A 211 25.18 25.38 42.12
CA GLU A 211 25.17 26.84 42.10
C GLU A 211 23.88 27.40 42.68
N LYS A 212 22.75 26.79 42.32
CA LYS A 212 21.46 27.22 42.87
C LYS A 212 21.40 27.02 44.38
N ILE A 213 21.90 25.89 44.86
CA ILE A 213 21.95 25.65 46.31
C ILE A 213 22.81 26.71 46.99
N LYS A 214 23.95 27.06 46.37
CA LYS A 214 24.83 28.04 46.97
C LYS A 214 24.19 29.42 47.04
N GLN A 215 23.51 29.84 45.97
CA GLN A 215 22.84 31.14 46.01
C GLN A 215 21.68 31.14 46.99
N LEU A 216 20.89 30.07 47.04
CA LEU A 216 19.75 30.00 47.94
C LEU A 216 20.13 29.62 49.37
N LYS A 217 21.38 29.20 49.60
CA LYS A 217 21.86 28.85 50.94
C LYS A 217 20.99 27.78 51.59
N ILE A 218 20.57 26.80 50.79
CA ILE A 218 19.72 25.72 51.25
C ILE A 218 20.58 24.57 51.75
N LYS A 219 20.20 24.00 52.88
CA LYS A 219 20.99 22.94 53.51
C LYS A 219 21.09 21.74 52.58
N ALA A 220 22.31 21.22 52.42
CA ALA A 220 22.58 20.07 51.58
C ALA A 220 22.85 18.86 52.46
N ILE A 221 22.18 17.75 52.16
CA ILE A 221 22.18 16.57 53.02
C ILE A 221 22.48 15.32 52.21
N ASP A 222 23.31 14.44 52.78
CA ASP A 222 23.74 13.21 52.15
C ASP A 222 22.81 12.07 52.57
N GLU A 223 23.19 10.83 52.23
CA GLU A 223 22.36 9.68 52.54
C GLU A 223 22.23 9.43 54.03
N GLU A 224 23.32 9.62 54.80
CA GLU A 224 23.20 9.50 56.26
C GLU A 224 22.38 10.65 56.84
N GLY A 225 22.46 11.83 56.23
CA GLY A 225 21.61 12.93 56.66
C GLY A 225 20.14 12.61 56.45
N PHE A 226 19.80 11.98 55.33
CA PHE A 226 18.42 11.58 55.09
C PHE A 226 18.01 10.47 56.06
N LYS A 227 18.94 9.57 56.36
CA LYS A 227 18.75 8.54 57.38
C LYS A 227 18.32 9.17 58.69
N GLN A 228 19.11 10.14 59.16
CA GLN A 228 18.84 10.78 60.44
C GLN A 228 17.56 11.62 60.40
N LEU A 229 17.29 12.28 59.26
CA LEU A 229 16.07 13.07 59.15
C LEU A 229 14.84 12.18 59.23
N ILE A 230 14.90 11.01 58.59
CA ILE A 230 13.80 10.04 58.70
C ILE A 230 13.67 9.55 60.14
N ALA A 231 14.80 9.23 60.78
CA ALA A 231 14.75 8.59 62.09
C ALA A 231 14.29 9.55 63.19
N GLY A 232 14.85 10.76 63.22
CA GLY A 232 14.68 11.65 64.35
C GLY A 232 13.51 12.61 64.31
N MET A 233 12.94 12.87 63.13
CA MET A 233 11.86 13.85 63.08
C MET A 233 10.63 13.33 63.82
N PRO A 234 9.96 14.18 64.58
CA PRO A 234 8.77 13.73 65.32
C PRO A 234 7.60 13.43 64.40
N ALA A 235 6.61 12.74 64.95
CA ALA A 235 5.47 12.32 64.16
C ALA A 235 4.64 13.52 63.71
N GLU A 236 4.02 13.37 62.53
CA GLU A 236 3.03 14.30 62.00
C GLU A 236 3.66 15.67 61.71
N GLY A 237 4.99 15.73 61.64
CA GLY A 237 5.69 16.96 61.33
C GLY A 237 6.03 17.85 62.51
N GLY A 238 5.63 17.46 63.72
CA GLY A 238 5.96 18.24 64.91
C GLY A 238 5.31 19.61 64.98
N GLU A 241 7.14 26.06 59.96
CA GLU A 241 5.84 26.70 59.97
C GLU A 241 4.94 26.11 58.89
N ALA A 242 5.56 25.33 58.00
CA ALA A 242 4.80 24.67 56.92
C ALA A 242 4.00 23.50 57.45
N ALA A 243 4.44 22.91 58.58
CA ALA A 243 3.80 21.70 59.08
C ALA A 243 2.33 21.94 59.46
N GLU A 244 2.07 23.02 60.20
CA GLU A 244 0.69 23.32 60.57
C GLU A 244 -0.15 23.68 59.34
N LYS A 245 0.45 24.36 58.36
CA LYS A 245 -0.29 24.70 57.15
C LYS A 245 -0.70 23.44 56.40
N ALA A 246 0.20 22.48 56.27
CA ALA A 246 -0.14 21.25 55.57
C ALA A 246 -1.10 20.39 56.39
N ARG A 247 -1.01 20.46 57.72
CA ARG A 247 -2.01 19.79 58.55
C ARG A 247 -3.40 20.39 58.32
N ARG A 248 -3.49 21.72 58.25
CA ARG A 248 -4.75 22.37 57.91
C ARG A 248 -5.25 21.94 56.55
N LYS A 249 -4.35 21.85 55.57
CA LYS A 249 -4.75 21.39 54.23
C LYS A 249 -5.32 19.98 54.29
N LEU A 250 -4.63 19.06 54.97
CA LEU A 250 -5.09 17.68 55.07
C LEU A 250 -6.43 17.59 55.80
N GLU A 251 -6.59 18.38 56.87
CA GLU A 251 -7.86 18.39 57.58
C GLU A 251 -8.99 18.90 56.68
N GLU A 252 -8.72 19.92 55.88
CA GLU A 252 -9.73 20.44 54.95
C GLU A 252 -10.10 19.37 53.92
N GLN A 253 -9.11 18.67 53.37
CA GLN A 253 -9.43 17.61 52.40
C GLN A 253 -10.26 16.51 53.04
N HIS A 254 -9.90 16.09 54.26
CA HIS A 254 -10.68 15.04 54.93
C HIS A 254 -12.10 15.51 55.22
N ASN A 255 -12.26 16.76 55.65
CA ASN A 255 -13.58 17.30 55.95
C ASN A 255 -14.43 17.36 54.67
N ILE A 256 -13.84 17.80 53.56
CA ILE A 256 -14.57 17.84 52.30
C ILE A 256 -14.96 16.43 51.85
N ALA A 257 -14.05 15.48 52.03
CA ALA A 257 -14.35 14.09 51.67
C ALA A 257 -15.54 13.58 52.47
N THR A 258 -15.54 13.83 53.78
CA THR A 258 -16.66 13.41 54.61
C THR A 258 -17.95 14.10 54.19
N LYS A 259 -17.87 15.40 53.87
CA LYS A 259 -19.06 16.15 53.48
C LYS A 259 -19.69 15.57 52.21
N GLU A 260 -18.89 15.33 51.18
CA GLU A 260 -19.46 14.78 49.96
C GLU A 260 -19.84 13.30 50.13
N ALA A 261 -19.22 12.60 51.08
CA ALA A 261 -19.70 11.26 51.40
C ALA A 261 -21.11 11.30 51.99
N GLU A 262 -21.37 12.21 52.93
CA GLU A 262 -22.72 12.38 53.42
C GLU A 262 -23.67 12.81 52.31
N LEU A 263 -23.21 13.69 51.42
CA LEU A 263 -24.04 14.08 50.28
C LEU A 263 -24.42 12.87 49.44
N LEU A 264 -23.45 12.01 49.12
CA LEU A 264 -23.73 10.85 48.27
C LEU A 264 -24.66 9.86 48.95
N VAL A 265 -24.46 9.60 50.25
CA VAL A 265 -25.36 8.67 50.92
C VAL A 265 -26.76 9.26 51.01
N LYS A 266 -26.88 10.59 51.14
CA LYS A 266 -28.19 11.21 51.13
C LYS A 266 -28.87 11.10 49.76
N LYS A 267 -28.12 11.25 48.67
CA LYS A 267 -28.71 11.01 47.36
C LYS A 267 -29.17 9.56 47.22
N GLU A 268 -28.37 8.62 47.74
CA GLU A 268 -28.77 7.22 47.67
C GLU A 268 -30.06 6.97 48.46
N GLU A 269 -30.18 7.59 49.64
CA GLU A 269 -31.39 7.46 50.44
C GLU A 269 -32.59 8.06 49.71
N GLU A 270 -32.40 9.22 49.08
CA GLU A 270 -33.50 9.83 48.33
C GLU A 270 -33.92 8.96 47.16
N ARG A 271 -32.95 8.35 46.48
CA ARG A 271 -33.28 7.46 45.37
C ARG A 271 -34.03 6.22 45.85
N SER A 272 -33.63 5.67 47.00
CA SER A 272 -34.34 4.53 47.55
C SER A 272 -35.77 4.91 47.94
N LYS A 273 -35.94 6.10 48.52
CA LYS A 273 -37.29 6.57 48.85
C LYS A 273 -38.14 6.74 47.60
N LYS A 274 -37.56 7.29 46.54
CA LYS A 274 -38.30 7.42 45.28
C LYS A 274 -38.68 6.06 44.72
N LEU A 275 -37.77 5.09 44.79
CA LEU A 275 -38.08 3.75 44.32
C LEU A 275 -39.20 3.13 45.14
N ALA A 276 -39.19 3.36 46.46
CA ALA A 276 -40.28 2.87 47.30
C ALA A 276 -41.60 3.53 46.93
N ALA A 277 -41.57 4.83 46.59
CA ALA A 277 -42.78 5.53 46.19
C ALA A 277 -43.38 4.93 44.92
N THR A 278 -42.54 4.61 43.94
CA THR A 278 -43.01 4.03 42.70
C THR A 278 -43.11 2.51 42.80
N VAL A 290 -34.21 1.00 36.74
CA VAL A 290 -34.02 0.36 38.03
C VAL A 290 -32.69 -0.38 38.07
N VAL A 291 -31.65 0.23 37.50
CA VAL A 291 -30.33 -0.37 37.49
C VAL A 291 -29.79 -0.39 38.91
N ARG A 292 -29.25 -1.55 39.31
CA ARG A 292 -28.71 -1.69 40.65
C ARG A 292 -27.39 -0.94 40.78
N GLU A 293 -27.16 -0.37 41.96
CA GLU A 293 -26.04 0.53 42.18
C GLU A 293 -24.70 -0.18 42.00
N GLU A 294 -24.56 -1.39 42.54
CA GLU A 294 -23.30 -2.11 42.45
C GLU A 294 -23.01 -2.63 41.05
N ASP A 295 -23.97 -2.57 40.13
CA ASP A 295 -23.75 -2.98 38.75
C ASP A 295 -23.07 -1.91 37.91
N LYS A 296 -23.06 -0.66 38.38
CA LYS A 296 -22.41 0.42 37.66
C LYS A 296 -20.94 0.50 38.05
N LEU A 297 -20.11 0.89 37.09
CA LEU A 297 -18.71 1.14 37.40
C LEU A 297 -18.57 2.35 38.30
N TRP A 298 -17.46 2.40 39.03
CA TRP A 298 -17.14 3.57 39.83
C TRP A 298 -16.94 4.80 38.95
N THR A 299 -16.69 4.61 37.66
CA THR A 299 -16.58 5.73 36.74
C THR A 299 -17.93 6.40 36.51
N VAL A 300 -18.98 5.61 36.30
CA VAL A 300 -20.30 6.15 35.99
C VAL A 300 -21.13 6.39 37.24
N LYS A 301 -20.95 5.55 38.27
CA LYS A 301 -21.64 5.79 39.54
C LYS A 301 -21.21 7.10 40.17
N TYR A 302 -19.92 7.43 40.06
CA TYR A 302 -19.36 8.62 40.69
C TYR A 302 -19.07 9.72 39.69
N ALA A 303 -19.73 9.70 38.53
CA ALA A 303 -19.57 10.76 37.56
C ALA A 303 -20.12 12.08 38.11
N PRO A 304 -19.53 13.21 37.75
CA PRO A 304 -20.00 14.49 38.29
C PRO A 304 -21.40 14.83 37.79
N THR A 305 -22.31 15.06 38.73
CA THR A 305 -23.68 15.47 38.41
C THR A 305 -23.82 16.97 38.22
N ASN A 306 -22.81 17.75 38.59
CA ASN A 306 -22.84 19.20 38.45
C ASN A 306 -21.42 19.72 38.33
N LEU A 307 -21.30 20.97 37.90
CA LEU A 307 -19.99 21.55 37.62
C LEU A 307 -19.14 21.70 38.88
N GLN A 308 -19.75 21.81 40.05
CA GLN A 308 -18.98 21.98 41.28
C GLN A 308 -18.23 20.72 41.70
N GLN A 309 -18.57 19.55 41.12
CA GLN A 309 -17.83 18.33 41.39
C GLN A 309 -16.72 18.07 40.39
N VAL A 310 -16.59 18.90 39.36
CA VAL A 310 -15.49 18.75 38.42
C VAL A 310 -14.20 19.23 39.07
N CYS A 311 -13.17 18.39 39.02
CA CYS A 311 -11.90 18.67 39.66
C CYS A 311 -10.87 19.10 38.61
N GLY A 312 -10.28 20.27 38.81
CA GLY A 312 -9.29 20.78 37.89
C GLY A 312 -9.91 21.45 36.68
N ASN A 313 -9.07 22.18 35.95
CA ASN A 313 -9.46 22.89 34.74
C ASN A 313 -10.64 23.83 34.98
N LYS A 314 -10.63 24.53 36.11
CA LYS A 314 -11.72 25.47 36.40
C LYS A 314 -11.75 26.62 35.40
N GLY A 315 -10.58 27.12 35.01
CA GLY A 315 -10.54 28.23 34.07
C GLY A 315 -11.12 27.86 32.70
N SER A 316 -10.75 26.69 32.19
CA SER A 316 -11.29 26.24 30.91
C SER A 316 -12.79 26.03 30.98
N VAL A 317 -13.28 25.45 32.08
CA VAL A 317 -14.71 25.22 32.23
C VAL A 317 -15.45 26.56 32.26
N MET A 318 -14.92 27.53 33.01
CA MET A 318 -15.55 28.85 33.07
C MET A 318 -15.53 29.53 31.70
N LYS A 319 -14.42 29.41 30.97
CA LYS A 319 -14.35 30.00 29.63
C LYS A 319 -15.39 29.39 28.70
N LEU A 320 -15.52 28.06 28.73
CA LEU A 320 -16.52 27.40 27.91
C LEU A 320 -17.94 27.81 28.31
N LYS A 321 -18.19 27.91 29.62
CA LYS A 321 -19.51 28.32 30.09
C LYS A 321 -19.85 29.74 29.62
N ASN A 322 -18.90 30.67 29.73
CA ASN A 322 -19.14 32.03 29.25
C ASN A 322 -19.34 32.07 27.74
N TRP A 323 -18.54 31.31 26.98
CA TRP A 323 -18.70 31.28 25.54
C TRP A 323 -20.07 30.75 25.14
N LEU A 324 -20.56 29.72 25.84
CA LEU A 324 -21.87 29.18 25.55
C LEU A 324 -22.98 30.14 25.98
N ALA A 325 -22.80 30.83 27.10
CA ALA A 325 -23.84 31.72 27.60
C ALA A 325 -23.99 32.94 26.71
N ASN A 326 -22.88 33.55 26.27
CA ASN A 326 -22.94 34.74 25.42
C ASN A 326 -23.08 34.39 23.94
N TRP A 327 -23.38 33.14 23.62
CA TRP A 327 -23.50 32.74 22.22
C TRP A 327 -24.65 33.44 21.53
N GLU A 328 -25.82 33.50 22.17
CA GLU A 328 -26.96 34.19 21.58
C GLU A 328 -26.73 35.68 21.46
N ASN A 329 -26.10 36.29 22.47
CA ASN A 329 -25.79 37.71 22.41
C ASN A 329 -24.82 38.02 21.27
N SER A 330 -23.84 37.15 21.04
CA SER A 330 -22.94 37.35 19.91
C SER A 330 -23.63 37.09 18.58
N LYS A 331 -24.56 36.13 18.53
CA LYS A 331 -25.30 35.84 17.31
C LYS A 331 -26.17 37.03 16.92
N LYS A 332 -26.81 37.68 17.90
CA LYS A 332 -27.61 38.86 17.61
C LYS A 332 -26.81 39.98 16.96
N ASN A 333 -25.51 40.04 17.24
CA ASN A 333 -24.61 41.00 16.60
C ASN A 333 -23.80 40.37 15.47
N SER A 334 -24.21 39.19 14.99
CA SER A 334 -23.51 38.47 13.92
C SER A 334 -22.06 38.20 14.27
N PHE A 335 -21.80 37.90 15.54
CA PHE A 335 -20.48 37.51 16.03
C PHE A 335 -19.41 38.54 15.75
N LYS A 336 -19.78 39.83 15.70
CA LYS A 336 -18.80 40.86 15.42
C LYS A 336 -18.10 41.33 16.70
N HIS A 337 -18.83 41.41 17.80
CA HIS A 337 -18.28 41.89 19.07
C HIS A 337 -17.69 40.71 19.83
N ALA A 338 -16.36 40.70 19.98
CA ALA A 338 -15.69 39.62 20.69
C ALA A 338 -15.90 39.73 22.20
N GLY A 339 -15.82 40.94 22.75
CA GLY A 339 -15.98 41.14 24.17
C GLY A 339 -14.66 41.06 24.93
N LYS A 340 -14.76 41.26 26.25
CA LYS A 340 -13.59 41.24 27.09
C LYS A 340 -12.98 39.84 27.18
N ASP A 341 -13.83 38.81 27.25
CA ASP A 341 -13.33 37.44 27.37
C ASP A 341 -12.74 36.92 26.07
N GLY A 342 -12.98 37.60 24.95
CA GLY A 342 -12.50 37.15 23.66
C GLY A 342 -13.35 36.07 23.01
N SER A 343 -14.45 35.67 23.63
CA SER A 343 -15.34 34.65 23.10
C SER A 343 -16.61 35.32 22.60
N GLY A 344 -16.99 35.00 21.36
CA GLY A 344 -18.16 35.59 20.75
C GLY A 344 -17.99 35.85 19.27
N VAL A 345 -16.74 35.93 18.82
CA VAL A 345 -16.48 36.08 17.39
C VAL A 345 -16.48 34.72 16.70
N PHE A 346 -16.10 33.66 17.41
CA PHE A 346 -16.11 32.31 16.89
C PHE A 346 -17.40 31.60 17.30
N ARG A 347 -18.10 31.03 16.34
CA ARG A 347 -19.38 30.37 16.60
C ARG A 347 -19.22 28.93 17.07
N ALA A 348 -18.01 28.38 17.06
CA ALA A 348 -17.77 27.00 17.44
C ALA A 348 -16.65 26.93 18.46
N ALA A 349 -16.72 25.92 19.33
CA ALA A 349 -15.75 25.72 20.39
C ALA A 349 -15.17 24.32 20.31
N MET A 350 -13.86 24.23 20.35
CA MET A 350 -13.13 22.97 20.38
C MET A 350 -12.54 22.75 21.78
N LEU A 351 -12.63 21.52 22.26
CA LEU A 351 -12.05 21.14 23.55
C LEU A 351 -11.02 20.05 23.30
N TYR A 352 -9.76 20.33 23.64
CA TYR A 352 -8.68 19.40 23.38
C TYR A 352 -7.83 19.19 24.63
N GLY A 353 -7.40 17.94 24.81
CA GLY A 353 -6.60 17.54 25.94
C GLY A 353 -6.44 16.04 26.00
N PRO A 354 -5.71 15.55 27.01
CA PRO A 354 -5.55 14.10 27.18
C PRO A 354 -6.87 13.43 27.50
N PRO A 355 -7.02 12.15 27.19
CA PRO A 355 -8.28 11.47 27.51
C PRO A 355 -8.48 11.29 29.01
N GLY A 356 -9.74 11.28 29.43
CA GLY A 356 -10.09 11.01 30.81
C GLY A 356 -9.92 12.15 31.78
N ILE A 357 -10.06 13.39 31.32
CA ILE A 357 -9.92 14.54 32.21
C ILE A 357 -11.25 15.24 32.48
N GLY A 358 -12.28 15.01 31.67
CA GLY A 358 -13.58 15.57 31.93
C GLY A 358 -14.06 16.57 30.89
N LYS A 359 -13.48 16.51 29.69
CA LYS A 359 -13.89 17.43 28.63
C LYS A 359 -15.32 17.15 28.19
N THR A 360 -15.63 15.89 27.89
CA THR A 360 -17.00 15.53 27.51
C THR A 360 -17.96 15.77 28.67
N THR A 361 -17.55 15.43 29.89
CA THR A 361 -18.40 15.64 31.06
C THR A 361 -18.69 17.12 31.25
N ALA A 362 -17.66 17.97 31.15
CA ALA A 362 -17.87 19.40 31.32
C ALA A 362 -18.74 19.97 30.20
N ALA A 363 -18.53 19.50 28.97
CA ALA A 363 -19.35 19.97 27.85
C ALA A 363 -20.81 19.63 28.06
N HIS A 364 -21.09 18.38 28.45
CA HIS A 364 -22.47 17.97 28.71
C HIS A 364 -23.06 18.74 29.89
N LEU A 365 -22.26 18.99 30.93
CA LEU A 365 -22.75 19.71 32.10
C LEU A 365 -23.15 21.13 31.73
N VAL A 366 -22.29 21.84 30.99
CA VAL A 366 -22.60 23.22 30.61
C VAL A 366 -23.74 23.25 29.59
N ALA A 367 -23.86 22.21 28.75
CA ALA A 367 -24.99 22.15 27.82
C ALA A 367 -26.31 22.00 28.55
N GLN A 368 -26.36 21.12 29.55
CA GLN A 368 -27.61 20.86 30.24
C GLN A 368 -27.95 21.98 31.22
N GLU A 369 -26.93 22.65 31.78
CA GLU A 369 -27.21 23.69 32.77
C GLU A 369 -27.70 24.99 32.15
N LEU A 370 -27.27 25.32 30.93
CA LEU A 370 -27.66 26.56 30.28
C LEU A 370 -28.97 26.42 29.50
N GLY A 371 -29.63 25.27 29.59
CA GLY A 371 -30.92 25.08 28.96
C GLY A 371 -30.89 24.69 27.50
N TYR A 372 -29.70 24.52 26.92
CA TYR A 372 -29.60 24.12 25.52
C TYR A 372 -29.89 22.62 25.38
N ASP A 373 -30.68 22.27 24.36
CA ASP A 373 -31.02 20.87 24.12
C ASP A 373 -29.79 20.16 23.57
N ILE A 374 -29.45 19.02 24.15
CA ILE A 374 -28.21 18.33 23.83
C ILE A 374 -28.39 17.52 22.54
N LEU A 375 -27.41 17.64 21.64
CA LEU A 375 -27.31 16.78 20.46
C LEU A 375 -25.88 16.27 20.38
N GLU A 376 -25.71 14.96 20.53
CA GLU A 376 -24.40 14.34 20.53
C GLU A 376 -24.30 13.35 19.38
N GLN A 377 -23.18 13.39 18.67
CA GLN A 377 -22.90 12.45 17.59
C GLN A 377 -21.40 12.21 17.55
N ASN A 378 -21.00 10.94 17.65
CA ASN A 378 -19.60 10.59 17.72
C ASN A 378 -19.00 10.76 16.33
N ALA A 379 -17.98 11.62 16.23
CA ALA A 379 -17.35 11.87 14.94
C ALA A 379 -16.69 10.61 14.38
N SER A 380 -16.08 9.80 15.25
CA SER A 380 -15.46 8.57 14.79
C SER A 380 -16.51 7.56 14.35
N ASP A 381 -17.65 7.51 15.04
CA ASP A 381 -18.70 6.57 14.67
C ASP A 381 -19.28 6.89 13.30
N VAL A 382 -19.54 8.16 13.02
CA VAL A 382 -20.03 8.60 11.73
C VAL A 382 -18.97 9.53 11.12
N ARG A 383 -18.17 8.98 10.21
CA ARG A 383 -17.08 9.70 9.55
C ARG A 383 -17.26 9.58 8.04
N SER A 384 -18.10 10.45 7.49
CA SER A 384 -18.38 10.47 6.06
C SER A 384 -18.99 11.82 5.70
N LYS A 385 -18.63 12.34 4.53
CA LYS A 385 -19.20 13.59 4.07
C LYS A 385 -20.70 13.48 3.84
N THR A 386 -21.14 12.39 3.22
CA THR A 386 -22.57 12.18 3.00
C THR A 386 -23.31 12.03 4.31
N LEU A 387 -22.75 11.26 5.25
CA LEU A 387 -23.37 11.11 6.56
C LEU A 387 -23.40 12.44 7.31
N LEU A 388 -22.32 13.22 7.21
CA LEU A 388 -22.28 14.51 7.88
C LEU A 388 -23.34 15.45 7.33
N ASN A 389 -23.50 15.49 6.01
CA ASN A 389 -24.54 16.31 5.41
C ASN A 389 -25.92 15.82 5.81
N ALA A 390 -26.12 14.50 5.86
CA ALA A 390 -27.43 13.97 6.20
C ALA A 390 -27.81 14.28 7.65
N GLY A 391 -26.86 14.19 8.57
CA GLY A 391 -27.19 14.30 9.98
C GLY A 391 -26.91 15.63 10.64
N VAL A 392 -26.21 16.55 9.96
CA VAL A 392 -25.82 17.81 10.59
C VAL A 392 -26.35 19.00 9.80
N LYS A 393 -26.19 18.97 8.47
CA LYS A 393 -26.67 20.06 7.63
C LYS A 393 -28.17 20.31 7.87
N ASN A 394 -28.96 19.24 7.84
CA ASN A 394 -30.37 19.36 8.17
C ASN A 394 -30.59 19.70 9.63
N ALA A 395 -29.57 19.54 10.48
CA ALA A 395 -29.68 19.89 11.89
C ALA A 395 -29.09 21.25 12.23
N LEU A 396 -28.53 21.96 11.24
CA LEU A 396 -27.82 23.20 11.54
C LEU A 396 -28.77 24.37 11.83
N ASP A 397 -29.95 24.39 11.22
CA ASP A 397 -30.82 25.55 11.36
C ASP A 397 -32.28 25.16 11.56
N ASN A 398 -32.53 24.04 12.23
CA ASN A 398 -33.88 23.59 12.55
C ASN A 398 -34.07 23.51 14.06
N MET A 399 -35.28 23.79 14.52
CA MET A 399 -35.58 23.70 15.94
C MET A 399 -35.80 22.24 16.33
N SER A 400 -35.89 22.00 17.64
CA SER A 400 -35.98 20.64 18.17
C SER A 400 -37.41 20.28 18.55
N VAL A 401 -37.77 19.01 18.33
CA VAL A 401 -39.09 18.55 18.70
C VAL A 401 -39.17 18.25 20.19
N VAL A 402 -38.16 17.58 20.74
CA VAL A 402 -38.16 17.26 22.16
C VAL A 402 -38.10 18.54 23.00
N GLY A 403 -37.41 19.57 22.50
CA GLY A 403 -37.36 20.83 23.22
C GLY A 403 -38.70 21.52 23.31
N TYR A 404 -39.53 21.36 22.28
CA TYR A 404 -40.86 21.98 22.30
C TYR A 404 -41.85 21.13 23.09
N PHE A 405 -41.79 19.82 22.92
CA PHE A 405 -42.77 18.94 23.56
C PHE A 405 -42.49 18.75 25.05
N LYS A 406 -41.22 18.76 25.46
CA LYS A 406 -40.89 18.52 26.86
C LYS A 406 -41.42 19.64 27.74
N HIS A 407 -41.12 20.89 27.40
CA HIS A 407 -41.56 22.02 28.21
C HIS A 407 -41.43 23.29 27.38
N ASN A 408 -42.54 24.00 27.18
CA ASN A 408 -42.49 25.29 26.50
C ASN A 408 -43.42 26.33 27.14
N GLU A 409 -44.19 25.97 28.16
CA GLU A 409 -45.19 26.88 28.72
C GLU A 409 -44.64 27.85 29.75
N GLU A 410 -43.78 27.39 30.66
CA GLU A 410 -43.25 28.29 31.67
C GLU A 410 -41.98 28.96 31.16
N ALA A 411 -41.68 30.13 31.75
CA ALA A 411 -40.56 30.96 31.31
C ALA A 411 -39.24 30.48 31.90
N GLN A 412 -38.71 29.42 31.30
CA GLN A 412 -37.37 28.93 31.65
C GLN A 412 -36.30 29.66 30.84
N ASN A 413 -36.40 29.60 29.52
CA ASN A 413 -35.46 30.25 28.62
C ASN A 413 -36.04 30.25 27.22
N LEU A 414 -35.60 31.22 26.41
CA LEU A 414 -36.08 31.38 25.05
C LEU A 414 -35.15 30.73 24.03
N ASN A 415 -34.14 29.99 24.49
CA ASN A 415 -33.18 29.33 23.61
C ASN A 415 -33.27 27.81 23.73
N GLY A 416 -34.40 27.31 24.24
CA GLY A 416 -34.57 25.88 24.40
C GLY A 416 -34.95 25.13 23.13
N LYS A 417 -35.28 25.86 22.06
CA LYS A 417 -35.59 25.25 20.78
C LYS A 417 -34.38 25.21 19.86
N HIS A 418 -33.23 25.68 20.34
CA HIS A 418 -31.98 25.59 19.60
C HIS A 418 -31.30 24.28 19.94
N PHE A 419 -30.18 24.03 19.26
CA PHE A 419 -29.42 22.80 19.45
C PHE A 419 -28.01 23.17 19.86
N VAL A 420 -27.45 22.37 20.77
CA VAL A 420 -26.02 22.37 21.03
C VAL A 420 -25.46 21.05 20.55
N ILE A 421 -24.67 21.10 19.47
CA ILE A 421 -24.21 19.89 18.80
C ILE A 421 -22.85 19.52 19.40
N ILE A 422 -22.82 18.40 20.11
CA ILE A 422 -21.62 17.90 20.75
C ILE A 422 -21.03 16.83 19.84
N MET A 423 -19.86 17.12 19.28
CA MET A 423 -19.17 16.17 18.41
C MET A 423 -17.92 15.67 19.13
N ASP A 424 -17.99 14.46 19.66
CA ASP A 424 -16.88 13.84 20.36
C ASP A 424 -16.04 13.01 19.39
N GLU A 425 -14.79 12.77 19.77
CA GLU A 425 -13.84 12.00 18.96
C GLU A 425 -13.66 12.63 17.57
N VAL A 426 -13.45 13.95 17.55
CA VAL A 426 -13.27 14.67 16.30
C VAL A 426 -12.03 14.16 15.56
N ASP A 427 -10.98 13.81 16.30
CA ASP A 427 -9.76 13.29 15.71
C ASP A 427 -9.93 11.91 15.11
N GLY A 428 -11.05 11.24 15.35
CA GLY A 428 -11.29 9.90 14.85
C GLY A 428 -11.84 9.81 13.44
N MET A 429 -12.12 10.93 12.79
CA MET A 429 -12.62 10.91 11.43
C MET A 429 -11.50 10.60 10.44
N SER A 430 -11.83 10.62 9.15
CA SER A 430 -10.85 10.42 8.11
C SER A 430 -10.18 11.74 7.73
N GLY A 431 -9.17 11.65 6.88
CA GLY A 431 -8.44 12.79 6.40
C GLY A 431 -8.63 13.02 4.91
N GLY A 432 -8.03 14.11 4.43
CA GLY A 432 -8.11 14.46 3.02
C GLY A 432 -9.39 15.18 2.67
N ASP A 433 -9.53 15.47 1.37
CA ASP A 433 -10.72 16.14 0.88
C ASP A 433 -11.95 15.27 1.04
N ARG A 434 -11.84 13.97 0.78
CA ARG A 434 -12.96 13.06 0.92
C ARG A 434 -13.38 12.86 2.37
N GLY A 435 -12.54 13.25 3.34
CA GLY A 435 -12.89 13.08 4.73
C GLY A 435 -13.87 14.14 5.19
N GLY A 436 -14.61 13.80 6.26
CA GLY A 436 -15.58 14.73 6.82
C GLY A 436 -14.97 15.82 7.69
N VAL A 437 -13.65 15.78 7.90
CA VAL A 437 -13.02 16.80 8.75
C VAL A 437 -13.14 18.19 8.10
N GLY A 438 -12.88 18.28 6.80
CA GLY A 438 -13.09 19.54 6.11
C GLY A 438 -14.53 19.96 6.05
N GLN A 439 -15.44 19.00 5.92
CA GLN A 439 -16.86 19.31 5.91
C GLN A 439 -17.29 19.92 7.25
N LEU A 440 -16.82 19.35 8.36
CA LEU A 440 -17.13 19.91 9.67
C LEU A 440 -16.43 21.24 9.88
N ALA A 441 -15.24 21.41 9.30
CA ALA A 441 -14.57 22.71 9.36
C ALA A 441 -15.40 23.80 8.67
N GLN A 442 -15.98 23.47 7.51
CA GLN A 442 -16.87 24.41 6.85
C GLN A 442 -18.17 24.59 7.62
N PHE A 443 -18.63 23.54 8.30
CA PHE A 443 -19.80 23.66 9.17
C PHE A 443 -19.55 24.67 10.27
N CYS A 444 -18.34 24.68 10.82
CA CYS A 444 -17.96 25.63 11.86
C CYS A 444 -17.98 27.08 11.40
N ARG A 445 -18.19 27.34 10.10
CA ARG A 445 -18.25 28.70 9.58
C ARG A 445 -19.67 29.24 9.47
N LYS A 446 -20.64 28.39 9.11
CA LYS A 446 -22.03 28.80 8.95
C LYS A 446 -22.92 27.85 9.76
N THR A 447 -23.51 28.37 10.83
CA THR A 447 -24.44 27.61 11.65
C THR A 447 -25.25 28.57 12.50
N SER A 448 -26.49 28.17 12.81
CA SER A 448 -27.36 28.94 13.67
C SER A 448 -27.46 28.38 15.08
N THR A 449 -26.75 27.29 15.37
CA THR A 449 -26.78 26.64 16.66
C THR A 449 -25.37 26.45 17.21
N PRO A 450 -25.19 26.47 18.53
CA PRO A 450 -23.87 26.24 19.11
C PRO A 450 -23.29 24.89 18.72
N LEU A 451 -21.99 24.89 18.42
CA LEU A 451 -21.26 23.73 17.95
C LEU A 451 -20.05 23.54 18.85
N ILE A 452 -20.06 22.46 19.64
CA ILE A 452 -18.96 22.15 20.56
C ILE A 452 -18.31 20.85 20.10
N LEU A 453 -16.99 20.91 19.91
CA LEU A 453 -16.21 19.78 19.42
C LEU A 453 -15.22 19.35 20.50
N ILE A 454 -15.07 18.05 20.67
CA ILE A 454 -14.18 17.46 21.68
C ILE A 454 -13.24 16.51 20.97
N CYS A 455 -11.93 16.70 21.17
CA CYS A 455 -10.91 15.87 20.55
C CYS A 455 -9.79 15.61 21.55
N ASN A 456 -9.06 14.53 21.31
CA ASN A 456 -7.94 14.16 22.18
C ASN A 456 -6.61 14.71 21.68
N GLU A 457 -6.36 14.66 20.37
CA GLU A 457 -5.13 15.16 19.78
C GLU A 457 -5.48 16.34 18.88
N ARG A 458 -5.03 17.54 19.26
CA ARG A 458 -5.42 18.75 18.54
C ARG A 458 -4.54 18.99 17.32
N ASN A 459 -3.23 19.15 17.53
CA ASN A 459 -2.31 19.50 16.46
C ASN A 459 -2.01 18.26 15.62
N LEU A 460 -2.86 18.02 14.64
CA LEU A 460 -2.72 16.92 13.71
C LEU A 460 -2.86 17.43 12.29
N PRO A 461 -2.16 16.82 11.32
CA PRO A 461 -2.34 17.25 9.92
C PRO A 461 -3.78 17.15 9.45
N LYS A 462 -4.49 16.09 9.87
CA LYS A 462 -5.90 15.96 9.52
C LYS A 462 -6.75 17.05 10.18
N MET A 463 -6.33 17.52 11.35
CA MET A 463 -7.07 18.50 12.12
C MET A 463 -6.65 19.93 11.81
N ARG A 464 -5.85 20.14 10.77
CA ARG A 464 -5.38 21.48 10.43
C ARG A 464 -6.50 22.48 10.15
N PRO A 465 -7.58 22.15 9.41
CA PRO A 465 -8.59 23.19 9.12
C PRO A 465 -9.20 23.83 10.35
N PHE A 466 -9.32 23.10 11.46
CA PHE A 466 -9.91 23.65 12.68
C PHE A 466 -8.96 24.56 13.45
N ASP A 467 -7.74 24.79 12.97
CA ASP A 467 -6.75 25.50 13.78
C ASP A 467 -7.19 26.93 14.10
N ARG A 468 -7.75 27.63 13.12
CA ARG A 468 -8.12 29.03 13.30
C ARG A 468 -9.61 29.29 13.17
N VAL A 469 -10.40 28.31 12.72
CA VAL A 469 -11.80 28.55 12.42
C VAL A 469 -12.60 28.80 13.70
N CYS A 470 -12.36 27.98 14.73
CA CYS A 470 -13.15 28.00 15.95
C CYS A 470 -12.28 28.39 17.15
N LEU A 471 -12.94 28.53 18.30
CA LEU A 471 -12.27 28.93 19.54
C LEU A 471 -11.77 27.69 20.27
N ASP A 472 -10.47 27.65 20.55
CA ASP A 472 -9.86 26.49 21.18
C ASP A 472 -9.84 26.61 22.70
N ILE A 473 -10.04 25.47 23.38
CA ILE A 473 -9.98 25.38 24.83
C ILE A 473 -9.15 24.15 25.17
N GLN A 474 -8.08 24.36 25.93
CA GLN A 474 -7.19 23.27 26.35
C GLN A 474 -7.56 22.84 27.76
N PHE A 475 -7.95 21.58 27.89
CA PHE A 475 -8.08 20.95 29.20
C PHE A 475 -6.79 20.19 29.50
N ARG A 476 -6.11 20.57 30.58
CA ARG A 476 -4.79 20.06 30.91
C ARG A 476 -4.89 18.92 31.91
N ARG A 477 -3.73 18.42 32.33
CA ARG A 477 -3.70 17.36 33.33
C ARG A 477 -4.15 17.92 34.67
N PRO A 478 -5.16 17.32 35.31
CA PRO A 478 -5.66 17.86 36.56
C PRO A 478 -4.60 17.83 37.65
N ASP A 479 -4.63 18.86 38.52
CA ASP A 479 -3.71 18.92 39.63
C ASP A 479 -4.03 17.82 40.64
N ALA A 480 -2.99 17.36 41.34
CA ALA A 480 -3.16 16.28 42.30
C ALA A 480 -4.08 16.69 43.45
N ASN A 481 -3.96 17.94 43.91
CA ASN A 481 -4.69 18.37 45.09
C ASN A 481 -6.21 18.31 44.86
N SER A 482 -6.66 18.72 43.68
CA SER A 482 -8.07 18.65 43.35
C SER A 482 -8.56 17.20 43.33
N ILE A 483 -7.72 16.30 42.80
CA ILE A 483 -8.08 14.90 42.66
C ILE A 483 -8.08 14.17 44.01
N LYS A 484 -7.28 14.64 44.97
CA LYS A 484 -7.20 13.97 46.27
C LYS A 484 -8.55 13.94 46.96
N SER A 485 -9.28 15.06 46.93
CA SER A 485 -10.59 15.10 47.55
C SER A 485 -11.54 14.09 46.91
N ARG A 486 -11.52 14.00 45.58
CA ARG A 486 -12.43 13.09 44.89
C ARG A 486 -12.10 11.63 45.22
N LEU A 487 -10.80 11.28 45.23
CA LEU A 487 -10.45 9.90 45.57
C LEU A 487 -10.73 9.59 47.03
N MET A 488 -10.55 10.56 47.92
CA MET A 488 -10.94 10.36 49.31
C MET A 488 -12.44 10.11 49.43
N THR A 489 -13.24 10.86 48.67
CA THR A 489 -14.69 10.67 48.70
C THR A 489 -15.07 9.27 48.21
N ILE A 490 -14.47 8.83 47.10
CA ILE A 490 -14.86 7.52 46.58
C ILE A 490 -14.27 6.41 47.45
N ALA A 491 -13.26 6.72 48.26
CA ALA A 491 -12.71 5.71 49.17
C ALA A 491 -13.57 5.54 50.41
N ILE A 492 -14.02 6.65 51.01
CA ILE A 492 -14.87 6.54 52.18
C ILE A 492 -16.23 5.95 51.81
N ARG A 493 -16.73 6.22 50.60
CA ARG A 493 -18.03 5.70 50.18
C ARG A 493 -17.99 4.22 49.81
N GLU A 494 -16.85 3.72 49.34
CA GLU A 494 -16.66 2.29 49.09
C GLU A 494 -15.85 1.61 50.17
N LYS A 495 -15.69 2.26 51.33
CA LYS A 495 -15.21 1.67 52.58
C LYS A 495 -13.86 0.96 52.46
N PHE A 496 -13.05 1.31 51.46
CA PHE A 496 -11.69 0.79 51.38
C PHE A 496 -10.71 1.88 51.83
N LYS A 497 -9.77 1.50 52.69
CA LYS A 497 -8.85 2.47 53.27
C LYS A 497 -7.85 2.96 52.23
N LEU A 498 -7.52 4.25 52.29
CA LEU A 498 -6.63 4.87 51.32
C LEU A 498 -6.01 6.11 51.94
N ASP A 499 -4.68 6.12 52.06
CA ASP A 499 -4.02 7.33 52.54
C ASP A 499 -3.75 8.29 51.38
N PRO A 500 -3.73 9.60 51.65
CA PRO A 500 -3.48 10.57 50.56
C PRO A 500 -2.04 10.58 50.07
N ASN A 501 -1.09 10.07 50.86
CA ASN A 501 0.33 10.14 50.51
C ASN A 501 0.66 9.41 49.21
N VAL A 502 -0.19 8.48 48.76
CA VAL A 502 0.03 7.78 47.51
C VAL A 502 -0.69 8.43 46.34
N ILE A 503 -1.65 9.32 46.59
CA ILE A 503 -2.47 9.87 45.52
C ILE A 503 -1.59 10.57 44.48
N ASP A 504 -0.64 11.39 44.95
CA ASP A 504 0.31 12.02 44.04
C ASP A 504 0.99 10.98 43.16
N ARG A 505 1.52 9.92 43.77
CA ARG A 505 2.21 8.90 43.00
C ARG A 505 1.24 8.17 42.07
N LEU A 506 -0.04 8.12 42.45
CA LEU A 506 -1.06 7.60 41.54
C LEU A 506 -1.25 8.52 40.34
N ILE A 507 -1.23 9.84 40.58
CA ILE A 507 -1.40 10.78 39.49
C ILE A 507 -0.20 10.77 38.55
N GLN A 508 1.00 10.62 39.10
CA GLN A 508 2.23 10.67 38.32
C GLN A 508 2.36 9.48 37.36
N THR A 509 1.86 8.30 37.72
CA THR A 509 1.97 7.13 36.87
C THR A 509 0.84 6.98 35.88
N THR A 510 -0.29 7.66 36.10
CA THR A 510 -1.43 7.62 35.20
C THR A 510 -1.38 8.74 34.17
N ARG A 511 -0.52 9.73 34.37
CA ARG A 511 -0.36 10.88 33.48
C ARG A 511 -1.68 11.67 33.39
N GLY A 512 -2.32 11.85 34.54
CA GLY A 512 -3.52 12.66 34.64
C GLY A 512 -4.69 12.16 33.82
N ASP A 513 -5.19 10.97 34.15
CA ASP A 513 -6.33 10.37 33.47
C ASP A 513 -7.23 9.85 34.57
N ILE A 514 -8.22 10.67 34.97
CA ILE A 514 -9.00 10.38 36.17
C ILE A 514 -9.84 9.13 35.97
N ARG A 515 -10.34 8.90 34.75
CA ARG A 515 -11.11 7.68 34.47
C ARG A 515 -10.27 6.45 34.76
N GLN A 516 -9.00 6.46 34.34
CA GLN A 516 -8.13 5.31 34.59
C GLN A 516 -7.81 5.16 36.07
N VAL A 517 -7.67 6.26 36.81
CA VAL A 517 -7.44 6.16 38.24
C VAL A 517 -8.64 5.52 38.93
N ILE A 518 -9.84 5.94 38.54
CA ILE A 518 -11.05 5.36 39.12
C ILE A 518 -11.16 3.88 38.76
N ASN A 519 -10.82 3.53 37.51
CA ASN A 519 -10.85 2.12 37.10
C ASN A 519 -9.84 1.30 37.89
N LEU A 520 -8.64 1.83 38.11
CA LEU A 520 -7.63 1.12 38.89
C LEU A 520 -8.11 0.92 40.33
N LEU A 521 -8.71 1.95 40.93
CA LEU A 521 -9.22 1.83 42.28
C LEU A 521 -10.32 0.78 42.36
N SER A 522 -11.22 0.77 41.37
CA SER A 522 -12.30 -0.21 41.35
C SER A 522 -11.78 -1.63 41.16
N THR A 523 -10.79 -1.82 40.28
CA THR A 523 -10.30 -3.15 39.98
C THR A 523 -9.44 -3.73 41.09
N ILE A 524 -8.62 -2.89 41.73
CA ILE A 524 -7.67 -3.39 42.73
C ILE A 524 -8.30 -3.58 44.10
N SER A 525 -9.28 -2.74 44.47
CA SER A 525 -9.89 -2.83 45.80
C SER A 525 -10.70 -4.11 46.01
N THR A 526 -10.97 -4.87 44.94
CA THR A 526 -11.71 -6.12 45.11
C THR A 526 -10.92 -7.15 45.90
N THR A 527 -9.59 -7.16 45.75
CA THR A 527 -8.73 -8.10 46.45
C THR A 527 -8.03 -7.48 47.65
N THR A 528 -7.40 -6.32 47.47
CA THR A 528 -6.73 -5.61 48.55
C THR A 528 -7.67 -4.52 49.04
N LYS A 529 -8.39 -4.81 50.13
CA LYS A 529 -9.30 -3.84 50.71
C LYS A 529 -8.58 -2.60 51.21
N THR A 530 -7.29 -2.69 51.48
CA THR A 530 -6.47 -1.54 51.85
C THR A 530 -5.25 -1.49 50.93
N ILE A 531 -4.98 -0.32 50.37
CA ILE A 531 -3.80 -0.09 49.54
C ILE A 531 -2.89 0.87 50.28
N ASN A 532 -1.62 0.51 50.41
CA ASN A 532 -0.68 1.26 51.22
C ASN A 532 0.58 1.55 50.42
N HIS A 533 1.55 2.16 51.12
CA HIS A 533 2.87 2.45 50.56
C HIS A 533 3.68 1.18 50.36
N GLU A 534 3.24 0.08 50.97
CA GLU A 534 3.98 -1.18 50.87
C GLU A 534 3.87 -1.78 49.47
N ASN A 535 2.66 -1.82 48.92
CA ASN A 535 2.41 -2.48 47.64
C ASN A 535 2.35 -1.51 46.46
N ILE A 536 2.58 -0.22 46.68
CA ILE A 536 2.39 0.77 45.61
C ILE A 536 3.33 0.50 44.44
N ASN A 537 4.48 -0.11 44.70
CA ASN A 537 5.44 -0.36 43.61
C ASN A 537 4.86 -1.31 42.58
N GLU A 538 4.23 -2.41 43.03
CA GLU A 538 3.63 -3.34 42.08
C GLU A 538 2.35 -2.80 41.47
N ILE A 539 1.67 -1.89 42.18
CA ILE A 539 0.51 -1.22 41.60
C ILE A 539 0.92 -0.34 40.42
N SER A 540 1.97 0.47 40.61
CA SER A 540 2.39 1.37 39.55
C SER A 540 3.10 0.62 38.43
N LYS A 541 3.88 -0.40 38.77
CA LYS A 541 4.64 -1.14 37.75
C LYS A 541 3.74 -1.93 36.82
N ALA A 542 2.57 -2.35 37.29
CA ALA A 542 1.63 -3.09 36.45
C ALA A 542 0.59 -2.20 35.78
N TRP A 543 0.59 -0.90 36.08
CA TRP A 543 -0.37 0.03 35.50
C TRP A 543 0.31 1.24 34.88
N GLU A 544 1.54 1.06 34.41
CA GLU A 544 2.26 2.15 33.76
C GLU A 544 1.60 2.54 32.45
N LYS A 545 1.55 3.83 32.19
CA LYS A 545 0.99 4.36 30.95
C LYS A 545 2.06 4.23 29.86
N ASN A 546 1.93 3.21 29.01
CA ASN A 546 2.83 3.00 27.88
C ASN A 546 2.23 3.71 26.68
N ILE A 547 2.48 5.01 26.58
CA ILE A 547 2.01 5.83 25.47
C ILE A 547 3.22 6.29 24.67
N ALA A 548 3.04 6.44 23.36
CA ALA A 548 4.11 6.90 22.50
C ALA A 548 4.43 8.36 22.81
N LEU A 549 5.69 8.63 23.13
CA LEU A 549 6.12 9.97 23.47
C LEU A 549 6.15 10.86 22.22
N LYS A 550 5.90 12.15 22.44
CA LYS A 550 5.94 13.10 21.34
C LYS A 550 7.38 13.24 20.83
N PRO A 551 7.57 13.62 19.55
CA PRO A 551 8.93 13.66 18.99
C PRO A 551 9.86 14.59 19.76
N PHE A 552 9.31 15.66 20.34
CA PHE A 552 10.13 16.55 21.17
C PHE A 552 10.64 15.83 22.41
N ASP A 553 9.75 15.10 23.11
CA ASP A 553 10.18 14.33 24.27
C ASP A 553 11.11 13.20 23.85
N ILE A 554 10.89 12.61 22.67
CA ILE A 554 11.80 11.58 22.18
C ILE A 554 13.20 12.15 21.99
N ALA A 555 13.29 13.33 21.38
CA ALA A 555 14.59 13.97 21.20
C ALA A 555 15.23 14.34 22.53
N HIS A 556 14.43 14.83 23.49
CA HIS A 556 14.97 15.18 24.79
C HIS A 556 15.52 13.96 25.51
N LYS A 557 14.79 12.84 25.45
CA LYS A 557 15.22 11.62 26.14
C LYS A 557 16.44 11.00 25.45
N MET A 558 16.45 11.01 24.11
CA MET A 558 17.53 10.37 23.37
C MET A 558 18.85 11.11 23.56
N LEU A 559 18.78 12.43 23.75
CA LEU A 559 19.97 13.25 23.95
C LEU A 559 20.30 13.47 25.43
N ASP A 560 19.88 12.56 26.30
CA ASP A 560 20.15 12.68 27.73
C ASP A 560 21.45 11.95 28.06
N GLY A 561 22.39 12.68 28.66
CA GLY A 561 23.69 12.09 28.97
C GLY A 561 23.66 11.05 30.07
N GLN A 562 22.71 11.15 31.00
CA GLN A 562 22.59 10.18 32.07
C GLN A 562 22.17 8.80 31.54
N ILE A 563 21.39 8.78 30.46
CA ILE A 563 20.87 7.52 29.94
C ILE A 563 21.98 6.62 29.43
N TYR A 564 23.01 7.18 28.81
CA TYR A 564 24.11 6.41 28.25
C TYR A 564 25.21 6.10 29.25
N SER A 565 25.05 6.50 30.51
CA SER A 565 25.99 6.10 31.55
C SER A 565 25.77 4.63 31.90
N ASP A 566 26.69 4.08 32.70
CA ASP A 566 26.61 2.67 33.07
C ASP A 566 25.32 2.39 33.83
N ILE A 567 24.98 3.24 34.81
CA ILE A 567 23.73 3.08 35.53
C ILE A 567 22.54 3.28 34.60
N GLY A 568 22.61 4.29 33.74
CA GLY A 568 21.54 4.51 32.77
C GLY A 568 21.42 3.38 31.77
N SER A 569 22.54 2.85 31.30
CA SER A 569 22.50 1.72 30.38
C SER A 569 21.90 0.50 31.04
N ARG A 570 22.26 0.25 32.31
CA ARG A 570 21.67 -0.87 33.04
C ARG A 570 20.17 -0.68 33.23
N ASN A 571 19.74 0.55 33.52
CA ASN A 571 18.33 0.84 33.71
C ASN A 571 17.59 0.99 32.39
N PHE A 572 18.01 1.93 31.55
CA PHE A 572 17.39 2.19 30.26
C PHE A 572 18.22 1.47 29.21
N THR A 573 17.86 0.22 28.93
CA THR A 573 18.64 -0.61 28.03
C THR A 573 18.50 -0.16 26.57
N LEU A 574 19.30 -0.78 25.71
CA LEU A 574 19.30 -0.42 24.30
C LEU A 574 17.97 -0.76 23.64
N ASN A 575 17.30 -1.82 24.10
CA ASN A 575 15.98 -2.15 23.58
C ASN A 575 14.99 -1.03 23.85
N ASP A 576 15.07 -0.41 25.03
CA ASP A 576 14.23 0.75 25.32
C ASP A 576 14.56 1.92 24.40
N LYS A 577 15.84 2.08 24.05
CA LYS A 577 16.23 3.12 23.10
C LYS A 577 15.61 2.88 21.73
N ILE A 578 15.66 1.63 21.26
CA ILE A 578 15.06 1.30 19.96
C ILE A 578 13.55 1.47 20.01
N ALA A 579 12.91 1.12 21.13
CA ALA A 579 11.48 1.36 21.26
C ALA A 579 11.15 2.85 21.26
N LEU A 580 11.98 3.66 21.91
CA LEU A 580 11.79 5.11 21.89
C LEU A 580 11.89 5.65 20.47
N TYR A 581 12.85 5.14 19.70
CA TYR A 581 12.93 5.53 18.29
C TYR A 581 11.68 5.08 17.54
N PHE A 582 11.22 3.86 17.79
CA PHE A 582 10.07 3.30 17.08
C PHE A 582 8.75 3.92 17.50
N ASP A 583 8.73 4.70 18.58
CA ASP A 583 7.50 5.41 18.95
C ASP A 583 7.06 6.37 17.85
N ASP A 584 8.03 7.06 17.23
CA ASP A 584 7.75 7.88 16.06
C ASP A 584 9.02 7.79 15.20
N PHE A 585 9.02 6.86 14.25
CA PHE A 585 10.19 6.62 13.42
C PHE A 585 10.25 7.52 12.19
N ASP A 586 9.24 8.35 11.97
CA ASP A 586 9.23 9.28 10.85
C ASP A 586 9.91 10.60 11.16
N PHE A 587 10.02 10.96 12.43
CA PHE A 587 10.61 12.25 12.81
C PHE A 587 11.83 12.13 13.71
N THR A 588 12.02 11.00 14.39
CA THR A 588 13.17 10.87 15.29
C THR A 588 14.50 11.09 14.60
N PRO A 589 14.81 10.48 13.44
CA PRO A 589 16.08 10.80 12.78
C PRO A 589 16.20 12.26 12.41
N LEU A 590 15.10 12.90 11.98
CA LEU A 590 15.15 14.30 11.59
C LEU A 590 15.48 15.20 12.79
N MET A 591 14.79 15.00 13.92
CA MET A 591 15.10 15.78 15.11
C MET A 591 16.52 15.53 15.60
N ILE A 592 16.94 14.26 15.59
CA ILE A 592 18.29 13.93 16.06
C ILE A 592 19.34 14.63 15.19
N GLN A 593 19.16 14.59 13.88
CA GLN A 593 20.08 15.29 12.99
C GLN A 593 20.01 16.80 13.19
N GLU A 594 18.83 17.33 13.55
CA GLU A 594 18.69 18.76 13.71
C GLU A 594 19.43 19.26 14.95
N ASN A 595 19.25 18.60 16.09
CA ASN A 595 19.72 19.14 17.35
C ASN A 595 20.64 18.18 18.10
N TYR A 596 21.58 17.55 17.39
CA TYR A 596 22.61 16.78 18.07
C TYR A 596 23.88 17.57 18.30
N LEU A 597 24.14 18.57 17.46
CA LEU A 597 25.32 19.42 17.59
C LEU A 597 25.04 20.66 18.44
N SER A 598 23.89 20.72 19.10
CA SER A 598 23.52 21.84 19.94
C SER A 598 23.37 21.41 21.40
N THR A 599 24.08 20.37 21.80
CA THR A 599 24.04 19.85 23.16
C THR A 599 25.44 19.84 23.75
N ARG A 600 25.55 20.22 25.00
CA ARG A 600 26.83 20.18 25.70
C ARG A 600 27.12 18.77 26.15
N PRO A 601 28.21 18.15 25.71
CA PRO A 601 28.41 16.72 25.95
C PRO A 601 28.75 16.39 27.39
N SER A 602 28.47 15.14 27.76
CA SER A 602 28.83 14.61 29.06
C SER A 602 29.39 13.19 28.99
N VAL A 603 29.62 12.66 27.78
CA VAL A 603 30.10 11.29 27.63
C VAL A 603 31.32 11.26 26.72
N LEU A 604 32.04 12.38 26.64
CA LEU A 604 33.22 12.45 25.80
C LEU A 604 34.30 11.51 26.32
N LYS A 605 34.87 10.72 25.41
CA LYS A 605 35.97 9.83 25.77
C LYS A 605 37.21 10.64 26.11
N PRO A 606 38.09 10.11 26.96
CA PRO A 606 39.33 10.83 27.29
C PRO A 606 40.18 11.05 26.05
N GLY A 607 40.46 12.31 25.77
CA GLY A 607 41.17 12.69 24.58
C GLY A 607 40.30 12.98 23.37
N GLN A 608 39.00 13.16 23.55
CA GLN A 608 38.08 13.42 22.46
C GLN A 608 37.36 14.75 22.72
N SER A 609 37.32 15.60 21.70
CA SER A 609 36.65 16.89 21.81
C SER A 609 35.24 16.81 21.25
N HIS A 610 34.51 17.92 21.36
CA HIS A 610 33.15 17.98 20.84
C HIS A 610 33.13 17.84 19.32
N LEU A 611 34.11 18.45 18.63
CA LEU A 611 34.12 18.39 17.17
C LEU A 611 34.26 16.96 16.67
N GLU A 612 35.15 16.18 17.31
CA GLU A 612 35.32 14.78 16.90
C GLU A 612 34.03 13.98 17.12
N ALA A 613 33.38 14.17 18.26
CA ALA A 613 32.14 13.46 18.54
C ALA A 613 31.05 13.83 17.54
N VAL A 614 30.95 15.11 17.20
CA VAL A 614 29.95 15.55 16.23
C VAL A 614 30.28 14.99 14.84
N ALA A 615 31.57 14.90 14.51
CA ALA A 615 31.94 14.32 13.22
C ALA A 615 31.56 12.84 13.13
N GLU A 616 31.84 12.08 14.18
CA GLU A 616 31.43 10.67 14.19
C GLU A 616 29.91 10.54 14.15
N ALA A 617 29.21 11.41 14.89
CA ALA A 617 27.75 11.38 14.87
C ALA A 617 27.22 11.67 13.47
N ALA A 618 27.82 12.62 12.77
CA ALA A 618 27.38 12.95 11.41
C ALA A 618 27.71 11.82 10.44
N ASN A 619 28.83 11.14 10.64
CA ASN A 619 29.14 9.98 9.81
C ASN A 619 28.08 8.89 10.00
N CYS A 620 27.71 8.63 11.25
CA CYS A 620 26.64 7.67 11.52
C CYS A 620 25.30 8.15 10.98
N ILE A 621 25.08 9.47 10.97
CA ILE A 621 23.88 10.05 10.37
C ILE A 621 23.85 9.76 8.87
N SER A 622 24.99 9.89 8.20
CA SER A 622 25.05 9.57 6.78
C SER A 622 24.75 8.09 6.53
N LEU A 623 25.32 7.21 7.36
CA LEU A 623 24.98 5.79 7.24
C LEU A 623 23.49 5.54 7.46
N GLY A 624 22.90 6.19 8.46
CA GLY A 624 21.48 6.05 8.70
C GLY A 624 20.63 6.55 7.55
N ASP A 625 21.06 7.64 6.92
CA ASP A 625 20.33 8.15 5.75
C ASP A 625 20.42 7.18 4.58
N ILE A 626 21.59 6.57 4.38
CA ILE A 626 21.72 5.57 3.34
C ILE A 626 20.79 4.39 3.61
N VAL A 627 20.72 3.95 4.87
CA VAL A 627 19.83 2.85 5.23
C VAL A 627 18.37 3.27 4.99
N GLU A 628 18.02 4.50 5.36
CA GLU A 628 16.65 4.97 5.17
C GLU A 628 16.28 5.01 3.69
N LYS A 629 17.20 5.46 2.84
CA LYS A 629 16.94 5.44 1.41
C LYS A 629 16.77 4.02 0.91
N LYS A 630 17.61 3.09 1.37
CA LYS A 630 17.45 1.69 0.97
C LYS A 630 16.15 1.10 1.49
N ILE A 631 15.58 1.68 2.54
CA ILE A 631 14.33 1.17 3.10
C ILE A 631 13.14 1.73 2.33
N ARG A 632 13.07 3.05 2.18
CA ARG A 632 11.93 3.71 1.56
C ARG A 632 12.02 3.75 0.04
N SER A 633 12.82 2.87 -0.56
CA SER A 633 12.90 2.71 -2.01
C SER A 633 12.36 1.34 -2.40
N SER A 634 12.56 0.97 -3.66
CA SER A 634 12.13 -0.32 -4.15
C SER A 634 12.71 -1.46 -3.32
N GLU A 635 12.08 -2.63 -3.43
CA GLU A 635 12.32 -3.87 -2.69
C GLU A 635 11.80 -3.79 -1.27
N GLN A 636 11.36 -2.63 -0.79
CA GLN A 636 10.71 -2.46 0.52
C GLN A 636 11.45 -3.20 1.62
N LEU A 637 12.68 -2.79 1.86
CA LEU A 637 13.53 -3.44 2.85
C LEU A 637 13.18 -2.91 4.25
N TRP A 638 11.92 -3.12 4.63
CA TRP A 638 11.42 -2.61 5.90
C TRP A 638 11.99 -3.36 7.10
N SER A 639 12.45 -4.60 6.92
CA SER A 639 13.09 -5.34 8.00
C SER A 639 14.38 -4.69 8.46
N LEU A 640 14.91 -3.73 7.70
CA LEU A 640 16.08 -2.96 8.08
C LEU A 640 15.73 -1.81 9.00
N LEU A 641 14.45 -1.67 9.39
CA LEU A 641 14.01 -0.60 10.29
C LEU A 641 14.78 -0.61 11.61
N PRO A 642 15.01 -1.77 12.25
CA PRO A 642 15.85 -1.74 13.47
C PRO A 642 17.23 -1.18 13.24
N LEU A 643 17.85 -1.46 12.09
CA LEU A 643 19.13 -0.86 11.76
C LEU A 643 19.02 0.66 11.74
N HIS A 644 18.03 1.18 11.02
CA HIS A 644 17.79 2.61 10.99
C HIS A 644 17.49 3.16 12.38
N ALA A 645 17.09 2.29 13.31
CA ALA A 645 16.91 2.73 14.68
C ALA A 645 18.23 3.19 15.29
N VAL A 646 19.31 2.46 15.05
CA VAL A 646 20.56 2.74 15.75
C VAL A 646 21.45 3.67 14.95
N LEU A 647 21.43 3.57 13.61
CA LEU A 647 22.33 4.38 12.81
C LEU A 647 21.91 5.84 12.76
N SER A 648 20.61 6.10 12.67
CA SER A 648 20.15 7.48 12.50
C SER A 648 20.02 8.20 13.84
N SER A 649 19.54 7.50 14.87
CA SER A 649 19.18 8.15 16.12
C SER A 649 20.04 7.73 17.30
N VAL A 650 20.11 6.43 17.60
CA VAL A 650 20.70 5.99 18.87
C VAL A 650 22.20 6.26 18.89
N TYR A 651 22.92 5.82 17.85
CA TYR A 651 24.37 6.02 17.85
C TYR A 651 24.78 7.49 17.79
N PRO A 652 24.23 8.33 16.89
CA PRO A 652 24.61 9.74 16.91
C PRO A 652 24.29 10.44 18.21
N ALA A 653 23.16 10.10 18.84
CA ALA A 653 22.85 10.68 20.14
C ALA A 653 23.83 10.21 21.20
N SER A 654 24.23 8.94 21.15
CA SER A 654 25.20 8.42 22.12
C SER A 654 26.55 9.11 21.96
N LYS A 655 26.93 9.44 20.72
CA LYS A 655 28.21 10.10 20.50
C LYS A 655 28.25 11.49 21.13
N VAL A 656 27.13 12.21 21.09
CA VAL A 656 27.09 13.60 21.54
C VAL A 656 26.12 13.77 22.70
N ALA A 657 25.94 12.71 23.48
CA ALA A 657 25.01 12.75 24.60
C ALA A 657 25.50 13.71 25.69
N GLY A 658 24.54 14.28 26.41
CA GLY A 658 24.85 15.22 27.48
C GLY A 658 23.65 16.05 27.88
N HIS A 659 23.90 17.31 28.21
CA HIS A 659 22.82 18.23 28.56
C HIS A 659 22.43 19.07 27.34
N MET A 660 21.20 19.59 27.37
CA MET A 660 20.70 20.44 26.30
C MET A 660 21.19 21.86 26.53
N ALA A 661 21.97 22.39 25.58
CA ALA A 661 22.53 23.72 25.73
C ALA A 661 21.43 24.79 25.66
N GLY A 662 20.72 24.84 24.54
CA GLY A 662 19.61 25.77 24.40
C GLY A 662 18.27 25.08 24.43
N ARG A 663 17.47 25.30 23.39
CA ARG A 663 16.16 24.67 23.26
C ARG A 663 16.20 23.63 22.14
N ILE A 664 15.34 22.63 22.27
CA ILE A 664 15.22 21.57 21.25
C ILE A 664 14.39 22.14 20.11
N ASN A 665 15.04 22.58 19.04
CA ASN A 665 14.34 23.09 17.87
C ASN A 665 13.75 21.94 17.06
N PHE A 666 12.54 22.14 16.55
CA PHE A 666 11.95 21.17 15.65
C PHE A 666 12.75 21.11 14.35
N THR A 667 12.75 19.93 13.73
CA THR A 667 13.52 19.73 12.51
C THR A 667 13.09 20.70 11.42
N ALA A 668 14.07 21.40 10.86
CA ALA A 668 13.81 22.38 9.80
C ALA A 668 13.92 21.77 8.41
N TRP A 669 14.26 20.49 8.31
CA TRP A 669 14.46 19.88 6.99
C TRP A 669 13.17 19.82 6.19
N LEU A 670 12.02 19.70 6.84
CA LEU A 670 10.75 19.69 6.12
C LEU A 670 10.51 21.03 5.43
N GLY A 671 10.74 22.14 6.16
CA GLY A 671 10.52 23.45 5.57
C GLY A 671 11.47 23.75 4.43
N GLN A 672 12.75 23.41 4.61
CA GLN A 672 13.72 23.62 3.54
C GLN A 672 13.42 22.73 2.34
N ASN A 673 12.95 21.50 2.59
CA ASN A 673 12.56 20.62 1.49
C ASN A 673 11.39 21.20 0.71
N SER A 674 10.37 21.71 1.41
CA SER A 674 9.23 22.30 0.73
C SER A 674 9.65 23.54 -0.06
N LYS A 675 10.50 24.38 0.52
CA LYS A 675 10.99 25.56 -0.18
C LYS A 675 11.79 25.18 -1.42
N SER A 676 12.65 24.17 -1.29
CA SER A 676 13.44 23.72 -2.44
C SER A 676 12.54 23.14 -3.52
N ALA A 677 11.51 22.39 -3.14
CA ALA A 677 10.58 21.84 -4.12
C ALA A 677 9.83 22.95 -4.86
N LYS A 678 9.37 23.97 -4.13
CA LYS A 678 8.70 25.09 -4.77
C LYS A 678 9.64 25.82 -5.73
N TYR A 679 10.88 26.06 -5.30
CA TYR A 679 11.84 26.72 -6.17
C TYR A 679 12.17 25.88 -7.39
N TYR A 680 12.24 24.55 -7.21
CA TYR A 680 12.50 23.66 -8.34
C TYR A 680 11.35 23.68 -9.33
N ARG A 681 10.10 23.73 -8.83
CA ARG A 681 8.96 23.86 -9.72
C ARG A 681 9.01 25.16 -10.51
N LEU A 682 9.34 26.26 -9.82
CA LEU A 682 9.47 27.55 -10.50
C LEU A 682 10.56 27.51 -11.56
N LEU A 683 11.70 26.90 -11.22
CA LEU A 683 12.80 26.79 -12.19
C LEU A 683 12.39 25.92 -13.36
N GLN A 684 11.59 24.87 -13.10
CA GLN A 684 11.08 24.03 -14.18
C GLN A 684 10.23 24.84 -15.15
N GLU A 685 9.32 25.66 -14.62
CA GLU A 685 8.51 26.51 -15.48
C GLU A 685 9.39 27.48 -16.28
N ILE A 686 10.37 28.09 -15.62
CA ILE A 686 11.23 29.06 -16.29
C ILE A 686 12.03 28.39 -17.41
N HIS A 687 12.60 27.21 -17.11
CA HIS A 687 13.41 26.51 -18.10
C HIS A 687 12.56 26.03 -19.27
N TYR A 688 11.35 25.54 -19.00
CA TYR A 688 10.50 25.09 -20.09
C TYR A 688 9.92 26.26 -20.88
N HIS A 689 9.87 27.45 -20.30
CA HIS A 689 9.54 28.64 -21.07
C HIS A 689 10.69 29.08 -21.96
N THR A 690 11.92 29.01 -21.46
CA THR A 690 13.08 29.53 -22.17
C THR A 690 13.80 28.47 -23.02
N ARG A 691 13.32 27.23 -23.02
CA ARG A 691 13.98 26.16 -23.78
C ARG A 691 14.13 26.54 -25.25
N LEU A 692 13.21 27.34 -25.78
CA LEU A 692 13.28 27.74 -27.18
C LEU A 692 14.57 28.49 -27.50
N GLY A 693 15.22 29.08 -26.51
CA GLY A 693 16.46 29.79 -26.76
C GLY A 693 17.67 29.28 -26.01
N THR A 694 17.47 28.70 -24.83
CA THR A 694 18.63 28.25 -24.05
C THR A 694 19.23 26.96 -24.62
N SER A 695 18.40 25.97 -24.88
CA SER A 695 18.85 24.63 -25.26
C SER A 695 19.86 24.10 -24.23
N THR A 696 19.53 24.32 -22.96
CA THR A 696 20.40 23.97 -21.85
C THR A 696 19.52 23.37 -20.76
N ASP A 697 20.11 22.46 -19.97
CA ASP A 697 19.39 21.73 -18.95
C ASP A 697 18.96 22.66 -17.81
N LYS A 698 18.19 22.11 -16.88
CA LYS A 698 17.68 22.90 -15.77
C LYS A 698 18.80 23.42 -14.88
N ILE A 699 19.70 22.54 -14.46
CA ILE A 699 20.80 22.94 -13.59
C ILE A 699 21.78 23.85 -14.34
N GLY A 700 22.03 23.54 -15.62
CA GLY A 700 22.89 24.40 -16.41
C GLY A 700 22.35 25.79 -16.61
N LEU A 701 21.02 25.93 -16.69
CA LEU A 701 20.43 27.26 -16.79
C LEU A 701 20.40 27.96 -15.43
N ARG A 702 20.25 27.19 -14.35
CA ARG A 702 20.24 27.81 -13.03
C ARG A 702 21.62 28.35 -12.66
N LEU A 703 22.67 27.57 -12.89
CA LEU A 703 24.00 27.94 -12.42
C LEU A 703 24.56 29.12 -13.22
N ASP A 704 24.43 29.08 -14.55
CA ASP A 704 25.11 30.03 -15.41
C ASP A 704 24.20 31.07 -16.05
N TYR A 705 23.00 30.67 -16.50
CA TYR A 705 22.15 31.61 -17.22
C TYR A 705 21.62 32.71 -16.31
N LEU A 706 21.24 32.35 -15.08
CA LEU A 706 20.63 33.31 -14.18
C LEU A 706 21.54 34.48 -13.79
N PRO A 707 22.83 34.30 -13.46
CA PRO A 707 23.67 35.47 -13.16
C PRO A 707 23.75 36.47 -14.30
N THR A 708 23.53 36.04 -15.53
CA THR A 708 23.43 36.93 -16.68
C THR A 708 22.01 37.46 -16.89
N PHE A 709 21.00 36.64 -16.58
CA PHE A 709 19.61 37.09 -16.71
C PHE A 709 19.30 38.23 -15.76
N ARG A 710 19.82 38.15 -14.53
CA ARG A 710 19.66 39.25 -13.57
C ARG A 710 20.26 40.54 -14.12
N LYS A 711 21.45 40.44 -14.74
CA LYS A 711 22.12 41.63 -15.25
C LYS A 711 21.41 42.18 -16.48
N ARG A 712 20.80 41.29 -17.29
CA ARG A 712 20.07 41.74 -18.47
C ARG A 712 18.74 42.39 -18.08
N LEU A 713 18.09 41.91 -17.02
CA LEU A 713 16.76 42.40 -16.67
C LEU A 713 16.81 43.48 -15.59
N LEU A 714 17.45 43.19 -14.45
CA LEU A 714 17.36 44.05 -13.29
C LEU A 714 18.35 45.22 -13.31
N ASP A 715 19.57 44.98 -13.78
CA ASP A 715 20.59 46.03 -13.79
C ASP A 715 20.19 47.27 -14.59
N PRO A 716 19.61 47.16 -15.78
CA PRO A 716 19.19 48.39 -16.49
C PRO A 716 18.20 49.23 -15.70
N PHE A 717 17.33 48.63 -14.89
CA PHE A 717 16.43 49.41 -14.04
C PHE A 717 17.21 50.22 -13.02
N LEU A 718 18.29 49.66 -12.47
CA LEU A 718 19.09 50.38 -11.48
C LEU A 718 19.98 51.44 -12.11
N LYS A 719 20.46 51.22 -13.33
CA LYS A 719 21.48 52.07 -13.91
C LYS A 719 20.94 53.07 -14.93
N GLN A 720 19.71 52.89 -15.41
CA GLN A 720 19.18 53.78 -16.45
C GLN A 720 17.85 54.43 -16.09
N GLY A 721 17.15 53.97 -15.06
CA GLY A 721 15.89 54.60 -14.69
C GLY A 721 14.72 53.87 -15.30
N ALA A 722 13.75 54.64 -15.81
CA ALA A 722 12.52 54.09 -16.36
C ALA A 722 12.50 54.08 -17.88
N ASP A 723 13.60 54.43 -18.54
CA ASP A 723 13.69 54.40 -19.99
C ASP A 723 14.22 53.08 -20.53
N ALA A 724 14.60 52.15 -19.65
CA ALA A 724 15.12 50.85 -20.06
C ALA A 724 14.05 49.76 -20.05
N ILE A 725 12.78 50.15 -19.90
CA ILE A 725 11.70 49.17 -19.85
C ILE A 725 11.56 48.45 -21.19
N SER A 726 11.69 49.19 -22.29
CA SER A 726 11.53 48.58 -23.61
C SER A 726 12.58 47.52 -23.89
N SER A 727 13.84 47.80 -23.52
CA SER A 727 14.90 46.82 -23.74
C SER A 727 14.67 45.55 -22.93
N VAL A 728 14.26 45.71 -21.67
CA VAL A 728 14.00 44.54 -20.82
C VAL A 728 12.83 43.74 -21.37
N ILE A 729 11.78 44.43 -21.82
CA ILE A 729 10.62 43.75 -22.40
C ILE A 729 11.03 42.97 -23.64
N GLU A 730 11.86 43.58 -24.50
CA GLU A 730 12.34 42.89 -25.69
C GLU A 730 13.16 41.66 -25.33
N VAL A 731 14.04 41.79 -24.33
CA VAL A 731 14.87 40.66 -23.92
C VAL A 731 14.01 39.52 -23.40
N MET A 732 13.00 39.85 -22.58
CA MET A 732 12.13 38.82 -22.03
C MET A 732 11.22 38.19 -23.07
N ASP A 733 10.76 38.96 -24.06
CA ASP A 733 9.95 38.37 -25.12
C ASP A 733 10.79 37.54 -26.09
N ASP A 734 12.09 37.83 -26.19
CA ASP A 734 12.96 37.00 -26.99
C ASP A 734 13.08 35.59 -26.42
N TYR A 735 12.98 35.44 -25.10
CA TYR A 735 13.05 34.13 -24.46
C TYR A 735 11.70 33.70 -23.89
N TYR A 736 10.61 34.37 -24.30
CA TYR A 736 9.25 34.04 -23.87
C TYR A 736 9.12 34.11 -22.35
N LEU A 737 9.68 35.17 -21.76
CA LEU A 737 9.63 35.36 -20.32
C LEU A 737 8.37 36.14 -19.94
N THR A 738 7.94 35.95 -18.68
CA THR A 738 6.69 36.51 -18.20
C THR A 738 6.91 37.33 -16.94
N LYS A 739 5.85 38.02 -16.51
CA LYS A 739 5.91 38.81 -15.29
C LYS A 739 6.15 37.93 -14.06
N GLU A 740 5.37 36.85 -13.93
CA GLU A 740 5.59 35.92 -12.82
C GLU A 740 6.96 35.26 -12.93
N ASP A 741 7.38 34.94 -14.16
CA ASP A 741 8.72 34.40 -14.37
C ASP A 741 9.79 35.41 -13.98
N TRP A 742 9.58 36.69 -14.31
CA TRP A 742 10.53 37.73 -13.93
C TRP A 742 10.61 37.85 -12.41
N ASP A 743 9.46 37.76 -11.72
CA ASP A 743 9.46 37.81 -10.27
C ASP A 743 10.18 36.60 -9.68
N SER A 744 10.01 35.43 -10.29
CA SER A 744 10.64 34.22 -9.77
C SER A 744 12.14 34.19 -10.04
N ILE A 745 12.59 34.86 -11.12
CA ILE A 745 14.01 34.85 -11.45
C ILE A 745 14.83 35.52 -10.35
N MET A 746 14.35 36.66 -9.84
CA MET A 746 15.09 37.41 -8.83
C MET A 746 15.15 36.72 -7.48
N GLU A 747 14.35 35.68 -7.26
CA GLU A 747 14.32 34.98 -5.98
C GLU A 747 15.29 33.80 -5.91
N PHE A 748 16.04 33.55 -6.98
CA PHE A 748 16.95 32.41 -7.03
C PHE A 748 18.35 32.74 -6.53
N PHE A 749 18.76 34.01 -6.59
CA PHE A 749 20.11 34.39 -6.21
C PHE A 749 20.24 34.52 -4.70
N VAL A 750 21.43 34.20 -4.19
CA VAL A 750 21.72 34.22 -2.76
C VAL A 750 23.10 34.83 -2.56
N GLY A 751 23.52 34.91 -1.29
CA GLY A 751 24.83 35.40 -0.93
C GLY A 751 24.96 36.91 -1.08
N PRO A 752 26.02 37.34 -1.76
CA PRO A 752 26.22 38.79 -1.97
C PRO A 752 25.22 39.41 -2.94
N ASP A 753 24.42 38.61 -3.63
CA ASP A 753 23.42 39.09 -4.58
C ASP A 753 22.06 38.56 -4.13
N VAL A 754 21.38 39.34 -3.28
CA VAL A 754 20.02 39.03 -2.83
C VAL A 754 19.16 40.22 -3.22
N THR A 755 18.12 39.97 -4.02
CA THR A 755 17.32 41.02 -4.62
C THR A 755 16.14 41.44 -3.74
N THR A 756 16.00 40.86 -2.55
CA THR A 756 14.85 41.15 -1.69
C THR A 756 14.79 42.62 -1.31
N ALA A 757 15.94 43.29 -1.24
CA ALA A 757 15.98 44.73 -0.98
C ALA A 757 16.28 45.56 -2.21
N ILE A 758 16.82 44.93 -3.26
CA ILE A 758 17.17 45.68 -4.47
C ILE A 758 15.92 46.16 -5.20
N ILE A 759 14.90 45.30 -5.29
CA ILE A 759 13.67 45.70 -5.96
C ILE A 759 12.97 46.81 -5.19
N LYS A 760 13.03 46.79 -3.86
CA LYS A 760 12.44 47.87 -3.08
C LYS A 760 13.18 49.17 -3.28
N LYS A 761 14.49 49.12 -3.52
CA LYS A 761 15.25 50.33 -3.82
C LYS A 761 14.88 50.90 -5.18
N ILE A 762 14.35 50.10 -6.09
CA ILE A 762 13.91 50.59 -7.40
C ILE A 762 12.72 51.51 -7.20
N PRO A 763 12.69 52.67 -7.87
CA PRO A 763 11.53 53.56 -7.72
C PRO A 763 10.24 52.89 -8.14
N ALA A 764 9.16 53.19 -7.40
CA ALA A 764 7.87 52.58 -7.70
C ALA A 764 7.35 52.97 -9.08
N THR A 765 7.76 54.13 -9.59
CA THR A 765 7.34 54.55 -10.92
C THR A 765 7.87 53.59 -11.99
N VAL A 766 9.11 53.15 -11.84
CA VAL A 766 9.69 52.20 -12.80
C VAL A 766 8.93 50.89 -12.76
N LYS A 767 8.60 50.39 -11.57
CA LYS A 767 7.85 49.15 -11.46
C LYS A 767 6.46 49.29 -12.08
N SER A 768 5.78 50.41 -11.82
CA SER A 768 4.47 50.62 -12.40
C SER A 768 4.53 50.69 -13.93
N GLY A 769 5.54 51.39 -14.46
CA GLY A 769 5.70 51.46 -15.90
C GLY A 769 5.99 50.10 -16.52
N PHE A 770 6.84 49.31 -15.86
CA PHE A 770 7.14 47.97 -16.37
C PHE A 770 5.90 47.08 -16.33
N THR A 771 5.11 47.16 -15.26
CA THR A 771 3.88 46.38 -15.19
C THR A 771 2.90 46.80 -16.28
N ARG A 772 2.78 48.12 -16.52
CA ARG A 772 1.91 48.61 -17.59
C ARG A 772 2.38 48.11 -18.95
N LYS A 773 3.69 48.12 -19.18
CA LYS A 773 4.23 47.63 -20.45
C LYS A 773 3.97 46.14 -20.61
N TYR A 774 4.11 45.36 -19.54
CA TYR A 774 3.77 43.94 -19.62
C TYR A 774 2.30 43.73 -19.92
N ASN A 775 1.44 44.55 -19.30
CA ASN A 775 0.00 44.40 -19.52
C ASN A 775 -0.39 44.76 -20.95
N SER A 776 0.21 45.80 -21.51
CA SER A 776 -0.20 46.33 -22.81
C SER A 776 0.68 45.85 -23.96
N MET A 777 1.67 45.00 -23.70
CA MET A 777 2.55 44.57 -24.77
C MET A 777 1.89 43.51 -25.66
N THR A 778 1.07 42.65 -25.07
CA THR A 778 0.40 41.57 -25.78
C THR A 778 1.38 40.70 -26.58
N THR B 4 -5.68 -45.03 9.28
CA THR B 4 -6.13 -44.02 10.24
C THR B 4 -7.51 -43.49 9.85
N LEU B 5 -8.31 -43.19 10.86
CA LEU B 5 -9.66 -42.66 10.66
C LEU B 5 -9.88 -41.33 11.36
N SER B 6 -9.32 -41.15 12.55
CA SER B 6 -9.54 -39.94 13.32
C SER B 6 -8.37 -39.70 14.26
N LEU B 7 -8.28 -38.48 14.76
CA LEU B 7 -7.26 -38.06 15.71
C LEU B 7 -7.91 -37.70 17.03
N GLN B 8 -7.08 -37.65 18.08
CA GLN B 8 -7.54 -37.27 19.41
C GLN B 8 -7.19 -35.83 19.70
N LEU B 9 -7.89 -35.26 20.69
CA LEU B 9 -7.72 -33.85 21.00
C LEU B 9 -6.32 -33.58 21.52
N PRO B 10 -5.67 -32.50 21.07
CA PRO B 10 -4.36 -32.15 21.61
C PRO B 10 -4.45 -31.76 23.07
N TRP B 11 -3.34 -31.96 23.79
CA TRP B 11 -3.30 -31.68 25.22
C TRP B 11 -3.51 -30.20 25.53
N VAL B 12 -3.27 -29.32 24.57
CA VAL B 12 -3.56 -27.90 24.76
C VAL B 12 -5.06 -27.72 24.94
N GLU B 13 -5.85 -28.37 24.09
CA GLU B 13 -7.30 -28.21 24.17
C GLU B 13 -7.92 -29.17 25.17
N LYS B 14 -7.43 -30.41 25.23
CA LYS B 14 -8.01 -31.41 26.12
C LYS B 14 -7.85 -31.01 27.58
N TYR B 15 -6.67 -30.50 27.94
CA TYR B 15 -6.39 -30.05 29.30
C TYR B 15 -6.41 -28.53 29.40
N ARG B 16 -7.17 -27.86 28.55
CA ARG B 16 -7.38 -26.42 28.69
C ARG B 16 -8.19 -26.15 29.96
N PRO B 17 -7.73 -25.28 30.85
CA PRO B 17 -8.48 -25.03 32.08
C PRO B 17 -9.87 -24.50 31.79
N GLN B 18 -10.83 -24.94 32.60
CA GLN B 18 -12.21 -24.47 32.50
C GLN B 18 -12.64 -23.67 33.73
N VAL B 19 -11.81 -23.61 34.76
CA VAL B 19 -12.07 -22.80 35.95
C VAL B 19 -10.84 -21.97 36.24
N LEU B 20 -11.06 -20.87 36.97
CA LEU B 20 -9.97 -19.95 37.29
C LEU B 20 -8.93 -20.57 38.22
N SER B 21 -9.28 -21.62 38.96
CA SER B 21 -8.33 -22.24 39.88
C SER B 21 -7.30 -23.10 39.16
N ASP B 22 -7.66 -23.67 38.01
CA ASP B 22 -6.76 -24.53 37.25
C ASP B 22 -5.64 -23.78 36.56
N ILE B 23 -5.70 -22.45 36.53
CA ILE B 23 -4.68 -21.64 35.86
C ILE B 23 -3.53 -21.41 36.83
N VAL B 24 -2.30 -21.67 36.36
CA VAL B 24 -1.12 -21.52 37.18
C VAL B 24 -0.38 -20.21 36.85
N GLY B 25 -1.06 -19.24 36.28
CA GLY B 25 -0.45 -17.99 35.88
C GLY B 25 -0.14 -17.08 37.06
N ASN B 26 -0.18 -15.77 36.79
CA ASN B 26 0.11 -14.78 37.82
C ASN B 26 -0.93 -14.86 38.94
N LYS B 27 -0.46 -15.11 40.16
CA LYS B 27 -1.38 -15.35 41.27
C LYS B 27 -2.25 -14.13 41.57
N GLU B 28 -1.65 -12.94 41.55
CA GLU B 28 -2.38 -11.73 41.93
C GLU B 28 -3.56 -11.49 41.00
N THR B 29 -3.30 -11.45 39.68
CA THR B 29 -4.36 -11.16 38.72
C THR B 29 -5.39 -12.29 38.67
N ILE B 30 -4.95 -13.55 38.80
CA ILE B 30 -5.89 -14.66 38.80
C ILE B 30 -6.82 -14.57 40.01
N ASP B 31 -6.28 -14.24 41.18
CA ASP B 31 -7.13 -14.07 42.36
C ASP B 31 -8.06 -12.89 42.20
N ARG B 32 -7.59 -11.81 41.56
CA ARG B 32 -8.47 -10.67 41.28
C ARG B 32 -9.63 -11.09 40.38
N LEU B 33 -9.34 -11.90 39.36
CA LEU B 33 -10.39 -12.38 38.47
C LEU B 33 -11.37 -13.30 39.20
N GLN B 34 -10.86 -14.18 40.08
CA GLN B 34 -11.75 -15.02 40.87
C GLN B 34 -12.67 -14.19 41.75
N GLN B 35 -12.12 -13.16 42.41
CA GLN B 35 -12.94 -12.29 43.23
C GLN B 35 -13.97 -11.53 42.41
N ILE B 36 -13.58 -11.07 41.22
CA ILE B 36 -14.51 -10.36 40.35
C ILE B 36 -15.66 -11.29 39.93
N ALA B 37 -15.33 -12.53 39.55
CA ALA B 37 -16.36 -13.48 39.17
C ALA B 37 -17.27 -13.82 40.34
N LYS B 38 -16.71 -13.98 41.54
CA LYS B 38 -17.52 -14.28 42.71
C LYS B 38 -18.45 -13.14 43.07
N ASP B 39 -17.97 -11.90 42.98
CA ASP B 39 -18.77 -10.74 43.35
C ASP B 39 -19.58 -10.18 42.20
N GLY B 40 -19.10 -10.29 40.97
CA GLY B 40 -19.77 -9.69 39.84
C GLY B 40 -19.24 -8.31 39.55
N ASN B 41 -20.00 -7.58 38.73
CA ASN B 41 -19.64 -6.22 38.31
C ASN B 41 -18.25 -6.20 37.68
N MET B 42 -18.07 -7.05 36.67
CA MET B 42 -16.79 -7.12 35.98
C MET B 42 -16.54 -5.80 35.25
N PRO B 43 -15.40 -5.17 35.44
CA PRO B 43 -15.10 -3.92 34.73
C PRO B 43 -14.47 -4.20 33.37
N HIS B 44 -14.45 -3.15 32.54
CA HIS B 44 -13.81 -3.24 31.24
C HIS B 44 -12.32 -3.52 31.44
N MET B 45 -11.75 -4.38 30.60
CA MET B 45 -10.39 -4.83 30.82
C MET B 45 -9.67 -5.08 29.50
N ILE B 46 -8.34 -4.94 29.55
CA ILE B 46 -7.46 -5.43 28.49
C ILE B 46 -6.35 -6.26 29.15
N ILE B 47 -6.21 -7.50 28.71
CA ILE B 47 -5.17 -8.41 29.19
C ILE B 47 -4.09 -8.48 28.13
N SER B 48 -2.85 -8.21 28.55
CA SER B 48 -1.71 -8.20 27.64
C SER B 48 -0.58 -9.06 28.19
N GLY B 49 0.26 -9.54 27.28
CA GLY B 49 1.40 -10.37 27.66
C GLY B 49 1.99 -11.06 26.44
N MET B 50 2.70 -12.14 26.69
CA MET B 50 3.35 -12.93 25.66
C MET B 50 2.50 -14.15 25.30
N PRO B 51 2.71 -14.73 24.12
CA PRO B 51 1.90 -15.89 23.73
C PRO B 51 2.06 -17.06 24.68
N GLY B 52 0.97 -17.79 24.88
CA GLY B 52 0.99 -19.02 25.67
C GLY B 52 1.26 -18.86 27.15
N ILE B 53 0.64 -17.87 27.79
CA ILE B 53 0.73 -17.71 29.24
C ILE B 53 -0.62 -17.70 29.93
N GLY B 54 -1.71 -17.86 29.18
CA GLY B 54 -3.03 -17.94 29.78
C GLY B 54 -3.83 -16.65 29.74
N LYS B 55 -3.87 -16.00 28.57
CA LYS B 55 -4.67 -14.79 28.41
C LYS B 55 -6.06 -15.10 27.88
N THR B 56 -6.15 -15.81 26.75
CA THR B 56 -7.45 -16.20 26.22
C THR B 56 -8.17 -17.16 27.17
N THR B 57 -7.43 -18.11 27.75
CA THR B 57 -8.04 -19.05 28.68
C THR B 57 -8.60 -18.34 29.90
N SER B 58 -7.86 -17.37 30.43
CA SER B 58 -8.31 -16.65 31.62
C SER B 58 -9.64 -15.94 31.36
N VAL B 59 -9.72 -15.21 30.23
CA VAL B 59 -10.94 -14.47 29.93
C VAL B 59 -12.09 -15.42 29.62
N HIS B 60 -11.80 -16.56 28.97
CA HIS B 60 -12.85 -17.52 28.67
C HIS B 60 -13.44 -18.12 29.95
N CYS B 61 -12.57 -18.57 30.87
CA CYS B 61 -13.07 -19.11 32.12
C CYS B 61 -13.77 -18.04 32.96
N LEU B 62 -13.27 -16.80 32.92
CA LEU B 62 -13.93 -15.72 33.64
C LEU B 62 -15.34 -15.50 33.12
N ALA B 63 -15.50 -15.43 31.79
CA ALA B 63 -16.83 -15.24 31.22
C ALA B 63 -17.74 -16.42 31.54
N HIS B 64 -17.22 -17.65 31.44
CA HIS B 64 -18.02 -18.82 31.75
C HIS B 64 -18.51 -18.79 33.19
N GLU B 65 -17.60 -18.55 34.14
CA GLU B 65 -17.97 -18.54 35.55
C GLU B 65 -18.92 -17.39 35.86
N LEU B 66 -18.76 -16.26 35.16
CA LEU B 66 -19.62 -15.10 35.42
C LEU B 66 -21.02 -15.30 34.89
N LEU B 67 -21.18 -15.94 33.72
CA LEU B 67 -22.49 -15.99 33.08
C LEU B 67 -23.19 -17.34 33.20
N GLY B 68 -22.53 -18.37 33.74
CA GLY B 68 -23.22 -19.63 33.97
C GLY B 68 -23.75 -20.23 32.68
N ARG B 69 -25.05 -20.56 32.69
CA ARG B 69 -25.71 -21.11 31.52
C ARG B 69 -26.02 -20.06 30.47
N SER B 70 -25.97 -18.78 30.82
CA SER B 70 -26.27 -17.70 29.88
C SER B 70 -25.08 -17.31 29.01
N TYR B 71 -24.04 -18.16 28.95
CA TYR B 71 -22.87 -17.84 28.14
C TYR B 71 -23.22 -17.77 26.65
N ALA B 72 -24.15 -18.64 26.20
CA ALA B 72 -24.48 -18.70 24.79
C ALA B 72 -25.10 -17.40 24.29
N ASP B 73 -25.97 -16.78 25.08
CA ASP B 73 -26.64 -15.55 24.67
C ASP B 73 -26.12 -14.31 25.37
N GLY B 74 -25.05 -14.42 26.16
CA GLY B 74 -24.52 -13.26 26.85
C GLY B 74 -23.06 -12.97 26.53
N VAL B 75 -22.42 -13.84 25.75
CA VAL B 75 -21.02 -13.69 25.36
C VAL B 75 -20.96 -13.48 23.85
N LEU B 76 -20.33 -12.39 23.44
CA LEU B 76 -20.04 -12.14 22.03
C LEU B 76 -18.52 -12.20 21.89
N GLU B 77 -18.00 -13.36 21.48
CA GLU B 77 -16.57 -13.57 21.35
C GLU B 77 -16.22 -13.49 19.87
N LEU B 78 -15.38 -12.51 19.53
CA LEU B 78 -14.93 -12.29 18.15
C LEU B 78 -13.43 -12.14 18.14
N ASN B 79 -12.77 -12.81 17.20
CA ASN B 79 -11.37 -12.56 16.95
C ASN B 79 -11.25 -11.19 16.30
N ALA B 80 -10.60 -10.24 16.99
CA ALA B 80 -10.52 -8.87 16.49
C ALA B 80 -9.80 -8.83 15.15
N SER B 81 -8.74 -9.63 15.00
CA SER B 81 -8.07 -9.73 13.71
C SER B 81 -9.01 -10.30 12.65
N ASP B 82 -9.93 -11.17 13.05
CA ASP B 82 -10.91 -11.69 12.10
C ASP B 82 -11.93 -10.62 11.72
N ASP B 83 -12.40 -9.85 12.69
CA ASP B 83 -13.43 -8.83 12.47
C ASP B 83 -12.93 -7.51 13.06
N ARG B 84 -12.21 -6.74 12.24
CA ARG B 84 -11.64 -5.46 12.66
C ARG B 84 -12.23 -4.28 11.89
N GLY B 85 -13.28 -4.52 11.11
CA GLY B 85 -13.88 -3.43 10.35
C GLY B 85 -14.71 -2.52 11.23
N ILE B 86 -14.69 -1.23 10.89
CA ILE B 86 -15.50 -0.26 11.61
C ILE B 86 -16.98 -0.56 11.42
N ASP B 87 -17.35 -1.13 10.27
CA ASP B 87 -18.73 -1.53 10.04
C ASP B 87 -19.17 -2.60 11.04
N VAL B 88 -18.26 -3.51 11.40
CA VAL B 88 -18.60 -4.54 12.38
C VAL B 88 -18.96 -3.91 13.71
N VAL B 89 -18.14 -2.98 14.19
CA VAL B 89 -18.44 -2.29 15.45
C VAL B 89 -19.73 -1.50 15.32
N ARG B 90 -19.94 -0.86 14.17
CA ARG B 90 -21.12 -0.02 13.99
C ARG B 90 -22.41 -0.85 14.02
N ASN B 91 -22.40 -2.04 13.44
CA ASN B 91 -23.61 -2.84 13.31
C ASN B 91 -23.73 -3.94 14.35
N GLN B 92 -22.80 -4.91 14.35
CA GLN B 92 -23.00 -6.13 15.13
C GLN B 92 -22.71 -5.90 16.60
N ILE B 93 -21.57 -5.28 16.91
CA ILE B 93 -21.24 -5.00 18.31
C ILE B 93 -22.26 -4.05 18.91
N LYS B 94 -22.68 -3.03 18.15
CA LYS B 94 -23.69 -2.10 18.63
C LYS B 94 -25.02 -2.80 18.90
N HIS B 95 -25.45 -3.68 17.98
CA HIS B 95 -26.71 -4.39 18.18
C HIS B 95 -26.64 -5.32 19.39
N PHE B 96 -25.51 -5.99 19.59
CA PHE B 96 -25.36 -6.83 20.77
C PHE B 96 -25.38 -5.99 22.05
N ALA B 97 -24.77 -4.80 21.99
CA ALA B 97 -24.75 -3.93 23.17
C ALA B 97 -26.15 -3.44 23.52
N GLN B 98 -26.94 -3.05 22.53
CA GLN B 98 -28.31 -2.62 22.81
C GLN B 98 -29.28 -3.78 23.00
N LYS B 99 -28.85 -5.02 22.73
CA LYS B 99 -29.75 -6.16 22.85
C LYS B 99 -30.23 -6.32 24.29
N LYS B 100 -31.53 -6.54 24.45
CA LYS B 100 -32.11 -6.76 25.76
C LYS B 100 -31.90 -8.21 26.20
N LEU B 101 -31.51 -8.38 27.45
CA LEU B 101 -31.27 -9.71 28.00
C LEU B 101 -31.48 -9.64 29.52
N HIS B 102 -32.39 -10.46 30.03
CA HIS B 102 -32.64 -10.52 31.47
C HIS B 102 -31.57 -11.38 32.12
N LEU B 103 -30.72 -10.75 32.92
CA LEU B 103 -29.58 -11.39 33.54
C LEU B 103 -29.67 -11.24 35.05
N PRO B 104 -28.96 -12.08 35.81
CA PRO B 104 -28.93 -11.91 37.27
C PRO B 104 -28.46 -10.52 37.65
N PRO B 105 -28.80 -10.05 38.86
CA PRO B 105 -28.53 -8.66 39.21
C PRO B 105 -27.06 -8.33 39.47
N GLY B 106 -26.14 -9.22 39.12
CA GLY B 106 -24.73 -8.93 39.27
C GLY B 106 -23.91 -9.30 38.05
N LYS B 107 -24.57 -9.73 36.98
CA LYS B 107 -23.90 -10.21 35.78
C LYS B 107 -24.24 -9.33 34.59
N HIS B 108 -23.28 -9.24 33.66
CA HIS B 108 -23.41 -8.39 32.49
C HIS B 108 -23.05 -9.19 31.24
N LYS B 109 -23.54 -8.70 30.10
CA LYS B 109 -23.11 -9.25 28.82
C LYS B 109 -21.65 -8.91 28.58
N ILE B 110 -20.91 -9.88 28.04
CA ILE B 110 -19.46 -9.78 27.89
C ILE B 110 -19.10 -9.81 26.42
N VAL B 111 -18.30 -8.83 25.99
CA VAL B 111 -17.78 -8.77 24.63
C VAL B 111 -16.31 -9.11 24.70
N ILE B 112 -15.93 -10.26 24.12
CA ILE B 112 -14.54 -10.69 24.07
C ILE B 112 -13.98 -10.35 22.70
N LEU B 113 -12.87 -9.63 22.67
CA LEU B 113 -12.22 -9.22 21.43
C LEU B 113 -10.82 -9.84 21.42
N ASP B 114 -10.72 -11.07 20.92
CA ASP B 114 -9.46 -11.77 20.85
C ASP B 114 -8.58 -11.19 19.76
N GLU B 115 -7.27 -11.16 20.02
CA GLU B 115 -6.30 -10.50 19.14
C GLU B 115 -6.67 -9.03 18.92
N ALA B 116 -6.94 -8.33 20.03
CA ALA B 116 -7.39 -6.94 19.95
C ALA B 116 -6.33 -6.00 19.39
N ASP B 117 -5.06 -6.42 19.37
CA ASP B 117 -4.00 -5.55 18.87
C ASP B 117 -4.03 -5.39 17.35
N SER B 118 -4.83 -6.19 16.64
CA SER B 118 -4.90 -6.11 15.18
C SER B 118 -6.08 -5.31 14.67
N MET B 119 -6.89 -4.72 15.55
CA MET B 119 -8.02 -3.92 15.10
C MET B 119 -7.54 -2.66 14.39
N THR B 120 -8.29 -2.26 13.37
CA THR B 120 -7.97 -1.05 12.63
C THR B 120 -8.26 0.19 13.47
N ALA B 121 -7.67 1.31 13.05
CA ALA B 121 -7.86 2.56 13.78
C ALA B 121 -9.32 3.00 13.77
N GLY B 122 -10.01 2.84 12.64
CA GLY B 122 -11.39 3.30 12.55
C GLY B 122 -12.31 2.59 13.53
N ALA B 123 -12.23 1.25 13.58
CA ALA B 123 -13.05 0.49 14.51
C ALA B 123 -12.64 0.79 15.95
N GLN B 124 -11.34 0.95 16.20
CA GLN B 124 -10.86 1.24 17.56
C GLN B 124 -11.43 2.57 18.05
N GLN B 125 -11.46 3.59 17.19
CA GLN B 125 -12.06 4.86 17.59
C GLN B 125 -13.58 4.77 17.69
N ALA B 126 -14.22 4.01 16.80
CA ALA B 126 -15.68 3.91 16.86
C ALA B 126 -16.15 3.14 18.09
N LEU B 127 -15.30 2.29 18.64
CA LEU B 127 -15.69 1.48 19.80
C LEU B 127 -15.85 2.31 21.08
N ARG B 128 -15.25 3.50 21.13
CA ARG B 128 -15.23 4.27 22.38
C ARG B 128 -16.63 4.69 22.82
N ARG B 129 -17.39 5.32 21.93
CA ARG B 129 -18.74 5.71 22.31
C ARG B 129 -19.65 4.50 22.46
N THR B 130 -19.39 3.43 21.70
CA THR B 130 -20.16 2.20 21.86
C THR B 130 -20.00 1.62 23.25
N MET B 131 -18.78 1.60 23.77
CA MET B 131 -18.54 1.12 25.13
C MET B 131 -18.94 2.14 26.19
N GLU B 132 -19.03 3.42 25.83
CA GLU B 132 -19.47 4.45 26.79
C GLU B 132 -20.97 4.48 26.99
N LEU B 133 -21.77 4.45 25.94
CA LEU B 133 -23.21 4.58 26.07
C LEU B 133 -23.88 3.32 26.62
N TYR B 134 -23.25 2.16 26.46
CA TYR B 134 -23.80 0.90 26.93
C TYR B 134 -22.87 0.25 27.96
N SER B 135 -22.34 1.07 28.87
CA SER B 135 -21.42 0.58 29.89
C SER B 135 -22.13 -0.01 31.10
N ASN B 136 -23.46 0.09 31.18
CA ASN B 136 -24.21 -0.46 32.30
C ASN B 136 -24.80 -1.83 32.00
N SER B 137 -24.70 -2.31 30.76
CA SER B 137 -25.22 -3.63 30.41
C SER B 137 -24.31 -4.41 29.46
N THR B 138 -23.16 -3.87 29.09
CA THR B 138 -22.26 -4.53 28.17
C THR B 138 -20.83 -4.22 28.57
N ARG B 139 -20.01 -5.26 28.70
CA ARG B 139 -18.65 -5.14 29.20
C ARG B 139 -17.67 -5.68 28.17
N PHE B 140 -16.51 -5.03 28.07
CA PHE B 140 -15.53 -5.33 27.05
C PHE B 140 -14.26 -5.88 27.67
N ALA B 141 -13.78 -7.00 27.14
CA ALA B 141 -12.53 -7.64 27.56
C ALA B 141 -11.67 -7.88 26.34
N PHE B 142 -10.60 -7.11 26.22
CA PHE B 142 -9.67 -7.23 25.10
C PHE B 142 -8.52 -8.17 25.46
N ALA B 143 -8.07 -8.95 24.47
CA ALA B 143 -6.94 -9.86 24.64
C ALA B 143 -5.95 -9.59 23.53
N CYS B 144 -4.80 -9.00 23.89
CA CYS B 144 -3.79 -8.61 22.90
C CYS B 144 -2.41 -8.94 23.45
N ASN B 145 -1.42 -8.94 22.55
CA ASN B 145 -0.04 -9.17 22.93
C ASN B 145 0.74 -7.87 23.16
N GLN B 146 0.32 -6.78 22.54
CA GLN B 146 1.00 -5.49 22.69
C GLN B 146 -0.06 -4.44 23.05
N SER B 147 0.09 -3.84 24.24
CA SER B 147 -0.84 -2.80 24.65
C SER B 147 -0.65 -1.51 23.85
N ASN B 148 0.53 -1.29 23.28
CA ASN B 148 0.77 -0.07 22.53
C ASN B 148 -0.04 0.00 21.24
N LYS B 149 -0.49 -1.14 20.70
CA LYS B 149 -1.30 -1.14 19.50
C LYS B 149 -2.73 -0.68 19.74
N ILE B 150 -3.16 -0.61 20.99
CA ILE B 150 -4.48 -0.11 21.35
C ILE B 150 -4.37 1.37 21.67
N ILE B 151 -5.29 2.17 21.13
CA ILE B 151 -5.24 3.61 21.31
C ILE B 151 -5.38 3.98 22.79
N GLU B 152 -4.78 5.11 23.15
CA GLU B 152 -4.82 5.55 24.55
C GLU B 152 -6.22 5.75 25.09
N PRO B 153 -7.16 6.39 24.40
CA PRO B 153 -8.52 6.50 24.96
C PRO B 153 -9.18 5.16 25.22
N LEU B 154 -8.90 4.16 24.39
CA LEU B 154 -9.45 2.82 24.64
C LEU B 154 -8.92 2.23 25.94
N GLN B 155 -7.61 2.41 26.19
CA GLN B 155 -7.02 1.98 27.45
C GLN B 155 -7.49 2.83 28.62
N SER B 156 -8.00 4.03 28.36
CA SER B 156 -8.44 4.93 29.42
C SER B 156 -9.66 4.42 30.15
N ARG B 157 -10.51 3.64 29.50
CA ARG B 157 -11.83 3.27 30.02
C ARG B 157 -11.86 1.88 30.63
N CYS B 158 -10.71 1.25 30.83
CA CYS B 158 -10.67 -0.16 31.18
C CYS B 158 -9.51 -0.42 32.15
N ALA B 159 -9.62 -1.54 32.86
CA ALA B 159 -8.49 -2.03 33.66
C ALA B 159 -7.41 -2.60 32.73
N ILE B 160 -6.17 -2.56 33.21
CA ILE B 160 -5.02 -3.02 32.43
C ILE B 160 -4.36 -4.14 33.21
N LEU B 161 -4.28 -5.33 32.59
CA LEU B 161 -3.70 -6.51 33.23
C LEU B 161 -2.50 -6.96 32.41
N ARG B 162 -1.30 -6.63 32.87
CA ARG B 162 -0.06 -7.07 32.23
C ARG B 162 0.32 -8.45 32.76
N TYR B 163 0.11 -9.47 31.93
CA TYR B 163 0.59 -10.81 32.25
C TYR B 163 2.09 -10.89 31.96
N SER B 164 2.79 -11.63 32.81
CA SER B 164 4.24 -11.78 32.71
C SER B 164 4.58 -13.23 32.35
N LYS B 165 5.86 -13.46 32.09
CA LYS B 165 6.33 -14.81 31.79
C LYS B 165 6.11 -15.73 32.99
N LEU B 166 5.66 -16.94 32.71
CA LEU B 166 5.42 -17.92 33.76
C LEU B 166 6.74 -18.38 34.37
N SER B 167 6.77 -18.50 35.68
CA SER B 167 7.95 -19.01 36.35
C SER B 167 8.11 -20.51 36.09
N ASP B 168 9.33 -20.99 36.29
CA ASP B 168 9.62 -22.40 36.03
C ASP B 168 8.80 -23.31 36.93
N GLU B 169 8.52 -22.86 38.17
CA GLU B 169 7.77 -23.69 39.11
C GLU B 169 6.35 -23.92 38.62
N ASP B 170 5.67 -22.88 38.13
CA ASP B 170 4.29 -23.04 37.68
C ASP B 170 4.21 -23.95 36.45
N VAL B 171 5.12 -23.76 35.50
CA VAL B 171 5.14 -24.61 34.31
C VAL B 171 5.42 -26.06 34.70
N LEU B 172 6.36 -26.26 35.63
CA LEU B 172 6.66 -27.62 36.09
C LEU B 172 5.47 -28.25 36.78
N LYS B 173 4.75 -27.48 37.60
CA LYS B 173 3.58 -28.02 38.29
C LYS B 173 2.49 -28.41 37.31
N ARG B 174 2.21 -27.54 36.33
CA ARG B 174 1.19 -27.88 35.32
C ARG B 174 1.62 -29.09 34.51
N LEU B 175 2.91 -29.17 34.15
CA LEU B 175 3.39 -30.32 33.39
C LEU B 175 3.25 -31.61 34.20
N LEU B 176 3.60 -31.58 35.48
CA LEU B 176 3.48 -32.77 36.32
C LEU B 176 2.03 -33.17 36.47
N GLN B 177 1.12 -32.20 36.60
CA GLN B 177 -0.30 -32.52 36.63
C GLN B 177 -0.74 -33.20 35.35
N ILE B 178 -0.25 -32.73 34.20
CA ILE B 178 -0.61 -33.34 32.92
C ILE B 178 -0.10 -34.77 32.85
N ILE B 179 1.16 -35.00 33.28
CA ILE B 179 1.71 -36.35 33.27
C ILE B 179 0.91 -37.26 34.19
N LYS B 180 0.54 -36.76 35.37
CA LYS B 180 -0.26 -37.57 36.29
C LYS B 180 -1.61 -37.92 35.68
N LEU B 181 -2.24 -36.98 34.98
CA LEU B 181 -3.53 -37.23 34.37
C LEU B 181 -3.44 -38.03 33.08
N GLU B 182 -2.23 -38.20 32.51
CA GLU B 182 -2.07 -38.94 31.27
C GLU B 182 -1.28 -40.23 31.40
N ASP B 183 -0.60 -40.46 32.53
CA ASP B 183 0.21 -41.66 32.76
C ASP B 183 1.29 -41.79 31.67
N VAL B 184 2.23 -40.85 31.74
CA VAL B 184 3.34 -40.77 30.79
C VAL B 184 4.64 -41.04 31.54
N LYS B 185 5.51 -41.85 30.93
CA LYS B 185 6.83 -42.10 31.48
C LYS B 185 7.72 -40.89 31.20
N TYR B 186 8.35 -40.36 32.23
CA TYR B 186 9.09 -39.11 32.13
C TYR B 186 10.39 -39.20 32.93
N THR B 187 11.24 -38.20 32.75
CA THR B 187 12.50 -38.07 33.47
C THR B 187 12.68 -36.60 33.83
N ASN B 188 13.29 -36.35 35.00
CA ASN B 188 13.47 -34.98 35.46
C ASN B 188 14.24 -34.14 34.45
N ASP B 189 15.29 -34.72 33.85
CA ASP B 189 16.05 -34.00 32.84
C ASP B 189 15.19 -33.65 31.63
N GLY B 190 14.29 -34.55 31.24
CA GLY B 190 13.40 -34.26 30.13
C GLY B 190 12.48 -33.08 30.41
N LEU B 191 11.91 -33.02 31.62
CA LEU B 191 11.05 -31.90 31.97
C LEU B 191 11.84 -30.60 32.08
N GLU B 192 13.07 -30.67 32.61
CA GLU B 192 13.92 -29.48 32.62
C GLU B 192 14.20 -28.99 31.22
N ALA B 193 14.48 -29.90 30.29
CA ALA B 193 14.68 -29.51 28.90
C ALA B 193 13.43 -28.91 28.28
N ILE B 194 12.27 -29.49 28.59
CA ILE B 194 11.00 -28.96 28.06
C ILE B 194 10.78 -27.54 28.56
N ILE B 195 11.01 -27.31 29.85
CA ILE B 195 10.86 -25.97 30.41
C ILE B 195 11.87 -25.02 29.79
N PHE B 196 13.11 -25.47 29.61
CA PHE B 196 14.17 -24.62 29.07
C PHE B 196 13.86 -24.18 27.65
N THR B 197 13.37 -25.09 26.81
CA THR B 197 12.98 -24.72 25.45
C THR B 197 11.59 -24.09 25.38
N ALA B 198 10.84 -24.11 26.47
CA ALA B 198 9.52 -23.45 26.48
C ALA B 198 9.66 -21.94 26.53
N GLU B 199 10.63 -21.44 27.29
CA GLU B 199 10.86 -20.00 27.46
C GLU B 199 9.60 -19.29 27.96
N GLY B 200 8.98 -19.89 28.98
CA GLY B 200 7.84 -19.29 29.63
C GLY B 200 6.54 -19.35 28.88
N ASP B 201 6.45 -20.14 27.82
CA ASP B 201 5.22 -20.29 27.03
C ASP B 201 4.64 -21.65 27.40
N MET B 202 3.54 -21.64 28.17
CA MET B 202 2.93 -22.88 28.62
C MET B 202 2.37 -23.69 27.44
N ARG B 203 1.77 -23.00 26.47
CA ARG B 203 1.24 -23.69 25.30
C ARG B 203 2.34 -24.42 24.53
N GLN B 204 3.48 -23.75 24.32
CA GLN B 204 4.58 -24.39 23.62
C GLN B 204 5.13 -25.57 24.41
N ALA B 205 5.24 -25.43 25.72
CA ALA B 205 5.72 -26.53 26.55
C ALA B 205 4.78 -27.73 26.45
N ILE B 206 3.46 -27.48 26.51
CA ILE B 206 2.49 -28.57 26.43
C ILE B 206 2.56 -29.25 25.07
N ASN B 207 2.66 -28.45 24.00
CA ASN B 207 2.74 -29.01 22.66
C ASN B 207 4.00 -29.85 22.49
N ASN B 208 5.14 -29.34 22.98
CA ASN B 208 6.38 -30.09 22.89
C ASN B 208 6.31 -31.39 23.68
N LEU B 209 5.73 -31.35 24.88
CA LEU B 209 5.58 -32.57 25.67
C LEU B 209 4.71 -33.59 24.95
N GLN B 210 3.58 -33.14 24.41
CA GLN B 210 2.68 -34.07 23.72
C GLN B 210 3.35 -34.65 22.48
N SER B 211 4.06 -33.82 21.70
CA SER B 211 4.73 -34.31 20.51
C SER B 211 5.84 -35.29 20.88
N THR B 212 6.59 -35.01 21.94
CA THR B 212 7.64 -35.92 22.39
C THR B 212 7.05 -37.27 22.81
N VAL B 213 5.94 -37.24 23.54
CA VAL B 213 5.30 -38.47 23.97
C VAL B 213 4.81 -39.26 22.76
N ALA B 214 4.20 -38.57 21.79
CA ALA B 214 3.65 -39.25 20.62
C ALA B 214 4.74 -39.76 19.68
N GLY B 215 5.92 -39.17 19.71
CA GLY B 215 6.98 -39.58 18.81
C GLY B 215 7.96 -40.59 19.38
N HIS B 216 8.27 -40.47 20.67
CA HIS B 216 9.25 -41.36 21.31
C HIS B 216 8.71 -42.13 22.50
N GLY B 217 7.67 -41.65 23.17
CA GLY B 217 7.07 -42.34 24.31
C GLY B 217 7.65 -42.00 25.67
N LEU B 218 8.96 -41.78 25.74
CA LEU B 218 9.65 -41.47 26.98
C LEU B 218 10.12 -40.02 26.93
N VAL B 219 9.77 -39.25 27.97
CA VAL B 219 10.18 -37.85 28.06
C VAL B 219 11.54 -37.85 28.74
N ASN B 220 12.59 -37.84 27.93
CA ASN B 220 13.96 -37.81 28.41
C ASN B 220 14.69 -36.71 27.63
N ALA B 221 15.71 -36.14 28.26
CA ALA B 221 16.40 -34.99 27.69
C ALA B 221 16.93 -35.28 26.29
N ASP B 222 17.47 -36.48 26.08
CA ASP B 222 17.98 -36.83 24.76
C ASP B 222 16.88 -36.77 23.71
N ASN B 223 15.72 -37.35 24.01
CA ASN B 223 14.61 -37.33 23.06
C ASN B 223 14.13 -35.90 22.81
N VAL B 224 14.03 -35.09 23.86
CA VAL B 224 13.55 -33.73 23.70
C VAL B 224 14.49 -32.91 22.82
N PHE B 225 15.79 -33.00 23.06
CA PHE B 225 16.74 -32.30 22.20
C PHE B 225 16.82 -32.91 20.80
N LYS B 226 16.44 -34.17 20.64
CA LYS B 226 16.42 -34.76 19.30
C LYS B 226 15.23 -34.24 18.50
N ILE B 227 14.06 -34.13 19.11
CA ILE B 227 12.87 -33.73 18.36
C ILE B 227 12.68 -32.21 18.37
N VAL B 228 13.05 -31.54 19.47
CA VAL B 228 12.94 -30.09 19.60
C VAL B 228 14.36 -29.54 19.75
N ASP B 229 14.77 -28.71 18.80
CA ASP B 229 16.10 -28.13 18.83
C ASP B 229 16.22 -27.13 19.96
N SER B 230 17.46 -26.91 20.41
CA SER B 230 17.70 -25.92 21.44
C SER B 230 17.36 -24.53 20.90
N PRO B 231 16.97 -23.58 21.77
CA PRO B 231 16.63 -22.23 21.31
C PRO B 231 17.67 -21.63 20.38
N HIS B 232 17.24 -21.26 19.17
CA HIS B 232 18.16 -20.72 18.17
C HIS B 232 18.95 -19.50 18.64
N PRO B 233 18.37 -18.52 19.35
CA PRO B 233 19.18 -17.36 19.76
C PRO B 233 20.35 -17.71 20.66
N LEU B 234 20.29 -18.81 21.41
CA LEU B 234 21.36 -19.12 22.36
C LEU B 234 22.65 -19.52 21.63
N ILE B 235 22.54 -20.28 20.55
CA ILE B 235 23.73 -20.63 19.77
C ILE B 235 24.38 -19.38 19.19
N VAL B 236 23.56 -18.46 18.67
CA VAL B 236 24.09 -17.20 18.13
C VAL B 236 24.76 -16.39 19.24
N LYS B 237 24.13 -16.33 20.42
CA LYS B 237 24.70 -15.60 21.54
C LYS B 237 26.04 -16.18 21.95
N LYS B 238 26.15 -17.52 21.98
CA LYS B 238 27.44 -18.14 22.21
C LYS B 238 28.42 -17.82 21.09
N MET B 239 27.92 -17.65 19.86
CA MET B 239 28.80 -17.42 18.72
C MET B 239 29.46 -16.06 18.78
N LEU B 240 28.69 -14.99 19.04
CA LEU B 240 29.30 -13.67 19.12
C LEU B 240 30.19 -13.54 20.34
N LEU B 241 29.80 -14.12 21.47
CA LEU B 241 30.56 -13.98 22.71
C LEU B 241 31.79 -14.88 22.76
N ALA B 242 32.19 -15.46 21.63
CA ALA B 242 33.43 -16.24 21.60
C ALA B 242 34.64 -15.33 21.78
N SER B 243 35.67 -15.87 22.43
CA SER B 243 36.89 -15.10 22.69
C SER B 243 37.83 -15.08 21.49
N ASN B 244 37.90 -16.16 20.72
CA ASN B 244 38.77 -16.25 19.56
C ASN B 244 37.93 -16.40 18.29
N LEU B 245 38.46 -15.87 17.19
CA LEU B 245 37.73 -15.91 15.93
C LEU B 245 37.53 -17.35 15.46
N GLU B 246 38.50 -18.22 15.73
CA GLU B 246 38.40 -19.60 15.28
C GLU B 246 37.18 -20.30 15.87
N ASP B 247 36.93 -20.10 17.16
CA ASP B 247 35.79 -20.74 17.81
C ASP B 247 34.47 -20.22 17.23
N SER B 248 34.37 -18.91 17.03
CA SER B 248 33.15 -18.34 16.46
C SER B 248 32.91 -18.86 15.05
N ILE B 249 33.96 -18.94 14.23
CA ILE B 249 33.82 -19.51 12.90
C ILE B 249 33.39 -20.96 12.97
N GLN B 250 33.93 -21.71 13.93
CA GLN B 250 33.55 -23.12 14.07
C GLN B 250 32.08 -23.27 14.42
N ILE B 251 31.58 -22.47 15.36
CA ILE B 251 30.16 -22.53 15.72
C ILE B 251 29.30 -22.13 14.53
N LEU B 252 29.68 -21.06 13.83
CA LEU B 252 28.91 -20.63 12.67
C LEU B 252 28.87 -21.71 11.59
N ARG B 253 30.00 -22.37 11.36
CA ARG B 253 30.06 -23.41 10.34
C ARG B 253 29.22 -24.62 10.73
N THR B 254 29.42 -25.12 11.95
CA THR B 254 28.82 -26.41 12.31
C THR B 254 27.38 -26.26 12.78
N ASP B 255 27.16 -25.44 13.81
CA ASP B 255 25.84 -25.38 14.44
C ASP B 255 24.83 -24.65 13.58
N LEU B 256 25.27 -23.65 12.81
CA LEU B 256 24.35 -22.79 12.07
C LEU B 256 24.34 -23.06 10.58
N TRP B 257 25.49 -22.97 9.91
CA TRP B 257 25.49 -23.03 8.45
C TRP B 257 25.26 -24.46 7.95
N LYS B 258 25.92 -25.44 8.57
CA LYS B 258 25.76 -26.83 8.14
C LYS B 258 24.44 -27.44 8.57
N LYS B 259 23.67 -26.77 9.42
CA LYS B 259 22.39 -27.26 9.90
C LYS B 259 21.22 -26.68 9.10
N GLY B 260 21.49 -25.89 8.07
CA GLY B 260 20.45 -25.38 7.21
C GLY B 260 19.87 -24.03 7.59
N TYR B 261 20.43 -23.35 8.58
CA TYR B 261 19.92 -22.04 8.95
C TYR B 261 20.29 -21.02 7.89
N SER B 262 19.30 -20.26 7.44
CA SER B 262 19.53 -19.27 6.39
C SER B 262 20.34 -18.09 6.92
N SER B 263 21.02 -17.41 6.01
CA SER B 263 21.87 -16.29 6.39
C SER B 263 21.04 -15.14 6.97
N ILE B 264 19.88 -14.86 6.39
CA ILE B 264 19.03 -13.78 6.89
C ILE B 264 18.55 -14.09 8.29
N ASP B 265 18.23 -15.36 8.58
CA ASP B 265 17.85 -15.74 9.93
C ASP B 265 19.01 -15.53 10.90
N ILE B 266 20.23 -15.88 10.48
CA ILE B 266 21.39 -15.72 11.34
C ILE B 266 21.64 -14.25 11.66
N VAL B 267 21.56 -13.39 10.63
CA VAL B 267 21.84 -11.98 10.87
C VAL B 267 20.74 -11.34 11.71
N THR B 268 19.48 -11.73 11.49
CA THR B 268 18.40 -11.21 12.32
C THR B 268 18.56 -11.65 13.78
N THR B 269 18.93 -12.92 13.99
CA THR B 269 19.14 -13.41 15.34
C THR B 269 20.31 -12.71 16.01
N SER B 270 21.39 -12.47 15.27
CA SER B 270 22.53 -11.74 15.83
C SER B 270 22.13 -10.32 16.20
N PHE B 271 21.35 -9.65 15.34
CA PHE B 271 20.86 -8.32 15.65
C PHE B 271 20.04 -8.33 16.94
N ARG B 272 19.13 -9.29 17.07
CA ARG B 272 18.27 -9.35 18.25
C ARG B 272 19.08 -9.66 19.51
N VAL B 273 20.05 -10.57 19.41
CA VAL B 273 20.84 -10.95 20.57
C VAL B 273 21.71 -9.78 21.02
N THR B 274 22.37 -9.10 20.08
CA THR B 274 23.19 -7.95 20.45
C THR B 274 22.34 -6.81 21.00
N LYS B 275 21.11 -6.65 20.50
CA LYS B 275 20.22 -5.64 21.05
C LYS B 275 19.89 -5.95 22.50
N ASN B 276 19.63 -7.22 22.81
CA ASN B 276 19.26 -7.64 24.16
C ASN B 276 20.45 -8.07 25.00
N LEU B 277 21.67 -7.95 24.47
CA LEU B 277 22.87 -8.33 25.21
C LEU B 277 23.13 -7.37 26.36
N ALA B 278 23.76 -7.89 27.41
CA ALA B 278 24.11 -7.08 28.58
C ALA B 278 25.52 -7.33 29.11
N GLN B 279 26.25 -8.29 28.56
CA GLN B 279 27.58 -8.61 29.09
C GLN B 279 28.59 -7.52 28.75
N VAL B 280 28.50 -6.95 27.56
CA VAL B 280 29.45 -5.97 27.08
C VAL B 280 28.89 -4.57 27.28
N LYS B 281 29.74 -3.56 27.10
CA LYS B 281 29.35 -2.18 27.31
C LYS B 281 28.42 -1.68 26.21
N GLU B 282 27.94 -0.45 26.37
CA GLU B 282 26.98 0.12 25.43
C GLU B 282 27.66 0.44 24.09
N SER B 283 28.84 1.07 24.14
CA SER B 283 29.51 1.46 22.90
C SER B 283 29.86 0.23 22.06
N VAL B 284 30.36 -0.81 22.71
CA VAL B 284 30.67 -2.06 22.00
C VAL B 284 29.42 -2.63 21.37
N ARG B 285 28.30 -2.62 22.10
CA ARG B 285 27.06 -3.16 21.57
C ARG B 285 26.57 -2.37 20.36
N LEU B 286 26.62 -1.03 20.43
CA LEU B 286 26.20 -0.23 19.28
C LEU B 286 27.10 -0.45 18.07
N GLU B 287 28.41 -0.55 18.28
CA GLU B 287 29.31 -0.79 17.16
C GLU B 287 29.10 -2.18 16.56
N MET B 288 28.84 -3.18 17.42
CA MET B 288 28.51 -4.52 16.92
C MET B 288 27.21 -4.51 16.12
N ILE B 289 26.20 -3.78 16.60
CA ILE B 289 24.95 -3.67 15.87
C ILE B 289 25.17 -2.96 14.55
N LYS B 290 26.07 -1.97 14.52
CA LYS B 290 26.44 -1.32 13.27
C LYS B 290 26.99 -2.32 12.26
N GLU B 291 27.93 -3.17 12.71
CA GLU B 291 28.54 -4.12 11.78
C GLU B 291 27.55 -5.19 11.33
N ILE B 292 26.74 -5.71 12.26
CA ILE B 292 25.74 -6.70 11.89
C ILE B 292 24.70 -6.10 10.96
N GLY B 293 24.35 -4.83 11.15
CA GLY B 293 23.42 -4.17 10.25
C GLY B 293 24.00 -3.97 8.86
N LEU B 294 25.29 -3.63 8.79
CA LEU B 294 25.94 -3.54 7.47
C LEU B 294 25.92 -4.89 6.77
N THR B 295 26.25 -5.96 7.49
CA THR B 295 26.22 -7.29 6.89
C THR B 295 24.80 -7.66 6.48
N HIS B 296 23.81 -7.30 7.29
CA HIS B 296 22.41 -7.57 6.97
C HIS B 296 22.00 -6.82 5.70
N MET B 297 22.45 -5.57 5.57
CA MET B 297 22.22 -4.82 4.34
C MET B 297 22.83 -5.55 3.14
N ARG B 298 24.03 -6.13 3.33
CA ARG B 298 24.64 -6.89 2.26
C ARG B 298 23.83 -8.15 1.92
N ILE B 299 23.33 -8.84 2.95
CA ILE B 299 22.57 -10.07 2.73
C ILE B 299 21.27 -9.77 2.00
N LEU B 300 20.58 -8.70 2.39
CA LEU B 300 19.25 -8.41 1.86
C LEU B 300 19.27 -8.09 0.38
N GLU B 301 20.44 -7.83 -0.19
CA GLU B 301 20.58 -7.66 -1.64
C GLU B 301 20.76 -8.98 -2.36
N GLY B 302 20.72 -10.10 -1.63
CA GLY B 302 20.95 -11.41 -2.22
C GLY B 302 22.39 -11.85 -2.24
N VAL B 303 23.25 -11.26 -1.40
CA VAL B 303 24.68 -11.54 -1.41
C VAL B 303 24.92 -12.58 -0.32
N GLY B 304 23.83 -13.09 0.26
CA GLY B 304 23.92 -13.92 1.44
C GLY B 304 24.64 -15.24 1.23
N THR B 305 25.87 -15.32 1.74
CA THR B 305 26.68 -16.53 1.66
C THR B 305 27.35 -16.72 3.02
N TYR B 306 28.26 -17.70 3.10
CA TYR B 306 29.02 -17.93 4.32
C TYR B 306 30.12 -16.89 4.50
N LEU B 307 30.63 -16.34 3.39
CA LEU B 307 31.73 -15.38 3.47
C LEU B 307 31.31 -14.11 4.19
N GLN B 308 30.08 -13.64 3.95
CA GLN B 308 29.61 -12.43 4.61
C GLN B 308 29.47 -12.63 6.12
N LEU B 309 28.97 -13.79 6.55
CA LEU B 309 28.88 -14.06 7.98
C LEU B 309 30.26 -14.22 8.60
N ALA B 310 31.19 -14.85 7.87
CA ALA B 310 32.56 -14.95 8.35
C ALA B 310 33.17 -13.56 8.52
N SER B 311 32.90 -12.66 7.58
CA SER B 311 33.36 -11.28 7.71
C SER B 311 32.70 -10.60 8.91
N MET B 312 31.42 -10.86 9.15
CA MET B 312 30.76 -10.33 10.33
C MET B 312 31.49 -10.73 11.59
N LEU B 313 31.75 -12.03 11.76
CA LEU B 313 32.43 -12.50 12.97
C LEU B 313 33.85 -11.95 13.06
N ALA B 314 34.57 -11.89 11.94
CA ALA B 314 35.92 -11.36 11.96
C ALA B 314 35.92 -9.89 12.39
N LYS B 315 34.97 -9.10 11.89
CA LYS B 315 34.93 -7.68 12.23
C LYS B 315 34.49 -7.45 13.66
N ILE B 316 33.55 -8.27 14.16
CA ILE B 316 33.20 -8.21 15.57
C ILE B 316 34.41 -8.55 16.45
N HIS B 317 35.19 -9.56 16.04
CA HIS B 317 36.35 -9.92 16.85
C HIS B 317 37.44 -8.86 16.76
N LYS B 318 37.55 -8.16 15.64
CA LYS B 318 38.43 -7.00 15.57
C LYS B 318 37.95 -5.91 16.51
N LEU B 319 36.64 -5.69 16.57
CA LEU B 319 36.09 -4.67 17.47
C LEU B 319 36.39 -5.02 18.92
N ASN B 320 36.24 -6.29 19.29
CA ASN B 320 36.53 -6.74 20.64
C ASN B 320 38.02 -6.79 20.94
N ASN B 321 38.87 -6.62 19.92
CA ASN B 321 40.32 -6.63 20.07
C ASN B 321 40.89 -5.27 20.43
N LYS B 322 40.08 -4.39 21.04
CA LYS B 322 40.50 -3.05 21.44
C LYS B 322 41.07 -2.26 20.27
N SER C 9 2.88 -37.38 -20.64
CA SER C 9 3.80 -38.40 -20.15
C SER C 9 4.83 -37.79 -19.19
N LYS C 10 5.28 -38.59 -18.22
CA LYS C 10 6.27 -38.11 -17.26
C LYS C 10 7.64 -37.94 -17.89
N GLU C 11 7.91 -38.58 -19.02
CA GLU C 11 9.15 -38.41 -19.75
C GLU C 11 9.32 -37.00 -20.31
N ASN C 12 8.25 -36.20 -20.33
CA ASN C 12 8.30 -34.84 -20.81
C ASN C 12 8.75 -33.84 -19.75
N LEU C 13 8.64 -34.19 -18.48
CA LEU C 13 8.98 -33.26 -17.42
C LEU C 13 10.50 -33.25 -17.20
N PRO C 14 11.03 -32.13 -16.71
CA PRO C 14 12.46 -32.11 -16.37
C PRO C 14 12.75 -33.02 -15.19
N TRP C 15 14.03 -33.40 -15.07
CA TRP C 15 14.44 -34.29 -13.99
C TRP C 15 14.13 -33.71 -12.62
N VAL C 16 14.07 -32.38 -12.52
CA VAL C 16 13.72 -31.75 -11.25
C VAL C 16 12.27 -32.05 -10.87
N GLU C 17 11.38 -32.19 -11.85
CA GLU C 17 9.98 -32.50 -11.59
C GLU C 17 9.63 -33.95 -11.87
N LYS C 18 10.39 -34.62 -12.74
CA LYS C 18 10.14 -36.02 -13.05
C LYS C 18 10.31 -36.89 -11.80
N TYR C 19 11.35 -36.64 -11.02
CA TYR C 19 11.71 -37.48 -9.88
C TYR C 19 11.24 -36.91 -8.55
N ARG C 20 10.12 -36.19 -8.56
CA ARG C 20 9.52 -35.73 -7.31
C ARG C 20 8.97 -36.93 -6.55
N PRO C 21 9.32 -37.10 -5.27
CA PRO C 21 8.84 -38.27 -4.52
C PRO C 21 7.32 -38.29 -4.44
N GLU C 22 6.76 -39.50 -4.56
CA GLU C 22 5.32 -39.70 -4.46
C GLU C 22 4.90 -40.37 -3.16
N THR C 23 5.79 -41.14 -2.53
CA THR C 23 5.54 -41.76 -1.24
C THR C 23 6.60 -41.28 -0.25
N LEU C 24 6.31 -41.49 1.04
CA LEU C 24 7.23 -41.07 2.09
C LEU C 24 8.53 -41.86 2.09
N ASP C 25 8.57 -43.01 1.42
CA ASP C 25 9.79 -43.80 1.35
C ASP C 25 10.78 -43.27 0.33
N GLU C 26 10.35 -42.38 -0.56
CA GLU C 26 11.22 -41.78 -1.57
C GLU C 26 11.78 -40.43 -1.13
N VAL C 27 11.48 -39.99 0.08
CA VAL C 27 11.97 -38.72 0.61
C VAL C 27 13.20 -39.04 1.44
N TYR C 28 14.38 -38.82 0.85
CA TYR C 28 15.64 -39.11 1.49
C TYR C 28 16.17 -37.89 2.24
N GLY C 29 17.28 -38.09 2.94
CA GLY C 29 17.93 -37.02 3.67
C GLY C 29 17.44 -36.90 5.10
N GLN C 30 16.13 -36.74 5.26
CA GLN C 30 15.52 -36.58 6.57
C GLN C 30 15.05 -37.94 7.07
N ASN C 31 15.62 -38.38 8.18
CA ASN C 31 15.22 -39.64 8.81
C ASN C 31 14.52 -39.44 10.15
N GLU C 32 15.09 -38.61 11.03
CA GLU C 32 14.47 -38.36 12.32
C GLU C 32 13.13 -37.65 12.19
N VAL C 33 12.92 -36.92 11.10
CA VAL C 33 11.64 -36.26 10.86
C VAL C 33 10.63 -37.20 10.22
N ILE C 34 11.09 -37.99 9.23
CA ILE C 34 10.17 -38.85 8.49
C ILE C 34 9.58 -39.93 9.39
N THR C 35 10.40 -40.58 10.22
CA THR C 35 9.87 -41.63 11.08
C THR C 35 8.94 -41.06 12.13
N THR C 36 9.26 -39.87 12.67
CA THR C 36 8.38 -39.23 13.63
C THR C 36 7.03 -38.88 12.99
N VAL C 37 7.06 -38.38 11.76
CA VAL C 37 5.82 -38.03 11.07
C VAL C 37 5.00 -39.28 10.75
N ARG C 38 5.66 -40.36 10.33
CA ARG C 38 4.96 -41.61 10.07
C ARG C 38 4.31 -42.15 11.34
N LYS C 39 5.03 -42.11 12.46
CA LYS C 39 4.44 -42.52 13.73
C LYS C 39 3.26 -41.62 14.11
N PHE C 40 3.40 -40.32 13.86
CA PHE C 40 2.34 -39.37 14.17
C PHE C 40 1.06 -39.70 13.41
N VAL C 41 1.20 -40.00 12.11
CA VAL C 41 0.03 -40.26 11.27
C VAL C 41 -0.46 -41.70 11.39
N ASP C 42 0.36 -42.60 11.92
CA ASP C 42 -0.11 -43.97 12.14
C ASP C 42 -0.86 -44.09 13.46
N GLU C 43 -0.30 -43.50 14.53
CA GLU C 43 -0.97 -43.51 15.82
C GLU C 43 -2.13 -42.54 15.89
N GLY C 44 -2.23 -41.61 14.93
CA GLY C 44 -3.32 -40.67 14.86
C GLY C 44 -3.01 -39.29 15.41
N LYS C 45 -2.02 -39.17 16.29
CA LYS C 45 -1.67 -37.88 16.86
C LYS C 45 -0.84 -37.10 15.84
N LEU C 46 -1.54 -36.34 15.00
CA LEU C 46 -0.88 -35.47 14.02
C LEU C 46 -1.11 -34.03 14.43
N PRO C 47 -0.14 -33.37 15.04
CA PRO C 47 -0.30 -31.97 15.42
C PRO C 47 -0.02 -31.06 14.23
N HIS C 48 -0.11 -29.76 14.47
CA HIS C 48 0.11 -28.78 13.42
C HIS C 48 1.61 -28.66 13.16
N LEU C 49 2.01 -28.88 11.91
CA LEU C 49 3.42 -29.00 11.55
C LEU C 49 3.96 -27.69 10.99
N LEU C 50 5.24 -27.44 11.23
CA LEU C 50 5.94 -26.29 10.67
C LEU C 50 7.28 -26.78 10.16
N PHE C 51 7.38 -26.99 8.85
CA PHE C 51 8.60 -27.45 8.21
C PHE C 51 9.43 -26.24 7.82
N TYR C 52 10.50 -25.99 8.58
CA TYR C 52 11.41 -24.88 8.33
C TYR C 52 12.71 -25.43 7.77
N GLY C 53 13.09 -24.96 6.58
CA GLY C 53 14.31 -25.45 5.98
C GLY C 53 14.74 -24.76 4.70
N PRO C 54 15.96 -25.06 4.26
CA PRO C 54 16.49 -24.44 3.04
C PRO C 54 15.78 -24.96 1.79
N PRO C 55 15.90 -24.26 0.67
CA PRO C 55 15.26 -24.72 -0.56
C PRO C 55 15.82 -26.06 -1.02
N GLY C 56 14.92 -26.86 -1.60
CA GLY C 56 15.32 -28.13 -2.17
C GLY C 56 15.63 -29.22 -1.18
N THR C 57 15.31 -29.02 0.10
CA THR C 57 15.52 -30.04 1.11
C THR C 57 14.39 -31.07 1.17
N GLY C 58 13.27 -30.79 0.53
CA GLY C 58 12.20 -31.77 0.45
C GLY C 58 11.06 -31.57 1.44
N LYS C 59 10.57 -30.34 1.56
CA LYS C 59 9.45 -30.08 2.45
C LYS C 59 8.11 -30.26 1.74
N THR C 60 7.95 -29.62 0.57
CA THR C 60 6.72 -29.78 -0.20
C THR C 60 6.54 -31.23 -0.62
N SER C 61 7.62 -31.89 -1.04
CA SER C 61 7.53 -33.29 -1.46
C SER C 61 7.06 -34.18 -0.31
N THR C 62 7.63 -33.99 0.88
CA THR C 62 7.27 -34.87 1.99
C THR C 62 5.86 -34.59 2.48
N ILE C 63 5.43 -33.31 2.46
CA ILE C 63 4.06 -33.04 2.88
C ILE C 63 3.06 -33.58 1.85
N VAL C 64 3.39 -33.51 0.56
CA VAL C 64 2.51 -34.09 -0.44
C VAL C 64 2.43 -35.60 -0.29
N ALA C 65 3.57 -36.25 -0.03
CA ALA C 65 3.57 -37.69 0.19
C ALA C 65 2.78 -38.06 1.43
N LEU C 66 2.91 -37.29 2.52
CA LEU C 66 2.13 -37.53 3.72
C LEU C 66 0.64 -37.42 3.45
N ALA C 67 0.23 -36.37 2.73
CA ALA C 67 -1.19 -36.19 2.44
C ALA C 67 -1.72 -37.29 1.53
N ARG C 68 -0.90 -37.74 0.57
CA ARG C 68 -1.28 -38.87 -0.27
C ARG C 68 -1.45 -40.13 0.55
N GLU C 69 -0.53 -40.39 1.48
CA GLU C 69 -0.64 -41.57 2.33
C GLU C 69 -1.85 -41.49 3.25
N ILE C 70 -2.19 -40.29 3.73
CA ILE C 70 -3.30 -40.15 4.66
C ILE C 70 -4.63 -40.29 3.93
N TYR C 71 -4.77 -39.65 2.77
CA TYR C 71 -6.06 -39.55 2.10
C TYR C 71 -6.20 -40.43 0.87
N GLY C 72 -5.10 -40.88 0.28
CA GLY C 72 -5.16 -41.73 -0.89
C GLY C 72 -4.81 -41.02 -2.18
N LYS C 73 -5.32 -41.57 -3.28
CA LYS C 73 -5.01 -41.03 -4.60
C LYS C 73 -5.78 -39.75 -4.90
N ASN C 74 -6.85 -39.46 -4.15
CA ASN C 74 -7.64 -38.25 -4.34
C ASN C 74 -7.15 -37.09 -3.49
N TYR C 75 -5.84 -37.03 -3.22
CA TYR C 75 -5.28 -35.93 -2.44
C TYR C 75 -5.67 -34.56 -2.97
N SER C 76 -5.69 -34.40 -4.29
CA SER C 76 -5.86 -33.09 -4.89
C SER C 76 -7.21 -32.46 -4.59
N ASN C 77 -8.11 -33.16 -3.89
CA ASN C 77 -9.43 -32.64 -3.61
C ASN C 77 -9.75 -32.51 -2.12
N MET C 78 -9.21 -33.37 -1.26
CA MET C 78 -9.54 -33.31 0.17
C MET C 78 -8.60 -32.43 0.97
N VAL C 79 -7.59 -31.82 0.34
CA VAL C 79 -6.60 -31.02 1.05
C VAL C 79 -6.57 -29.63 0.44
N LEU C 80 -6.59 -28.61 1.30
CA LEU C 80 -6.57 -27.22 0.88
C LEU C 80 -5.10 -26.76 0.87
N GLU C 81 -4.58 -26.52 -0.32
CA GLU C 81 -3.17 -26.12 -0.50
C GLU C 81 -3.14 -24.67 -0.94
N LEU C 82 -2.72 -23.78 -0.04
CA LEU C 82 -2.53 -22.37 -0.35
C LEU C 82 -1.04 -22.07 -0.36
N ASN C 83 -0.64 -21.13 -1.20
CA ASN C 83 0.76 -20.90 -1.50
C ASN C 83 1.00 -19.43 -1.78
N ALA C 84 2.26 -19.07 -2.04
CA ALA C 84 2.61 -17.68 -2.28
C ALA C 84 2.05 -17.15 -3.59
N SER C 85 1.93 -18.00 -4.61
CA SER C 85 1.37 -17.57 -5.88
C SER C 85 -0.11 -17.19 -5.73
N ASP C 86 -0.75 -17.63 -4.66
CA ASP C 86 -2.13 -17.26 -4.39
C ASP C 86 -2.19 -15.85 -3.81
N ASP C 87 -3.37 -15.46 -3.31
CA ASP C 87 -3.60 -14.08 -2.91
C ASP C 87 -2.90 -13.76 -1.58
N ARG C 88 -2.69 -14.78 -0.74
CA ARG C 88 -2.04 -14.72 0.57
C ARG C 88 -2.58 -13.61 1.46
N GLY C 89 -3.78 -13.10 1.20
CA GLY C 89 -4.32 -11.98 1.93
C GLY C 89 -5.02 -12.40 3.22
N ILE C 90 -5.60 -11.41 3.88
CA ILE C 90 -6.32 -11.63 5.13
C ILE C 90 -7.77 -11.98 4.81
N ASP C 91 -8.35 -11.33 3.79
CA ASP C 91 -9.71 -11.65 3.37
C ASP C 91 -9.79 -13.08 2.84
N VAL C 92 -8.79 -13.49 2.06
CA VAL C 92 -8.76 -14.85 1.54
C VAL C 92 -8.68 -15.85 2.68
N VAL C 93 -7.86 -15.55 3.70
CA VAL C 93 -7.87 -16.38 4.90
C VAL C 93 -9.27 -16.45 5.48
N ARG C 94 -9.85 -15.30 5.82
CA ARG C 94 -11.13 -15.23 6.51
C ARG C 94 -12.20 -16.05 5.80
N ASN C 95 -12.23 -15.98 4.47
CA ASN C 95 -13.23 -16.75 3.75
C ASN C 95 -12.80 -18.21 3.58
N GLN C 96 -11.74 -18.44 2.81
CA GLN C 96 -11.41 -19.78 2.36
C GLN C 96 -11.01 -20.68 3.52
N ILE C 97 -10.07 -20.23 4.35
CA ILE C 97 -9.52 -21.12 5.38
C ILE C 97 -10.57 -21.41 6.43
N LYS C 98 -11.34 -20.39 6.83
CA LYS C 98 -12.39 -20.59 7.82
C LYS C 98 -13.48 -21.52 7.30
N ASP C 99 -13.90 -21.34 6.04
CA ASP C 99 -14.91 -22.24 5.49
C ASP C 99 -14.41 -23.67 5.39
N PHE C 100 -13.17 -23.85 4.94
CA PHE C 100 -12.63 -25.20 4.82
C PHE C 100 -12.51 -25.88 6.17
N ALA C 101 -12.06 -25.13 7.19
CA ALA C 101 -11.92 -25.71 8.52
C ALA C 101 -13.28 -26.03 9.13
N SER C 102 -14.27 -25.15 8.91
CA SER C 102 -15.57 -25.32 9.57
C SER C 102 -16.40 -26.43 8.95
N THR C 103 -16.36 -26.60 7.63
CA THR C 103 -17.20 -27.57 6.95
C THR C 103 -16.62 -28.97 7.08
N ARG C 104 -17.28 -29.94 6.49
CA ARG C 104 -16.84 -31.34 6.48
C ARG C 104 -16.33 -31.71 5.10
N GLN C 105 -15.85 -32.95 4.98
CA GLN C 105 -15.23 -33.39 3.74
C GLN C 105 -16.27 -33.89 2.76
N ILE C 106 -16.02 -33.66 1.47
CA ILE C 106 -16.98 -34.01 0.43
C ILE C 106 -16.79 -35.44 -0.09
N PHE C 107 -15.62 -36.04 0.13
CA PHE C 107 -15.32 -37.34 -0.44
C PHE C 107 -15.28 -38.47 0.57
N SER C 108 -14.87 -38.22 1.81
CA SER C 108 -14.74 -39.28 2.80
C SER C 108 -14.92 -38.67 4.19
N LYS C 109 -14.59 -39.46 5.21
CA LYS C 109 -14.71 -39.03 6.60
C LYS C 109 -13.31 -38.96 7.22
N GLY C 110 -13.01 -37.86 7.88
CA GLY C 110 -11.73 -37.69 8.52
C GLY C 110 -11.38 -36.24 8.66
N PHE C 111 -10.23 -36.00 9.32
CA PHE C 111 -9.74 -34.65 9.49
C PHE C 111 -9.28 -34.07 8.16
N LYS C 112 -9.27 -32.75 8.08
CA LYS C 112 -8.82 -32.04 6.90
C LYS C 112 -7.40 -31.52 7.08
N LEU C 113 -6.77 -31.16 5.97
CA LEU C 113 -5.38 -30.71 5.97
C LEU C 113 -5.27 -29.45 5.13
N ILE C 114 -4.58 -28.44 5.65
CA ILE C 114 -4.29 -27.20 4.94
C ILE C 114 -2.78 -27.03 4.91
N ILE C 115 -2.22 -27.01 3.70
CA ILE C 115 -0.79 -26.81 3.50
C ILE C 115 -0.60 -25.37 3.05
N LEU C 116 0.00 -24.55 3.92
CA LEU C 116 0.33 -23.16 3.60
C LEU C 116 1.77 -23.12 3.11
N ASP C 117 1.96 -23.52 1.85
CA ASP C 117 3.28 -23.55 1.26
C ASP C 117 3.85 -22.13 1.12
N GLU C 118 5.12 -21.98 1.47
CA GLU C 118 5.82 -20.70 1.41
C GLU C 118 5.04 -19.61 2.15
N ALA C 119 4.61 -19.93 3.37
CA ALA C 119 3.80 -19.02 4.17
C ALA C 119 4.62 -17.93 4.84
N ASP C 120 5.93 -17.89 4.62
CA ASP C 120 6.72 -16.76 5.11
C ASP C 120 6.32 -15.46 4.42
N ALA C 121 5.83 -15.56 3.18
CA ALA C 121 5.39 -14.37 2.45
C ALA C 121 4.09 -13.81 3.02
N MET C 122 3.36 -14.62 3.78
CA MET C 122 2.05 -14.22 4.30
C MET C 122 2.16 -12.94 5.10
N THR C 123 1.19 -12.04 4.88
CA THR C 123 1.17 -10.75 5.54
C THR C 123 0.96 -10.93 7.05
N ASN C 124 1.45 -9.94 7.81
CA ASN C 124 1.31 -10.00 9.26
C ASN C 124 -0.15 -10.04 9.68
N ALA C 125 -1.00 -9.25 9.01
CA ALA C 125 -2.43 -9.28 9.32
C ALA C 125 -3.04 -10.65 9.03
N ALA C 126 -2.62 -11.28 7.93
CA ALA C 126 -3.14 -12.60 7.59
C ALA C 126 -2.76 -13.62 8.65
N GLN C 127 -1.51 -13.61 9.11
CA GLN C 127 -1.09 -14.54 10.14
C GLN C 127 -1.76 -14.23 11.48
N ASN C 128 -1.99 -12.96 11.76
CA ASN C 128 -2.71 -12.59 12.98
C ASN C 128 -4.14 -13.12 12.96
N ALA C 129 -4.81 -13.04 11.81
CA ALA C 129 -6.16 -13.61 11.69
C ALA C 129 -6.12 -15.13 11.71
N LEU C 130 -5.03 -15.73 11.21
CA LEU C 130 -4.92 -17.18 11.13
C LEU C 130 -4.62 -17.82 12.48
N ARG C 131 -3.91 -17.12 13.37
CA ARG C 131 -3.49 -17.73 14.62
C ARG C 131 -4.67 -18.07 15.53
N ARG C 132 -5.79 -17.39 15.37
CA ARG C 132 -7.03 -17.76 16.06
C ARG C 132 -7.80 -18.84 15.33
N VAL C 133 -7.73 -18.88 14.00
CA VAL C 133 -8.42 -19.92 13.25
C VAL C 133 -7.80 -21.28 13.54
N ILE C 134 -6.48 -21.35 13.62
CA ILE C 134 -5.81 -22.62 13.95
C ILE C 134 -6.21 -23.09 15.34
N GLU C 135 -6.24 -22.20 16.32
CA GLU C 135 -6.55 -22.57 17.70
C GLU C 135 -8.02 -22.93 17.89
N ARG C 136 -8.94 -22.28 17.18
CA ARG C 136 -10.36 -22.57 17.32
C ARG C 136 -10.75 -23.85 16.60
N TYR C 137 -10.46 -23.94 15.30
CA TYR C 137 -10.74 -25.14 14.52
C TYR C 137 -9.52 -26.06 14.55
N THR C 138 -9.36 -26.73 15.69
CA THR C 138 -8.27 -27.67 15.90
C THR C 138 -8.73 -29.10 16.14
N LYS C 139 -10.03 -29.32 16.29
CA LYS C 139 -10.57 -30.65 16.56
C LYS C 139 -10.85 -31.44 15.29
N ASN C 140 -10.87 -30.78 14.13
CA ASN C 140 -11.23 -31.48 12.91
C ASN C 140 -10.35 -31.14 11.71
N THR C 141 -9.32 -30.32 11.87
CA THR C 141 -8.42 -30.01 10.78
C THR C 141 -7.04 -29.67 11.34
N ARG C 142 -6.03 -29.77 10.48
CA ARG C 142 -4.65 -29.53 10.89
C ARG C 142 -4.02 -28.53 9.93
N PHE C 143 -2.98 -27.86 10.42
CA PHE C 143 -2.29 -26.82 9.67
C PHE C 143 -0.82 -27.20 9.50
N CYS C 144 -0.32 -27.04 8.28
CA CYS C 144 1.09 -27.27 7.96
C CYS C 144 1.64 -26.02 7.30
N VAL C 145 2.69 -25.46 7.90
CA VAL C 145 3.34 -24.25 7.41
C VAL C 145 4.73 -24.61 6.93
N LEU C 146 5.01 -24.37 5.66
CA LEU C 146 6.33 -24.59 5.08
C LEU C 146 7.03 -23.25 4.91
N ALA C 147 8.28 -23.17 5.37
CA ALA C 147 8.99 -21.89 5.40
C ALA C 147 10.47 -22.09 5.16
N ASN C 148 11.03 -21.30 4.24
CA ASN C 148 12.48 -21.23 4.11
C ASN C 148 13.09 -20.38 5.21
N TYR C 149 12.38 -19.34 5.64
CA TYR C 149 12.83 -18.43 6.69
C TYR C 149 11.79 -18.39 7.80
N ALA C 150 12.26 -18.37 9.04
CA ALA C 150 11.38 -18.38 10.20
C ALA C 150 11.16 -17.00 10.82
N HIS C 151 12.00 -16.01 10.48
CA HIS C 151 11.84 -14.68 11.07
C HIS C 151 10.61 -13.96 10.55
N LYS C 152 10.11 -14.36 9.37
CA LYS C 152 8.94 -13.72 8.78
C LYS C 152 7.64 -14.17 9.43
N LEU C 153 7.68 -15.17 10.30
CA LEU C 153 6.50 -15.67 11.00
C LEU C 153 6.43 -15.05 12.39
N THR C 154 5.25 -14.58 12.76
CA THR C 154 5.06 -14.01 14.08
C THR C 154 5.25 -15.08 15.15
N PRO C 155 5.78 -14.70 16.32
CA PRO C 155 5.99 -15.72 17.38
C PRO C 155 4.72 -16.41 17.83
N ALA C 156 3.58 -15.71 17.82
CA ALA C 156 2.32 -16.35 18.21
C ALA C 156 1.96 -17.48 17.25
N LEU C 157 2.10 -17.24 15.95
CA LEU C 157 1.91 -18.31 14.98
C LEU C 157 3.03 -19.34 15.10
N LEU C 158 4.25 -18.91 15.44
CA LEU C 158 5.38 -19.82 15.55
C LEU C 158 5.18 -20.83 16.67
N SER C 159 4.50 -20.44 17.75
CA SER C 159 4.37 -21.28 18.93
C SER C 159 3.19 -22.24 18.86
N ARG C 160 2.31 -22.11 17.87
CA ARG C 160 1.16 -23.00 17.75
C ARG C 160 1.47 -24.28 16.98
N CYS C 161 2.63 -24.37 16.34
CA CYS C 161 2.96 -25.50 15.48
C CYS C 161 4.20 -26.21 15.99
N THR C 162 4.22 -27.53 15.80
CA THR C 162 5.40 -28.34 16.11
C THR C 162 6.44 -28.12 15.02
N ARG C 163 7.64 -27.71 15.41
CA ARG C 163 8.66 -27.29 14.46
C ARG C 163 9.53 -28.47 14.06
N PHE C 164 9.73 -28.64 12.75
CA PHE C 164 10.66 -29.62 12.19
C PHE C 164 11.66 -28.87 11.32
N ARG C 165 12.93 -28.94 11.70
CA ARG C 165 14.00 -28.24 11.01
C ARG C 165 14.61 -29.17 9.97
N PHE C 166 14.26 -28.96 8.71
CA PHE C 166 14.79 -29.78 7.63
C PHE C 166 16.26 -29.42 7.39
N GLN C 167 17.11 -30.40 7.53
CA GLN C 167 18.55 -30.23 7.40
C GLN C 167 19.00 -30.56 5.98
N PRO C 168 20.08 -29.93 5.51
CA PRO C 168 20.59 -30.25 4.17
C PRO C 168 20.97 -31.72 4.08
N LEU C 169 20.64 -32.30 2.93
CA LEU C 169 20.76 -33.76 2.79
C LEU C 169 22.21 -34.19 2.84
N PRO C 170 22.56 -35.16 3.70
CA PRO C 170 23.95 -35.59 3.81
C PRO C 170 24.40 -36.42 2.62
N GLN C 171 25.63 -36.94 2.68
CA GLN C 171 26.23 -37.62 1.53
C GLN C 171 25.44 -38.86 1.13
N GLU C 172 25.10 -39.72 2.10
CA GLU C 172 24.57 -41.04 1.77
C GLU C 172 23.21 -40.95 1.08
N ALA C 173 22.34 -40.06 1.55
CA ALA C 173 20.98 -40.03 1.03
C ALA C 173 20.94 -39.44 -0.38
N ILE C 174 21.66 -38.34 -0.61
CA ILE C 174 21.70 -37.77 -1.95
C ILE C 174 22.44 -38.72 -2.90
N GLU C 175 23.45 -39.43 -2.41
CA GLU C 175 24.10 -40.44 -3.24
C GLU C 175 23.12 -41.54 -3.63
N ARG C 176 22.28 -41.97 -2.68
CA ARG C 176 21.27 -42.97 -2.98
C ARG C 176 20.26 -42.45 -4.01
N ARG C 177 19.91 -41.18 -3.91
CA ARG C 177 18.97 -40.60 -4.87
C ARG C 177 19.58 -40.56 -6.27
N ILE C 178 20.85 -40.17 -6.39
CA ILE C 178 21.52 -40.21 -7.70
C ILE C 178 21.62 -41.65 -8.20
N ALA C 179 21.81 -42.60 -7.30
CA ALA C 179 21.80 -44.00 -7.71
C ALA C 179 20.44 -44.39 -8.30
N ASN C 180 19.35 -43.93 -7.66
CA ASN C 180 18.01 -44.20 -8.20
C ASN C 180 17.83 -43.56 -9.57
N VAL C 181 18.31 -42.33 -9.73
CA VAL C 181 18.18 -41.65 -11.03
C VAL C 181 18.97 -42.40 -12.10
N LEU C 182 20.20 -42.82 -11.79
CA LEU C 182 20.98 -43.60 -12.74
C LEU C 182 20.38 -44.98 -12.99
N VAL C 183 19.55 -45.48 -12.08
CA VAL C 183 18.80 -46.69 -12.36
C VAL C 183 17.68 -46.41 -13.35
N HIS C 184 16.96 -45.30 -13.16
CA HIS C 184 15.84 -44.98 -14.03
C HIS C 184 16.29 -44.58 -15.43
N GLU C 185 17.44 -43.93 -15.56
CA GLU C 185 17.97 -43.50 -16.86
C GLU C 185 19.15 -44.38 -17.24
N LYS C 186 19.33 -44.57 -18.55
CA LYS C 186 20.48 -45.33 -19.06
C LYS C 186 21.70 -44.43 -18.98
N LEU C 187 22.19 -44.25 -17.75
CA LEU C 187 23.27 -43.32 -17.47
C LEU C 187 24.23 -43.91 -16.45
N LYS C 188 25.49 -43.52 -16.53
CA LYS C 188 26.52 -43.91 -15.58
C LYS C 188 27.31 -42.69 -15.14
N LEU C 189 27.84 -42.75 -13.92
CA LEU C 189 28.55 -41.62 -13.31
C LEU C 189 29.88 -42.11 -12.75
N SER C 190 30.93 -41.32 -12.98
CA SER C 190 32.22 -41.61 -12.38
C SER C 190 32.19 -41.35 -10.88
N PRO C 191 32.92 -42.12 -10.08
CA PRO C 191 32.92 -41.87 -8.63
C PRO C 191 33.43 -40.49 -8.26
N ASN C 192 34.53 -40.04 -8.86
CA ASN C 192 35.02 -38.69 -8.60
C ASN C 192 34.06 -37.64 -9.14
N ALA C 193 33.43 -37.92 -10.29
CA ALA C 193 32.40 -37.02 -10.81
C ALA C 193 31.23 -36.92 -9.84
N GLU C 194 30.83 -38.05 -9.25
CA GLU C 194 29.74 -38.03 -8.28
C GLU C 194 30.13 -37.26 -7.03
N LYS C 195 31.39 -37.42 -6.58
CA LYS C 195 31.85 -36.66 -5.42
C LYS C 195 31.84 -35.17 -5.70
N ALA C 196 32.30 -34.75 -6.89
CA ALA C 196 32.24 -33.34 -7.27
C ALA C 196 30.81 -32.85 -7.37
N LEU C 197 29.91 -33.70 -7.88
CA LEU C 197 28.49 -33.37 -7.94
C LEU C 197 27.93 -33.10 -6.55
N ILE C 198 28.30 -33.93 -5.58
CA ILE C 198 27.82 -33.74 -4.23
C ILE C 198 28.42 -32.47 -3.62
N GLU C 199 29.71 -32.22 -3.88
CA GLU C 199 30.37 -31.04 -3.33
C GLU C 199 29.74 -29.76 -3.86
N LEU C 200 29.37 -29.73 -5.14
CA LEU C 200 28.80 -28.54 -5.76
C LEU C 200 27.29 -28.41 -5.52
N SER C 201 26.75 -29.17 -4.58
CA SER C 201 25.31 -29.20 -4.34
C SER C 201 24.87 -28.39 -3.13
N ASN C 202 25.66 -28.37 -2.05
CA ASN C 202 25.32 -27.67 -0.82
C ASN C 202 23.97 -28.11 -0.26
N GLY C 203 23.68 -29.41 -0.35
CA GLY C 203 22.44 -29.94 0.17
C GLY C 203 21.20 -29.58 -0.63
N ASP C 204 21.34 -29.33 -1.93
CA ASP C 204 20.24 -28.98 -2.80
C ASP C 204 20.09 -30.05 -3.87
N MET C 205 19.04 -30.87 -3.75
CA MET C 205 18.78 -31.90 -4.76
C MET C 205 18.29 -31.29 -6.07
N ARG C 206 17.66 -30.12 -5.99
CA ARG C 206 17.20 -29.46 -7.21
C ARG C 206 18.38 -29.15 -8.14
N ARG C 207 19.46 -28.61 -7.58
CA ARG C 207 20.67 -28.36 -8.34
C ARG C 207 21.23 -29.65 -8.92
N VAL C 208 21.26 -30.71 -8.12
CA VAL C 208 21.83 -31.98 -8.58
C VAL C 208 21.05 -32.51 -9.78
N LEU C 209 19.72 -32.52 -9.67
CA LEU C 209 18.90 -33.03 -10.77
C LEU C 209 19.05 -32.16 -12.02
N ASN C 210 19.03 -30.84 -11.85
CA ASN C 210 19.15 -29.94 -13.00
C ASN C 210 20.47 -30.15 -13.73
N VAL C 211 21.58 -30.16 -12.99
CA VAL C 211 22.87 -30.31 -13.64
C VAL C 211 23.06 -31.73 -14.17
N LEU C 212 22.43 -32.74 -13.53
CA LEU C 212 22.52 -34.09 -14.06
C LEU C 212 21.85 -34.20 -15.42
N GLN C 213 20.65 -33.63 -15.56
CA GLN C 213 20.00 -33.62 -16.86
C GLN C 213 20.80 -32.79 -17.87
N SER C 214 21.40 -31.69 -17.42
CA SER C 214 22.21 -30.87 -18.31
C SER C 214 23.41 -31.65 -18.85
N CYS C 215 24.12 -32.39 -17.99
CA CYS C 215 25.25 -33.18 -18.47
C CYS C 215 24.78 -34.36 -19.32
N LYS C 216 23.62 -34.94 -19.02
CA LYS C 216 23.07 -35.97 -19.90
C LYS C 216 22.87 -35.42 -21.31
N ALA C 217 22.35 -34.20 -21.41
CA ALA C 217 22.25 -33.56 -22.72
C ALA C 217 23.62 -33.22 -23.28
N THR C 218 24.59 -32.95 -22.42
CA THR C 218 25.93 -32.57 -22.85
C THR C 218 26.72 -33.74 -23.44
N LEU C 219 26.40 -34.97 -23.04
CA LEU C 219 27.21 -36.13 -23.43
C LEU C 219 27.39 -36.25 -24.94
N ASP C 220 26.41 -35.79 -25.73
CA ASP C 220 26.50 -35.71 -27.18
C ASP C 220 26.45 -37.09 -27.83
N ASN C 221 26.48 -38.14 -27.01
CA ASN C 221 26.42 -39.51 -27.52
C ASN C 221 25.16 -40.21 -27.03
N PRO C 222 24.84 -41.39 -27.58
CA PRO C 222 23.66 -42.14 -27.11
C PRO C 222 23.84 -42.82 -25.76
N ASP C 223 24.84 -42.38 -24.99
CA ASP C 223 25.03 -42.78 -23.59
C ASP C 223 25.62 -44.19 -23.42
N GLU C 224 26.57 -44.55 -24.27
CA GLU C 224 27.46 -45.67 -23.97
C GLU C 224 28.74 -45.24 -23.26
N ASP C 225 28.88 -43.96 -22.94
CA ASP C 225 30.06 -43.44 -22.26
C ASP C 225 29.72 -43.10 -20.81
N GLU C 226 30.74 -42.67 -20.08
CA GLU C 226 30.60 -42.32 -18.67
C GLU C 226 30.77 -40.81 -18.49
N ILE C 227 30.04 -40.26 -17.54
CA ILE C 227 30.12 -38.85 -17.19
C ILE C 227 31.24 -38.71 -16.17
N SER C 228 32.33 -38.06 -16.59
CA SER C 228 33.49 -37.84 -15.74
C SER C 228 33.39 -36.47 -15.08
N ASP C 229 34.40 -36.15 -14.26
CA ASP C 229 34.43 -34.85 -13.61
C ASP C 229 34.53 -33.73 -14.63
N ASP C 230 35.19 -34.00 -15.77
CA ASP C 230 35.33 -32.98 -16.80
C ASP C 230 33.97 -32.55 -17.35
N VAL C 231 33.08 -33.51 -17.61
CA VAL C 231 31.76 -33.18 -18.15
C VAL C 231 30.99 -32.32 -17.15
N ILE C 232 31.01 -32.74 -15.87
CA ILE C 232 30.29 -32.00 -14.83
C ILE C 232 30.82 -30.57 -14.74
N TYR C 233 32.15 -30.42 -14.75
CA TYR C 233 32.74 -29.09 -14.55
C TYR C 233 32.52 -28.19 -15.75
N GLU C 234 32.68 -28.71 -16.97
CA GLU C 234 32.43 -27.89 -18.15
C GLU C 234 30.95 -27.62 -18.36
N CYS C 235 30.06 -28.41 -17.77
CA CYS C 235 28.63 -28.14 -17.89
C CYS C 235 28.16 -27.11 -16.87
N CYS C 236 28.55 -27.27 -15.60
CA CYS C 236 28.15 -26.37 -14.54
C CYS C 236 29.09 -25.18 -14.37
N GLY C 237 30.22 -25.17 -15.09
CA GLY C 237 31.12 -24.03 -15.06
C GLY C 237 31.86 -23.82 -13.76
N ALA C 238 31.88 -24.82 -12.87
CA ALA C 238 32.63 -24.67 -11.64
C ALA C 238 34.12 -24.92 -11.89
N PRO C 239 34.99 -24.25 -11.12
CA PRO C 239 36.43 -24.49 -11.28
C PRO C 239 36.81 -25.89 -10.83
N ARG C 240 37.87 -26.43 -11.49
CA ARG C 240 38.34 -27.70 -10.95
C ARG C 240 39.08 -27.47 -9.63
N PRO C 241 39.07 -28.46 -8.75
CA PRO C 241 39.94 -28.37 -7.56
C PRO C 241 41.40 -28.20 -7.92
N SER C 242 41.85 -28.87 -8.98
CA SER C 242 43.24 -28.73 -9.41
C SER C 242 43.57 -27.30 -9.78
N ASP C 243 42.69 -26.67 -10.58
CA ASP C 243 42.89 -25.27 -10.93
C ASP C 243 42.78 -24.36 -9.71
N LEU C 244 41.93 -24.72 -8.75
CA LEU C 244 41.81 -23.94 -7.51
C LEU C 244 43.13 -23.92 -6.76
N LYS C 245 43.70 -25.10 -6.52
CA LYS C 245 45.00 -25.17 -5.84
C LYS C 245 46.10 -24.53 -6.68
N ALA C 246 46.04 -24.65 -8.01
CA ALA C 246 47.06 -24.03 -8.85
C ALA C 246 47.02 -22.51 -8.72
N VAL C 247 45.82 -21.93 -8.78
CA VAL C 247 45.70 -20.48 -8.63
C VAL C 247 46.18 -20.03 -7.27
N LEU C 248 45.75 -20.74 -6.22
CA LEU C 248 46.14 -20.35 -4.87
C LEU C 248 47.65 -20.49 -4.66
N LYS C 249 48.25 -21.56 -5.21
CA LYS C 249 49.69 -21.77 -5.09
C LYS C 249 50.47 -20.69 -5.83
N SER C 250 50.02 -20.32 -7.04
CA SER C 250 50.69 -19.25 -7.77
C SER C 250 50.55 -17.92 -7.06
N ILE C 251 49.41 -17.68 -6.40
CA ILE C 251 49.24 -16.46 -5.63
C ILE C 251 50.17 -16.45 -4.42
N LEU C 252 50.32 -17.61 -3.77
CA LEU C 252 50.96 -17.68 -2.47
C LEU C 252 52.47 -17.43 -2.53
N GLU C 253 53.18 -18.10 -3.44
CA GLU C 253 54.64 -18.02 -3.48
C GLU C 253 55.17 -17.36 -4.74
N ASP C 254 54.50 -17.54 -5.87
CA ASP C 254 55.00 -17.04 -7.13
C ASP C 254 54.92 -15.51 -7.18
N ASP C 255 55.48 -14.93 -8.24
CA ASP C 255 55.65 -13.49 -8.38
C ASP C 255 54.31 -12.87 -8.81
N TRP C 256 54.17 -11.57 -8.51
CA TRP C 256 52.95 -10.84 -8.88
C TRP C 256 52.64 -10.98 -10.37
N GLY C 257 53.65 -10.79 -11.23
CA GLY C 257 53.42 -10.96 -12.65
C GLY C 257 53.03 -12.39 -13.00
N THR C 258 53.75 -13.36 -12.44
CA THR C 258 53.42 -14.76 -12.68
C THR C 258 52.06 -15.13 -12.10
N ALA C 259 51.75 -14.63 -10.91
CA ALA C 259 50.45 -14.93 -10.30
C ALA C 259 49.31 -14.34 -11.11
N HIS C 260 49.45 -13.09 -11.56
CA HIS C 260 48.43 -12.47 -12.40
C HIS C 260 48.26 -13.22 -13.70
N TYR C 261 49.37 -13.61 -14.33
CA TYR C 261 49.29 -14.36 -15.58
C TYR C 261 48.60 -15.70 -15.36
N THR C 262 48.94 -16.39 -14.27
CA THR C 262 48.32 -17.68 -13.99
C THR C 262 46.82 -17.56 -13.76
N LEU C 263 46.42 -16.55 -12.97
CA LEU C 263 44.99 -16.34 -12.72
C LEU C 263 44.26 -16.00 -14.01
N ASN C 264 44.84 -15.13 -14.83
CA ASN C 264 44.19 -14.76 -16.09
C ASN C 264 44.06 -15.96 -17.01
N LYS C 265 45.12 -16.76 -17.12
CA LYS C 265 45.07 -17.92 -18.02
C LYS C 265 44.11 -18.98 -17.52
N VAL C 266 44.02 -19.19 -16.21
CA VAL C 266 43.07 -20.16 -15.67
C VAL C 266 41.64 -19.69 -15.89
N ARG C 267 41.39 -18.39 -15.67
CA ARG C 267 40.05 -17.84 -15.80
C ARG C 267 39.62 -17.66 -17.25
N SER C 268 40.55 -17.59 -18.19
CA SER C 268 40.20 -17.40 -19.60
C SER C 268 40.27 -18.70 -20.41
N ALA C 269 41.01 -19.71 -19.94
CA ALA C 269 41.09 -20.97 -20.68
C ALA C 269 39.74 -21.66 -20.72
N LYS C 270 38.99 -21.62 -19.62
CA LYS C 270 37.68 -22.24 -19.53
C LYS C 270 36.58 -21.23 -19.24
N GLY C 271 36.87 -19.94 -19.34
CA GLY C 271 35.86 -18.91 -19.14
C GLY C 271 35.28 -18.88 -17.73
N LEU C 272 36.11 -19.13 -16.72
CA LEU C 272 35.60 -19.25 -15.36
C LEU C 272 35.18 -17.90 -14.81
N ALA C 273 34.30 -17.95 -13.81
CA ALA C 273 33.84 -16.75 -13.13
C ALA C 273 34.71 -16.47 -11.90
N LEU C 274 34.91 -15.17 -11.62
CA LEU C 274 35.72 -14.79 -10.48
C LEU C 274 35.07 -15.17 -9.17
N ILE C 275 33.73 -15.12 -9.09
CA ILE C 275 33.03 -15.44 -7.85
C ILE C 275 33.20 -16.91 -7.51
N ASP C 276 33.19 -17.79 -8.52
CA ASP C 276 33.36 -19.23 -8.25
C ASP C 276 34.74 -19.52 -7.68
N LEU C 277 35.78 -18.94 -8.29
CA LEU C 277 37.14 -19.11 -7.78
C LEU C 277 37.27 -18.51 -6.38
N ILE C 278 36.62 -17.38 -6.14
CA ILE C 278 36.68 -16.75 -4.82
C ILE C 278 36.07 -17.65 -3.76
N GLU C 279 34.89 -18.22 -4.06
CA GLU C 279 34.25 -19.11 -3.10
C GLU C 279 35.08 -20.37 -2.88
N GLY C 280 35.65 -20.93 -3.95
CA GLY C 280 36.50 -22.09 -3.80
C GLY C 280 37.73 -21.81 -2.96
N ILE C 281 38.35 -20.65 -3.16
CA ILE C 281 39.53 -20.26 -2.39
C ILE C 281 39.17 -20.04 -0.93
N VAL C 282 38.02 -19.41 -0.66
CA VAL C 282 37.57 -19.22 0.72
C VAL C 282 37.35 -20.57 1.39
N LYS C 283 36.72 -21.51 0.68
CA LYS C 283 36.51 -22.84 1.24
C LYS C 283 37.83 -23.55 1.49
N ILE C 284 38.79 -23.41 0.56
CA ILE C 284 40.05 -24.12 0.67
C ILE C 284 40.88 -23.59 1.84
N LEU C 285 40.97 -22.26 1.97
CA LEU C 285 41.76 -21.68 3.05
C LEU C 285 41.11 -21.85 4.42
N GLU C 286 39.83 -22.27 4.46
CA GLU C 286 39.17 -22.47 5.75
C GLU C 286 39.80 -23.59 6.54
N ASP C 287 40.51 -24.50 5.86
CA ASP C 287 41.25 -25.57 6.53
C ASP C 287 42.69 -25.20 6.86
N TYR C 288 43.16 -24.04 6.39
CA TYR C 288 44.54 -23.64 6.64
C TYR C 288 44.74 -23.30 8.11
N GLU C 289 45.76 -23.90 8.72
CA GLU C 289 46.07 -23.63 10.11
C GLU C 289 46.92 -22.36 10.22
N LEU C 290 46.38 -21.34 10.87
CA LEU C 290 47.03 -20.05 11.00
C LEU C 290 47.28 -19.75 12.47
N GLN C 291 48.50 -19.27 12.76
CA GLN C 291 48.89 -19.03 14.15
C GLN C 291 48.08 -17.90 14.78
N ASN C 292 47.87 -16.82 14.03
CA ASN C 292 47.18 -15.64 14.53
C ASN C 292 45.86 -15.46 13.79
N GLU C 293 45.05 -14.51 14.27
CA GLU C 293 43.74 -14.24 13.72
C GLU C 293 43.66 -12.96 12.90
N GLU C 294 44.67 -12.09 13.00
CA GLU C 294 44.66 -10.85 12.23
C GLU C 294 44.68 -11.12 10.73
N THR C 295 45.49 -12.10 10.31
CA THR C 295 45.53 -12.45 8.89
C THR C 295 44.17 -12.98 8.43
N ARG C 296 43.52 -13.80 9.25
CA ARG C 296 42.18 -14.28 8.89
C ARG C 296 41.17 -13.15 8.85
N VAL C 297 41.28 -12.20 9.80
CA VAL C 297 40.38 -11.05 9.80
C VAL C 297 40.51 -10.27 8.50
N HIS C 298 41.75 -9.95 8.12
CA HIS C 298 41.98 -9.20 6.90
C HIS C 298 41.49 -9.97 5.67
N LEU C 299 41.80 -11.26 5.61
CA LEU C 299 41.36 -12.08 4.48
C LEU C 299 39.85 -12.07 4.35
N LEU C 300 39.14 -12.36 5.45
CA LEU C 300 37.68 -12.44 5.40
C LEU C 300 37.07 -11.11 5.02
N THR C 301 37.55 -10.01 5.64
CA THR C 301 36.96 -8.70 5.36
C THR C 301 37.20 -8.30 3.91
N LYS C 302 38.43 -8.42 3.43
CA LYS C 302 38.74 -8.00 2.07
C LYS C 302 37.99 -8.86 1.05
N LEU C 303 37.94 -10.18 1.29
CA LEU C 303 37.27 -11.06 0.34
C LEU C 303 35.76 -10.81 0.33
N ALA C 304 35.15 -10.54 1.49
CA ALA C 304 33.73 -10.25 1.52
C ALA C 304 33.41 -8.93 0.83
N ASP C 305 34.25 -7.90 1.04
CA ASP C 305 34.05 -6.65 0.32
C ASP C 305 34.19 -6.84 -1.18
N ILE C 306 35.17 -7.66 -1.60
CA ILE C 306 35.37 -7.93 -3.01
C ILE C 306 34.17 -8.66 -3.60
N GLU C 307 33.64 -9.64 -2.86
CA GLU C 307 32.45 -10.37 -3.32
C GLU C 307 31.25 -9.44 -3.44
N TYR C 308 31.06 -8.55 -2.46
CA TYR C 308 29.95 -7.60 -2.55
C TYR C 308 30.11 -6.67 -3.73
N SER C 309 31.33 -6.21 -4.01
CA SER C 309 31.55 -5.36 -5.18
C SER C 309 31.33 -6.12 -6.47
N ILE C 310 31.70 -7.41 -6.50
CA ILE C 310 31.46 -8.24 -7.68
C ILE C 310 29.96 -8.39 -7.93
N SER C 311 29.19 -8.57 -6.86
CA SER C 311 27.74 -8.74 -6.98
C SER C 311 27.04 -7.52 -7.58
N LYS C 312 27.75 -6.41 -7.80
CA LYS C 312 27.17 -5.24 -8.43
C LYS C 312 27.84 -4.85 -9.75
N GLY C 313 28.83 -5.60 -10.19
CA GLY C 313 29.54 -5.29 -11.41
C GLY C 313 30.85 -4.55 -11.17
N GLY C 314 31.41 -4.06 -12.26
CA GLY C 314 32.67 -3.33 -12.21
C GLY C 314 33.72 -3.90 -13.13
N ASN C 315 34.98 -3.57 -12.90
CA ASN C 315 36.07 -4.08 -13.74
C ASN C 315 36.51 -5.44 -13.21
N ASP C 316 36.51 -6.45 -14.09
CA ASP C 316 36.79 -7.81 -13.66
C ASP C 316 38.27 -8.02 -13.37
N GLN C 317 39.14 -7.47 -14.22
CA GLN C 317 40.58 -7.61 -13.99
C GLN C 317 41.00 -6.90 -12.71
N ILE C 318 40.45 -5.71 -12.46
CA ILE C 318 40.73 -4.99 -11.22
C ILE C 318 40.31 -5.83 -10.02
N GLN C 319 39.14 -6.48 -10.13
CA GLN C 319 38.66 -7.32 -9.04
C GLN C 319 39.57 -8.51 -8.80
N GLY C 320 40.05 -9.15 -9.87
CA GLY C 320 40.96 -10.28 -9.70
C GLY C 320 42.28 -9.87 -9.07
N SER C 321 42.85 -8.76 -9.54
CA SER C 321 44.07 -8.26 -8.92
C SER C 321 43.83 -7.85 -7.48
N ALA C 322 42.62 -7.35 -7.17
CA ALA C 322 42.28 -7.04 -5.79
C ALA C 322 42.24 -8.29 -4.93
N VAL C 323 41.70 -9.39 -5.46
CA VAL C 323 41.72 -10.65 -4.72
C VAL C 323 43.15 -11.10 -4.46
N ILE C 324 44.00 -11.02 -5.48
CA ILE C 324 45.40 -11.42 -5.32
C ILE C 324 46.07 -10.58 -4.26
N GLY C 325 45.91 -9.25 -4.35
CA GLY C 325 46.55 -8.36 -3.40
C GLY C 325 46.03 -8.52 -1.99
N ALA C 326 44.71 -8.76 -1.85
CA ALA C 326 44.14 -8.98 -0.52
C ALA C 326 44.70 -10.24 0.11
N ILE C 327 44.77 -11.32 -0.66
CA ILE C 327 45.33 -12.57 -0.12
C ILE C 327 46.78 -12.37 0.28
N LYS C 328 47.57 -11.72 -0.60
CA LYS C 328 48.98 -11.53 -0.32
C LYS C 328 49.20 -10.64 0.90
N ALA C 329 48.43 -9.55 1.01
CA ALA C 329 48.57 -8.67 2.15
C ALA C 329 48.13 -9.33 3.45
N SER C 330 47.06 -10.14 3.40
CA SER C 330 46.64 -10.86 4.60
C SER C 330 47.70 -11.86 5.05
N PHE C 331 48.29 -12.60 4.10
CA PHE C 331 49.29 -13.59 4.49
C PHE C 331 50.67 -12.98 4.73
N GLU C 332 50.86 -11.71 4.39
CA GLU C 332 52.08 -11.02 4.77
C GLU C 332 52.21 -10.82 6.27
N ASN C 333 51.11 -10.97 7.01
CA ASN C 333 51.15 -10.94 8.47
C ASN C 333 51.59 -12.27 9.07
N GLU C 334 51.70 -13.32 8.25
CA GLU C 334 52.08 -14.65 8.74
C GLU C 334 53.59 -14.85 8.57
N THR C 335 54.34 -14.03 9.31
CA THR C 335 55.79 -14.14 9.32
C THR C 335 56.32 -14.27 10.74
N SER D 14 7.69 -9.23 -47.51
CA SER D 14 7.76 -10.29 -46.50
C SER D 14 9.21 -10.61 -46.16
N LYS D 15 9.72 -11.72 -46.70
CA LYS D 15 11.10 -12.11 -46.45
C LYS D 15 12.08 -11.10 -47.03
N LEU D 16 11.79 -10.61 -48.24
CA LEU D 16 12.66 -9.60 -48.85
C LEU D 16 12.65 -8.30 -48.05
N ALA D 17 11.47 -7.89 -47.57
CA ALA D 17 11.38 -6.70 -46.73
C ALA D 17 12.18 -6.87 -45.45
N ALA D 18 12.09 -8.05 -44.83
CA ALA D 18 12.86 -8.31 -43.62
C ALA D 18 14.36 -8.28 -43.88
N GLU D 19 14.80 -8.88 -44.99
CA GLU D 19 16.22 -8.88 -45.31
C GLU D 19 16.72 -7.46 -45.60
N GLN D 20 15.92 -6.65 -46.30
CA GLN D 20 16.26 -5.25 -46.49
C GLN D 20 16.36 -4.51 -45.17
N SER D 21 15.39 -4.71 -44.28
CA SER D 21 15.41 -4.01 -43.00
C SER D 21 16.63 -4.41 -42.18
N LEU D 22 16.99 -5.69 -42.19
CA LEU D 22 18.19 -6.13 -41.52
C LEU D 22 19.43 -5.50 -42.16
N ALA D 23 19.44 -5.37 -43.48
CA ALA D 23 20.57 -4.76 -44.17
C ALA D 23 20.71 -3.27 -43.85
N GLN D 24 19.61 -2.59 -43.51
CA GLN D 24 19.66 -1.18 -43.17
C GLN D 24 19.65 -0.93 -41.67
N GLN D 25 20.02 -1.93 -40.87
CA GLN D 25 20.05 -1.84 -39.42
C GLN D 25 21.49 -1.88 -38.91
N PRO D 26 21.72 -1.40 -37.67
CA PRO D 26 23.07 -1.46 -37.11
C PRO D 26 23.57 -2.90 -36.99
N TRP D 27 24.90 -3.05 -37.04
CA TRP D 27 25.51 -4.38 -37.06
C TRP D 27 25.19 -5.17 -35.80
N VAL D 28 24.84 -4.49 -34.71
CA VAL D 28 24.49 -5.19 -33.48
C VAL D 28 23.24 -6.05 -33.69
N GLU D 29 22.23 -5.49 -34.34
CA GLU D 29 21.00 -6.22 -34.62
C GLU D 29 21.03 -6.92 -35.96
N LYS D 30 21.82 -6.42 -36.92
CA LYS D 30 21.90 -7.05 -38.23
C LYS D 30 22.51 -8.45 -38.13
N TYR D 31 23.52 -8.62 -37.29
CA TYR D 31 24.15 -9.92 -37.08
C TYR D 31 23.77 -10.53 -35.73
N ARG D 32 22.55 -10.28 -35.27
CA ARG D 32 22.04 -11.00 -34.11
C ARG D 32 21.84 -12.47 -34.47
N PRO D 33 22.31 -13.40 -33.63
CA PRO D 33 22.18 -14.82 -33.96
C PRO D 33 20.73 -15.23 -34.17
N LYS D 34 20.49 -16.00 -35.22
CA LYS D 34 19.17 -16.52 -35.54
C LYS D 34 19.02 -18.00 -35.20
N ASN D 35 20.10 -18.75 -35.21
CA ASN D 35 20.11 -20.17 -34.88
C ASN D 35 21.09 -20.42 -33.73
N LEU D 36 20.98 -21.61 -33.14
CA LEU D 36 21.88 -21.98 -32.05
C LEU D 36 23.32 -22.19 -32.52
N ASP D 37 23.54 -22.36 -33.81
CA ASP D 37 24.89 -22.49 -34.34
C ASP D 37 25.64 -21.16 -34.38
N GLU D 38 24.92 -20.04 -34.46
CA GLU D 38 25.56 -18.74 -34.52
C GLU D 38 26.13 -18.30 -33.18
N VAL D 39 25.68 -18.90 -32.08
CA VAL D 39 26.27 -18.60 -30.77
C VAL D 39 27.65 -19.25 -30.74
N THR D 40 28.69 -18.41 -30.66
CA THR D 40 30.05 -18.88 -30.90
C THR D 40 30.67 -19.51 -29.65
N ALA D 41 30.78 -18.75 -28.57
CA ALA D 41 31.61 -19.15 -27.44
C ALA D 41 30.85 -19.89 -26.35
N GLN D 42 29.54 -19.68 -26.23
CA GLN D 42 28.77 -20.29 -25.14
C GLN D 42 28.34 -21.70 -25.52
N ASP D 43 29.35 -22.52 -25.83
CA ASP D 43 29.10 -23.86 -26.34
C ASP D 43 28.45 -24.77 -25.30
N HIS D 44 28.83 -24.64 -24.02
CA HIS D 44 28.32 -25.54 -23.00
C HIS D 44 26.81 -25.37 -22.80
N ALA D 45 26.27 -24.18 -23.06
CA ALA D 45 24.85 -23.95 -22.91
C ALA D 45 24.08 -24.32 -24.17
N VAL D 46 24.60 -23.90 -25.34
CA VAL D 46 23.90 -24.19 -26.59
C VAL D 46 23.94 -25.67 -26.92
N THR D 47 24.93 -26.42 -26.42
CA THR D 47 24.93 -27.87 -26.60
C THR D 47 23.73 -28.50 -25.91
N VAL D 48 23.47 -28.10 -24.66
CA VAL D 48 22.29 -28.58 -23.96
C VAL D 48 21.02 -28.10 -24.63
N LEU D 49 21.01 -26.86 -25.11
CA LEU D 49 19.82 -26.33 -25.76
C LEU D 49 19.53 -27.03 -27.08
N LYS D 50 20.57 -27.48 -27.79
CA LYS D 50 20.38 -28.26 -29.01
C LYS D 50 19.95 -29.68 -28.70
N LYS D 51 20.51 -30.29 -27.66
CA LYS D 51 20.12 -31.65 -27.30
C LYS D 51 18.68 -31.72 -26.82
N THR D 52 18.23 -30.72 -26.04
CA THR D 52 16.85 -30.71 -25.59
C THR D 52 15.87 -30.38 -26.70
N LEU D 53 16.36 -29.98 -27.88
CA LEU D 53 15.47 -29.76 -29.02
C LEU D 53 14.95 -31.07 -29.59
N LYS D 54 15.82 -32.08 -29.69
CA LYS D 54 15.37 -33.40 -30.13
C LYS D 54 14.45 -34.06 -29.10
N SER D 55 14.71 -33.83 -27.82
CA SER D 55 13.82 -34.25 -26.76
C SER D 55 12.80 -33.14 -26.51
N ALA D 56 12.05 -33.24 -25.41
CA ALA D 56 11.10 -32.20 -25.03
C ALA D 56 11.14 -31.99 -23.52
N ASN D 57 12.33 -32.02 -22.93
CA ASN D 57 12.47 -31.92 -21.49
C ASN D 57 13.20 -30.67 -21.06
N LEU D 58 12.87 -29.53 -21.65
CA LEU D 58 13.43 -28.25 -21.24
C LEU D 58 13.06 -27.95 -19.79
N PRO D 59 14.03 -27.70 -18.92
CA PRO D 59 13.72 -27.27 -17.55
C PRO D 59 13.57 -25.76 -17.50
N HIS D 60 13.24 -25.27 -16.30
CA HIS D 60 13.31 -23.83 -16.05
C HIS D 60 14.77 -23.40 -16.09
N MET D 61 15.05 -22.33 -16.83
CA MET D 61 16.42 -21.89 -17.05
C MET D 61 16.65 -20.52 -16.44
N LEU D 62 17.90 -20.27 -16.04
CA LEU D 62 18.31 -18.99 -15.45
C LEU D 62 19.64 -18.62 -16.08
N PHE D 63 19.58 -17.74 -17.08
CA PHE D 63 20.78 -17.25 -17.76
C PHE D 63 21.36 -16.09 -16.97
N TYR D 64 22.66 -16.15 -16.68
CA TYR D 64 23.30 -15.06 -15.97
C TYR D 64 24.74 -14.91 -16.43
N GLY D 65 25.21 -13.67 -16.48
CA GLY D 65 26.54 -13.36 -16.93
C GLY D 65 26.74 -11.89 -17.21
N PRO D 66 27.93 -11.54 -17.71
CA PRO D 66 28.21 -10.14 -18.04
C PRO D 66 27.34 -9.65 -19.18
N PRO D 67 27.10 -8.35 -19.29
CA PRO D 67 26.30 -7.83 -20.41
C PRO D 67 27.00 -8.05 -21.74
N GLY D 68 26.20 -8.26 -22.79
CA GLY D 68 26.73 -8.44 -24.11
C GLY D 68 27.27 -9.83 -24.40
N THR D 69 26.96 -10.82 -23.57
CA THR D 69 27.41 -12.18 -23.82
C THR D 69 26.47 -12.97 -24.73
N GLY D 70 25.22 -12.54 -24.85
CA GLY D 70 24.32 -13.15 -25.81
C GLY D 70 23.26 -14.05 -25.22
N LYS D 71 22.78 -13.74 -24.02
CA LYS D 71 21.73 -14.55 -23.41
C LYS D 71 20.40 -14.34 -24.13
N THR D 72 20.04 -13.08 -24.40
CA THR D 72 18.80 -12.80 -25.10
C THR D 72 18.83 -13.39 -26.51
N SER D 73 19.96 -13.22 -27.21
CA SER D 73 20.07 -13.80 -28.55
C SER D 73 19.98 -15.32 -28.50
N THR D 74 20.62 -15.94 -27.51
CA THR D 74 20.58 -17.39 -27.38
C THR D 74 19.15 -17.88 -27.16
N ILE D 75 18.42 -17.22 -26.25
CA ILE D 75 17.06 -17.69 -25.97
C ILE D 75 16.14 -17.42 -27.17
N LEU D 76 16.33 -16.30 -27.87
CA LEU D 76 15.53 -16.05 -29.06
C LEU D 76 15.79 -17.11 -30.13
N ALA D 77 17.06 -17.46 -30.35
CA ALA D 77 17.38 -18.48 -31.34
C ALA D 77 16.82 -19.83 -30.93
N LEU D 78 16.88 -20.17 -29.64
CA LEU D 78 16.32 -21.43 -29.16
C LEU D 78 14.82 -21.48 -29.37
N THR D 79 14.12 -20.39 -29.02
CA THR D 79 12.67 -20.35 -29.20
C THR D 79 12.29 -20.44 -30.67
N LYS D 80 13.05 -19.76 -31.54
CA LYS D 80 12.80 -19.86 -32.97
C LYS D 80 12.97 -21.31 -33.44
N GLU D 81 14.11 -21.92 -33.11
CA GLU D 81 14.35 -23.30 -33.53
C GLU D 81 13.31 -24.25 -32.97
N LEU D 82 12.72 -23.92 -31.83
CA LEU D 82 11.73 -24.80 -31.22
C LEU D 82 10.37 -24.66 -31.87
N TYR D 83 9.94 -23.43 -32.16
CA TYR D 83 8.54 -23.17 -32.50
C TYR D 83 8.29 -22.75 -33.95
N GLY D 84 9.28 -22.23 -34.66
CA GLY D 84 9.06 -21.72 -35.99
C GLY D 84 8.58 -20.28 -35.96
N PRO D 85 8.70 -19.57 -37.08
CA PRO D 85 8.27 -18.17 -37.14
C PRO D 85 6.77 -17.99 -36.98
N ASP D 86 5.97 -19.04 -37.11
CA ASP D 86 4.53 -18.96 -36.95
C ASP D 86 4.11 -19.07 -35.48
N LEU D 87 4.60 -20.10 -34.79
CA LEU D 87 4.28 -20.28 -33.37
C LEU D 87 5.18 -19.46 -32.45
N MET D 88 6.19 -18.76 -32.99
CA MET D 88 7.02 -17.90 -32.15
C MET D 88 6.21 -16.78 -31.53
N LYS D 89 5.18 -16.30 -32.23
CA LYS D 89 4.35 -15.21 -31.74
C LYS D 89 3.16 -15.67 -30.91
N SER D 90 2.92 -16.98 -30.82
CA SER D 90 1.76 -17.50 -30.11
C SER D 90 2.10 -18.34 -28.89
N ARG D 91 3.32 -18.87 -28.79
CA ARG D 91 3.72 -19.69 -27.66
C ARG D 91 4.83 -19.05 -26.83
N ILE D 92 5.05 -17.74 -26.99
CA ILE D 92 6.13 -17.03 -26.32
C ILE D 92 5.56 -15.83 -25.59
N LEU D 93 5.88 -15.70 -24.31
CA LEU D 93 5.51 -14.52 -23.54
C LEU D 93 6.79 -13.86 -23.04
N GLU D 94 7.22 -12.79 -23.70
CA GLU D 94 8.45 -12.10 -23.36
C GLU D 94 8.13 -10.85 -22.56
N LEU D 95 8.58 -10.81 -21.31
CA LEU D 95 8.41 -9.66 -20.43
C LEU D 95 9.78 -9.09 -20.12
N ASN D 96 9.96 -7.81 -20.41
CA ASN D 96 11.25 -7.14 -20.29
C ASN D 96 11.29 -6.32 -19.01
N ALA D 97 12.36 -5.52 -18.87
CA ALA D 97 12.46 -4.59 -17.76
C ALA D 97 11.65 -3.31 -18.00
N SER D 98 11.08 -3.15 -19.20
CA SER D 98 10.27 -1.98 -19.52
C SER D 98 8.79 -2.17 -19.20
N ASP D 99 8.41 -3.32 -18.62
CA ASP D 99 7.03 -3.61 -18.31
C ASP D 99 6.85 -3.71 -16.80
N GLU D 100 5.62 -3.43 -16.34
CA GLU D 100 5.29 -3.56 -14.94
C GLU D 100 5.29 -5.03 -14.54
N ARG D 101 6.04 -5.37 -13.50
CA ARG D 101 6.19 -6.75 -13.04
C ARG D 101 6.07 -6.81 -11.52
N GLY D 102 5.09 -6.10 -10.97
CA GLY D 102 4.82 -6.16 -9.55
C GLY D 102 4.10 -7.44 -9.18
N ILE D 103 3.69 -7.50 -7.92
CA ILE D 103 2.98 -8.68 -7.43
C ILE D 103 1.69 -8.90 -8.20
N SER D 104 0.94 -7.81 -8.45
CA SER D 104 -0.32 -7.93 -9.16
C SER D 104 -0.12 -8.47 -10.57
N ILE D 105 0.90 -7.99 -11.27
CA ILE D 105 1.16 -8.45 -12.63
C ILE D 105 1.54 -9.93 -12.62
N VAL D 106 2.44 -10.33 -11.72
CA VAL D 106 2.87 -11.72 -11.68
C VAL D 106 1.72 -12.65 -11.33
N ARG D 107 0.84 -12.23 -10.40
CA ARG D 107 -0.29 -13.10 -10.06
C ARG D 107 -1.34 -13.14 -11.16
N GLU D 108 -1.58 -12.03 -11.86
CA GLU D 108 -2.65 -12.01 -12.88
C GLU D 108 -2.15 -12.51 -14.22
N LYS D 109 -1.24 -11.76 -14.86
CA LYS D 109 -0.95 -12.01 -16.27
C LYS D 109 -0.13 -13.28 -16.45
N VAL D 110 0.99 -13.40 -15.72
CA VAL D 110 1.86 -14.56 -15.86
C VAL D 110 1.12 -15.84 -15.47
N LYS D 111 0.37 -15.80 -14.37
CA LYS D 111 -0.33 -16.99 -13.91
C LYS D 111 -1.45 -17.39 -14.87
N ASN D 112 -2.20 -16.41 -15.40
CA ASN D 112 -3.23 -16.74 -16.36
C ASN D 112 -2.64 -17.30 -17.64
N PHE D 113 -1.52 -16.75 -18.11
CA PHE D 113 -0.89 -17.29 -19.31
C PHE D 113 -0.39 -18.70 -19.07
N ALA D 114 0.24 -18.95 -17.91
CA ALA D 114 0.73 -20.30 -17.61
C ALA D 114 -0.43 -21.29 -17.47
N ARG D 115 -1.55 -20.84 -16.92
CA ARG D 115 -2.71 -21.71 -16.77
C ARG D 115 -3.33 -22.06 -18.13
N LEU D 116 -3.24 -21.17 -19.11
CA LEU D 116 -3.77 -21.46 -20.43
C LEU D 116 -3.02 -22.62 -21.08
N THR D 117 -3.75 -23.39 -21.89
CA THR D 117 -3.16 -24.49 -22.63
C THR D 117 -2.37 -23.98 -23.82
N VAL D 118 -1.45 -24.80 -24.30
CA VAL D 118 -0.61 -24.40 -25.43
C VAL D 118 -1.45 -24.33 -26.70
N SER D 119 -1.10 -23.38 -27.56
CA SER D 119 -1.82 -23.20 -28.81
C SER D 119 -1.60 -24.38 -29.74
N LYS D 120 -2.64 -24.72 -30.50
CA LYS D 120 -2.55 -25.85 -31.42
C LYS D 120 -1.69 -25.47 -32.63
N PRO D 121 -0.60 -26.19 -32.88
CA PRO D 121 0.19 -25.92 -34.08
C PRO D 121 -0.53 -26.38 -35.35
N SER D 122 -0.19 -25.73 -36.44
CA SER D 122 -0.79 -26.05 -37.73
C SER D 122 -0.08 -27.25 -38.36
N LYS D 123 -0.49 -27.60 -39.59
CA LYS D 123 0.09 -28.74 -40.27
C LYS D 123 1.52 -28.47 -40.70
N HIS D 124 1.84 -27.22 -41.06
CA HIS D 124 3.18 -26.90 -41.54
C HIS D 124 4.22 -26.89 -40.42
N ASP D 125 3.81 -26.69 -39.17
CA ASP D 125 4.77 -26.58 -38.08
C ASP D 125 5.35 -27.93 -37.71
N LEU D 126 4.53 -28.98 -37.69
CA LEU D 126 4.99 -30.30 -37.28
C LEU D 126 5.99 -30.91 -38.25
N GLU D 127 5.90 -30.57 -39.53
CA GLU D 127 6.75 -31.20 -40.54
C GLU D 127 8.18 -30.66 -40.52
N ASN D 128 8.40 -29.47 -39.97
CA ASN D 128 9.71 -28.85 -39.99
C ASN D 128 10.27 -28.54 -38.60
N TYR D 129 9.43 -28.46 -37.58
CA TYR D 129 9.90 -28.11 -36.25
C TYR D 129 9.44 -29.16 -35.24
N PRO D 130 10.21 -29.35 -34.15
CA PRO D 130 9.81 -30.36 -33.15
C PRO D 130 8.46 -30.08 -32.52
N CYS D 131 8.09 -28.80 -32.35
CA CYS D 131 6.81 -28.40 -31.77
C CYS D 131 6.57 -29.05 -30.42
N PRO D 132 7.30 -28.66 -29.38
CA PRO D 132 7.06 -29.23 -28.05
C PRO D 132 5.69 -28.83 -27.54
N PRO D 133 5.05 -29.66 -26.72
CA PRO D 133 3.75 -29.33 -26.17
C PRO D 133 3.77 -28.34 -25.02
N TYR D 134 4.88 -27.63 -24.81
CA TYR D 134 4.96 -26.60 -23.80
C TYR D 134 5.28 -25.26 -24.45
N LYS D 135 4.97 -24.19 -23.74
CA LYS D 135 5.28 -22.83 -24.17
C LYS D 135 6.27 -22.19 -23.22
N ILE D 136 6.87 -21.08 -23.66
CA ILE D 136 7.99 -20.46 -22.96
C ILE D 136 7.62 -19.03 -22.61
N ILE D 137 7.82 -18.68 -21.33
CA ILE D 137 7.72 -17.31 -20.85
C ILE D 137 9.13 -16.86 -20.51
N ILE D 138 9.64 -15.91 -21.30
CA ILE D 138 10.96 -15.33 -21.08
C ILE D 138 10.78 -14.08 -20.23
N LEU D 139 11.59 -13.96 -19.17
CA LEU D 139 11.54 -12.83 -18.25
C LEU D 139 12.91 -12.18 -18.24
N ASP D 140 13.15 -11.27 -19.17
CA ASP D 140 14.43 -10.60 -19.30
C ASP D 140 14.63 -9.59 -18.19
N GLU D 141 15.89 -9.44 -17.76
CA GLU D 141 16.29 -8.47 -16.74
C GLU D 141 15.50 -8.67 -15.45
N ALA D 142 15.69 -9.84 -14.84
CA ALA D 142 15.00 -10.22 -13.62
C ALA D 142 15.56 -9.53 -12.37
N ASP D 143 16.63 -8.73 -12.51
CA ASP D 143 17.18 -8.03 -11.36
C ASP D 143 16.18 -7.06 -10.76
N SER D 144 15.44 -6.35 -11.61
CA SER D 144 14.51 -5.32 -11.15
C SER D 144 13.26 -5.89 -10.51
N MET D 145 13.02 -7.19 -10.62
CA MET D 145 11.83 -7.80 -10.05
C MET D 145 11.93 -7.87 -8.53
N THR D 146 10.88 -7.45 -7.84
CA THR D 146 10.87 -7.46 -6.39
C THR D 146 10.77 -8.90 -5.88
N ALA D 147 11.37 -9.13 -4.70
CA ALA D 147 11.55 -10.49 -4.19
C ALA D 147 10.21 -11.18 -3.93
N ASP D 148 9.18 -10.44 -3.51
CA ASP D 148 7.88 -11.07 -3.30
C ASP D 148 7.26 -11.48 -4.63
N ALA D 149 7.41 -10.65 -5.67
CA ALA D 149 7.03 -11.08 -7.01
C ALA D 149 7.84 -12.28 -7.45
N GLN D 150 9.11 -12.36 -7.01
CA GLN D 150 9.92 -13.53 -7.32
C GLN D 150 9.40 -14.77 -6.60
N SER D 151 8.82 -14.62 -5.41
CA SER D 151 8.22 -15.76 -4.74
C SER D 151 6.93 -16.20 -5.43
N ALA D 152 6.15 -15.23 -5.92
CA ALA D 152 5.00 -15.56 -6.74
C ALA D 152 5.42 -16.35 -7.98
N LEU D 153 6.49 -15.90 -8.63
CA LEU D 153 7.07 -16.65 -9.75
C LEU D 153 7.53 -18.03 -9.32
N ARG D 154 8.14 -18.11 -8.14
CA ARG D 154 8.60 -19.38 -7.56
C ARG D 154 7.48 -20.39 -7.52
N ARG D 155 6.35 -20.01 -6.93
CA ARG D 155 5.27 -20.97 -6.82
C ARG D 155 4.45 -21.09 -8.10
N THR D 156 4.60 -20.18 -9.04
CA THR D 156 3.99 -20.37 -10.35
C THR D 156 4.77 -21.37 -11.21
N MET D 157 6.09 -21.41 -11.07
CA MET D 157 6.94 -22.19 -11.95
C MET D 157 7.04 -23.66 -11.58
N GLU D 158 6.44 -24.08 -10.47
CA GLU D 158 6.60 -25.45 -10.02
C GLU D 158 5.35 -26.30 -10.15
N THR D 159 4.17 -25.69 -10.26
CA THR D 159 2.93 -26.44 -10.39
C THR D 159 2.46 -26.57 -11.84
N TYR D 160 2.72 -25.58 -12.68
CA TYR D 160 2.30 -25.61 -14.09
C TYR D 160 3.45 -25.93 -15.04
N SER D 161 4.48 -26.64 -14.57
CA SER D 161 5.64 -26.93 -15.41
C SER D 161 5.31 -27.84 -16.59
N GLY D 162 4.15 -28.49 -16.58
CA GLY D 162 3.80 -29.39 -17.67
C GLY D 162 3.58 -28.69 -18.99
N VAL D 163 3.02 -27.48 -18.97
CA VAL D 163 2.66 -26.78 -20.18
C VAL D 163 3.44 -25.49 -20.39
N THR D 164 4.15 -24.98 -19.38
CA THR D 164 4.92 -23.75 -19.52
C THR D 164 6.34 -23.96 -19.00
N ARG D 165 7.29 -23.26 -19.62
CA ARG D 165 8.68 -23.28 -19.22
C ARG D 165 9.14 -21.85 -18.99
N PHE D 166 9.79 -21.62 -17.85
CA PHE D 166 10.20 -20.30 -17.43
C PHE D 166 11.70 -20.12 -17.64
N CYS D 167 12.09 -19.01 -18.26
CA CYS D 167 13.49 -18.68 -18.52
C CYS D 167 13.75 -17.28 -18.01
N LEU D 168 14.41 -17.17 -16.86
CA LEU D 168 14.86 -15.89 -16.36
C LEU D 168 16.21 -15.54 -16.98
N ILE D 169 16.41 -14.26 -17.27
CA ILE D 169 17.68 -13.75 -17.78
C ILE D 169 18.08 -12.56 -16.93
N CYS D 170 19.34 -12.54 -16.49
CA CYS D 170 19.79 -11.51 -15.57
C CYS D 170 21.26 -11.22 -15.80
N ASN D 171 21.72 -10.10 -15.23
CA ASN D 171 23.12 -9.74 -15.22
C ASN D 171 23.82 -10.16 -13.92
N TYR D 172 23.18 -9.92 -12.78
CA TYR D 172 23.69 -10.32 -11.48
C TYR D 172 22.80 -11.42 -10.93
N VAL D 173 23.38 -12.61 -10.72
CA VAL D 173 22.61 -13.73 -10.19
C VAL D 173 22.15 -13.47 -8.76
N THR D 174 22.87 -12.64 -8.01
CA THR D 174 22.56 -12.42 -6.61
C THR D 174 21.24 -11.68 -6.41
N ARG D 175 20.80 -10.89 -7.39
CA ARG D 175 19.56 -10.14 -7.25
C ARG D 175 18.32 -11.01 -7.18
N ILE D 176 18.42 -12.27 -7.59
CA ILE D 176 17.31 -13.21 -7.55
C ILE D 176 17.42 -14.05 -6.28
N ILE D 177 16.28 -14.32 -5.65
CA ILE D 177 16.28 -15.07 -4.40
C ILE D 177 16.85 -16.47 -4.63
N ASP D 178 17.36 -17.06 -3.55
CA ASP D 178 17.98 -18.37 -3.62
C ASP D 178 17.04 -19.46 -4.11
N PRO D 179 15.80 -19.60 -3.60
CA PRO D 179 14.94 -20.68 -4.11
C PRO D 179 14.65 -20.59 -5.60
N LEU D 180 14.50 -19.37 -6.11
CA LEU D 180 14.26 -19.21 -7.54
C LEU D 180 15.44 -19.70 -8.36
N ALA D 181 16.67 -19.39 -7.93
CA ALA D 181 17.84 -19.94 -8.56
C ALA D 181 17.95 -21.45 -8.38
N SER D 182 17.36 -21.98 -7.31
CA SER D 182 17.38 -23.42 -7.10
C SER D 182 16.45 -24.15 -8.06
N ARG D 183 15.26 -23.57 -8.33
CA ARG D 183 14.32 -24.25 -9.21
C ARG D 183 14.75 -24.18 -10.68
N CYS D 184 15.49 -23.16 -11.07
CA CYS D 184 15.92 -23.00 -12.45
C CYS D 184 17.35 -23.47 -12.63
N SER D 185 17.60 -24.12 -13.76
CA SER D 185 18.95 -24.58 -14.10
C SER D 185 19.80 -23.37 -14.43
N LYS D 186 20.91 -23.21 -13.72
CA LYS D 186 21.75 -22.03 -13.86
C LYS D 186 22.68 -22.19 -15.05
N PHE D 187 22.64 -21.24 -15.98
CA PHE D 187 23.51 -21.21 -17.14
C PHE D 187 24.34 -19.93 -17.09
N ARG D 188 25.65 -20.07 -16.91
CA ARG D 188 26.55 -18.93 -16.83
C ARG D 188 27.11 -18.65 -18.22
N PHE D 189 26.87 -17.44 -18.72
CA PHE D 189 27.44 -17.00 -19.99
C PHE D 189 28.80 -16.38 -19.74
N LYS D 190 29.80 -16.88 -20.43
CA LYS D 190 31.19 -16.53 -20.17
C LYS D 190 31.56 -15.21 -20.83
N ALA D 191 32.51 -14.51 -20.22
CA ALA D 191 33.00 -13.26 -20.79
C ALA D 191 33.62 -13.52 -22.15
N LEU D 192 33.28 -12.69 -23.13
CA LEU D 192 33.70 -12.89 -24.52
C LEU D 192 34.98 -12.10 -24.76
N ASP D 193 36.11 -12.71 -24.43
CA ASP D 193 37.41 -12.10 -24.68
C ASP D 193 37.85 -12.43 -26.11
N ALA D 194 39.13 -12.17 -26.41
CA ALA D 194 39.61 -12.29 -27.78
C ALA D 194 39.56 -13.74 -28.27
N SER D 195 39.91 -14.69 -27.41
CA SER D 195 40.13 -16.06 -27.86
C SER D 195 38.86 -16.67 -28.45
N ASN D 196 37.74 -16.53 -27.76
CA ASN D 196 36.51 -17.22 -28.13
C ASN D 196 35.58 -16.36 -28.99
N ALA D 197 35.95 -15.13 -29.29
CA ALA D 197 35.12 -14.25 -30.10
C ALA D 197 35.86 -13.69 -31.32
N ILE D 198 37.14 -14.04 -31.49
CA ILE D 198 37.89 -13.56 -32.65
C ILE D 198 37.30 -14.12 -33.94
N ASP D 199 36.82 -15.37 -33.90
CA ASP D 199 36.20 -15.96 -35.09
C ASP D 199 34.94 -15.19 -35.48
N ARG D 200 34.09 -14.87 -34.51
CA ARG D 200 32.88 -14.12 -34.81
C ARG D 200 33.19 -12.72 -35.32
N LEU D 201 34.15 -12.05 -34.68
CA LEU D 201 34.53 -10.71 -35.14
C LEU D 201 35.10 -10.75 -36.55
N ARG D 202 35.94 -11.74 -36.85
CA ARG D 202 36.49 -11.87 -38.20
C ARG D 202 35.39 -12.13 -39.22
N PHE D 203 34.44 -13.01 -38.89
CA PHE D 203 33.34 -13.28 -39.80
C PHE D 203 32.52 -12.01 -40.05
N ILE D 204 32.24 -11.25 -39.00
CA ILE D 204 31.48 -10.01 -39.15
C ILE D 204 32.23 -9.02 -40.03
N SER D 205 33.55 -8.90 -39.81
CA SER D 205 34.34 -7.96 -40.60
C SER D 205 34.37 -8.36 -42.08
N GLU D 206 34.54 -9.66 -42.36
CA GLU D 206 34.54 -10.09 -43.76
C GLU D 206 33.18 -9.90 -44.41
N GLN D 207 32.09 -10.12 -43.66
CA GLN D 207 30.76 -9.92 -44.24
C GLN D 207 30.51 -8.45 -44.61
N GLU D 208 31.22 -7.51 -43.99
CA GLU D 208 31.08 -6.11 -44.32
C GLU D 208 32.28 -5.57 -45.08
N ASN D 209 33.19 -6.44 -45.53
CA ASN D 209 34.39 -6.05 -46.27
C ASN D 209 35.20 -5.01 -45.50
N VAL D 210 35.37 -5.26 -44.20
CA VAL D 210 36.14 -4.38 -43.33
C VAL D 210 37.61 -4.76 -43.48
N LYS D 211 38.37 -3.92 -44.18
CA LYS D 211 39.80 -4.15 -44.39
C LYS D 211 40.54 -3.52 -43.22
N CYS D 212 41.01 -4.36 -42.29
CA CYS D 212 41.68 -3.91 -41.09
C CYS D 212 43.07 -4.50 -41.00
N ASP D 213 43.82 -4.08 -39.99
CA ASP D 213 45.20 -4.50 -39.81
C ASP D 213 45.23 -5.88 -39.14
N ASP D 214 46.43 -6.31 -38.71
CA ASP D 214 46.58 -7.63 -38.14
C ASP D 214 45.95 -7.72 -36.76
N GLY D 215 46.35 -6.83 -35.85
CA GLY D 215 45.91 -6.90 -34.47
C GLY D 215 44.82 -5.92 -34.11
N VAL D 216 43.82 -5.75 -34.98
CA VAL D 216 42.76 -4.79 -34.73
C VAL D 216 41.59 -5.45 -34.01
N LEU D 217 41.08 -6.55 -34.57
CA LEU D 217 39.92 -7.23 -33.99
C LEU D 217 40.24 -7.77 -32.60
N GLU D 218 41.43 -8.35 -32.43
CA GLU D 218 41.85 -8.78 -31.10
C GLU D 218 41.96 -7.62 -30.14
N ARG D 219 42.48 -6.48 -30.60
CA ARG D 219 42.51 -5.28 -29.78
C ARG D 219 41.09 -4.80 -29.47
N ILE D 220 40.19 -4.92 -30.43
CA ILE D 220 38.80 -4.52 -30.21
C ILE D 220 38.19 -5.35 -29.08
N LEU D 221 38.40 -6.66 -29.12
CA LEU D 221 37.87 -7.51 -28.06
C LEU D 221 38.59 -7.28 -26.73
N ASP D 222 39.88 -6.91 -26.78
CA ASP D 222 40.59 -6.59 -25.54
C ASP D 222 40.01 -5.36 -24.87
N ILE D 223 39.72 -4.31 -25.64
CA ILE D 223 39.05 -3.14 -25.06
C ILE D 223 37.62 -3.48 -24.67
N SER D 224 36.99 -4.44 -25.36
CA SER D 224 35.60 -4.80 -25.04
C SER D 224 35.47 -5.36 -23.64
N ALA D 225 36.48 -6.09 -23.16
CA ALA D 225 36.46 -6.69 -21.82
C ALA D 225 35.26 -7.62 -21.64
N GLY D 226 35.19 -8.64 -22.49
CA GLY D 226 34.12 -9.61 -22.42
C GLY D 226 32.75 -9.09 -22.77
N ASP D 227 32.64 -8.39 -23.89
CA ASP D 227 31.35 -7.83 -24.33
C ASP D 227 31.40 -7.74 -25.85
N LEU D 228 30.68 -8.66 -26.51
CA LEU D 228 30.70 -8.70 -27.97
C LEU D 228 29.87 -7.57 -28.58
N ARG D 229 28.85 -7.08 -27.85
CA ARG D 229 28.06 -5.97 -28.35
C ARG D 229 28.91 -4.71 -28.51
N ARG D 230 29.72 -4.40 -27.49
CA ARG D 230 30.57 -3.23 -27.57
C ARG D 230 31.63 -3.38 -28.65
N GLY D 231 32.16 -4.59 -28.82
CA GLY D 231 33.11 -4.83 -29.89
C GLY D 231 32.50 -4.66 -31.27
N ILE D 232 31.26 -5.14 -31.44
CA ILE D 232 30.56 -4.98 -32.71
C ILE D 232 30.32 -3.51 -33.00
N THR D 233 29.89 -2.75 -31.99
CA THR D 233 29.69 -1.31 -32.18
C THR D 233 30.99 -0.61 -32.51
N LEU D 234 32.08 -1.01 -31.84
CA LEU D 234 33.39 -0.43 -32.12
C LEU D 234 33.83 -0.70 -33.56
N LEU D 235 33.65 -1.94 -34.02
CA LEU D 235 34.01 -2.29 -35.39
C LEU D 235 33.16 -1.52 -36.39
N GLN D 236 31.86 -1.37 -36.09
CA GLN D 236 30.99 -0.59 -36.97
C GLN D 236 31.45 0.87 -37.05
N SER D 237 31.74 1.48 -35.92
CA SER D 237 32.18 2.88 -35.92
C SER D 237 33.50 3.04 -36.67
N ALA D 238 34.43 2.11 -36.47
CA ALA D 238 35.70 2.15 -37.20
C ALA D 238 35.46 1.99 -38.70
N SER D 239 34.53 1.13 -39.09
CA SER D 239 34.24 0.93 -40.51
C SER D 239 33.66 2.20 -41.14
N LYS D 240 32.72 2.87 -40.45
CA LYS D 240 32.19 4.12 -40.98
C LYS D 240 33.28 5.19 -41.06
N GLY D 241 34.13 5.27 -40.03
CA GLY D 241 35.20 6.24 -40.05
C GLY D 241 36.19 6.02 -41.17
N ALA D 242 36.46 4.75 -41.49
CA ALA D 242 37.36 4.45 -42.61
C ALA D 242 36.70 4.65 -43.95
N GLN D 243 35.40 4.37 -44.06
CA GLN D 243 34.69 4.55 -45.32
C GLN D 243 34.49 6.03 -45.65
N TYR D 244 34.32 6.87 -44.64
CA TYR D 244 34.19 8.31 -44.88
C TYR D 244 35.47 8.88 -45.49
N LEU D 245 36.63 8.44 -44.99
CA LEU D 245 37.90 8.94 -45.51
C LEU D 245 38.09 8.55 -46.98
N GLY D 246 37.74 7.31 -47.33
CA GLY D 246 37.90 6.86 -48.68
C GLY D 246 39.33 6.69 -49.14
N ASP D 247 40.28 6.66 -48.19
CA ASP D 247 41.69 6.54 -48.55
C ASP D 247 42.04 5.12 -48.99
N GLY D 248 41.23 4.13 -48.68
CA GLY D 248 41.49 2.76 -49.08
C GLY D 248 42.48 2.02 -48.22
N LYS D 249 42.98 2.61 -47.15
CA LYS D 249 43.90 1.93 -46.25
C LYS D 249 43.13 1.07 -45.27
N ASN D 250 43.85 0.48 -44.32
CA ASN D 250 43.28 -0.40 -43.32
C ASN D 250 43.11 0.33 -41.99
N ILE D 251 42.08 -0.08 -41.24
CA ILE D 251 41.86 0.47 -39.91
C ILE D 251 43.01 0.05 -39.00
N THR D 252 43.55 1.01 -38.26
CA THR D 252 44.66 0.77 -37.35
C THR D 252 44.16 0.62 -35.92
N SER D 253 44.99 -0.02 -35.09
CA SER D 253 44.64 -0.18 -33.68
C SER D 253 44.53 1.15 -32.96
N THR D 254 45.42 2.10 -33.29
CA THR D 254 45.38 3.41 -32.66
C THR D 254 44.07 4.13 -32.99
N GLN D 255 43.62 4.04 -34.24
CA GLN D 255 42.31 4.60 -34.59
C GLN D 255 41.18 3.93 -33.83
N VAL D 256 41.32 2.64 -33.56
CA VAL D 256 40.30 1.93 -32.78
C VAL D 256 40.24 2.45 -31.35
N GLU D 257 41.41 2.56 -30.70
CA GLU D 257 41.40 2.99 -29.30
C GLU D 257 41.16 4.48 -29.14
N GLU D 258 41.34 5.28 -30.19
CA GLU D 258 41.05 6.71 -30.10
C GLU D 258 39.55 6.94 -29.86
N LEU D 259 38.72 6.35 -30.70
CA LEU D 259 37.27 6.52 -30.59
C LEU D 259 36.64 5.53 -29.63
N ALA D 260 37.42 4.65 -29.01
CA ALA D 260 36.92 3.72 -27.99
C ALA D 260 36.98 4.30 -26.59
N GLY D 261 37.47 5.53 -26.43
CA GLY D 261 37.61 6.13 -25.12
C GLY D 261 38.87 5.75 -24.38
N VAL D 262 39.84 5.12 -25.05
CA VAL D 262 41.08 4.69 -24.41
C VAL D 262 42.03 5.87 -24.37
N VAL D 263 42.55 6.15 -23.18
CA VAL D 263 43.52 7.24 -23.02
C VAL D 263 44.79 6.91 -23.80
N PRO D 264 45.39 7.85 -24.53
CA PRO D 264 46.64 7.56 -25.23
C PRO D 264 47.76 7.20 -24.26
N HIS D 265 48.72 6.43 -24.77
CA HIS D 265 49.80 5.94 -23.92
C HIS D 265 50.65 7.08 -23.37
N ASP D 266 50.86 8.13 -24.16
CA ASP D 266 51.68 9.24 -23.69
C ASP D 266 51.02 9.98 -22.54
N ILE D 267 49.70 10.20 -22.60
CA ILE D 267 49.00 10.82 -21.49
C ILE D 267 49.09 9.96 -20.24
N LEU D 268 48.94 8.64 -20.39
CA LEU D 268 49.06 7.73 -19.26
C LEU D 268 50.46 7.79 -18.65
N ILE D 269 51.49 7.86 -19.51
CA ILE D 269 52.86 7.97 -19.02
C ILE D 269 53.06 9.27 -18.27
N GLU D 270 52.51 10.38 -18.77
CA GLU D 270 52.61 11.65 -18.05
C GLU D 270 51.92 11.56 -16.69
N ILE D 271 50.78 10.87 -16.62
CA ILE D 271 50.11 10.66 -15.34
C ILE D 271 51.02 9.87 -14.41
N VAL D 272 51.69 8.84 -14.93
CA VAL D 272 52.58 8.04 -14.08
C VAL D 272 53.73 8.89 -13.55
N GLU D 273 54.31 9.74 -14.39
CA GLU D 273 55.38 10.62 -13.92
C GLU D 273 54.87 11.60 -12.86
N LYS D 274 53.67 12.15 -13.06
CA LYS D 274 53.13 13.08 -12.08
C LYS D 274 52.86 12.41 -10.75
N VAL D 275 52.39 11.17 -10.76
CA VAL D 275 52.18 10.45 -9.50
C VAL D 275 53.52 10.11 -8.85
N LYS D 276 54.50 9.67 -9.65
CA LYS D 276 55.80 9.29 -9.11
C LYS D 276 56.51 10.48 -8.48
N SER D 277 56.80 11.49 -9.27
CA SER D 277 57.47 12.70 -8.80
C SER D 277 56.50 13.87 -8.90
N GLY D 278 56.19 14.48 -7.78
CA GLY D 278 55.28 15.61 -7.72
C GLY D 278 54.52 15.63 -6.42
N ASP D 279 54.21 16.84 -5.95
CA ASP D 279 53.48 17.03 -4.71
C ASP D 279 51.98 17.06 -5.01
N PHE D 280 51.18 17.45 -4.02
CA PHE D 280 49.74 17.43 -4.16
C PHE D 280 49.28 18.49 -5.16
N ASP D 281 49.92 19.66 -5.15
CA ASP D 281 49.47 20.77 -5.99
C ASP D 281 49.61 20.44 -7.48
N GLU D 282 50.78 19.92 -7.88
CA GLU D 282 50.99 19.58 -9.29
C GLU D 282 50.05 18.48 -9.74
N ILE D 283 49.85 17.46 -8.89
CA ILE D 283 48.94 16.38 -9.22
C ILE D 283 47.52 16.90 -9.39
N LYS D 284 47.08 17.77 -8.48
CA LYS D 284 45.74 18.35 -8.59
C LYS D 284 45.59 19.18 -9.84
N LYS D 285 46.61 19.96 -10.18
CA LYS D 285 46.56 20.75 -11.42
C LYS D 285 46.47 19.86 -12.64
N TYR D 286 47.25 18.77 -12.66
CA TYR D 286 47.20 17.87 -13.81
C TYR D 286 45.86 17.15 -13.91
N VAL D 287 45.25 16.78 -12.78
CA VAL D 287 43.93 16.18 -12.82
C VAL D 287 42.90 17.19 -13.32
N ASN D 288 43.01 18.44 -12.88
CA ASN D 288 42.07 19.47 -13.34
C ASN D 288 42.18 19.68 -14.85
N THR D 289 43.41 19.71 -15.37
CA THR D 289 43.60 19.82 -16.81
C THR D 289 43.12 18.57 -17.54
N PHE D 290 43.34 17.40 -16.94
CA PHE D 290 43.05 16.12 -17.61
C PHE D 290 41.56 15.90 -17.77
N MET D 291 40.76 16.29 -16.78
CA MET D 291 39.32 16.13 -16.87
C MET D 291 38.69 17.02 -17.94
N LYS D 292 39.43 18.00 -18.45
CA LYS D 292 38.92 18.82 -19.55
C LYS D 292 38.70 17.99 -20.81
N SER D 293 39.57 17.02 -21.06
CA SER D 293 39.44 16.16 -22.23
C SER D 293 38.24 15.22 -22.14
N GLY D 294 37.62 15.10 -20.97
CA GLY D 294 36.43 14.30 -20.81
C GLY D 294 36.64 12.81 -20.99
N TRP D 295 37.76 12.29 -20.49
CA TRP D 295 37.99 10.86 -20.49
C TRP D 295 37.10 10.18 -19.44
N SER D 296 36.65 8.97 -19.76
CA SER D 296 35.87 8.20 -18.82
C SER D 296 36.75 7.71 -17.67
N ALA D 297 36.28 7.90 -16.44
CA ALA D 297 37.09 7.56 -15.28
C ALA D 297 37.39 6.06 -15.22
N ALA D 298 36.41 5.22 -15.58
CA ALA D 298 36.61 3.78 -15.51
C ALA D 298 37.75 3.33 -16.42
N SER D 299 37.81 3.90 -17.63
CA SER D 299 38.90 3.56 -18.55
C SER D 299 40.25 3.97 -17.99
N VAL D 300 40.32 5.16 -17.37
CA VAL D 300 41.58 5.63 -16.79
C VAL D 300 42.02 4.71 -15.65
N VAL D 301 41.08 4.31 -14.79
CA VAL D 301 41.42 3.42 -13.69
C VAL D 301 41.87 2.07 -14.22
N ASN D 302 41.19 1.57 -15.26
CA ASN D 302 41.57 0.28 -15.85
C ASN D 302 42.97 0.35 -16.45
N GLN D 303 43.29 1.44 -17.14
CA GLN D 303 44.62 1.58 -17.74
C GLN D 303 45.69 1.71 -16.67
N LEU D 304 45.42 2.46 -15.60
CA LEU D 304 46.35 2.53 -14.48
C LEU D 304 46.58 1.16 -13.86
N HIS D 305 45.50 0.40 -13.68
CA HIS D 305 45.61 -0.94 -13.14
C HIS D 305 46.48 -1.82 -14.03
N GLU D 306 46.24 -1.80 -15.34
CA GLU D 306 47.01 -2.61 -16.26
C GLU D 306 48.49 -2.23 -16.22
N TYR D 307 48.77 -0.92 -16.24
CA TYR D 307 50.16 -0.47 -16.26
C TYR D 307 50.86 -0.85 -14.96
N TYR D 308 50.21 -0.66 -13.83
CA TYR D 308 50.88 -0.91 -12.54
C TYR D 308 51.05 -2.40 -12.29
N ILE D 309 50.03 -3.21 -12.59
CA ILE D 309 50.14 -4.65 -12.34
C ILE D 309 51.11 -5.30 -13.32
N THR D 310 51.03 -4.92 -14.60
CA THR D 310 51.87 -5.57 -15.61
C THR D 310 53.34 -5.22 -15.46
N ASN D 311 53.65 -3.95 -15.15
CA ASN D 311 55.04 -3.52 -15.08
C ASN D 311 55.74 -4.14 -13.87
N ASP D 312 56.87 -4.78 -14.12
CA ASP D 312 57.64 -5.45 -13.07
C ASP D 312 58.78 -4.58 -12.55
N ASN D 313 58.43 -3.38 -12.05
CA ASN D 313 59.42 -2.50 -11.42
C ASN D 313 59.01 -2.13 -9.99
N PHE D 314 57.80 -2.46 -9.57
CA PHE D 314 57.29 -2.07 -8.26
C PHE D 314 57.32 -3.25 -7.30
N ASP D 315 57.51 -2.94 -6.03
CA ASP D 315 57.61 -3.95 -4.97
C ASP D 315 56.24 -4.59 -4.73
N THR D 316 56.27 -5.82 -4.20
CA THR D 316 55.03 -6.55 -3.94
C THR D 316 54.15 -5.84 -2.92
N ASN D 317 54.76 -5.28 -1.87
CA ASN D 317 53.99 -4.51 -0.91
C ASN D 317 53.33 -3.30 -1.56
N PHE D 318 54.03 -2.67 -2.50
CA PHE D 318 53.40 -1.63 -3.31
C PHE D 318 52.25 -2.20 -4.15
N LYS D 319 52.42 -3.41 -4.66
CA LYS D 319 51.40 -3.99 -5.55
C LYS D 319 50.11 -4.30 -4.79
N ASN D 320 50.23 -4.82 -3.57
CA ASN D 320 49.04 -5.08 -2.77
C ASN D 320 48.22 -3.81 -2.58
N GLN D 321 48.89 -2.72 -2.20
CA GLN D 321 48.19 -1.49 -1.87
C GLN D 321 47.65 -0.80 -3.12
N ILE D 322 48.40 -0.84 -4.23
CA ILE D 322 47.88 -0.25 -5.46
C ILE D 322 46.65 -1.03 -5.94
N SER D 323 46.68 -2.36 -5.84
CA SER D 323 45.53 -3.16 -6.23
C SER D 323 44.32 -2.84 -5.36
N TRP D 324 44.52 -2.75 -4.04
CA TRP D 324 43.41 -2.45 -3.16
C TRP D 324 42.83 -1.06 -3.42
N LEU D 325 43.71 -0.07 -3.64
CA LEU D 325 43.22 1.29 -3.90
C LEU D 325 42.45 1.36 -5.23
N LEU D 326 42.96 0.68 -6.26
CA LEU D 326 42.24 0.66 -7.53
C LEU D 326 40.89 -0.02 -7.38
N PHE D 327 40.84 -1.11 -6.62
CA PHE D 327 39.56 -1.79 -6.38
C PHE D 327 38.58 -0.87 -5.66
N THR D 328 39.05 -0.17 -4.62
CA THR D 328 38.17 0.73 -3.88
C THR D 328 37.66 1.86 -4.76
N THR D 329 38.54 2.44 -5.58
CA THR D 329 38.11 3.53 -6.46
C THR D 329 37.12 3.04 -7.49
N ASP D 330 37.34 1.84 -8.05
CA ASP D 330 36.39 1.29 -9.01
C ASP D 330 35.04 1.02 -8.37
N SER D 331 35.04 0.49 -7.14
CA SER D 331 33.78 0.25 -6.44
C SER D 331 33.04 1.55 -6.18
N ARG D 332 33.76 2.60 -5.79
CA ARG D 332 33.13 3.90 -5.58
C ARG D 332 32.58 4.48 -6.87
N LEU D 333 33.35 4.37 -7.96
CA LEU D 333 32.92 4.90 -9.24
C LEU D 333 31.74 4.15 -9.83
N ASN D 334 31.58 2.88 -9.48
CA ASN D 334 30.43 2.12 -9.97
C ASN D 334 29.11 2.71 -9.46
N ASN D 335 29.11 3.27 -8.25
CA ASN D 335 27.89 3.80 -7.65
C ASN D 335 27.68 5.29 -7.93
N GLY D 336 27.74 5.70 -9.20
CA GLY D 336 27.32 7.03 -9.60
C GLY D 336 28.00 8.20 -8.92
N THR D 337 29.31 8.16 -8.78
CA THR D 337 30.06 9.23 -8.13
C THR D 337 30.71 10.15 -9.15
N ASN D 338 31.17 11.30 -8.67
CA ASN D 338 31.87 12.25 -9.53
C ASN D 338 33.22 11.68 -9.94
N GLU D 339 33.50 11.70 -11.24
CA GLU D 339 34.73 11.08 -11.75
C GLU D 339 35.96 11.85 -11.30
N HIS D 340 35.91 13.18 -11.33
CA HIS D 340 37.09 13.99 -11.05
C HIS D 340 37.56 13.78 -9.62
N ILE D 341 36.62 13.80 -8.66
CA ILE D 341 36.99 13.64 -7.25
C ILE D 341 37.60 12.27 -7.01
N GLN D 342 36.98 11.22 -7.56
CA GLN D 342 37.49 9.87 -7.35
C GLN D 342 38.86 9.69 -7.98
N LEU D 343 39.06 10.22 -9.19
CA LEU D 343 40.36 10.10 -9.85
C LEU D 343 41.43 10.86 -9.08
N LEU D 344 41.10 12.06 -8.57
CA LEU D 344 42.06 12.83 -7.79
C LEU D 344 42.41 12.08 -6.51
N ASN D 345 41.41 11.49 -5.85
CA ASN D 345 41.67 10.72 -4.64
C ASN D 345 42.57 9.53 -4.94
N LEU D 346 42.31 8.83 -6.04
CA LEU D 346 43.16 7.71 -6.44
C LEU D 346 44.60 8.16 -6.65
N LEU D 347 44.79 9.23 -7.42
CA LEU D 347 46.14 9.68 -7.75
C LEU D 347 46.88 10.13 -6.49
N VAL D 348 46.20 10.86 -5.60
CA VAL D 348 46.84 11.33 -4.38
C VAL D 348 47.19 10.15 -3.48
N LYS D 349 46.25 9.22 -3.29
CA LYS D 349 46.49 8.09 -2.39
C LYS D 349 47.64 7.22 -2.88
N ILE D 350 47.70 6.95 -4.18
CA ILE D 350 48.80 6.16 -4.72
C ILE D 350 50.07 6.98 -4.90
N SER D 351 49.99 8.30 -4.78
CA SER D 351 51.18 9.14 -4.79
C SER D 351 51.94 9.08 -3.46
N GLN D 352 51.21 8.96 -2.34
CA GLN D 352 51.86 8.84 -1.04
C GLN D 352 52.52 7.48 -0.85
N LEU D 353 52.27 6.53 -1.74
CA LEU D 353 52.73 5.16 -1.56
C LEU D 353 54.25 5.07 -1.59
N TRP E 4 24.69 36.07 -25.16
CA TRP E 4 24.91 35.74 -26.58
C TRP E 4 25.09 34.24 -26.73
N VAL E 5 24.51 33.49 -25.79
CA VAL E 5 24.66 32.05 -25.77
C VAL E 5 23.94 31.40 -26.95
N ASP E 6 22.90 32.04 -27.48
CA ASP E 6 22.14 31.50 -28.59
C ASP E 6 22.21 32.35 -29.85
N LYS E 7 22.64 33.61 -29.75
CA LYS E 7 22.74 34.45 -30.94
C LYS E 7 23.79 33.92 -31.91
N TYR E 8 24.96 33.54 -31.39
CA TYR E 8 26.06 33.06 -32.21
C TYR E 8 26.36 31.62 -31.79
N ARG E 9 25.65 30.68 -32.42
CA ARG E 9 25.78 29.26 -32.10
C ARG E 9 25.75 28.48 -33.42
N PRO E 10 26.67 27.53 -33.61
CA PRO E 10 26.66 26.75 -34.86
C PRO E 10 25.38 25.97 -35.03
N LYS E 11 24.93 25.86 -36.29
CA LYS E 11 23.72 25.14 -36.63
C LYS E 11 23.96 23.92 -37.49
N SER E 12 25.18 23.71 -37.99
CA SER E 12 25.50 22.56 -38.82
C SER E 12 26.88 22.04 -38.42
N LEU E 13 27.28 20.92 -39.02
CA LEU E 13 28.59 20.35 -38.75
C LEU E 13 29.71 21.21 -39.31
N ASN E 14 29.48 21.86 -40.46
CA ASN E 14 30.47 22.76 -41.03
C ASN E 14 30.57 24.09 -40.29
N ALA E 15 29.63 24.39 -39.41
CA ALA E 15 29.65 25.62 -38.63
C ALA E 15 30.36 25.45 -37.29
N LEU E 16 30.76 24.23 -36.94
CA LEU E 16 31.52 24.00 -35.72
C LEU E 16 32.94 24.56 -35.87
N SER E 17 33.50 25.03 -34.76
CA SER E 17 34.76 25.76 -34.80
C SER E 17 35.77 25.26 -33.78
N HIS E 18 35.58 24.05 -33.24
CA HIS E 18 36.58 23.44 -32.38
C HIS E 18 36.39 21.94 -32.39
N ASN E 19 37.44 21.23 -31.99
CA ASN E 19 37.49 19.76 -32.00
C ASN E 19 37.23 19.23 -33.42
N GLU E 20 38.18 19.56 -34.31
CA GLU E 20 38.05 19.19 -35.71
C GLU E 20 37.97 17.68 -35.89
N GLU E 21 38.72 16.91 -35.08
CA GLU E 21 38.62 15.46 -35.15
C GLU E 21 37.23 14.99 -34.77
N LEU E 22 36.62 15.61 -33.76
CA LEU E 22 35.26 15.25 -33.37
C LEU E 22 34.27 15.59 -34.48
N THR E 23 34.46 16.73 -35.14
CA THR E 23 33.59 17.10 -36.26
C THR E 23 33.72 16.10 -37.40
N ASN E 24 34.96 15.67 -37.70
CA ASN E 24 35.15 14.67 -38.74
C ASN E 24 34.51 13.34 -38.36
N PHE E 25 34.61 12.96 -37.08
CA PHE E 25 33.96 11.73 -36.64
C PHE E 25 32.44 11.83 -36.79
N LEU E 26 31.87 12.98 -36.45
CA LEU E 26 30.44 13.18 -36.63
C LEU E 26 30.04 13.11 -38.10
N LYS E 27 30.85 13.71 -38.98
CA LYS E 27 30.57 13.64 -40.41
C LYS E 27 30.64 12.20 -40.92
N SER E 28 31.61 11.43 -40.43
CA SER E 28 31.72 10.03 -40.80
C SER E 28 30.49 9.25 -40.35
N LEU E 29 30.04 9.51 -39.11
CA LEU E 29 28.86 8.82 -38.60
C LEU E 29 27.60 9.23 -39.35
N SER E 30 27.55 10.47 -39.85
CA SER E 30 26.38 10.97 -40.56
C SER E 30 26.43 10.74 -42.06
N ASP E 31 27.53 10.20 -42.58
CA ASP E 31 27.59 9.89 -44.01
C ASP E 31 26.51 8.91 -44.41
N GLN E 32 26.37 7.83 -43.65
CA GLN E 32 25.25 6.88 -43.81
C GLN E 32 24.37 7.00 -42.58
N PRO E 33 23.27 7.75 -42.65
CA PRO E 33 22.41 7.92 -41.46
C PRO E 33 21.48 6.75 -41.19
N ARG E 34 21.19 5.92 -42.19
CA ARG E 34 20.28 4.79 -41.98
C ARG E 34 20.93 3.67 -41.19
N ASP E 35 22.23 3.45 -41.40
CA ASP E 35 22.98 2.45 -40.63
C ASP E 35 23.74 3.18 -39.52
N LEU E 36 22.99 3.56 -38.49
CA LEU E 36 23.51 4.33 -37.39
C LEU E 36 23.14 3.68 -36.06
N PRO E 37 24.09 3.42 -35.18
CA PRO E 37 23.77 2.86 -33.86
C PRO E 37 23.28 3.94 -32.90
N HIS E 38 22.97 3.50 -31.68
CA HIS E 38 22.59 4.43 -30.63
C HIS E 38 23.83 5.18 -30.13
N LEU E 39 23.65 6.44 -29.76
CA LEU E 39 24.76 7.31 -29.43
C LEU E 39 24.68 7.80 -27.98
N LEU E 40 25.85 7.96 -27.38
CA LEU E 40 26.00 8.45 -26.01
C LEU E 40 27.10 9.49 -26.00
N LEU E 41 26.72 10.76 -25.96
CA LEU E 41 27.65 11.88 -25.94
C LEU E 41 27.98 12.24 -24.50
N TYR E 42 29.24 12.04 -24.11
CA TYR E 42 29.67 12.31 -22.74
C TYR E 42 30.89 13.22 -22.77
N GLY E 43 31.01 14.05 -21.74
CA GLY E 43 32.11 14.97 -21.61
C GLY E 43 31.84 16.02 -20.55
N PRO E 44 32.77 16.98 -20.39
CA PRO E 44 32.56 18.02 -19.39
C PRO E 44 31.34 18.88 -19.72
N ASN E 45 30.71 19.37 -18.66
CA ASN E 45 29.53 20.21 -18.79
C ASN E 45 29.92 21.55 -19.42
N GLY E 46 29.10 22.03 -20.34
CA GLY E 46 29.37 23.27 -21.03
C GLY E 46 30.26 23.17 -22.24
N THR E 47 30.66 21.95 -22.63
CA THR E 47 31.51 21.78 -23.80
C THR E 47 30.78 22.13 -25.08
N GLY E 48 29.50 21.78 -25.19
CA GLY E 48 28.73 22.05 -26.38
C GLY E 48 28.31 20.79 -27.11
N LYS E 49 28.19 19.69 -26.38
CA LYS E 49 27.82 18.41 -27.00
C LYS E 49 26.37 18.41 -27.48
N LYS E 50 25.51 19.18 -26.82
CA LYS E 50 24.14 19.35 -27.31
C LYS E 50 24.14 20.05 -28.66
N THR E 51 24.99 21.07 -28.84
CA THR E 51 25.10 21.72 -30.14
C THR E 51 25.61 20.74 -31.19
N ARG E 52 26.57 19.88 -30.82
CA ARG E 52 27.06 18.89 -31.78
C ARG E 52 26.00 17.87 -32.15
N CYS E 53 25.18 17.42 -31.19
CA CYS E 53 24.11 16.49 -31.53
C CYS E 53 23.05 17.16 -32.40
N MET E 54 22.76 18.43 -32.14
CA MET E 54 21.84 19.17 -33.01
C MET E 54 22.40 19.31 -34.42
N ALA E 55 23.70 19.58 -34.54
CA ALA E 55 24.32 19.66 -35.87
C ALA E 55 24.32 18.31 -36.57
N LEU E 56 24.55 17.23 -35.82
CA LEU E 56 24.47 15.89 -36.40
C LEU E 56 23.06 15.58 -36.89
N LEU E 57 22.05 15.98 -36.13
CA LEU E 57 20.67 15.81 -36.58
C LEU E 57 20.40 16.63 -37.84
N GLU E 58 20.87 17.88 -37.86
CA GLU E 58 20.70 18.73 -39.03
C GLU E 58 21.43 18.18 -40.25
N SER E 59 22.50 17.42 -40.04
CA SER E 59 23.15 16.71 -41.14
C SER E 59 22.39 15.46 -41.57
N ILE E 60 21.80 14.73 -40.62
CA ILE E 60 21.09 13.50 -40.96
C ILE E 60 19.78 13.82 -41.68
N PHE E 61 19.05 14.82 -41.19
CA PHE E 61 17.78 15.24 -41.77
C PHE E 61 17.95 16.62 -42.41
N GLY E 62 16.84 17.20 -42.85
CA GLY E 62 16.87 18.53 -43.42
C GLY E 62 17.10 19.60 -42.37
N PRO E 63 17.19 20.85 -42.84
CA PRO E 63 17.45 21.97 -41.90
C PRO E 63 16.28 22.26 -40.97
N GLY E 64 15.14 21.60 -41.14
CA GLY E 64 13.98 21.85 -40.31
C GLY E 64 14.02 21.23 -38.93
N VAL E 65 15.14 20.61 -38.54
CA VAL E 65 15.25 20.01 -37.23
C VAL E 65 15.15 21.05 -36.11
N TYR E 66 15.75 22.23 -36.31
CA TYR E 66 15.75 23.26 -35.27
C TYR E 66 14.38 23.88 -35.05
N ARG E 67 13.46 23.76 -36.00
CA ARG E 67 12.10 24.25 -35.83
C ARG E 67 11.36 23.25 -34.94
N LEU E 68 11.43 23.49 -33.63
CA LEU E 68 10.88 22.58 -32.63
C LEU E 68 9.77 23.27 -31.85
N LYS E 69 8.95 22.46 -31.19
CA LYS E 69 7.83 22.94 -30.40
C LYS E 69 7.79 22.22 -29.06
N ILE E 70 7.11 22.83 -28.09
CA ILE E 70 6.98 22.26 -26.76
C ILE E 70 5.53 21.82 -26.56
N ASP E 71 5.32 20.54 -26.27
CA ASP E 71 4.00 20.00 -26.01
C ASP E 71 3.94 19.49 -24.58
N VAL E 72 2.72 19.18 -24.14
CA VAL E 72 2.46 18.75 -22.76
C VAL E 72 1.81 17.36 -22.80
N ARG E 73 2.32 16.46 -21.98
CA ARG E 73 1.82 15.09 -21.91
C ARG E 73 1.54 14.71 -20.47
N GLN E 74 0.43 14.02 -20.24
CA GLN E 74 -0.01 13.63 -18.91
C GLN E 74 0.08 12.11 -18.76
N PHE E 75 0.68 11.67 -17.66
CA PHE E 75 0.90 10.26 -17.40
C PHE E 75 0.38 9.92 -16.00
N VAL E 76 0.09 8.64 -15.80
CA VAL E 76 -0.44 8.13 -14.53
C VAL E 76 0.54 7.10 -13.99
N THR E 77 0.95 7.28 -12.74
CA THR E 77 1.86 6.35 -12.07
C THR E 77 1.07 5.28 -11.32
N ALA E 78 1.77 4.50 -10.50
CA ALA E 78 1.10 3.45 -9.73
C ALA E 78 0.22 4.00 -8.62
N SER E 79 0.41 5.26 -8.23
CA SER E 79 -0.39 5.88 -7.19
C SER E 79 -1.51 6.74 -7.76
N ASN E 80 -1.78 6.60 -9.06
CA ASN E 80 -2.81 7.38 -9.76
C ASN E 80 -2.56 8.88 -9.62
N ARG E 81 -1.33 9.29 -9.91
CA ARG E 81 -0.97 10.69 -9.91
C ARG E 81 -0.90 11.22 -11.35
N LYS E 82 -1.07 12.52 -11.49
CA LYS E 82 -1.10 13.18 -12.80
C LYS E 82 0.26 13.83 -13.03
N LEU E 83 1.20 13.03 -13.55
CA LEU E 83 2.53 13.54 -13.85
C LEU E 83 2.51 14.29 -15.16
N GLU E 84 3.05 15.50 -15.17
CA GLU E 84 3.04 16.37 -16.34
C GLU E 84 4.46 16.46 -16.90
N LEU E 85 4.62 16.19 -18.19
CA LEU E 85 5.92 16.23 -18.85
C LEU E 85 5.84 17.17 -20.04
N ASN E 86 6.74 18.14 -20.09
CA ASN E 86 6.88 19.01 -21.25
C ASN E 86 7.93 18.42 -22.19
N VAL E 87 7.53 18.18 -23.43
CA VAL E 87 8.33 17.43 -24.38
C VAL E 87 8.67 18.34 -25.57
N VAL E 88 9.94 18.36 -25.94
CA VAL E 88 10.42 19.07 -27.11
C VAL E 88 10.32 18.13 -28.30
N SER E 89 9.57 18.55 -29.33
CA SER E 89 9.31 17.73 -30.49
C SER E 89 9.70 18.47 -31.76
N SER E 90 10.13 17.71 -32.75
CA SER E 90 10.51 18.20 -34.07
C SER E 90 9.94 17.23 -35.09
N PRO E 91 9.70 17.68 -36.33
CA PRO E 91 9.17 16.78 -37.36
C PRO E 91 10.10 15.63 -37.70
N TYR E 92 11.30 15.60 -37.12
CA TYR E 92 12.25 14.52 -37.36
C TYR E 92 12.83 13.91 -36.09
N HIS E 93 12.64 14.53 -34.92
CA HIS E 93 13.22 14.02 -33.69
C HIS E 93 12.44 14.61 -32.51
N LEU E 94 12.69 14.06 -31.33
CA LEU E 94 12.11 14.60 -30.11
C LEU E 94 13.09 14.45 -28.96
N GLU E 95 12.94 15.34 -27.98
CA GLU E 95 13.86 15.42 -26.84
C GLU E 95 13.08 15.20 -25.55
N ILE E 96 13.62 14.37 -24.68
CA ILE E 96 13.03 14.03 -23.39
C ILE E 96 14.08 14.29 -22.30
N THR E 97 13.64 14.94 -21.22
CA THR E 97 14.50 15.23 -20.07
C THR E 97 13.82 14.63 -18.85
N PRO E 98 14.16 13.39 -18.49
CA PRO E 98 13.50 12.75 -17.34
C PRO E 98 13.98 13.27 -16.00
N SER E 99 14.88 14.26 -16.02
CA SER E 99 15.47 14.78 -14.79
C SER E 99 14.56 15.75 -14.05
N ASP E 100 13.39 16.08 -14.60
CA ASP E 100 12.50 17.07 -14.00
C ASP E 100 11.59 16.48 -12.93
N MET E 101 11.64 15.17 -12.70
CA MET E 101 10.80 14.52 -11.70
C MET E 101 11.66 13.62 -10.83
N GLY E 102 11.02 12.93 -9.89
CA GLY E 102 11.71 12.07 -8.96
C GLY E 102 11.88 10.65 -9.46
N ASN E 103 11.38 9.68 -8.70
CA ASN E 103 11.50 8.27 -9.04
C ASN E 103 10.51 7.82 -10.11
N ASN E 104 9.72 8.72 -10.71
CA ASN E 104 8.77 8.35 -11.75
C ASN E 104 9.35 8.48 -13.15
N ASP E 105 10.68 8.43 -13.27
CA ASP E 105 11.31 8.50 -14.58
C ASP E 105 11.02 7.26 -15.41
N ARG E 106 11.14 6.08 -14.81
CA ARG E 106 10.90 4.84 -15.55
C ARG E 106 9.57 4.89 -16.28
N ILE E 107 8.53 5.40 -15.62
CA ILE E 107 7.22 5.55 -16.25
C ILE E 107 7.35 6.31 -17.56
N VAL E 108 7.86 7.54 -17.50
CA VAL E 108 7.94 8.35 -18.72
C VAL E 108 8.91 7.73 -19.69
N ILE E 109 9.79 6.85 -19.19
CA ILE E 109 10.68 6.10 -20.08
C ILE E 109 9.90 5.02 -20.83
N GLN E 110 9.07 4.25 -20.12
CA GLN E 110 8.52 3.05 -20.72
C GLN E 110 7.39 3.37 -21.68
N GLU E 111 6.36 4.08 -21.21
CA GLU E 111 5.16 4.25 -22.02
C GLU E 111 5.43 5.09 -23.26
N LEU E 112 5.87 6.34 -23.06
CA LEU E 112 5.91 7.30 -24.15
C LEU E 112 6.78 6.80 -25.31
N LEU E 113 7.95 6.24 -25.00
CA LEU E 113 8.79 5.73 -26.07
C LEU E 113 8.10 4.60 -26.83
N LYS E 114 7.43 3.69 -26.13
CA LYS E 114 6.60 2.70 -26.82
C LYS E 114 5.61 3.39 -27.75
N GLU E 115 5.01 4.49 -27.29
CA GLU E 115 4.06 5.23 -28.12
C GLU E 115 4.70 5.69 -29.42
N VAL E 116 5.97 6.12 -29.37
CA VAL E 116 6.63 6.52 -30.61
C VAL E 116 7.28 5.31 -31.27
N ALA E 117 7.52 4.25 -30.49
CA ALA E 117 8.03 3.01 -31.08
C ALA E 117 6.95 2.22 -31.80
N GLN E 118 5.71 2.29 -31.33
CA GLN E 118 4.61 1.56 -31.95
C GLN E 118 3.92 2.37 -33.05
N MET E 119 4.05 3.70 -33.03
CA MET E 119 3.44 4.53 -34.07
C MET E 119 4.20 4.47 -35.38
N GLU E 120 5.52 4.38 -35.35
CA GLU E 120 6.32 4.31 -36.57
C GLU E 120 6.29 2.91 -37.17
N ARG E 134 13.77 7.14 -42.01
CA ARG E 134 12.80 6.10 -41.72
C ARG E 134 12.60 5.93 -40.22
N TYR E 135 13.42 6.62 -39.43
CA TYR E 135 13.37 6.56 -37.98
C TYR E 135 13.21 7.96 -37.39
N LYS E 136 12.80 8.00 -36.13
CA LYS E 136 12.65 9.25 -35.38
C LYS E 136 13.64 9.23 -34.23
N CYS E 137 14.49 10.25 -34.16
CA CYS E 137 15.54 10.29 -33.14
C CYS E 137 14.96 10.68 -31.78
N VAL E 138 15.53 10.09 -30.74
CA VAL E 138 15.14 10.38 -29.36
C VAL E 138 16.38 10.90 -28.63
N ILE E 139 16.28 12.06 -28.01
CA ILE E 139 17.41 12.66 -27.29
C ILE E 139 17.08 12.65 -25.81
N ILE E 140 17.79 11.83 -25.05
CA ILE E 140 17.64 11.80 -23.60
C ILE E 140 18.65 12.78 -23.00
N ASN E 141 18.17 13.94 -22.58
CA ASN E 141 19.02 14.94 -21.96
C ASN E 141 19.24 14.62 -20.49
N GLU E 142 20.48 14.75 -20.04
CA GLU E 142 20.87 14.49 -18.65
C GLU E 142 20.50 13.07 -18.24
N ALA E 143 21.14 12.10 -18.90
CA ALA E 143 20.92 10.69 -18.60
C ALA E 143 21.47 10.29 -17.25
N ASN E 144 22.27 11.14 -16.60
CA ASN E 144 22.78 10.82 -15.27
C ASN E 144 21.66 10.74 -14.24
N SER E 145 20.67 11.63 -14.32
CA SER E 145 19.56 11.63 -13.37
C SER E 145 18.62 10.46 -13.58
N LEU E 146 18.77 9.70 -14.67
CA LEU E 146 17.96 8.50 -14.88
C LEU E 146 18.19 7.50 -13.77
N THR E 147 17.13 7.12 -13.07
CA THR E 147 17.22 6.10 -12.04
C THR E 147 17.56 4.76 -12.67
N LYS E 148 18.16 3.88 -11.87
CA LYS E 148 18.57 2.57 -12.37
C LYS E 148 17.38 1.78 -12.90
N ASP E 149 16.20 1.97 -12.31
CA ASP E 149 14.99 1.33 -12.84
C ASP E 149 14.66 1.87 -14.24
N ALA E 150 14.80 3.18 -14.44
CA ALA E 150 14.56 3.76 -15.76
C ALA E 150 15.55 3.26 -16.79
N GLN E 151 16.83 3.14 -16.41
CA GLN E 151 17.82 2.60 -17.33
C GLN E 151 17.54 1.14 -17.65
N ALA E 152 17.11 0.37 -16.65
CA ALA E 152 16.73 -1.02 -16.90
C ALA E 152 15.55 -1.10 -17.87
N ALA E 153 14.56 -0.23 -17.70
CA ALA E 153 13.42 -0.21 -18.62
C ALA E 153 13.87 0.15 -20.03
N LEU E 154 14.80 1.11 -20.16
CA LEU E 154 15.33 1.49 -21.45
C LEU E 154 16.19 0.39 -22.07
N ARG E 155 16.74 -0.51 -21.25
CA ARG E 155 17.70 -1.50 -21.71
C ARG E 155 17.15 -2.36 -22.85
N ARG E 156 15.97 -2.95 -22.66
CA ARG E 156 15.39 -3.79 -23.71
C ARG E 156 14.67 -2.97 -24.76
N THR E 157 14.12 -1.81 -24.37
CA THR E 157 13.41 -0.96 -25.32
C THR E 157 14.35 -0.45 -26.40
N MET E 158 15.62 -0.23 -26.07
CA MET E 158 16.58 0.24 -27.07
C MET E 158 16.85 -0.82 -28.14
N GLU E 159 16.75 -2.11 -27.78
CA GLU E 159 17.03 -3.18 -28.73
C GLU E 159 15.80 -3.67 -29.48
N LYS E 160 14.64 -3.76 -28.83
CA LYS E 160 13.46 -4.30 -29.51
C LYS E 160 13.05 -3.44 -30.70
N TYR E 161 13.10 -2.12 -30.54
CA TYR E 161 12.72 -1.18 -31.60
C TYR E 161 13.97 -0.38 -31.99
N SER E 162 14.76 -0.96 -32.89
CA SER E 162 15.95 -0.30 -33.40
C SER E 162 15.79 0.20 -34.83
N LYS E 163 14.74 -0.21 -35.53
CA LYS E 163 14.49 0.23 -36.90
C LYS E 163 13.60 1.47 -36.96
N ASN E 164 13.08 1.93 -35.82
CA ASN E 164 12.17 3.06 -35.81
C ASN E 164 12.63 4.14 -34.84
N ILE E 165 13.34 3.75 -33.79
CA ILE E 165 13.74 4.65 -32.72
C ILE E 165 15.23 4.52 -32.47
N ARG E 166 15.94 5.64 -32.54
CA ARG E 166 17.36 5.70 -32.23
C ARG E 166 17.59 6.72 -31.12
N LEU E 167 18.35 6.33 -30.10
CA LEU E 167 18.59 7.18 -28.95
C LEU E 167 19.90 7.94 -29.09
N ILE E 168 19.90 9.19 -28.63
CA ILE E 168 21.09 10.02 -28.54
C ILE E 168 21.08 10.59 -27.13
N MET E 169 21.81 9.96 -26.21
CA MET E 169 21.78 10.34 -24.81
C MET E 169 22.95 11.26 -24.50
N VAL E 170 22.67 12.44 -23.95
CA VAL E 170 23.68 13.42 -23.60
C VAL E 170 23.88 13.38 -22.09
N CYS E 171 25.13 13.23 -21.66
CA CYS E 171 25.45 13.21 -20.24
C CYS E 171 26.81 13.86 -20.03
N ASP E 172 27.05 14.30 -18.79
CA ASP E 172 28.35 14.85 -18.44
C ASP E 172 29.27 13.85 -17.75
N SER E 173 28.74 12.70 -17.34
CA SER E 173 29.55 11.68 -16.68
C SER E 173 28.85 10.34 -16.84
N MET E 174 29.58 9.33 -17.28
CA MET E 174 29.02 7.99 -17.47
C MET E 174 29.07 7.15 -16.20
N SER E 175 29.52 7.72 -15.08
CA SER E 175 29.59 6.95 -13.84
C SER E 175 28.23 6.41 -13.40
N PRO E 176 27.16 7.21 -13.37
CA PRO E 176 25.85 6.64 -12.98
C PRO E 176 25.20 5.80 -14.05
N ILE E 177 25.73 5.79 -15.28
CA ILE E 177 25.15 4.99 -16.34
C ILE E 177 25.54 3.52 -16.15
N ILE E 178 24.55 2.63 -16.19
CA ILE E 178 24.81 1.21 -15.98
C ILE E 178 25.53 0.62 -17.20
N ALA E 179 26.18 -0.52 -16.98
CA ALA E 179 26.97 -1.15 -18.04
C ALA E 179 26.15 -1.57 -19.26
N PRO E 180 24.99 -2.22 -19.14
CA PRO E 180 24.23 -2.57 -20.36
C PRO E 180 23.89 -1.37 -21.22
N ILE E 181 23.55 -0.24 -20.60
CA ILE E 181 23.25 0.96 -21.36
C ILE E 181 24.49 1.43 -22.11
N LYS E 182 25.65 1.39 -21.46
CA LYS E 182 26.89 1.78 -22.12
C LYS E 182 27.19 0.88 -23.31
N SER E 183 27.01 -0.43 -23.14
CA SER E 183 27.35 -1.37 -24.20
C SER E 183 26.38 -1.27 -25.37
N ARG E 184 25.11 -0.95 -25.10
CA ARG E 184 24.10 -0.93 -26.15
C ARG E 184 24.18 0.30 -27.05
N CYS E 185 25.04 1.27 -26.75
CA CYS E 185 25.17 2.46 -27.58
C CYS E 185 26.64 2.78 -27.80
N LEU E 186 26.92 3.39 -28.95
CA LEU E 186 28.26 3.90 -29.21
C LEU E 186 28.55 5.05 -28.25
N LEU E 187 29.82 5.18 -27.87
CA LEU E 187 30.26 6.20 -26.93
C LEU E 187 31.10 7.25 -27.65
N ILE E 188 30.73 8.52 -27.49
CA ILE E 188 31.46 9.63 -28.09
C ILE E 188 31.83 10.61 -26.99
N ARG E 189 33.14 10.86 -26.83
CA ARG E 189 33.64 11.81 -25.87
C ARG E 189 33.78 13.19 -26.51
N CYS E 190 33.43 14.22 -25.76
CA CYS E 190 33.51 15.61 -26.22
C CYS E 190 34.47 16.36 -25.31
N PRO E 191 35.75 16.43 -25.66
CA PRO E 191 36.71 17.17 -24.82
C PRO E 191 36.37 18.65 -24.78
N ALA E 192 36.68 19.28 -23.65
CA ALA E 192 36.45 20.72 -23.52
C ALA E 192 37.34 21.47 -24.49
N PRO E 193 36.85 22.55 -25.10
CA PRO E 193 37.69 23.31 -26.05
C PRO E 193 38.91 23.89 -25.36
N SER E 194 40.01 23.94 -26.11
CA SER E 194 41.24 24.52 -25.61
C SER E 194 41.07 26.03 -25.40
N ASP E 195 41.95 26.60 -24.58
CA ASP E 195 41.87 28.02 -24.28
C ASP E 195 42.04 28.88 -25.52
N SER E 196 42.90 28.46 -26.45
CA SER E 196 43.08 29.21 -27.70
C SER E 196 41.79 29.21 -28.53
N GLU E 197 41.13 28.05 -28.64
CA GLU E 197 39.89 27.99 -29.39
C GLU E 197 38.79 28.81 -28.73
N ILE E 198 38.69 28.74 -27.40
CA ILE E 198 37.72 29.54 -26.67
C ILE E 198 37.98 31.03 -26.88
N SER E 199 39.26 31.42 -26.88
CA SER E 199 39.62 32.80 -27.14
C SER E 199 39.24 33.21 -28.56
N THR E 200 39.41 32.31 -29.53
CA THR E 200 39.01 32.61 -30.90
C THR E 200 37.49 32.84 -31.00
N ILE E 201 36.70 31.98 -30.35
CA ILE E 201 35.26 32.17 -30.37
C ILE E 201 34.88 33.48 -29.68
N LEU E 202 35.54 33.79 -28.56
CA LEU E 202 35.27 35.04 -27.87
C LEU E 202 35.62 36.25 -28.74
N SER E 203 36.73 36.17 -29.48
CA SER E 203 37.11 37.25 -30.38
C SER E 203 36.08 37.44 -31.48
N ASP E 204 35.60 36.33 -32.05
CA ASP E 204 34.55 36.42 -33.06
C ASP E 204 33.29 37.05 -32.49
N VAL E 205 32.90 36.65 -31.27
CA VAL E 205 31.70 37.18 -30.66
C VAL E 205 31.82 38.68 -30.40
N VAL E 206 32.95 39.10 -29.82
CA VAL E 206 33.13 40.52 -29.51
C VAL E 206 33.31 41.35 -30.77
N THR E 207 33.82 40.76 -31.86
CA THR E 207 33.89 41.48 -33.12
C THR E 207 32.50 41.66 -33.72
N ASN E 208 31.68 40.61 -33.68
CA ASN E 208 30.33 40.73 -34.22
C ASN E 208 29.43 41.57 -33.32
N GLU E 209 29.62 41.49 -32.01
CA GLU E 209 28.80 42.22 -31.06
C GLU E 209 29.33 43.62 -30.75
N ARG E 210 30.42 44.04 -31.39
CA ARG E 210 30.98 45.37 -31.22
C ARG E 210 31.36 45.65 -29.76
N ILE E 211 32.27 44.82 -29.25
CA ILE E 211 32.79 44.96 -27.91
C ILE E 211 34.23 45.46 -28.00
N GLN E 212 34.55 46.48 -27.19
CA GLN E 212 35.84 47.16 -27.27
C GLN E 212 36.83 46.47 -26.33
N LEU E 213 37.90 45.92 -26.91
CA LEU E 213 39.00 45.36 -26.15
C LEU E 213 40.26 46.17 -26.43
N GLU E 214 40.90 46.68 -25.37
CA GLU E 214 42.19 47.34 -25.53
C GLU E 214 43.31 46.32 -25.76
N THR E 215 43.15 45.11 -25.22
CA THR E 215 44.09 44.03 -25.46
C THR E 215 43.33 42.70 -25.54
N LYS E 216 43.80 41.81 -26.41
CA LYS E 216 43.11 40.54 -26.61
C LYS E 216 43.28 39.61 -25.42
N ASP E 217 44.35 39.78 -24.64
CA ASP E 217 44.68 38.82 -23.59
C ASP E 217 43.55 38.65 -22.57
N ILE E 218 42.71 39.68 -22.42
CA ILE E 218 41.58 39.60 -21.48
C ILE E 218 40.74 38.38 -21.81
N LEU E 219 40.42 38.21 -23.10
CA LEU E 219 39.65 37.05 -23.53
C LEU E 219 40.30 35.76 -23.05
N LYS E 220 41.62 35.66 -23.25
CA LYS E 220 42.35 34.48 -22.80
C LYS E 220 42.10 34.22 -21.32
N ARG E 221 42.16 35.26 -20.50
CA ARG E 221 41.96 35.08 -19.06
C ARG E 221 40.59 34.48 -18.77
N ILE E 222 39.56 34.89 -19.53
CA ILE E 222 38.22 34.35 -19.34
C ILE E 222 38.25 32.84 -19.51
N ALA E 223 39.01 32.36 -20.50
CA ALA E 223 39.17 30.92 -20.68
C ALA E 223 39.76 30.28 -19.43
N GLN E 224 40.81 30.88 -18.87
CA GLN E 224 41.38 30.34 -17.64
C GLN E 224 40.43 30.49 -16.45
N ALA E 225 39.39 31.30 -16.58
CA ALA E 225 38.35 31.41 -15.56
C ALA E 225 37.15 30.52 -15.85
N SER E 226 37.17 29.77 -16.95
CA SER E 226 36.03 28.96 -17.34
C SER E 226 36.25 27.46 -17.16
N ASN E 227 37.49 27.03 -16.98
CA ASN E 227 37.84 25.61 -16.81
C ASN E 227 37.35 24.79 -18.01
N GLY E 228 37.50 25.35 -19.21
CA GLY E 228 37.13 24.69 -20.43
C GLY E 228 35.68 24.85 -20.84
N ASN E 229 34.86 25.51 -20.03
CA ASN E 229 33.44 25.65 -20.34
C ASN E 229 33.23 26.74 -21.39
N LEU E 230 32.43 26.43 -22.42
CA LEU E 230 32.06 27.44 -23.40
C LEU E 230 30.84 28.24 -22.95
N ARG E 231 29.83 27.56 -22.40
CA ARG E 231 28.66 28.27 -21.88
C ARG E 231 29.07 29.26 -20.81
N VAL E 232 29.88 28.82 -19.85
CA VAL E 232 30.34 29.71 -18.79
C VAL E 232 31.15 30.85 -19.36
N SER E 233 31.97 30.57 -20.38
CA SER E 233 32.81 31.61 -20.97
C SER E 233 31.96 32.71 -21.61
N LEU E 234 30.99 32.33 -22.45
CA LEU E 234 30.16 33.32 -23.10
C LEU E 234 29.29 34.08 -22.10
N LEU E 235 28.72 33.37 -21.12
CA LEU E 235 27.87 34.05 -20.15
C LEU E 235 28.69 34.99 -19.25
N MET E 236 29.92 34.60 -18.93
CA MET E 236 30.79 35.47 -18.16
C MET E 236 31.21 36.70 -18.96
N LEU E 237 31.43 36.52 -20.27
CA LEU E 237 31.70 37.67 -21.13
C LEU E 237 30.52 38.63 -21.15
N GLU E 238 29.30 38.09 -21.25
CA GLU E 238 28.12 38.94 -21.20
C GLU E 238 27.99 39.63 -19.85
N SER E 239 28.39 38.95 -18.77
CA SER E 239 28.40 39.57 -17.45
C SER E 239 29.44 40.69 -17.37
N MET E 240 30.56 40.53 -18.06
CA MET E 240 31.62 41.54 -18.10
C MET E 240 31.25 42.75 -18.92
N ALA E 241 30.48 42.59 -19.99
CA ALA E 241 30.16 43.72 -20.87
C ALA E 241 29.23 44.74 -20.22
N LEU E 242 28.45 44.35 -19.21
CA LEU E 242 27.48 45.25 -18.62
C LEU E 242 28.05 46.10 -17.49
N ASN E 243 29.06 45.62 -16.77
CA ASN E 243 29.70 46.45 -15.75
C ASN E 243 30.64 47.47 -16.40
N ASN E 244 31.31 47.09 -17.47
CA ASN E 244 32.27 47.94 -18.15
C ASN E 244 31.67 48.68 -19.34
N GLU E 245 30.35 48.58 -19.53
CA GLU E 245 29.63 49.32 -20.58
C GLU E 245 30.20 49.02 -21.96
N LEU E 246 30.22 47.73 -22.31
CA LEU E 246 30.57 47.24 -23.64
C LEU E 246 32.00 47.61 -24.03
N ALA E 247 32.87 47.82 -23.06
CA ALA E 247 34.28 48.09 -23.31
C ALA E 247 35.10 47.55 -22.16
N LEU E 248 35.92 46.53 -22.43
CA LEU E 248 36.65 45.80 -21.40
C LEU E 248 38.06 46.34 -21.30
N LYS E 249 38.46 46.74 -20.09
CA LYS E 249 39.78 47.32 -19.84
C LYS E 249 40.74 46.23 -19.36
N SER E 250 41.95 46.65 -18.99
CA SER E 250 42.99 45.70 -18.61
C SER E 250 42.69 45.00 -17.29
N SER E 251 41.95 45.64 -16.39
CA SER E 251 41.68 45.10 -15.07
C SER E 251 40.17 44.98 -14.83
N SER E 252 39.46 44.44 -15.80
CA SER E 252 38.03 44.19 -15.60
C SER E 252 37.85 43.06 -14.61
N PRO E 253 37.13 43.28 -13.51
CA PRO E 253 36.98 42.22 -12.50
C PRO E 253 36.24 41.01 -13.05
N ILE E 254 36.63 39.84 -12.56
CA ILE E 254 36.00 38.59 -12.99
C ILE E 254 34.71 38.41 -12.20
N ILE E 255 33.61 38.28 -12.93
CA ILE E 255 32.29 38.12 -12.32
C ILE E 255 32.04 36.63 -12.12
N LYS E 256 31.92 36.23 -10.87
CA LYS E 256 31.63 34.84 -10.55
C LYS E 256 30.15 34.68 -10.21
N PRO E 257 29.53 33.56 -10.54
CA PRO E 257 28.14 33.34 -10.12
C PRO E 257 28.02 33.35 -8.60
N ASP E 258 26.86 33.79 -8.10
CA ASP E 258 26.72 34.08 -6.67
C ASP E 258 27.01 32.86 -5.81
N TRP E 259 26.57 31.67 -6.24
CA TRP E 259 26.82 30.47 -5.46
C TRP E 259 28.31 30.19 -5.32
N ILE E 260 29.11 30.58 -6.31
CA ILE E 260 30.56 30.40 -6.21
C ILE E 260 31.11 31.24 -5.05
N ILE E 261 30.67 32.49 -4.94
CA ILE E 261 31.13 33.33 -3.83
C ILE E 261 30.61 32.78 -2.50
N VAL E 262 29.37 32.28 -2.47
CA VAL E 262 28.86 31.69 -1.23
C VAL E 262 29.72 30.51 -0.80
N ILE E 263 30.06 29.63 -1.75
CA ILE E 263 30.88 28.47 -1.43
C ILE E 263 32.27 28.89 -1.00
N HIS E 264 32.83 29.91 -1.66
CA HIS E 264 34.16 30.39 -1.29
C HIS E 264 34.17 30.96 0.13
N LYS E 265 33.12 31.71 0.49
CA LYS E 265 32.99 32.19 1.86
C LYS E 265 32.84 31.03 2.83
N LEU E 266 32.15 29.97 2.41
CA LEU E 266 32.04 28.78 3.26
C LEU E 266 33.41 28.15 3.51
N THR E 267 34.24 28.06 2.46
CA THR E 267 35.59 27.52 2.64
C THR E 267 36.44 28.41 3.53
N ARG E 268 36.32 29.72 3.37
CA ARG E 268 37.04 30.63 4.27
C ARG E 268 36.60 30.45 5.72
N LYS E 269 35.29 30.30 5.95
CA LYS E 269 34.80 30.06 7.30
C LYS E 269 35.32 28.73 7.86
N ILE E 270 35.37 27.70 7.01
CA ILE E 270 35.86 26.40 7.44
C ILE E 270 37.33 26.48 7.82
N VAL E 271 38.14 27.12 6.99
CA VAL E 271 39.58 27.18 7.25
C VAL E 271 39.93 28.18 8.35
N LYS E 272 39.03 29.11 8.66
CA LYS E 272 39.32 30.10 9.70
C LYS E 272 38.98 29.59 11.10
N GLU E 273 37.74 29.14 11.30
CA GLU E 273 37.26 28.70 12.60
C GLU E 273 36.70 27.30 12.49
N ARG E 274 37.03 26.45 13.47
CA ARG E 274 36.64 25.04 13.47
C ARG E 274 35.98 24.71 14.80
N SER E 275 34.65 24.73 14.82
CA SER E 275 33.88 24.36 16.01
C SER E 275 32.45 24.06 15.60
N VAL E 276 31.68 23.53 16.55
CA VAL E 276 30.28 23.22 16.30
C VAL E 276 29.47 24.50 16.14
N ASN E 277 29.87 25.59 16.81
CA ASN E 277 29.20 26.86 16.60
C ASN E 277 29.33 27.33 15.15
N SER E 278 30.52 27.18 14.56
CA SER E 278 30.67 27.44 13.14
C SER E 278 30.02 26.35 12.29
N LEU E 279 29.91 25.13 12.82
CA LEU E 279 29.23 24.06 12.10
C LEU E 279 27.76 24.39 11.90
N ILE E 280 27.13 25.04 12.88
CA ILE E 280 25.75 25.46 12.72
C ILE E 280 25.61 26.49 11.60
N GLU E 281 26.56 27.43 11.54
CA GLU E 281 26.55 28.42 10.46
C GLU E 281 26.75 27.76 9.09
N CYS E 282 27.65 26.78 9.02
CA CYS E 282 27.83 26.03 7.79
C CYS E 282 26.57 25.26 7.41
N ARG E 283 25.87 24.70 8.41
CA ARG E 283 24.57 24.07 8.14
C ARG E 283 23.59 25.06 7.54
N ALA E 284 23.53 26.27 8.11
CA ALA E 284 22.62 27.28 7.59
C ALA E 284 22.98 27.65 6.14
N VAL E 285 24.27 27.81 5.87
CA VAL E 285 24.72 28.14 4.51
C VAL E 285 24.36 27.02 3.55
N LEU E 286 24.56 25.76 3.97
CA LEU E 286 24.23 24.63 3.10
C LEU E 286 22.74 24.56 2.84
N TYR E 287 21.91 24.79 3.87
CA TYR E 287 20.46 24.79 3.66
C TYR E 287 20.05 25.90 2.71
N ASP E 288 20.62 27.10 2.87
CA ASP E 288 20.30 28.20 1.97
C ASP E 288 20.70 27.87 0.54
N LEU E 289 21.89 27.27 0.36
CA LEU E 289 22.34 26.92 -0.98
C LEU E 289 21.46 25.85 -1.60
N LEU E 290 21.05 24.84 -0.82
CA LEU E 290 20.28 23.73 -1.36
C LEU E 290 18.84 24.15 -1.66
N ALA E 291 18.28 25.06 -0.86
CA ALA E 291 16.90 25.50 -1.08
C ALA E 291 16.74 26.35 -2.33
N HIS E 292 17.84 26.75 -2.97
CA HIS E 292 17.79 27.63 -4.13
C HIS E 292 18.25 26.92 -5.40
N CYS E 293 17.79 25.68 -5.58
CA CYS E 293 17.87 24.98 -6.87
C CYS E 293 19.32 24.68 -7.28
N ILE E 294 20.09 24.15 -6.36
CA ILE E 294 21.51 23.88 -6.59
C ILE E 294 21.82 22.46 -6.15
N PRO E 295 22.38 21.62 -7.01
CA PRO E 295 22.63 20.22 -6.63
C PRO E 295 23.69 20.10 -5.55
N ALA E 296 23.58 19.00 -4.79
CA ALA E 296 24.54 18.74 -3.72
C ALA E 296 25.87 18.24 -4.24
N ASN E 297 25.87 17.48 -5.33
CA ASN E 297 27.14 17.00 -5.90
C ASN E 297 28.01 18.16 -6.37
N ILE E 298 27.40 19.15 -7.04
CA ILE E 298 28.14 20.31 -7.49
C ILE E 298 28.64 21.11 -6.29
N ILE E 299 27.82 21.23 -5.25
CA ILE E 299 28.23 21.92 -4.03
C ILE E 299 29.46 21.23 -3.43
N LEU E 300 29.41 19.90 -3.33
CA LEU E 300 30.52 19.16 -2.76
C LEU E 300 31.78 19.33 -3.61
N LYS E 301 31.64 19.24 -4.93
CA LYS E 301 32.79 19.38 -5.81
C LYS E 301 33.43 20.75 -5.67
N GLU E 302 32.63 21.81 -5.75
CA GLU E 302 33.18 23.15 -5.64
C GLU E 302 33.77 23.42 -4.26
N LEU E 303 33.10 22.93 -3.21
CA LEU E 303 33.61 23.11 -1.85
C LEU E 303 34.95 22.43 -1.68
N THR E 304 35.07 21.19 -2.15
CA THR E 304 36.35 20.48 -2.03
C THR E 304 37.44 21.15 -2.85
N PHE E 305 37.10 21.60 -4.07
CA PHE E 305 38.11 22.19 -4.92
C PHE E 305 38.56 23.56 -4.43
N SER E 306 37.68 24.32 -3.77
CA SER E 306 38.11 25.56 -3.14
C SER E 306 38.86 25.31 -1.84
N LEU E 307 38.52 24.24 -1.12
CA LEU E 307 39.28 23.86 0.06
C LEU E 307 40.71 23.45 -0.31
N LEU E 308 40.87 22.74 -1.43
CA LEU E 308 42.19 22.34 -1.89
C LEU E 308 43.05 23.53 -2.30
N ASP E 309 42.43 24.64 -2.72
CA ASP E 309 43.18 25.81 -3.16
C ASP E 309 43.68 26.66 -2.01
N VAL E 310 43.28 26.36 -0.77
CA VAL E 310 43.74 27.14 0.38
C VAL E 310 45.21 26.85 0.60
N GLU E 311 46.03 27.91 0.63
CA GLU E 311 47.48 27.75 0.78
C GLU E 311 47.89 27.50 2.23
N THR E 312 47.00 27.72 3.20
CA THR E 312 47.34 27.49 4.60
C THR E 312 47.50 26.01 4.91
N LEU E 313 46.78 25.13 4.21
CA LEU E 313 46.82 23.71 4.48
C LEU E 313 48.03 23.06 3.80
N ASN E 314 48.45 21.92 4.34
CA ASN E 314 49.56 21.14 3.81
C ASN E 314 49.03 19.88 3.16
N THR E 315 49.95 19.11 2.55
CA THR E 315 49.55 17.94 1.78
C THR E 315 48.83 16.91 2.65
N THR E 316 49.23 16.79 3.92
CA THR E 316 48.57 15.86 4.82
C THR E 316 47.09 16.22 5.00
N ASN E 317 46.79 17.51 5.08
CA ASN E 317 45.38 17.93 5.21
C ASN E 317 44.63 17.74 3.90
N LYS E 318 45.25 18.08 2.77
CA LYS E 318 44.56 17.98 1.49
C LYS E 318 44.24 16.53 1.13
N SER E 319 45.16 15.60 1.43
CA SER E 319 44.90 14.19 1.13
C SER E 319 43.71 13.69 1.94
N SER E 320 43.65 14.04 3.23
CA SER E 320 42.52 13.63 4.05
C SER E 320 41.23 14.28 3.56
N ILE E 321 41.31 15.54 3.14
CA ILE E 321 40.11 16.23 2.65
C ILE E 321 39.59 15.56 1.38
N ILE E 322 40.48 15.21 0.45
CA ILE E 322 40.02 14.58 -0.78
C ILE E 322 39.49 13.18 -0.50
N GLU E 323 40.09 12.45 0.45
CA GLU E 323 39.56 11.15 0.82
C GLU E 323 38.15 11.26 1.39
N TYR E 324 37.93 12.21 2.31
CA TYR E 324 36.60 12.43 2.84
C TYR E 324 35.62 12.88 1.78
N SER E 325 36.04 13.72 0.84
CA SER E 325 35.12 14.18 -0.20
C SER E 325 34.70 13.02 -1.09
N SER E 326 35.63 12.12 -1.44
CA SER E 326 35.26 10.95 -2.21
C SER E 326 34.30 10.05 -1.43
N VAL E 327 34.59 9.83 -0.14
CA VAL E 327 33.75 8.95 0.66
C VAL E 327 32.33 9.51 0.76
N PHE E 328 32.22 10.80 1.06
CA PHE E 328 30.90 11.42 1.18
C PHE E 328 30.23 11.65 -0.16
N ASP E 329 31.00 11.70 -1.26
CA ASP E 329 30.39 11.66 -2.58
C ASP E 329 29.72 10.30 -2.80
N GLU E 330 30.37 9.22 -2.38
CA GLU E 330 29.74 7.91 -2.44
C GLU E 330 28.49 7.87 -1.56
N ARG E 331 28.56 8.44 -0.36
CA ARG E 331 27.39 8.52 0.51
C ARG E 331 26.24 9.27 -0.17
N LEU E 332 26.54 10.42 -0.77
CA LEU E 332 25.51 11.23 -1.39
C LEU E 332 24.89 10.52 -2.58
N SER E 333 25.72 9.83 -3.38
CA SER E 333 25.18 9.04 -4.47
C SER E 333 24.34 7.87 -3.99
N LEU E 334 24.64 7.35 -2.79
CA LEU E 334 23.81 6.31 -2.18
C LEU E 334 22.77 6.86 -1.22
N GLY E 335 22.69 8.19 -1.06
CA GLY E 335 21.74 8.82 -0.18
C GLY E 335 20.70 9.63 -0.94
N ASN E 336 19.76 10.19 -0.16
CA ASN E 336 18.68 10.98 -0.73
C ASN E 336 18.61 12.35 -0.09
N LYS E 337 19.03 12.45 1.18
CA LYS E 337 19.01 13.72 1.92
C LYS E 337 20.39 14.35 1.78
N ALA E 338 20.45 15.46 1.03
CA ALA E 338 21.74 16.06 0.68
C ALA E 338 22.46 16.61 1.90
N ILE E 339 21.75 17.35 2.76
CA ILE E 339 22.37 17.93 3.93
C ILE E 339 22.93 16.86 4.85
N PHE E 340 22.24 15.71 4.93
CA PHE E 340 22.64 14.63 5.82
C PHE E 340 24.05 14.15 5.53
N HIS E 341 24.53 14.32 4.29
CA HIS E 341 25.88 13.95 3.91
C HIS E 341 26.82 15.15 3.82
N LEU E 342 26.32 16.30 3.36
CA LEU E 342 27.17 17.49 3.29
C LEU E 342 27.65 17.92 4.67
N GLU E 343 26.76 17.87 5.67
CA GLU E 343 27.15 18.20 7.03
C GLU E 343 28.22 17.24 7.54
N GLY E 344 28.08 15.95 7.24
CA GLY E 344 29.10 15.00 7.64
C GLY E 344 30.45 15.28 7.00
N PHE E 345 30.43 15.61 5.70
CA PHE E 345 31.69 15.92 5.02
C PHE E 345 32.36 17.14 5.64
N ILE E 346 31.59 18.19 5.91
CA ILE E 346 32.18 19.40 6.49
C ILE E 346 32.66 19.13 7.91
N ALA E 347 31.93 18.31 8.66
CA ALA E 347 32.37 17.97 10.02
C ALA E 347 33.68 17.21 9.99
N LYS E 348 33.83 16.25 9.07
CA LYS E 348 35.10 15.54 8.98
C LYS E 348 36.22 16.44 8.49
N VAL E 349 35.92 17.39 7.62
CA VAL E 349 36.93 18.35 7.19
C VAL E 349 37.39 19.19 8.39
N MET E 350 36.46 19.66 9.20
CA MET E 350 36.80 20.40 10.42
C MET E 350 37.63 19.53 11.36
N CYS E 351 37.30 18.24 11.46
CA CYS E 351 38.09 17.33 12.27
C CYS E 351 39.52 17.20 11.75
N CYS E 352 39.69 17.13 10.43
CA CYS E 352 41.02 16.99 9.86
C CYS E 352 41.88 18.21 10.15
N LEU E 353 41.32 19.40 10.01
CA LEU E 353 42.07 20.64 10.21
C LEU E 353 42.23 20.94 11.70
N MET F 7 -13.26 -34.04 -33.82
CA MET F 7 -13.81 -32.69 -33.91
C MET F 7 -15.17 -32.59 -33.24
N LEU F 8 -15.23 -31.81 -32.16
CA LEU F 8 -16.47 -31.63 -31.43
C LEU F 8 -17.34 -30.57 -32.10
N GLU F 9 -18.60 -30.93 -32.37
CA GLU F 9 -19.58 -30.00 -32.93
C GLU F 9 -20.90 -30.25 -32.24
N ALA F 10 -21.36 -29.30 -31.44
CA ALA F 10 -22.62 -29.37 -30.73
C ALA F 10 -23.52 -28.24 -31.18
N LYS F 11 -24.81 -28.52 -31.32
CA LYS F 11 -25.79 -27.54 -31.78
C LYS F 11 -27.00 -27.62 -30.85
N PHE F 12 -27.22 -26.57 -30.07
CA PHE F 12 -28.26 -26.53 -29.05
C PHE F 12 -29.64 -26.29 -29.67
N GLU F 13 -30.68 -26.63 -28.90
CA GLU F 13 -32.03 -26.22 -29.27
C GLU F 13 -32.21 -24.72 -29.10
N GLU F 14 -32.01 -24.23 -27.88
CA GLU F 14 -32.08 -22.80 -27.57
C GLU F 14 -30.75 -22.36 -26.98
N ALA F 15 -30.30 -21.17 -27.38
CA ALA F 15 -29.01 -20.66 -26.92
C ALA F 15 -29.03 -20.20 -25.47
N SER F 16 -30.20 -19.92 -24.90
CA SER F 16 -30.27 -19.46 -23.52
C SER F 16 -30.18 -20.59 -22.51
N LEU F 17 -30.35 -21.84 -22.95
CA LEU F 17 -30.30 -22.96 -22.03
C LEU F 17 -28.90 -23.16 -21.48
N PHE F 18 -27.88 -23.07 -22.34
CA PHE F 18 -26.50 -23.12 -21.89
C PHE F 18 -26.16 -21.94 -20.98
N LYS F 19 -26.69 -20.76 -21.28
CA LYS F 19 -26.46 -19.60 -20.43
C LYS F 19 -27.06 -19.81 -19.04
N ARG F 20 -28.27 -20.37 -18.99
CA ARG F 20 -28.88 -20.68 -17.70
C ARG F 20 -28.08 -21.73 -16.94
N ILE F 21 -27.51 -22.71 -17.65
CA ILE F 21 -26.66 -23.70 -16.99
C ILE F 21 -25.43 -23.02 -16.38
N ILE F 22 -24.75 -22.19 -17.18
CA ILE F 22 -23.50 -21.59 -16.74
C ILE F 22 -23.72 -20.59 -15.61
N ASP F 23 -24.83 -19.84 -15.64
CA ASP F 23 -25.11 -18.89 -14.56
C ASP F 23 -25.26 -19.58 -13.22
N GLY F 24 -25.59 -20.88 -13.20
CA GLY F 24 -25.61 -21.61 -11.95
C GLY F 24 -24.24 -21.74 -11.32
N PHE F 25 -23.20 -21.86 -12.17
CA PHE F 25 -21.84 -22.04 -11.69
C PHE F 25 -21.08 -20.72 -11.53
N LYS F 26 -21.72 -19.59 -11.81
CA LYS F 26 -21.00 -18.34 -12.00
C LYS F 26 -20.23 -17.92 -10.76
N ASP F 27 -20.83 -18.06 -9.58
CA ASP F 27 -20.22 -17.58 -8.36
C ASP F 27 -19.53 -18.67 -7.53
N CYS F 28 -20.03 -19.91 -7.59
CA CYS F 28 -19.47 -20.97 -6.77
C CYS F 28 -18.31 -21.71 -7.46
N VAL F 29 -18.07 -21.47 -8.73
CA VAL F 29 -17.04 -22.18 -9.49
C VAL F 29 -16.31 -21.20 -10.38
N GLN F 30 -14.98 -21.34 -10.45
CA GLN F 30 -14.16 -20.49 -11.32
C GLN F 30 -13.76 -21.21 -12.61
N LEU F 31 -13.17 -22.40 -12.50
CA LEU F 31 -12.64 -23.13 -13.64
C LEU F 31 -13.30 -24.50 -13.73
N VAL F 32 -13.57 -24.94 -14.96
CA VAL F 32 -14.25 -26.22 -15.19
C VAL F 32 -13.51 -26.98 -16.28
N ASN F 33 -13.68 -28.32 -16.24
CA ASN F 33 -13.14 -29.24 -17.25
C ASN F 33 -14.33 -29.97 -17.88
N PHE F 34 -14.78 -29.47 -19.04
CA PHE F 34 -15.81 -30.16 -19.81
C PHE F 34 -15.22 -31.40 -20.45
N GLN F 35 -15.76 -32.56 -20.10
CA GLN F 35 -15.43 -33.81 -20.78
C GLN F 35 -16.50 -34.07 -21.83
N CYS F 36 -16.09 -34.11 -23.09
CA CYS F 36 -16.99 -34.28 -24.21
C CYS F 36 -16.86 -35.70 -24.76
N LYS F 37 -17.95 -36.45 -24.71
CA LYS F 37 -17.95 -37.82 -25.21
C LYS F 37 -19.12 -38.03 -26.16
N GLU F 38 -19.33 -39.27 -26.60
CA GLU F 38 -20.42 -39.57 -27.52
C GLU F 38 -21.79 -39.52 -26.84
N ASP F 39 -21.85 -39.71 -25.52
CA ASP F 39 -23.12 -39.72 -24.81
C ASP F 39 -23.53 -38.35 -24.28
N GLY F 40 -22.66 -37.35 -24.36
CA GLY F 40 -22.99 -36.03 -23.86
C GLY F 40 -21.82 -35.31 -23.22
N ILE F 41 -22.08 -34.18 -22.59
CA ILE F 41 -21.05 -33.38 -21.93
C ILE F 41 -21.17 -33.56 -20.42
N ILE F 42 -20.06 -33.91 -19.79
CA ILE F 42 -19.98 -34.05 -18.33
C ILE F 42 -19.03 -32.98 -17.81
N ALA F 43 -19.27 -32.54 -16.58
CA ALA F 43 -18.40 -31.54 -15.98
C ALA F 43 -18.43 -31.70 -14.47
N GLN F 44 -17.25 -31.64 -13.84
CA GLN F 44 -17.14 -31.69 -12.39
C GLN F 44 -16.15 -30.63 -11.94
N ALA F 45 -16.51 -29.92 -10.86
CA ALA F 45 -15.68 -28.83 -10.34
C ALA F 45 -15.80 -28.77 -8.83
N VAL F 46 -14.78 -28.21 -8.20
CA VAL F 46 -14.72 -28.04 -6.75
C VAL F 46 -14.53 -26.57 -6.45
N ASP F 47 -15.19 -26.08 -5.40
CA ASP F 47 -15.08 -24.69 -5.01
C ASP F 47 -13.66 -24.37 -4.56
N ASP F 48 -13.32 -23.07 -4.61
CA ASP F 48 -12.00 -22.64 -4.16
C ASP F 48 -11.75 -23.03 -2.71
N SER F 49 -12.77 -22.90 -1.86
CA SER F 49 -12.68 -23.36 -0.48
C SER F 49 -12.86 -24.88 -0.36
N ARG F 50 -13.17 -25.56 -1.46
CA ARG F 50 -13.41 -27.00 -1.47
C ARG F 50 -14.48 -27.39 -0.45
N VAL F 51 -15.61 -26.70 -0.52
CA VAL F 51 -16.74 -27.00 0.34
C VAL F 51 -17.90 -27.64 -0.43
N LEU F 52 -18.08 -27.30 -1.71
CA LEU F 52 -19.12 -27.87 -2.54
C LEU F 52 -18.51 -28.41 -3.82
N LEU F 53 -19.18 -29.42 -4.38
CA LEU F 53 -18.78 -30.04 -5.64
C LEU F 53 -19.94 -29.92 -6.62
N VAL F 54 -19.63 -29.50 -7.84
CA VAL F 54 -20.64 -29.35 -8.89
C VAL F 54 -20.42 -30.44 -9.94
N SER F 55 -21.49 -31.16 -10.27
CA SER F 55 -21.46 -32.19 -11.31
C SER F 55 -22.62 -31.95 -12.27
N LEU F 56 -22.30 -31.55 -13.48
CA LEU F 56 -23.28 -31.31 -14.54
C LEU F 56 -23.17 -32.40 -15.59
N GLU F 57 -24.31 -32.91 -16.03
CA GLU F 57 -24.34 -33.82 -17.18
C GLU F 57 -25.48 -33.37 -18.10
N ILE F 58 -25.15 -33.14 -19.37
CA ILE F 58 -26.15 -32.82 -20.39
C ILE F 58 -26.01 -33.84 -21.51
N GLY F 59 -27.06 -34.60 -21.75
CA GLY F 59 -27.05 -35.65 -22.75
C GLY F 59 -27.24 -35.10 -24.15
N VAL F 60 -27.25 -36.03 -25.11
CA VAL F 60 -27.42 -35.67 -26.51
C VAL F 60 -28.83 -35.20 -26.84
N GLU F 61 -29.79 -35.38 -25.93
CA GLU F 61 -31.16 -34.96 -26.19
C GLU F 61 -31.27 -33.44 -26.24
N ALA F 62 -30.56 -32.74 -25.37
CA ALA F 62 -30.64 -31.28 -25.35
C ALA F 62 -30.05 -30.66 -26.60
N PHE F 63 -29.11 -31.34 -27.25
CA PHE F 63 -28.47 -30.82 -28.45
C PHE F 63 -29.31 -31.15 -29.67
N GLN F 64 -29.62 -30.15 -30.48
CA GLN F 64 -30.27 -30.39 -31.76
C GLN F 64 -29.37 -31.23 -32.66
N GLU F 65 -28.07 -30.96 -32.64
CA GLU F 65 -27.10 -31.76 -33.38
C GLU F 65 -25.91 -32.06 -32.48
N TYR F 66 -25.28 -33.20 -32.72
CA TYR F 66 -24.13 -33.60 -31.91
C TYR F 66 -23.19 -34.47 -32.75
N ARG F 67 -21.89 -34.17 -32.65
CA ARG F 67 -20.87 -34.97 -33.32
C ARG F 67 -19.58 -34.87 -32.52
N CYS F 68 -19.19 -35.97 -31.89
CA CYS F 68 -17.97 -36.04 -31.10
C CYS F 68 -17.17 -37.25 -31.58
N ASP F 69 -16.15 -37.00 -32.41
CA ASP F 69 -15.35 -38.09 -32.96
C ASP F 69 -14.57 -38.83 -31.88
N HIS F 70 -13.97 -38.09 -30.96
CA HIS F 70 -13.17 -38.69 -29.90
C HIS F 70 -13.42 -37.90 -28.62
N PRO F 71 -13.15 -38.49 -27.45
CA PRO F 71 -13.30 -37.74 -26.19
C PRO F 71 -12.42 -36.50 -26.19
N VAL F 72 -12.98 -35.39 -25.69
CA VAL F 72 -12.28 -34.12 -25.66
C VAL F 72 -12.30 -33.58 -24.24
N THR F 73 -11.20 -32.92 -23.85
CA THR F 73 -11.10 -32.25 -22.57
C THR F 73 -10.98 -30.75 -22.81
N LEU F 74 -11.95 -29.99 -22.33
CA LEU F 74 -12.01 -28.54 -22.53
C LEU F 74 -11.88 -27.87 -21.17
N GLY F 75 -10.70 -27.34 -20.87
CA GLY F 75 -10.50 -26.60 -19.64
C GLY F 75 -10.77 -25.13 -19.88
N MET F 76 -11.68 -24.56 -19.09
CA MET F 76 -12.15 -23.22 -19.39
C MET F 76 -12.51 -22.48 -18.11
N ASP F 77 -12.55 -21.16 -18.22
CA ASP F 77 -12.87 -20.29 -17.11
C ASP F 77 -14.30 -19.77 -17.29
N LEU F 78 -15.08 -19.81 -16.22
CA LEU F 78 -16.48 -19.43 -16.28
C LEU F 78 -16.68 -17.92 -16.34
N THR F 79 -15.76 -17.15 -15.75
CA THR F 79 -15.91 -15.70 -15.74
C THR F 79 -15.82 -15.10 -17.13
N SER F 80 -15.24 -15.82 -18.09
CA SER F 80 -15.21 -15.41 -19.49
C SER F 80 -16.32 -16.03 -20.32
N LEU F 81 -16.65 -17.29 -20.08
CA LEU F 81 -17.74 -17.93 -20.80
C LEU F 81 -19.08 -17.27 -20.48
N SER F 82 -19.25 -16.77 -19.25
CA SER F 82 -20.47 -16.03 -18.93
C SER F 82 -20.60 -14.79 -19.79
N LYS F 83 -19.52 -14.03 -19.94
CA LYS F 83 -19.53 -12.86 -20.81
C LYS F 83 -19.79 -13.26 -22.25
N ILE F 84 -19.20 -14.37 -22.70
CA ILE F 84 -19.36 -14.79 -24.09
C ILE F 84 -20.80 -15.19 -24.37
N LEU F 85 -21.43 -15.94 -23.46
CA LEU F 85 -22.83 -16.30 -23.65
C LEU F 85 -23.74 -15.10 -23.51
N ARG F 86 -23.37 -14.13 -22.69
CA ARG F 86 -24.17 -12.91 -22.58
C ARG F 86 -24.15 -12.11 -23.88
N CYS F 87 -23.25 -12.44 -24.80
CA CYS F 87 -23.19 -11.79 -26.10
C CYS F 87 -24.26 -12.28 -27.07
N GLY F 88 -25.02 -13.30 -26.71
CA GLY F 88 -26.06 -13.81 -27.59
C GLY F 88 -27.39 -13.09 -27.41
N ASN F 89 -28.47 -13.72 -27.86
CA ASN F 89 -29.80 -13.14 -27.77
C ASN F 89 -30.76 -14.20 -27.23
N ASN F 90 -31.99 -13.77 -26.96
CA ASN F 90 -33.01 -14.68 -26.44
C ASN F 90 -33.53 -15.64 -27.50
N THR F 91 -33.45 -15.27 -28.78
CA THR F 91 -33.99 -16.05 -29.88
C THR F 91 -32.89 -16.60 -30.78
N ASP F 92 -31.69 -16.78 -30.23
CA ASP F 92 -30.56 -17.31 -30.97
C ASP F 92 -30.40 -18.80 -30.71
N THR F 93 -29.53 -19.41 -31.51
CA THR F 93 -29.12 -20.80 -31.32
C THR F 93 -27.60 -20.84 -31.22
N LEU F 94 -27.12 -21.78 -30.39
CA LEU F 94 -25.72 -21.86 -30.01
C LEU F 94 -25.06 -23.09 -30.64
N THR F 95 -23.83 -22.91 -31.08
CA THR F 95 -23.04 -23.99 -31.68
C THR F 95 -21.65 -23.99 -31.06
N LEU F 96 -21.26 -25.12 -30.48
CA LEU F 96 -19.94 -25.30 -29.91
C LEU F 96 -19.05 -26.03 -30.90
N ILE F 97 -17.88 -25.47 -31.18
CA ILE F 97 -16.91 -26.04 -32.11
C ILE F 97 -15.58 -26.21 -31.39
N ALA F 98 -14.99 -27.41 -31.54
CA ALA F 98 -13.66 -27.69 -31.03
C ALA F 98 -12.93 -28.56 -32.05
N ASP F 99 -11.67 -28.22 -32.31
CA ASP F 99 -10.89 -28.95 -33.30
C ASP F 99 -10.46 -30.31 -32.73
N ASN F 100 -9.67 -31.04 -33.53
CA ASN F 100 -9.17 -32.33 -33.09
C ASN F 100 -8.31 -32.17 -31.84
N THR F 101 -7.39 -31.21 -31.86
CA THR F 101 -6.64 -30.86 -30.66
C THR F 101 -7.42 -29.80 -29.88
N PRO F 102 -7.75 -30.05 -28.62
CA PRO F 102 -8.57 -29.08 -27.86
C PRO F 102 -7.87 -27.74 -27.66
N ASP F 103 -8.36 -26.69 -28.32
CA ASP F 103 -7.77 -25.37 -28.23
C ASP F 103 -8.73 -24.32 -28.79
N SER F 104 -8.96 -23.25 -28.03
CA SER F 104 -9.70 -22.08 -28.49
C SER F 104 -11.10 -22.46 -28.98
N ILE F 105 -11.92 -22.90 -28.01
CA ILE F 105 -13.28 -23.30 -28.33
C ILE F 105 -14.03 -22.14 -28.99
N ILE F 106 -14.81 -22.46 -30.02
CA ILE F 106 -15.51 -21.47 -30.82
C ILE F 106 -17.00 -21.58 -30.54
N LEU F 107 -17.63 -20.45 -30.25
CA LEU F 107 -19.07 -20.39 -30.01
C LEU F 107 -19.71 -19.58 -31.12
N LEU F 108 -20.74 -20.16 -31.74
CA LEU F 108 -21.44 -19.55 -32.87
C LEU F 108 -22.87 -19.28 -32.47
N PHE F 109 -23.29 -18.03 -32.55
CA PHE F 109 -24.67 -17.63 -32.32
C PHE F 109 -25.31 -17.34 -33.68
N GLU F 110 -26.44 -18.01 -33.93
CA GLU F 110 -27.16 -17.88 -35.20
C GLU F 110 -28.61 -17.57 -34.92
N ASP F 111 -29.15 -16.54 -35.57
CA ASP F 111 -30.56 -16.22 -35.41
C ASP F 111 -31.42 -17.05 -36.37
N THR F 112 -32.60 -17.44 -35.90
CA THR F 112 -33.54 -18.18 -36.72
C THR F 112 -34.56 -17.31 -37.42
N LYS F 113 -34.78 -16.09 -36.92
CA LYS F 113 -35.67 -15.13 -37.56
C LYS F 113 -34.98 -14.36 -38.68
N LYS F 114 -33.70 -14.06 -38.51
CA LYS F 114 -32.94 -13.27 -39.47
C LYS F 114 -31.63 -13.99 -39.80
N ASP F 115 -30.74 -13.28 -40.51
CA ASP F 115 -29.44 -13.80 -40.90
C ASP F 115 -28.41 -13.02 -40.10
N ARG F 116 -27.76 -13.69 -39.14
CA ARG F 116 -26.70 -13.08 -38.36
C ARG F 116 -25.77 -14.18 -37.87
N ILE F 117 -24.47 -13.88 -37.86
CA ILE F 117 -23.44 -14.82 -37.41
C ILE F 117 -22.63 -14.12 -36.33
N ALA F 118 -22.59 -14.71 -35.14
CA ALA F 118 -21.78 -14.18 -34.04
C ALA F 118 -20.75 -15.23 -33.67
N GLU F 119 -19.51 -15.02 -34.07
CA GLU F 119 -18.43 -15.96 -33.83
C GLU F 119 -17.55 -15.44 -32.69
N TYR F 120 -17.47 -16.21 -31.61
CA TYR F 120 -16.66 -15.85 -30.46
C TYR F 120 -15.66 -16.98 -30.17
N SER F 121 -14.52 -16.62 -29.60
CA SER F 121 -13.48 -17.58 -29.27
C SER F 121 -13.16 -17.51 -27.79
N LEU F 122 -12.77 -18.66 -27.24
CA LEU F 122 -12.34 -18.73 -25.85
C LEU F 122 -11.10 -19.60 -25.77
N LYS F 123 -10.01 -19.04 -25.24
CA LYS F 123 -8.78 -19.80 -25.08
C LYS F 123 -8.92 -20.80 -23.94
N LEU F 124 -8.54 -22.05 -24.22
CA LEU F 124 -8.64 -23.08 -23.20
C LEU F 124 -7.46 -23.00 -22.23
N MET F 125 -7.65 -23.63 -21.07
CA MET F 125 -6.63 -23.68 -20.03
C MET F 125 -6.49 -25.11 -19.53
N ASP F 126 -5.26 -25.48 -19.15
CA ASP F 126 -4.97 -26.84 -18.72
C ASP F 126 -5.15 -26.93 -17.21
N ILE F 127 -6.24 -27.58 -16.79
CA ILE F 127 -6.45 -27.90 -15.39
C ILE F 127 -5.93 -29.31 -15.15
N ASP F 128 -4.83 -29.42 -14.40
CA ASP F 128 -4.17 -30.71 -14.24
C ASP F 128 -5.05 -31.70 -13.49
N ALA F 129 -5.80 -31.23 -12.49
CA ALA F 129 -6.62 -32.13 -11.68
C ALA F 129 -7.73 -32.72 -12.52
N ASP F 130 -7.85 -34.05 -12.49
CA ASP F 130 -8.88 -34.75 -13.24
C ASP F 130 -10.20 -34.72 -12.49
N PHE F 131 -11.29 -34.84 -13.25
CA PHE F 131 -12.65 -34.77 -12.70
C PHE F 131 -13.50 -35.85 -13.34
N LEU F 132 -13.49 -37.05 -12.75
CA LEU F 132 -14.27 -38.17 -13.26
C LEU F 132 -14.91 -38.99 -12.14
N LYS F 133 -14.84 -38.54 -10.90
CA LYS F 133 -15.38 -39.31 -9.79
C LYS F 133 -16.90 -39.29 -9.81
N ILE F 134 -17.50 -40.42 -9.46
CA ILE F 134 -18.95 -40.56 -9.41
C ILE F 134 -19.37 -41.08 -8.03
N GLU F 135 -20.41 -40.48 -7.47
CA GLU F 135 -20.91 -40.85 -6.15
C GLU F 135 -22.22 -41.62 -6.33
N GLU F 136 -22.27 -42.85 -5.82
CA GLU F 136 -23.47 -43.68 -5.87
C GLU F 136 -23.62 -44.36 -4.52
N LEU F 137 -24.37 -43.74 -3.62
CA LEU F 137 -24.60 -44.27 -2.29
C LEU F 137 -26.00 -43.89 -1.83
N GLN F 138 -26.64 -44.80 -1.11
CA GLN F 138 -28.00 -44.56 -0.61
C GLN F 138 -27.98 -43.50 0.49
N TYR F 139 -28.99 -42.63 0.47
CA TYR F 139 -29.12 -41.57 1.46
C TYR F 139 -30.25 -41.87 2.42
N ASP F 140 -30.20 -41.20 3.58
CA ASP F 140 -31.19 -41.42 4.62
C ASP F 140 -32.55 -40.81 4.25
N SER F 141 -32.55 -39.71 3.51
CA SER F 141 -33.79 -39.01 3.18
C SER F 141 -33.69 -38.42 1.79
N THR F 142 -34.79 -38.50 1.04
CA THR F 142 -34.89 -37.93 -0.30
C THR F 142 -36.19 -37.15 -0.39
N LEU F 143 -36.08 -35.84 -0.60
CA LEU F 143 -37.24 -34.97 -0.70
C LEU F 143 -37.22 -34.24 -2.03
N SER F 144 -38.38 -33.71 -2.41
CA SER F 144 -38.51 -32.96 -3.65
C SER F 144 -39.48 -31.81 -3.42
N LEU F 145 -39.05 -30.60 -3.75
CA LEU F 145 -39.89 -29.43 -3.54
C LEU F 145 -39.63 -28.44 -4.67
N PRO F 146 -40.57 -27.54 -4.94
CA PRO F 146 -40.35 -26.55 -6.01
C PRO F 146 -39.11 -25.72 -5.76
N SER F 147 -38.39 -25.42 -6.84
CA SER F 147 -37.13 -24.68 -6.72
C SER F 147 -37.36 -23.27 -6.21
N SER F 148 -38.44 -22.62 -6.65
CA SER F 148 -38.72 -21.26 -6.22
C SER F 148 -38.95 -21.19 -4.72
N GLU F 149 -39.72 -22.13 -4.17
CA GLU F 149 -39.97 -22.13 -2.72
C GLU F 149 -38.69 -22.35 -1.93
N PHE F 150 -37.86 -23.31 -2.33
CA PHE F 150 -36.61 -23.58 -1.63
C PHE F 150 -35.67 -22.39 -1.70
N SER F 151 -35.58 -21.74 -2.87
CA SER F 151 -34.78 -20.53 -2.98
C SER F 151 -35.32 -19.42 -2.09
N LYS F 152 -36.65 -19.29 -2.01
CA LYS F 152 -37.24 -18.28 -1.14
C LYS F 152 -36.86 -18.52 0.31
N ILE F 153 -36.98 -19.77 0.78
CA ILE F 153 -36.60 -20.07 2.17
C ILE F 153 -35.12 -19.81 2.40
N VAL F 154 -34.26 -20.21 1.45
CA VAL F 154 -32.82 -20.03 1.63
C VAL F 154 -32.48 -18.54 1.73
N ARG F 155 -32.99 -17.74 0.79
CA ARG F 155 -32.69 -16.32 0.81
C ARG F 155 -33.38 -15.59 1.96
N ASP F 156 -34.47 -16.14 2.49
CA ASP F 156 -35.15 -15.52 3.62
C ASP F 156 -34.40 -15.78 4.92
N LEU F 157 -33.87 -16.99 5.09
CA LEU F 157 -33.17 -17.34 6.32
C LEU F 157 -31.70 -17.01 6.28
N SER F 158 -31.14 -16.69 5.11
CA SER F 158 -29.74 -16.30 5.06
C SER F 158 -29.48 -14.96 5.73
N GLN F 159 -30.50 -14.12 5.91
CA GLN F 159 -30.32 -12.83 6.54
C GLN F 159 -30.14 -12.93 8.05
N LEU F 160 -30.68 -13.97 8.69
CA LEU F 160 -30.58 -14.09 10.14
C LEU F 160 -29.19 -14.50 10.60
N SER F 161 -28.57 -15.45 9.90
CA SER F 161 -27.27 -15.96 10.31
C SER F 161 -26.55 -16.49 9.07
N ASP F 162 -25.33 -16.99 9.28
CA ASP F 162 -24.53 -17.58 8.22
C ASP F 162 -24.59 -19.09 8.20
N SER F 163 -25.38 -19.70 9.09
CA SER F 163 -25.51 -21.15 9.16
C SER F 163 -27.00 -21.51 9.15
N ILE F 164 -27.37 -22.44 8.28
CA ILE F 164 -28.76 -22.90 8.15
C ILE F 164 -28.79 -24.39 8.44
N ASN F 165 -29.61 -24.79 9.41
CA ASN F 165 -29.72 -26.18 9.82
C ASN F 165 -30.95 -26.79 9.15
N ILE F 166 -30.77 -27.95 8.53
CA ILE F 166 -31.86 -28.70 7.92
C ILE F 166 -32.11 -29.93 8.77
N MET F 167 -33.38 -30.15 9.13
CA MET F 167 -33.82 -31.29 9.92
C MET F 167 -34.94 -32.01 9.17
N ILE F 168 -34.75 -33.31 8.96
CA ILE F 168 -35.74 -34.18 8.34
C ILE F 168 -36.25 -35.12 9.42
N THR F 169 -37.54 -35.03 9.73
CA THR F 169 -38.16 -35.87 10.74
C THR F 169 -39.44 -36.43 10.11
N LYS F 170 -40.21 -37.25 10.81
CA LYS F 170 -41.30 -38.02 10.22
C LYS F 170 -42.32 -37.05 9.61
N GLU F 171 -42.30 -36.98 8.27
CA GLU F 171 -43.18 -36.09 7.51
C GLU F 171 -43.09 -34.64 7.99
N THR F 172 -41.89 -34.21 8.38
CA THR F 172 -41.66 -32.83 8.77
C THR F 172 -40.31 -32.38 8.24
N ILE F 173 -40.29 -31.20 7.62
CA ILE F 173 -39.09 -30.62 7.04
C ILE F 173 -38.86 -29.28 7.73
N LYS F 174 -37.69 -29.10 8.36
CA LYS F 174 -37.44 -27.92 9.17
C LYS F 174 -36.16 -27.23 8.72
N PHE F 175 -36.25 -25.92 8.49
CA PHE F 175 -35.10 -25.06 8.28
C PHE F 175 -35.00 -24.13 9.48
N VAL F 176 -33.85 -24.17 10.17
CA VAL F 176 -33.61 -23.35 11.35
C VAL F 176 -32.43 -22.42 11.07
N ALA F 177 -32.58 -21.15 11.47
CA ALA F 177 -31.52 -20.17 11.31
C ALA F 177 -31.47 -19.32 12.56
N ASP F 178 -30.45 -19.50 13.39
CA ASP F 178 -30.29 -18.77 14.64
C ASP F 178 -29.08 -17.85 14.52
N GLY F 179 -29.31 -16.55 14.69
CA GLY F 179 -28.25 -15.58 14.55
C GLY F 179 -28.16 -14.58 15.69
N ASP F 180 -27.53 -13.43 15.43
CA ASP F 180 -27.36 -12.40 16.44
C ASP F 180 -28.57 -11.49 16.57
N ILE F 181 -29.30 -11.26 15.48
CA ILE F 181 -30.49 -10.42 15.52
C ILE F 181 -31.74 -11.18 15.90
N GLY F 182 -31.68 -12.51 15.99
CA GLY F 182 -32.83 -13.29 16.35
C GLY F 182 -32.70 -14.72 15.83
N SER F 183 -33.85 -15.37 15.67
CA SER F 183 -33.91 -16.74 15.20
C SER F 183 -35.11 -16.90 14.28
N GLY F 184 -35.11 -17.99 13.52
CA GLY F 184 -36.20 -18.28 12.61
C GLY F 184 -36.30 -19.75 12.31
N SER F 185 -37.52 -20.21 12.04
CA SER F 185 -37.77 -21.63 11.80
C SER F 185 -38.92 -21.76 10.81
N VAL F 186 -38.67 -22.46 9.71
CA VAL F 186 -39.68 -22.75 8.70
C VAL F 186 -39.96 -24.25 8.72
N ILE F 187 -41.23 -24.62 8.91
CA ILE F 187 -41.65 -26.01 9.02
C ILE F 187 -42.63 -26.30 7.89
N ILE F 188 -42.37 -27.37 7.14
CA ILE F 188 -43.21 -27.78 6.02
C ILE F 188 -43.55 -29.26 6.20
N LYS F 189 -44.67 -29.67 5.60
CA LYS F 189 -45.11 -31.04 5.58
C LYS F 189 -45.22 -31.55 4.15
N PRO F 190 -44.88 -32.81 3.88
CA PRO F 190 -44.99 -33.33 2.51
C PRO F 190 -46.43 -33.54 2.08
N PHE F 191 -46.87 -32.78 1.08
CA PHE F 191 -48.24 -32.84 0.58
C PHE F 191 -48.24 -33.09 -0.91
N VAL F 192 -49.32 -33.70 -1.39
CA VAL F 192 -49.49 -34.05 -2.80
C VAL F 192 -50.56 -33.14 -3.38
N ASP F 193 -50.21 -32.41 -4.44
CA ASP F 193 -51.10 -31.47 -5.10
C ASP F 193 -51.51 -32.06 -6.45
N MET F 194 -52.75 -32.57 -6.53
CA MET F 194 -53.24 -33.13 -7.78
C MET F 194 -53.57 -32.05 -8.80
N GLU F 195 -53.94 -30.85 -8.36
CA GLU F 195 -54.34 -29.79 -9.29
C GLU F 195 -53.14 -29.21 -10.03
N HIS F 196 -51.96 -29.18 -9.39
CA HIS F 196 -50.71 -28.94 -10.10
C HIS F 196 -49.60 -29.82 -9.54
N PRO F 197 -48.96 -30.64 -10.38
CA PRO F 197 -47.92 -31.55 -9.87
C PRO F 197 -46.60 -30.89 -9.54
N GLU F 198 -46.31 -29.70 -10.10
CA GLU F 198 -45.04 -29.06 -9.85
C GLU F 198 -45.01 -28.24 -8.57
N THR F 199 -46.10 -28.21 -7.82
CA THR F 199 -46.17 -27.51 -6.55
C THR F 199 -46.04 -28.45 -5.35
N SER F 200 -46.36 -29.73 -5.54
CA SER F 200 -46.36 -30.68 -4.44
C SER F 200 -44.94 -30.93 -3.93
N ILE F 201 -44.87 -31.40 -2.68
CA ILE F 201 -43.61 -31.68 -2.00
C ILE F 201 -43.63 -33.14 -1.57
N LYS F 202 -42.63 -33.90 -1.98
CA LYS F 202 -42.53 -35.31 -1.68
C LYS F 202 -41.39 -35.57 -0.71
N LEU F 203 -41.52 -36.62 0.10
CA LEU F 203 -40.50 -36.95 1.10
C LEU F 203 -40.52 -38.46 1.33
N GLU F 204 -39.36 -39.09 1.19
CA GLU F 204 -39.16 -40.48 1.57
C GLU F 204 -37.96 -40.53 2.51
N MET F 205 -38.21 -40.88 3.77
CA MET F 205 -37.19 -40.87 4.81
C MET F 205 -36.98 -42.27 5.36
N ASP F 206 -35.71 -42.61 5.60
CA ASP F 206 -35.34 -43.85 6.27
C ASP F 206 -34.86 -43.64 7.69
N GLN F 207 -34.29 -42.48 8.00
CA GLN F 207 -33.81 -42.17 9.34
C GLN F 207 -33.78 -40.66 9.51
N PRO F 208 -34.16 -40.14 10.67
CA PRO F 208 -34.15 -38.69 10.87
C PRO F 208 -32.75 -38.10 10.68
N VAL F 209 -32.70 -36.89 10.11
CA VAL F 209 -31.46 -36.21 9.82
C VAL F 209 -31.50 -34.82 10.45
N ASP F 210 -30.33 -34.33 10.89
CA ASP F 210 -30.26 -32.99 11.47
C ASP F 210 -28.82 -32.52 11.28
N LEU F 211 -28.61 -31.58 10.36
CA LEU F 211 -27.25 -31.10 10.11
C LEU F 211 -27.28 -29.73 9.46
N THR F 212 -26.17 -29.01 9.55
CA THR F 212 -26.10 -27.59 9.25
C THR F 212 -25.15 -27.30 8.09
N PHE F 213 -25.55 -26.36 7.23
CA PHE F 213 -24.75 -25.89 6.12
C PHE F 213 -24.44 -24.41 6.30
N GLY F 214 -23.53 -23.91 5.47
CA GLY F 214 -23.29 -22.49 5.40
C GLY F 214 -24.32 -21.78 4.52
N ALA F 215 -24.58 -20.51 4.84
CA ALA F 215 -25.63 -19.78 4.15
C ALA F 215 -25.24 -19.37 2.74
N LYS F 216 -24.00 -18.90 2.55
CA LYS F 216 -23.61 -18.35 1.25
C LYS F 216 -23.53 -19.46 0.19
N TYR F 217 -23.05 -20.64 0.58
CA TYR F 217 -23.05 -21.77 -0.36
C TYR F 217 -24.48 -22.17 -0.73
N LEU F 218 -25.40 -22.15 0.23
CA LEU F 218 -26.80 -22.42 -0.11
C LEU F 218 -27.34 -21.37 -1.07
N LEU F 219 -27.01 -20.10 -0.86
CA LEU F 219 -27.42 -19.06 -1.79
C LEU F 219 -26.83 -19.28 -3.17
N ASP F 220 -25.60 -19.79 -3.24
CA ASP F 220 -24.99 -20.08 -4.54
C ASP F 220 -25.65 -21.27 -5.23
N ILE F 221 -26.04 -22.30 -4.47
CA ILE F 221 -26.70 -23.45 -5.07
C ILE F 221 -28.10 -23.10 -5.57
N ILE F 222 -28.84 -22.30 -4.80
CA ILE F 222 -30.21 -21.97 -5.17
C ILE F 222 -30.23 -21.04 -6.38
N LYS F 223 -29.07 -20.57 -6.82
CA LYS F 223 -29.00 -19.81 -8.06
C LYS F 223 -29.28 -20.66 -9.28
N GLY F 224 -29.26 -21.98 -9.14
CA GLY F 224 -29.61 -22.90 -10.20
C GLY F 224 -31.08 -23.16 -10.36
N SER F 225 -31.93 -22.46 -9.60
CA SER F 225 -33.37 -22.66 -9.68
C SER F 225 -33.95 -22.20 -11.01
N SER F 226 -33.19 -21.45 -11.81
CA SER F 226 -33.66 -20.99 -13.11
C SER F 226 -33.68 -22.09 -14.15
N LEU F 227 -33.12 -23.27 -13.85
CA LEU F 227 -33.09 -24.38 -14.80
C LEU F 227 -34.36 -25.22 -14.72
N SER F 228 -34.66 -25.77 -13.54
CA SER F 228 -35.81 -26.62 -13.34
C SER F 228 -36.75 -26.00 -12.31
N ASP F 229 -38.05 -26.29 -12.47
CA ASP F 229 -39.05 -25.78 -11.56
C ASP F 229 -39.14 -26.56 -10.26
N ARG F 230 -38.49 -27.72 -10.18
CA ARG F 230 -38.51 -28.55 -8.98
C ARG F 230 -37.10 -29.05 -8.71
N VAL F 231 -36.71 -29.06 -7.43
CA VAL F 231 -35.39 -29.49 -7.01
C VAL F 231 -35.54 -30.66 -6.04
N GLY F 232 -34.64 -31.62 -6.16
CA GLY F 232 -34.54 -32.73 -5.23
C GLY F 232 -33.41 -32.51 -4.25
N ILE F 233 -33.64 -32.87 -2.99
CA ILE F 233 -32.67 -32.68 -1.92
C ILE F 233 -32.52 -34.01 -1.19
N ARG F 234 -31.30 -34.54 -1.20
CA ARG F 234 -31.02 -35.86 -0.62
C ARG F 234 -29.99 -35.70 0.50
N LEU F 235 -30.34 -36.14 1.70
CA LEU F 235 -29.49 -36.04 2.86
C LEU F 235 -29.20 -37.42 3.44
N SER F 236 -28.03 -37.55 4.05
CA SER F 236 -27.64 -38.75 4.76
C SER F 236 -26.69 -38.37 5.88
N SER F 237 -26.57 -39.25 6.87
CA SER F 237 -25.68 -39.01 7.99
C SER F 237 -24.24 -39.26 7.57
N GLU F 238 -23.36 -38.32 7.89
CA GLU F 238 -21.93 -38.41 7.54
C GLU F 238 -21.74 -38.56 6.03
N ALA F 239 -22.59 -37.88 5.27
CA ALA F 239 -22.53 -37.92 3.81
C ALA F 239 -22.87 -36.54 3.28
N PRO F 240 -22.35 -36.20 2.10
CA PRO F 240 -22.67 -34.89 1.51
C PRO F 240 -24.12 -34.83 1.07
N ALA F 241 -24.64 -33.60 1.01
CA ALA F 241 -26.02 -33.36 0.62
C ALA F 241 -26.10 -33.14 -0.89
N LEU F 242 -27.09 -33.77 -1.51
CA LEU F 242 -27.24 -33.78 -2.95
C LEU F 242 -28.41 -32.86 -3.34
N PHE F 243 -28.08 -31.72 -3.95
CA PHE F 243 -29.09 -30.79 -4.46
C PHE F 243 -29.13 -30.94 -5.98
N GLN F 244 -30.22 -31.50 -6.50
CA GLN F 244 -30.31 -31.89 -7.90
C GLN F 244 -31.40 -31.12 -8.61
N PHE F 245 -31.01 -30.41 -9.68
CA PHE F 245 -31.93 -29.82 -10.65
C PHE F 245 -31.95 -30.74 -11.86
N ASP F 246 -33.12 -31.32 -12.17
CA ASP F 246 -33.25 -32.26 -13.28
C ASP F 246 -33.51 -31.49 -14.56
N LEU F 247 -32.67 -31.71 -15.57
CA LEU F 247 -32.85 -31.09 -16.87
C LEU F 247 -33.56 -32.04 -17.82
N LYS F 248 -33.85 -31.57 -19.03
CA LYS F 248 -34.55 -32.39 -20.02
C LYS F 248 -33.71 -33.58 -20.46
N SER F 249 -32.41 -33.37 -20.67
CA SER F 249 -31.52 -34.41 -21.14
C SER F 249 -30.62 -34.99 -20.06
N GLY F 250 -30.42 -34.27 -18.96
CA GLY F 250 -29.54 -34.72 -17.90
C GLY F 250 -29.89 -34.06 -16.59
N PHE F 251 -28.88 -33.63 -15.83
CA PHE F 251 -29.13 -33.00 -14.55
C PHE F 251 -27.91 -32.22 -14.09
N LEU F 252 -28.10 -31.48 -13.01
CA LEU F 252 -27.02 -30.75 -12.34
C LEU F 252 -27.14 -31.01 -10.85
N GLN F 253 -26.06 -31.48 -10.24
CA GLN F 253 -26.07 -31.88 -8.84
C GLN F 253 -24.96 -31.16 -8.07
N PHE F 254 -25.33 -30.58 -6.94
CA PHE F 254 -24.38 -30.01 -6.00
C PHE F 254 -24.23 -30.96 -4.81
N PHE F 255 -23.02 -31.48 -4.63
CA PHE F 255 -22.65 -32.25 -3.44
C PHE F 255 -22.06 -31.23 -2.45
N LEU F 256 -22.90 -30.76 -1.53
CA LEU F 256 -22.45 -29.75 -0.58
C LEU F 256 -22.26 -30.38 0.80
N ALA F 257 -21.18 -29.95 1.47
CA ALA F 257 -20.70 -30.58 2.68
C ALA F 257 -21.17 -29.81 3.91
N PRO F 258 -21.66 -30.50 4.93
CA PRO F 258 -22.14 -29.79 6.14
C PRO F 258 -20.99 -29.31 7.00
N LYS F 259 -21.35 -28.58 8.05
CA LYS F 259 -20.39 -28.07 9.01
C LYS F 259 -20.16 -29.08 10.13
N PHE F 260 -18.96 -29.06 10.70
CA PHE F 260 -18.68 -29.86 11.88
C PHE F 260 -19.48 -29.35 13.08
N ASN F 261 -20.02 -30.27 13.87
CA ASN F 261 -20.81 -29.90 15.04
C ASN F 261 -19.93 -29.41 16.18
N MET G 7 -48.40 -12.02 28.90
CA MET G 7 -48.45 -12.68 27.60
C MET G 7 -49.28 -11.88 26.61
N LEU G 8 -48.86 -11.88 25.35
CA LEU G 8 -49.53 -11.13 24.30
C LEU G 8 -49.56 -11.98 23.04
N GLU G 9 -50.72 -12.00 22.37
CA GLU G 9 -50.89 -12.72 21.11
C GLU G 9 -51.80 -11.86 20.22
N ALA G 10 -51.22 -11.17 19.26
CA ALA G 10 -51.95 -10.28 18.36
C ALA G 10 -51.91 -10.85 16.95
N LYS G 11 -53.08 -11.07 16.37
CA LYS G 11 -53.20 -11.70 15.05
C LYS G 11 -53.65 -10.65 14.03
N PHE G 12 -52.86 -10.48 12.98
CA PHE G 12 -53.17 -9.53 11.92
C PHE G 12 -54.04 -10.16 10.84
N GLU G 13 -54.63 -9.29 10.01
CA GLU G 13 -55.39 -9.75 8.85
C GLU G 13 -54.46 -10.13 7.70
N GLU G 14 -53.63 -9.18 7.24
CA GLU G 14 -52.56 -9.48 6.31
C GLU G 14 -51.25 -8.98 6.92
N ALA G 15 -50.19 -9.79 6.79
CA ALA G 15 -48.87 -9.36 7.22
C ALA G 15 -48.37 -8.17 6.43
N SER G 16 -48.86 -7.99 5.20
CA SER G 16 -48.42 -6.87 4.37
C SER G 16 -48.77 -5.54 5.00
N LEU G 17 -49.84 -5.49 5.80
CA LEU G 17 -50.22 -4.24 6.45
C LEU G 17 -49.14 -3.80 7.42
N PHE G 18 -48.69 -4.70 8.30
CA PHE G 18 -47.59 -4.38 9.20
C PHE G 18 -46.29 -4.16 8.42
N LYS G 19 -46.10 -4.87 7.32
CA LYS G 19 -44.89 -4.66 6.52
C LYS G 19 -44.83 -3.24 6.00
N ARG G 20 -45.95 -2.73 5.48
CA ARG G 20 -46.00 -1.35 5.02
C ARG G 20 -45.86 -0.36 6.17
N ILE G 21 -46.46 -0.69 7.33
CA ILE G 21 -46.33 0.20 8.49
C ILE G 21 -44.88 0.35 8.88
N ILE G 22 -44.15 -0.77 8.94
CA ILE G 22 -42.73 -0.71 9.30
C ILE G 22 -41.93 -0.02 8.22
N ASP G 23 -42.26 -0.25 6.94
CA ASP G 23 -41.54 0.38 5.85
C ASP G 23 -41.72 1.90 5.87
N GLY G 24 -42.89 2.39 6.30
CA GLY G 24 -43.16 3.82 6.21
C GLY G 24 -42.18 4.67 7.00
N PHE G 25 -41.81 4.23 8.21
CA PHE G 25 -41.01 5.03 9.11
C PHE G 25 -39.69 4.33 9.48
N LYS G 26 -39.20 3.46 8.60
CA LYS G 26 -37.97 2.73 8.87
C LYS G 26 -36.71 3.49 8.47
N ASP G 27 -36.81 4.48 7.60
CA ASP G 27 -35.65 5.21 7.11
C ASP G 27 -35.41 6.52 7.85
N CYS G 28 -36.22 6.82 8.87
CA CYS G 28 -36.03 8.01 9.69
C CYS G 28 -35.55 7.66 11.10
N VAL G 29 -36.18 6.69 11.74
CA VAL G 29 -35.77 6.21 13.05
C VAL G 29 -35.26 4.79 12.92
N GLN G 30 -34.52 4.35 13.94
CA GLN G 30 -33.92 3.02 13.95
C GLN G 30 -34.41 2.14 15.09
N LEU G 31 -34.64 2.73 16.27
CA LEU G 31 -35.09 1.99 17.45
C LEU G 31 -36.41 2.59 17.93
N VAL G 32 -37.40 1.72 18.18
CA VAL G 32 -38.73 2.16 18.58
C VAL G 32 -39.19 1.35 19.78
N ASN G 33 -39.78 2.04 20.75
CA ASN G 33 -40.48 1.40 21.86
C ASN G 33 -41.94 1.20 21.47
N PHE G 34 -42.37 -0.05 21.38
CA PHE G 34 -43.75 -0.41 21.09
C PHE G 34 -44.44 -0.70 22.42
N GLN G 35 -45.36 0.17 22.81
CA GLN G 35 -46.12 0.00 24.04
C GLN G 35 -47.46 -0.63 23.70
N CYS G 36 -47.74 -1.79 24.29
CA CYS G 36 -48.95 -2.54 24.05
C CYS G 36 -49.86 -2.44 25.27
N LYS G 37 -51.07 -1.92 25.06
CA LYS G 37 -52.09 -1.79 26.07
C LYS G 37 -53.38 -2.44 25.57
N GLU G 38 -54.35 -2.55 26.47
CA GLU G 38 -55.64 -3.15 26.11
C GLU G 38 -56.31 -2.41 24.96
N ASP G 39 -56.03 -1.11 24.81
CA ASP G 39 -56.56 -0.36 23.67
C ASP G 39 -55.89 -0.81 22.38
N GLY G 40 -54.58 -0.99 22.39
CA GLY G 40 -53.87 -1.34 21.18
C GLY G 40 -52.36 -1.21 21.28
N ILE G 41 -51.74 -0.64 20.25
CA ILE G 41 -50.30 -0.47 20.20
C ILE G 41 -49.98 0.98 19.89
N ILE G 42 -49.07 1.58 20.67
CA ILE G 42 -48.60 2.94 20.44
C ILE G 42 -47.08 2.92 20.37
N ALA G 43 -46.52 3.68 19.44
CA ALA G 43 -45.07 3.68 19.21
C ALA G 43 -44.62 5.10 18.88
N GLN G 44 -43.76 5.67 19.73
CA GLN G 44 -43.19 6.98 19.49
C GLN G 44 -41.68 6.89 19.50
N ALA G 45 -41.05 7.56 18.53
CA ALA G 45 -39.61 7.47 18.35
C ALA G 45 -39.06 8.82 17.90
N VAL G 46 -37.99 9.27 18.55
CA VAL G 46 -37.31 10.50 18.20
C VAL G 46 -36.18 10.18 17.24
N ASP G 47 -36.02 11.02 16.21
CA ASP G 47 -34.95 10.84 15.23
C ASP G 47 -33.60 11.03 15.91
N ASP G 48 -32.57 10.45 15.29
CA ASP G 48 -31.21 10.56 15.83
C ASP G 48 -30.76 12.01 15.92
N SER G 49 -31.28 12.87 15.04
CA SER G 49 -31.01 14.30 15.10
C SER G 49 -32.00 15.04 15.97
N ARG G 50 -33.00 14.34 16.52
CA ARG G 50 -34.04 14.94 17.36
C ARG G 50 -34.78 16.06 16.63
N VAL G 51 -34.99 15.88 15.33
CA VAL G 51 -35.68 16.87 14.50
C VAL G 51 -37.02 16.37 14.01
N LEU G 52 -37.19 15.06 13.82
CA LEU G 52 -38.46 14.49 13.35
C LEU G 52 -38.92 13.43 14.35
N LEU G 53 -40.11 13.61 14.89
CA LEU G 53 -40.71 12.65 15.81
C LEU G 53 -41.72 11.80 15.03
N VAL G 54 -41.75 10.50 15.32
CA VAL G 54 -42.64 9.56 14.64
C VAL G 54 -43.56 8.94 15.68
N SER G 55 -44.86 9.07 15.46
CA SER G 55 -45.88 8.47 16.32
C SER G 55 -46.75 7.53 15.50
N LEU G 56 -47.18 6.43 16.13
CA LEU G 56 -47.96 5.42 15.44
C LEU G 56 -48.94 4.80 16.42
N GLU G 57 -50.20 4.73 16.03
CA GLU G 57 -51.24 4.08 16.83
C GLU G 57 -51.94 3.04 15.98
N ILE G 58 -52.08 1.83 16.53
CA ILE G 58 -52.82 0.76 15.88
C ILE G 58 -53.85 0.26 16.89
N GLY G 59 -55.14 0.42 16.54
CA GLY G 59 -56.20 0.07 17.46
C GLY G 59 -56.49 -1.42 17.48
N VAL G 60 -57.35 -1.80 18.43
CA VAL G 60 -57.69 -3.21 18.62
C VAL G 60 -58.47 -3.77 17.43
N GLU G 61 -59.09 -2.91 16.63
CA GLU G 61 -59.91 -3.34 15.51
C GLU G 61 -59.11 -3.61 14.25
N ALA G 62 -57.79 -3.40 14.29
CA ALA G 62 -56.92 -3.71 13.16
C ALA G 62 -56.32 -5.11 13.26
N PHE G 63 -56.70 -5.89 14.27
CA PHE G 63 -56.19 -7.23 14.47
C PHE G 63 -57.33 -8.25 14.35
N GLN G 64 -57.02 -9.41 13.79
CA GLN G 64 -57.97 -10.51 13.79
C GLN G 64 -58.23 -11.03 15.19
N GLU G 65 -57.19 -11.18 16.01
CA GLU G 65 -57.34 -11.50 17.42
C GLU G 65 -56.34 -10.66 18.20
N TYR G 66 -56.76 -10.17 19.37
CA TYR G 66 -55.91 -9.35 20.21
C TYR G 66 -55.93 -9.89 21.64
N ARG G 67 -54.76 -9.86 22.28
CA ARG G 67 -54.63 -10.30 23.66
C ARG G 67 -53.59 -9.45 24.38
N CYS G 68 -53.90 -9.05 25.60
CA CYS G 68 -52.98 -8.31 26.46
C CYS G 68 -53.39 -8.51 27.91
N ASP G 69 -52.45 -8.98 28.72
CA ASP G 69 -52.67 -9.09 30.16
C ASP G 69 -52.09 -7.92 30.95
N HIS G 70 -51.19 -7.15 30.34
CA HIS G 70 -50.57 -6.00 30.99
C HIS G 70 -49.89 -5.12 29.94
N PRO G 71 -49.86 -3.80 30.14
CA PRO G 71 -49.11 -2.93 29.21
C PRO G 71 -47.63 -3.31 29.19
N VAL G 72 -47.14 -3.66 28.01
CA VAL G 72 -45.79 -4.20 27.85
C VAL G 72 -45.02 -3.34 26.85
N THR G 73 -43.73 -3.15 27.12
CA THR G 73 -42.85 -2.41 26.23
C THR G 73 -41.95 -3.36 25.46
N LEU G 74 -41.79 -3.08 24.17
CA LEU G 74 -40.95 -3.88 23.28
C LEU G 74 -39.98 -2.95 22.57
N GLY G 75 -38.69 -3.08 22.85
CA GLY G 75 -37.69 -2.28 22.16
C GLY G 75 -37.22 -2.96 20.89
N MET G 76 -37.60 -2.43 19.73
CA MET G 76 -37.36 -3.10 18.46
C MET G 76 -36.46 -2.25 17.57
N ASP G 77 -35.56 -2.92 16.86
CA ASP G 77 -34.72 -2.30 15.84
C ASP G 77 -35.41 -2.49 14.50
N LEU G 78 -35.57 -1.40 13.75
CA LEU G 78 -36.38 -1.44 12.53
C LEU G 78 -35.70 -2.21 11.40
N THR G 79 -34.37 -2.24 11.36
CA THR G 79 -33.69 -3.01 10.33
C THR G 79 -33.95 -4.50 10.50
N SER G 80 -33.81 -5.00 11.73
CA SER G 80 -34.09 -6.41 12.01
C SER G 80 -35.56 -6.73 11.78
N LEU G 81 -36.46 -5.82 12.16
CA LEU G 81 -37.88 -6.04 11.94
C LEU G 81 -38.20 -6.11 10.45
N SER G 82 -37.60 -5.24 9.65
CA SER G 82 -37.80 -5.30 8.20
C SER G 82 -37.24 -6.59 7.62
N LYS G 83 -36.08 -7.02 8.10
CA LYS G 83 -35.51 -8.28 7.64
C LYS G 83 -36.41 -9.46 7.95
N ILE G 84 -37.00 -9.48 9.15
CA ILE G 84 -37.91 -10.56 9.51
C ILE G 84 -39.18 -10.51 8.66
N LEU G 85 -39.76 -9.33 8.50
CA LEU G 85 -41.04 -9.22 7.80
C LEU G 85 -40.91 -9.38 6.30
N ARG G 86 -39.71 -9.17 5.74
CA ARG G 86 -39.51 -9.38 4.30
C ARG G 86 -39.71 -10.83 3.92
N CYS G 87 -39.50 -11.76 4.87
CA CYS G 87 -39.64 -13.18 4.58
C CYS G 87 -41.08 -13.58 4.29
N GLY G 88 -42.05 -12.91 4.89
CA GLY G 88 -43.45 -13.25 4.68
C GLY G 88 -43.95 -12.83 3.31
N ASN G 89 -45.08 -13.41 2.94
CA ASN G 89 -45.74 -13.12 1.67
C ASN G 89 -47.00 -12.30 1.92
N ASN G 90 -47.72 -12.00 0.84
CA ASN G 90 -48.89 -11.15 0.92
C ASN G 90 -50.13 -11.87 1.46
N THR G 91 -50.14 -13.20 1.41
CA THR G 91 -51.32 -13.99 1.78
C THR G 91 -51.07 -14.85 3.01
N ASP G 92 -50.37 -14.31 4.00
CA ASP G 92 -50.12 -15.01 5.26
C ASP G 92 -50.66 -14.19 6.42
N THR G 93 -51.12 -14.90 7.46
CA THR G 93 -51.55 -14.29 8.70
C THR G 93 -50.34 -14.13 9.61
N LEU G 94 -50.15 -12.92 10.13
CA LEU G 94 -49.03 -12.59 11.01
C LEU G 94 -49.50 -12.53 12.45
N THR G 95 -48.79 -13.23 13.33
CA THR G 95 -49.12 -13.30 14.74
C THR G 95 -47.91 -12.89 15.57
N LEU G 96 -48.07 -11.86 16.38
CA LEU G 96 -47.03 -11.40 17.29
C LEU G 96 -47.27 -12.00 18.67
N ILE G 97 -46.26 -12.67 19.21
CA ILE G 97 -46.36 -13.39 20.48
C ILE G 97 -45.26 -12.92 21.41
N ALA G 98 -45.64 -12.62 22.65
CA ALA G 98 -44.70 -12.24 23.70
C ALA G 98 -45.04 -12.98 24.98
N ASP G 99 -44.03 -13.55 25.62
CA ASP G 99 -44.22 -14.31 26.86
C ASP G 99 -43.87 -13.43 28.06
N ASN G 100 -44.02 -14.00 29.24
CA ASN G 100 -43.67 -13.29 30.47
C ASN G 100 -42.17 -13.06 30.52
N THR G 101 -41.78 -11.95 31.18
CA THR G 101 -40.41 -11.45 31.19
C THR G 101 -39.90 -11.36 29.76
N PRO G 102 -40.40 -10.39 28.97
CA PRO G 102 -40.11 -10.39 27.53
C PRO G 102 -38.63 -10.19 27.20
N ASP G 103 -38.00 -11.23 26.66
CA ASP G 103 -36.66 -11.14 26.12
C ASP G 103 -36.62 -11.23 24.61
N SER G 104 -37.67 -11.74 23.98
CA SER G 104 -37.76 -11.84 22.53
C SER G 104 -39.22 -11.88 22.12
N ILE G 105 -39.47 -11.60 20.85
CA ILE G 105 -40.81 -11.57 20.30
C ILE G 105 -40.88 -12.56 19.15
N ILE G 106 -41.94 -13.36 19.12
CA ILE G 106 -42.13 -14.40 18.12
C ILE G 106 -43.08 -13.90 17.04
N LEU G 107 -42.69 -14.04 15.79
CA LEU G 107 -43.51 -13.68 14.64
C LEU G 107 -43.89 -14.97 13.91
N LEU G 108 -45.17 -15.29 13.91
CA LEU G 108 -45.68 -16.48 13.25
C LEU G 108 -46.35 -16.07 11.93
N PHE G 109 -45.89 -16.64 10.83
CA PHE G 109 -46.50 -16.46 9.52
C PHE G 109 -47.19 -17.76 9.17
N GLU G 110 -48.52 -17.72 9.07
CA GLU G 110 -49.32 -18.90 8.80
C GLU G 110 -50.01 -18.75 7.45
N ASP G 111 -49.84 -19.75 6.58
CA ASP G 111 -50.47 -19.74 5.28
C ASP G 111 -51.92 -20.20 5.39
N THR G 112 -52.81 -19.54 4.64
CA THR G 112 -54.22 -19.88 4.69
C THR G 112 -54.58 -21.00 3.72
N LYS G 113 -53.86 -21.15 2.61
CA LYS G 113 -54.12 -22.21 1.65
C LYS G 113 -53.34 -23.48 1.94
N LYS G 114 -52.33 -23.43 2.80
CA LYS G 114 -51.54 -24.60 3.15
C LYS G 114 -51.41 -24.64 4.67
N ASP G 115 -50.58 -25.56 5.16
CA ASP G 115 -50.33 -25.68 6.60
C ASP G 115 -48.90 -25.32 6.97
N ARG G 116 -48.14 -24.75 6.04
CA ARG G 116 -46.75 -24.36 6.33
C ARG G 116 -46.74 -23.18 7.28
N ILE G 117 -45.89 -23.26 8.30
CA ILE G 117 -45.78 -22.23 9.33
C ILE G 117 -44.33 -21.76 9.40
N ALA G 118 -44.15 -20.44 9.49
CA ALA G 118 -42.83 -19.83 9.59
C ALA G 118 -42.76 -19.06 10.90
N GLU G 119 -42.03 -19.61 11.88
CA GLU G 119 -41.89 -18.97 13.19
C GLU G 119 -40.51 -18.34 13.28
N TYR G 120 -40.47 -17.02 13.42
CA TYR G 120 -39.24 -16.26 13.55
C TYR G 120 -39.16 -15.66 14.94
N SER G 121 -37.93 -15.42 15.41
CA SER G 121 -37.70 -14.82 16.71
C SER G 121 -36.89 -13.54 16.53
N LEU G 122 -37.23 -12.51 17.30
CA LEU G 122 -36.50 -11.26 17.28
C LEU G 122 -36.13 -10.88 18.70
N LYS G 123 -34.84 -10.61 18.91
CA LYS G 123 -34.37 -10.20 20.23
C LYS G 123 -34.67 -8.73 20.47
N LEU G 124 -35.21 -8.43 21.65
CA LEU G 124 -35.58 -7.07 21.99
C LEU G 124 -34.34 -6.24 22.35
N MET G 125 -34.55 -4.94 22.45
CA MET G 125 -33.47 -4.00 22.77
C MET G 125 -33.86 -3.17 23.99
N ASP G 126 -32.84 -2.65 24.67
CA ASP G 126 -32.99 -1.78 25.83
C ASP G 126 -32.91 -0.34 25.35
N ILE G 127 -34.05 0.35 25.33
CA ILE G 127 -34.13 1.71 24.83
C ILE G 127 -34.47 2.60 26.02
N ASP G 128 -33.48 3.33 26.51
CA ASP G 128 -33.64 4.22 27.65
C ASP G 128 -34.15 5.58 27.16
N ALA G 129 -35.40 5.59 26.71
CA ALA G 129 -36.06 6.78 26.20
C ALA G 129 -37.26 7.11 27.06
N ASP G 130 -37.46 8.40 27.33
CA ASP G 130 -38.53 8.85 28.19
C ASP G 130 -39.86 8.92 27.43
N PHE G 131 -40.95 8.66 28.15
CA PHE G 131 -42.29 8.74 27.58
C PHE G 131 -42.78 10.18 27.66
N LEU G 132 -42.94 10.82 26.51
CA LEU G 132 -43.45 12.17 26.42
C LEU G 132 -44.87 12.16 25.88
N LYS G 133 -45.58 13.26 26.14
CA LYS G 133 -46.99 13.39 25.82
C LYS G 133 -47.16 14.29 24.61
N ILE G 134 -47.86 13.80 23.59
CA ILE G 134 -48.10 14.58 22.36
C ILE G 134 -49.43 15.30 22.56
N GLU G 135 -49.35 16.49 23.15
CA GLU G 135 -50.53 17.30 23.39
C GLU G 135 -51.07 17.85 22.08
N GLU G 136 -52.39 17.74 21.89
CA GLU G 136 -53.04 18.21 20.68
C GLU G 136 -53.56 19.63 20.89
N LEU G 137 -53.12 20.55 20.04
CA LEU G 137 -53.55 21.94 20.08
C LEU G 137 -54.02 22.37 18.71
N GLN G 138 -54.99 23.29 18.68
CA GLN G 138 -55.53 23.76 17.41
C GLN G 138 -54.44 24.47 16.60
N TYR G 139 -54.38 24.14 15.32
CA TYR G 139 -53.39 24.70 14.40
C TYR G 139 -53.99 25.87 13.63
N ASP G 140 -53.18 26.46 12.75
CA ASP G 140 -53.61 27.59 11.94
C ASP G 140 -54.06 27.18 10.54
N SER G 141 -53.55 26.06 10.02
CA SER G 141 -53.94 25.58 8.70
C SER G 141 -53.95 24.06 8.71
N THR G 142 -55.00 23.47 8.16
CA THR G 142 -55.17 22.02 8.14
C THR G 142 -55.75 21.62 6.80
N LEU G 143 -55.02 20.84 6.01
CA LEU G 143 -55.49 20.45 4.69
C LEU G 143 -55.22 18.97 4.46
N SER G 144 -55.83 18.46 3.40
CA SER G 144 -55.70 17.07 2.98
C SER G 144 -55.59 17.01 1.47
N LEU G 145 -54.52 16.40 0.98
CA LEU G 145 -54.26 16.26 -0.44
C LEU G 145 -53.61 14.89 -0.66
N PRO G 146 -53.72 14.33 -1.87
CA PRO G 146 -53.28 12.94 -2.09
C PRO G 146 -51.81 12.73 -1.77
N SER G 147 -51.51 11.56 -1.20
CA SER G 147 -50.14 11.25 -0.81
C SER G 147 -49.20 11.18 -2.01
N SER G 148 -49.68 10.63 -3.13
CA SER G 148 -48.83 10.50 -4.30
C SER G 148 -48.37 11.84 -4.84
N GLU G 149 -49.29 12.81 -4.92
CA GLU G 149 -48.91 14.14 -5.43
C GLU G 149 -47.88 14.80 -4.53
N PHE G 150 -48.09 14.74 -3.22
CA PHE G 150 -47.15 15.34 -2.29
C PHE G 150 -45.78 14.67 -2.39
N SER G 151 -45.78 13.33 -2.50
CA SER G 151 -44.53 12.61 -2.65
C SER G 151 -43.80 13.01 -3.93
N LYS G 152 -44.55 13.18 -5.04
CA LYS G 152 -43.93 13.61 -6.28
C LYS G 152 -43.34 15.01 -6.14
N ILE G 153 -44.07 15.94 -5.50
CA ILE G 153 -43.55 17.30 -5.34
C ILE G 153 -42.27 17.27 -4.51
N VAL G 154 -42.25 16.50 -3.42
CA VAL G 154 -41.04 16.41 -2.60
C VAL G 154 -39.88 15.82 -3.42
N ARG G 155 -40.15 14.77 -4.19
CA ARG G 155 -39.08 14.14 -4.95
C ARG G 155 -38.53 15.07 -6.04
N ASP G 156 -39.38 15.89 -6.65
CA ASP G 156 -38.88 16.82 -7.66
C ASP G 156 -38.12 17.98 -7.00
N LEU G 157 -38.59 18.45 -5.85
CA LEU G 157 -38.00 19.63 -5.24
C LEU G 157 -36.72 19.32 -4.47
N SER G 158 -36.54 18.07 -4.03
CA SER G 158 -35.33 17.72 -3.29
C SER G 158 -34.09 17.70 -4.18
N GLN G 159 -34.26 17.73 -5.50
CA GLN G 159 -33.13 17.72 -6.42
C GLN G 159 -32.41 19.06 -6.51
N LEU G 160 -32.97 20.12 -5.93
CA LEU G 160 -32.35 21.44 -5.97
C LEU G 160 -31.68 21.80 -4.65
N SER G 161 -32.40 21.67 -3.53
CA SER G 161 -31.86 22.05 -2.23
C SER G 161 -32.36 21.08 -1.17
N ASP G 162 -31.85 21.23 0.05
CA ASP G 162 -32.28 20.46 1.20
C ASP G 162 -33.27 21.22 2.07
N SER G 163 -33.64 22.44 1.70
CA SER G 163 -34.58 23.26 2.45
C SER G 163 -35.82 23.52 1.60
N ILE G 164 -37.00 23.34 2.19
CA ILE G 164 -38.27 23.50 1.50
C ILE G 164 -39.11 24.50 2.26
N ASN G 165 -39.51 25.57 1.58
CA ASN G 165 -40.34 26.61 2.18
C ASN G 165 -41.80 26.32 1.85
N ILE G 166 -42.62 26.21 2.89
CA ILE G 166 -44.05 26.00 2.76
C ILE G 166 -44.74 27.33 3.04
N MET G 167 -45.55 27.77 2.09
CA MET G 167 -46.20 29.08 2.14
C MET G 167 -47.69 28.89 1.88
N ILE G 168 -48.51 28.92 2.92
CA ILE G 168 -49.96 28.84 2.76
C ILE G 168 -50.52 30.25 2.95
N THR G 169 -50.82 30.92 1.84
CA THR G 169 -51.31 32.29 1.84
C THR G 169 -52.38 32.47 0.78
N LYS G 170 -53.46 33.17 1.13
CA LYS G 170 -54.54 33.49 0.19
C LYS G 170 -55.14 32.23 -0.41
N GLU G 171 -55.38 31.22 0.43
CA GLU G 171 -55.79 29.86 0.02
C GLU G 171 -54.96 29.34 -1.15
N THR G 172 -53.69 29.70 -1.23
CA THR G 172 -52.74 29.15 -2.20
C THR G 172 -51.59 28.49 -1.45
N ILE G 173 -51.17 27.32 -1.94
CA ILE G 173 -50.10 26.55 -1.33
C ILE G 173 -48.87 26.69 -2.22
N LYS G 174 -47.76 27.12 -1.64
CA LYS G 174 -46.52 27.36 -2.38
C LYS G 174 -45.41 26.52 -1.76
N PHE G 175 -44.82 25.64 -2.57
CA PHE G 175 -43.66 24.86 -2.17
C PHE G 175 -42.45 25.43 -2.90
N VAL G 176 -41.47 25.91 -2.15
CA VAL G 176 -40.32 26.60 -2.71
C VAL G 176 -39.05 25.84 -2.35
N ALA G 177 -38.17 25.64 -3.33
CA ALA G 177 -36.88 25.00 -3.12
C ALA G 177 -35.81 25.89 -3.76
N ASP G 178 -35.03 26.57 -2.92
CA ASP G 178 -33.99 27.48 -3.38
C ASP G 178 -32.63 26.81 -3.17
N GLY G 179 -32.03 26.34 -4.26
CA GLY G 179 -30.77 25.66 -4.22
C GLY G 179 -29.65 26.43 -4.88
N ASP G 180 -28.49 25.77 -5.02
CA ASP G 180 -27.34 26.38 -5.66
C ASP G 180 -27.58 26.63 -7.14
N ILE G 181 -28.24 25.70 -7.83
CA ILE G 181 -28.51 25.85 -9.25
C ILE G 181 -30.00 26.12 -9.46
N GLY G 182 -30.37 27.39 -9.54
CA GLY G 182 -31.75 27.75 -9.75
C GLY G 182 -32.63 27.52 -8.54
N SER G 183 -33.94 27.59 -8.81
CA SER G 183 -34.95 27.39 -7.78
C SER G 183 -36.17 26.72 -8.40
N GLY G 184 -37.05 26.23 -7.54
CA GLY G 184 -38.27 25.58 -7.99
C GLY G 184 -39.47 25.93 -7.16
N SER G 185 -40.57 26.32 -7.79
CA SER G 185 -41.79 26.72 -7.10
C SER G 185 -42.98 25.93 -7.62
N VAL G 186 -43.78 25.41 -6.69
CA VAL G 186 -44.99 24.67 -7.02
C VAL G 186 -46.17 25.38 -6.36
N ILE G 187 -47.19 25.69 -7.15
CA ILE G 187 -48.38 26.40 -6.68
C ILE G 187 -49.56 25.45 -6.79
N ILE G 188 -50.31 25.32 -5.70
CA ILE G 188 -51.45 24.41 -5.63
C ILE G 188 -52.67 25.19 -5.13
N LYS G 189 -53.79 25.04 -5.83
CA LYS G 189 -55.07 25.63 -5.47
C LYS G 189 -56.04 24.53 -5.06
N PRO G 190 -56.60 24.55 -3.86
CA PRO G 190 -57.52 23.48 -3.45
C PRO G 190 -58.77 23.48 -4.30
N PHE G 191 -59.27 22.28 -4.58
CA PHE G 191 -60.46 22.08 -5.40
C PHE G 191 -61.20 20.83 -4.94
N VAL G 192 -62.52 20.83 -5.11
CA VAL G 192 -63.38 19.75 -4.68
C VAL G 192 -63.95 19.10 -5.93
N ASP G 193 -63.59 17.85 -6.17
CA ASP G 193 -63.96 17.16 -7.39
C ASP G 193 -64.98 16.07 -7.01
N MET G 194 -66.14 16.09 -7.66
CA MET G 194 -67.31 15.42 -7.10
C MET G 194 -67.20 13.90 -7.17
N GLU G 195 -66.99 13.33 -8.36
CA GLU G 195 -67.25 11.90 -8.56
C GLU G 195 -66.23 11.02 -7.85
N HIS G 196 -65.02 11.53 -7.63
CA HIS G 196 -64.15 10.87 -6.64
C HIS G 196 -63.61 11.91 -5.67
N PRO G 197 -64.04 11.89 -4.41
CA PRO G 197 -63.41 12.76 -3.41
C PRO G 197 -62.00 12.34 -3.04
N GLU G 198 -61.56 11.15 -3.48
CA GLU G 198 -60.27 10.59 -3.11
C GLU G 198 -59.11 11.53 -3.44
N THR G 199 -59.14 12.11 -4.64
CA THR G 199 -58.05 12.97 -5.11
C THR G 199 -58.33 14.45 -4.85
N SER G 200 -59.40 14.77 -4.13
CA SER G 200 -59.72 16.16 -3.84
C SER G 200 -58.75 16.70 -2.79
N ILE G 201 -58.76 18.03 -2.62
CA ILE G 201 -57.91 18.72 -1.66
C ILE G 201 -58.83 19.51 -0.74
N LYS G 202 -58.98 19.04 0.50
CA LYS G 202 -59.84 19.70 1.47
C LYS G 202 -58.99 20.53 2.42
N LEU G 203 -59.12 21.85 2.34
CA LEU G 203 -58.22 22.75 3.06
C LEU G 203 -59.02 23.72 3.92
N GLU G 204 -58.54 23.97 5.13
CA GLU G 204 -59.04 25.01 6.00
C GLU G 204 -57.87 25.88 6.43
N MET G 205 -57.87 27.14 6.03
CA MET G 205 -56.78 28.07 6.32
C MET G 205 -57.35 29.22 7.14
N ASP G 206 -56.72 29.50 8.29
CA ASP G 206 -57.11 30.61 9.16
C ASP G 206 -56.08 31.73 9.14
N GLN G 207 -54.81 31.42 9.44
CA GLN G 207 -53.73 32.37 9.26
C GLN G 207 -52.82 31.92 8.13
N PRO G 208 -52.29 32.84 7.33
CA PRO G 208 -51.26 32.46 6.34
C PRO G 208 -49.96 32.09 7.03
N VAL G 209 -49.45 30.90 6.77
CA VAL G 209 -48.30 30.36 7.50
C VAL G 209 -47.11 30.23 6.56
N ASP G 210 -45.94 30.61 7.06
CA ASP G 210 -44.68 30.53 6.32
C ASP G 210 -43.70 29.75 7.17
N LEU G 211 -43.43 28.51 6.78
CA LEU G 211 -42.47 27.65 7.48
C LEU G 211 -41.42 27.17 6.50
N THR G 212 -40.36 26.58 7.05
CA THR G 212 -39.32 25.96 6.23
C THR G 212 -38.86 24.68 6.91
N PHE G 213 -38.73 23.62 6.13
CA PHE G 213 -38.42 22.29 6.63
C PHE G 213 -37.22 21.72 5.86
N GLY G 214 -36.75 20.56 6.33
CA GLY G 214 -35.66 19.87 5.67
C GLY G 214 -36.17 18.90 4.63
N ALA G 215 -35.50 18.87 3.47
CA ALA G 215 -35.93 18.01 2.38
C ALA G 215 -35.74 16.53 2.71
N LYS G 216 -34.66 16.18 3.41
CA LYS G 216 -34.42 14.78 3.74
C LYS G 216 -35.52 14.23 4.65
N TYR G 217 -35.91 15.02 5.66
CA TYR G 217 -37.03 14.60 6.50
C TYR G 217 -38.32 14.51 5.70
N LEU G 218 -38.50 15.39 4.72
CA LEU G 218 -39.69 15.30 3.86
C LEU G 218 -39.69 14.00 3.06
N LEU G 219 -38.54 13.60 2.52
CA LEU G 219 -38.46 12.31 1.83
C LEU G 219 -38.75 11.16 2.78
N ASP G 220 -38.20 11.21 4.00
CA ASP G 220 -38.48 10.15 4.97
C ASP G 220 -39.97 10.09 5.31
N ILE G 221 -40.65 11.24 5.32
CA ILE G 221 -42.07 11.27 5.62
C ILE G 221 -42.89 10.72 4.46
N ILE G 222 -42.59 11.17 3.24
CA ILE G 222 -43.31 10.69 2.05
C ILE G 222 -42.98 9.26 1.70
N LYS G 223 -41.93 8.67 2.28
CA LYS G 223 -41.67 7.25 2.08
C LYS G 223 -42.79 6.38 2.64
N GLY G 224 -43.62 6.93 3.52
CA GLY G 224 -44.76 6.21 4.06
C GLY G 224 -46.04 6.46 3.29
N SER G 225 -45.92 6.82 2.02
CA SER G 225 -47.09 7.09 1.19
C SER G 225 -47.67 5.79 0.63
N SER G 226 -47.91 4.81 1.50
CA SER G 226 -48.54 3.56 1.11
C SER G 226 -49.59 3.10 2.11
N LEU G 227 -49.77 3.82 3.22
CA LEU G 227 -50.77 3.47 4.22
C LEU G 227 -52.09 4.19 4.02
N SER G 228 -52.15 5.17 3.13
CA SER G 228 -53.37 5.93 2.89
C SER G 228 -53.29 6.57 1.51
N ASP G 229 -54.41 7.18 1.09
CA ASP G 229 -54.48 7.85 -0.19
C ASP G 229 -54.09 9.32 -0.10
N ARG G 230 -54.51 10.00 0.97
CA ARG G 230 -54.18 11.40 1.19
C ARG G 230 -53.36 11.53 2.47
N VAL G 231 -52.86 12.74 2.70
CA VAL G 231 -52.09 13.06 3.89
C VAL G 231 -52.76 14.24 4.60
N GLY G 232 -53.00 14.09 5.89
CA GLY G 232 -53.46 15.20 6.70
C GLY G 232 -52.30 16.06 7.11
N ILE G 233 -52.21 17.26 6.53
CA ILE G 233 -51.05 18.14 6.71
C ILE G 233 -51.50 19.33 7.54
N ARG G 234 -50.89 19.51 8.71
CA ARG G 234 -51.29 20.54 9.66
C ARG G 234 -50.09 21.41 9.97
N LEU G 235 -50.26 22.73 9.82
CA LEU G 235 -49.18 23.70 9.97
C LEU G 235 -49.39 24.51 11.24
N SER G 236 -48.27 24.97 11.81
CA SER G 236 -48.29 25.87 12.95
C SER G 236 -47.00 26.67 12.96
N SER G 237 -47.11 27.98 13.19
CA SER G 237 -45.95 28.85 13.06
C SER G 237 -44.98 28.70 14.24
N GLU G 238 -45.48 28.40 15.44
CA GLU G 238 -44.62 28.18 16.58
C GLU G 238 -44.54 26.72 17.02
N ALA G 239 -45.14 25.80 16.27
CA ALA G 239 -45.17 24.40 16.63
C ALA G 239 -44.76 23.53 15.44
N PRO G 240 -44.19 22.35 15.69
CA PRO G 240 -43.86 21.45 14.57
C PRO G 240 -45.11 21.01 13.83
N ALA G 241 -44.97 20.86 12.51
CA ALA G 241 -46.09 20.47 11.67
C ALA G 241 -46.40 18.98 11.84
N LEU G 242 -47.67 18.65 11.62
CA LEU G 242 -48.18 17.28 11.72
C LEU G 242 -48.43 16.74 10.31
N PHE G 243 -47.72 15.67 9.95
CA PHE G 243 -47.93 14.99 8.67
C PHE G 243 -48.52 13.62 9.01
N GLN G 244 -49.82 13.43 8.74
CA GLN G 244 -50.56 12.28 9.25
C GLN G 244 -51.04 11.41 8.11
N PHE G 245 -50.85 10.09 8.26
CA PHE G 245 -51.41 9.07 7.38
C PHE G 245 -52.39 8.25 8.19
N ASP G 246 -53.68 8.34 7.87
CA ASP G 246 -54.71 7.64 8.63
C ASP G 246 -54.78 6.17 8.24
N LEU G 247 -55.15 5.34 9.21
CA LEU G 247 -55.30 3.90 9.03
C LEU G 247 -56.75 3.51 9.26
N LYS G 248 -57.02 2.21 9.15
CA LYS G 248 -58.38 1.71 9.39
C LYS G 248 -58.78 1.89 10.85
N SER G 249 -57.83 1.74 11.77
CA SER G 249 -58.12 1.95 13.19
C SER G 249 -57.01 2.72 13.91
N GLY G 250 -56.00 3.20 13.21
CA GLY G 250 -54.91 3.94 13.82
C GLY G 250 -54.44 5.04 12.90
N PHE G 251 -53.20 5.47 13.11
CA PHE G 251 -52.62 6.56 12.32
C PHE G 251 -51.11 6.56 12.49
N LEU G 252 -50.44 7.24 11.56
CA LEU G 252 -49.00 7.44 11.58
C LEU G 252 -48.73 8.93 11.43
N GLN G 253 -48.28 9.57 12.50
CA GLN G 253 -48.01 11.01 12.51
C GLN G 253 -46.50 11.25 12.48
N PHE G 254 -46.11 12.31 11.78
CA PHE G 254 -44.75 12.82 11.81
C PHE G 254 -44.80 14.25 12.32
N PHE G 255 -44.12 14.51 13.44
CA PHE G 255 -43.94 15.84 13.99
C PHE G 255 -42.64 16.37 13.42
N LEU G 256 -42.74 17.33 12.50
CA LEU G 256 -41.56 17.90 11.86
C LEU G 256 -41.33 19.31 12.39
N ALA G 257 -40.18 19.51 13.02
CA ALA G 257 -39.83 20.85 13.52
C ALA G 257 -39.34 21.72 12.38
N PRO G 258 -39.85 22.94 12.24
CA PRO G 258 -39.45 23.79 11.12
C PRO G 258 -38.08 24.40 11.34
N LYS G 259 -37.61 25.11 10.31
CA LYS G 259 -36.35 25.83 10.38
C LYS G 259 -36.51 27.08 11.24
N PHE G 260 -35.38 27.75 11.48
CA PHE G 260 -35.38 29.02 12.19
C PHE G 260 -35.75 30.13 11.21
N ASN G 261 -36.89 30.78 11.44
CA ASN G 261 -37.36 31.86 10.56
C ASN G 261 -36.69 33.16 11.01
N ASP G 262 -35.40 33.26 10.72
CA ASP G 262 -34.63 34.44 11.11
C ASP G 262 -35.11 35.66 10.34
N GLU G 263 -35.19 36.79 11.06
CA GLU G 263 -35.75 38.06 10.56
C GLU G 263 -36.84 37.89 9.51
N MET H 7 -36.69 37.98 -26.53
CA MET H 7 -36.81 36.94 -25.52
C MET H 7 -36.93 35.57 -26.17
N LEU H 8 -36.81 34.52 -25.35
CA LEU H 8 -36.87 33.14 -25.80
C LEU H 8 -38.06 32.45 -25.16
N GLU H 9 -38.96 31.91 -25.99
CA GLU H 9 -40.14 31.20 -25.53
C GLU H 9 -40.25 29.90 -26.33
N ALA H 10 -39.98 28.77 -25.68
CA ALA H 10 -40.01 27.47 -26.34
C ALA H 10 -41.00 26.57 -25.62
N LYS H 11 -42.16 26.35 -26.25
CA LYS H 11 -43.19 25.47 -25.71
C LYS H 11 -42.98 24.08 -26.33
N PHE H 12 -42.47 23.17 -25.53
CA PHE H 12 -42.19 21.81 -25.99
C PHE H 12 -43.47 21.02 -26.18
N GLU H 13 -43.40 19.99 -27.03
CA GLU H 13 -44.51 19.06 -27.18
C GLU H 13 -44.65 18.19 -25.94
N GLU H 14 -43.55 17.67 -25.41
CA GLU H 14 -43.57 16.82 -24.23
C GLU H 14 -42.23 16.91 -23.51
N ALA H 15 -42.28 16.86 -22.18
CA ALA H 15 -41.05 16.93 -21.39
C ALA H 15 -40.21 15.67 -21.56
N SER H 16 -40.85 14.53 -21.82
CA SER H 16 -40.10 13.29 -21.98
C SER H 16 -39.17 13.34 -23.17
N LEU H 17 -39.57 14.03 -24.25
CA LEU H 17 -38.70 14.16 -25.41
C LEU H 17 -37.39 14.82 -25.04
N PHE H 18 -37.47 16.01 -24.41
CA PHE H 18 -36.26 16.71 -24.00
C PHE H 18 -35.49 15.94 -22.95
N LYS H 19 -36.19 15.20 -22.08
CA LYS H 19 -35.51 14.34 -21.12
C LYS H 19 -34.63 13.31 -21.83
N ARG H 20 -35.16 12.65 -22.84
CA ARG H 20 -34.37 11.66 -23.58
C ARG H 20 -33.24 12.32 -24.36
N ILE H 21 -33.51 13.48 -24.99
CA ILE H 21 -32.45 14.15 -25.74
C ILE H 21 -31.30 14.54 -24.83
N ILE H 22 -31.60 15.01 -23.62
CA ILE H 22 -30.53 15.32 -22.68
C ILE H 22 -29.85 14.06 -22.18
N ASP H 23 -30.62 13.00 -21.91
CA ASP H 23 -30.04 11.74 -21.47
C ASP H 23 -29.13 11.12 -22.54
N GLY H 24 -29.28 11.54 -23.79
CA GLY H 24 -28.45 10.98 -24.85
C GLY H 24 -26.96 11.17 -24.62
N PHE H 25 -26.55 12.25 -23.95
CA PHE H 25 -25.14 12.52 -23.73
C PHE H 25 -24.89 12.91 -22.27
N LYS H 26 -25.42 12.12 -21.34
CA LYS H 26 -25.23 12.41 -19.92
C LYS H 26 -23.75 12.35 -19.54
N ASP H 27 -23.11 11.20 -19.75
CA ASP H 27 -21.74 10.98 -19.28
C ASP H 27 -20.68 11.40 -20.30
N CYS H 28 -21.03 12.25 -21.27
CA CYS H 28 -20.05 12.73 -22.23
C CYS H 28 -19.39 14.02 -21.77
N VAL H 29 -20.21 15.04 -21.49
CA VAL H 29 -19.73 16.35 -21.06
C VAL H 29 -20.54 16.79 -19.85
N GLN H 30 -20.00 17.78 -19.13
CA GLN H 30 -20.62 18.28 -17.91
C GLN H 30 -21.21 19.68 -18.08
N LEU H 31 -20.40 20.65 -18.50
CA LEU H 31 -20.83 22.05 -18.59
C LEU H 31 -20.60 22.54 -20.01
N VAL H 32 -21.68 22.95 -20.69
CA VAL H 32 -21.62 23.37 -22.08
C VAL H 32 -22.59 24.54 -22.29
N ASN H 33 -22.45 25.19 -23.44
CA ASN H 33 -23.29 26.31 -23.84
C ASN H 33 -24.16 25.92 -25.02
N PHE H 34 -25.46 26.13 -24.88
CA PHE H 34 -26.41 25.94 -25.99
C PHE H 34 -26.57 27.26 -26.72
N GLN H 35 -26.30 27.26 -28.03
CA GLN H 35 -26.56 28.44 -28.83
C GLN H 35 -27.99 28.39 -29.36
N CYS H 36 -28.79 29.41 -29.04
CA CYS H 36 -30.19 29.46 -29.45
C CYS H 36 -30.34 30.58 -30.46
N LYS H 37 -30.68 30.21 -31.69
CA LYS H 37 -30.90 31.14 -32.78
C LYS H 37 -32.21 30.75 -33.49
N GLU H 38 -32.67 31.62 -34.39
CA GLU H 38 -34.06 31.60 -34.84
C GLU H 38 -34.44 30.27 -35.50
N ASP H 39 -33.58 29.72 -36.36
CA ASP H 39 -33.96 28.51 -37.08
C ASP H 39 -33.80 27.24 -36.26
N GLY H 40 -33.20 27.31 -35.08
CA GLY H 40 -33.03 26.14 -34.25
C GLY H 40 -31.94 26.36 -33.23
N ILE H 41 -31.72 25.34 -32.41
CA ILE H 41 -30.78 25.37 -31.29
C ILE H 41 -29.65 24.41 -31.58
N ILE H 42 -28.42 24.88 -31.38
CA ILE H 42 -27.20 24.14 -31.64
C ILE H 42 -26.49 23.90 -30.31
N ALA H 43 -25.82 22.76 -30.18
CA ALA H 43 -25.01 22.47 -29.01
C ALA H 43 -23.73 21.78 -29.44
N GLN H 44 -22.59 22.35 -29.09
CA GLN H 44 -21.29 21.81 -29.45
C GLN H 44 -20.48 21.57 -28.18
N ALA H 45 -19.91 20.37 -28.05
CA ALA H 45 -19.14 20.01 -26.88
C ALA H 45 -17.96 19.13 -27.30
N VAL H 46 -16.85 19.27 -26.58
CA VAL H 46 -15.65 18.49 -26.82
C VAL H 46 -15.17 17.89 -25.50
N ASP H 47 -14.93 16.57 -25.50
CA ASP H 47 -14.44 15.90 -24.32
C ASP H 47 -12.96 16.27 -24.10
N ASP H 48 -12.51 16.15 -22.85
CA ASP H 48 -11.14 16.54 -22.52
C ASP H 48 -10.11 15.67 -23.22
N SER H 49 -10.50 14.45 -23.62
CA SER H 49 -9.58 13.55 -24.31
C SER H 49 -9.35 13.94 -25.77
N ARG H 50 -10.08 14.93 -26.28
CA ARG H 50 -9.92 15.43 -27.65
C ARG H 50 -10.12 14.31 -28.67
N VAL H 51 -11.13 13.47 -28.44
CA VAL H 51 -11.44 12.38 -29.35
C VAL H 51 -12.90 12.36 -29.79
N LEU H 52 -13.83 12.97 -29.06
CA LEU H 52 -15.23 13.00 -29.45
C LEU H 52 -15.72 14.44 -29.52
N LEU H 53 -16.54 14.71 -30.53
CA LEU H 53 -17.20 16.00 -30.72
C LEU H 53 -18.69 15.74 -30.73
N VAL H 54 -19.40 16.25 -29.71
CA VAL H 54 -20.84 16.08 -29.63
C VAL H 54 -21.51 17.32 -30.22
N SER H 55 -22.28 17.14 -31.28
CA SER H 55 -22.95 18.24 -31.99
C SER H 55 -24.42 17.91 -32.13
N LEU H 56 -25.27 18.68 -31.46
CA LEU H 56 -26.72 18.44 -31.45
C LEU H 56 -27.42 19.61 -32.11
N GLU H 57 -28.20 19.31 -33.15
CA GLU H 57 -28.98 20.33 -33.87
C GLU H 57 -30.45 19.98 -33.70
N ILE H 58 -31.24 20.91 -33.18
CA ILE H 58 -32.68 20.73 -33.06
C ILE H 58 -33.38 21.89 -33.78
N GLY H 59 -34.24 21.55 -34.75
CA GLY H 59 -34.89 22.54 -35.56
C GLY H 59 -36.18 23.07 -34.96
N VAL H 60 -36.77 24.04 -35.66
CA VAL H 60 -38.03 24.62 -35.21
C VAL H 60 -39.17 23.61 -35.30
N GLU H 61 -39.17 22.77 -36.34
CA GLU H 61 -40.25 21.82 -36.54
C GLU H 61 -40.34 20.79 -35.41
N ALA H 62 -39.23 20.52 -34.72
CA ALA H 62 -39.24 19.59 -33.60
C ALA H 62 -39.97 20.15 -32.39
N PHE H 63 -40.28 21.44 -32.37
CA PHE H 63 -41.00 22.07 -31.26
C PHE H 63 -42.45 22.30 -31.64
N GLN H 64 -43.34 22.15 -30.67
CA GLN H 64 -44.73 22.53 -30.88
C GLN H 64 -44.88 24.05 -30.93
N GLU H 65 -44.04 24.79 -30.22
CA GLU H 65 -43.97 26.23 -30.41
C GLU H 65 -42.56 26.71 -30.09
N TYR H 66 -42.01 27.58 -30.94
CA TYR H 66 -40.68 28.14 -30.74
C TYR H 66 -40.69 29.60 -31.16
N ARG H 67 -40.15 30.47 -30.31
CA ARG H 67 -40.08 31.90 -30.61
C ARG H 67 -38.80 32.48 -30.05
N CYS H 68 -38.03 33.15 -30.90
CA CYS H 68 -36.79 33.82 -30.52
C CYS H 68 -36.47 34.83 -31.61
N ASP H 69 -35.99 36.01 -31.18
CA ASP H 69 -35.72 37.08 -32.14
C ASP H 69 -34.29 37.58 -32.07
N HIS H 70 -33.40 36.90 -31.35
CA HIS H 70 -32.02 37.36 -31.21
C HIS H 70 -31.13 36.19 -30.78
N PRO H 71 -30.03 35.95 -31.49
CA PRO H 71 -29.15 34.83 -31.13
C PRO H 71 -28.58 35.01 -29.72
N VAL H 72 -28.68 33.95 -28.92
CA VAL H 72 -28.27 34.00 -27.52
C VAL H 72 -27.43 32.76 -27.22
N THR H 73 -26.59 32.86 -26.20
CA THR H 73 -25.82 31.75 -25.69
C THR H 73 -26.26 31.47 -24.25
N LEU H 74 -26.48 30.19 -23.94
CA LEU H 74 -27.04 29.79 -22.66
C LEU H 74 -26.15 28.70 -22.07
N GLY H 75 -25.30 29.07 -21.11
CA GLY H 75 -24.41 28.11 -20.48
C GLY H 75 -25.09 27.38 -19.34
N MET H 76 -24.79 26.09 -19.22
CA MET H 76 -25.46 25.26 -18.24
C MET H 76 -24.68 23.96 -18.01
N ASP H 77 -24.89 23.37 -16.84
CA ASP H 77 -24.32 22.09 -16.48
C ASP H 77 -25.32 20.97 -16.77
N LEU H 78 -24.81 19.86 -17.30
CA LEU H 78 -25.67 18.76 -17.71
C LEU H 78 -26.31 18.06 -16.52
N THR H 79 -25.56 17.86 -15.44
CA THR H 79 -26.10 17.14 -14.28
C THR H 79 -27.27 17.89 -13.65
N SER H 80 -27.12 19.20 -13.45
CA SER H 80 -28.21 19.98 -12.88
C SER H 80 -29.40 20.05 -13.83
N LEU H 81 -29.14 20.11 -15.13
CA LEU H 81 -30.22 20.12 -16.11
C LEU H 81 -31.02 18.82 -16.05
N SER H 82 -30.32 17.68 -15.96
CA SER H 82 -31.00 16.40 -15.83
C SER H 82 -31.77 16.30 -14.52
N LYS H 83 -31.20 16.80 -13.43
CA LYS H 83 -31.91 16.82 -12.15
C LYS H 83 -33.18 17.65 -12.24
N ILE H 84 -33.13 18.76 -12.99
CA ILE H 84 -34.33 19.56 -13.24
C ILE H 84 -35.34 18.77 -14.06
N LEU H 85 -34.88 18.06 -15.09
CA LEU H 85 -35.80 17.30 -15.92
C LEU H 85 -36.44 16.14 -15.16
N ARG H 86 -35.79 15.67 -14.10
CA ARG H 86 -36.41 14.60 -13.30
C ARG H 86 -37.73 15.04 -12.69
N CYS H 87 -37.99 16.34 -12.59
CA CYS H 87 -39.29 16.82 -12.13
C CYS H 87 -40.41 16.51 -13.12
N GLY H 88 -40.07 16.20 -14.36
CA GLY H 88 -41.09 15.96 -15.37
C GLY H 88 -41.76 14.60 -15.22
N ASN H 89 -42.94 14.51 -15.82
CA ASN H 89 -43.71 13.28 -15.90
C ASN H 89 -44.08 13.02 -17.37
N ASN H 90 -44.96 12.04 -17.58
CA ASN H 90 -45.36 11.64 -18.92
C ASN H 90 -46.56 12.42 -19.45
N THR H 91 -47.18 13.29 -18.63
CA THR H 91 -48.37 14.02 -19.04
C THR H 91 -48.21 15.53 -18.91
N ASP H 92 -46.97 16.02 -18.86
CA ASP H 92 -46.71 17.45 -18.75
C ASP H 92 -45.84 17.91 -19.91
N THR H 93 -46.04 19.15 -20.32
CA THR H 93 -45.28 19.77 -21.39
C THR H 93 -44.37 20.84 -20.82
N LEU H 94 -43.23 21.05 -21.49
CA LEU H 94 -42.19 21.97 -21.05
C LEU H 94 -42.37 23.34 -21.71
N THR H 95 -42.05 24.38 -20.94
CA THR H 95 -42.03 25.75 -21.45
C THR H 95 -40.74 26.41 -20.95
N LEU H 96 -39.84 26.71 -21.87
CA LEU H 96 -38.57 27.35 -21.55
C LEU H 96 -38.67 28.85 -21.84
N ILE H 97 -38.41 29.66 -20.82
CA ILE H 97 -38.47 31.12 -20.92
C ILE H 97 -37.09 31.67 -20.59
N ALA H 98 -36.57 32.51 -21.47
CA ALA H 98 -35.31 33.21 -21.25
C ALA H 98 -35.49 34.68 -21.62
N ASP H 99 -34.81 35.54 -20.88
CA ASP H 99 -34.92 36.99 -21.04
C ASP H 99 -33.66 37.55 -21.68
N ASN H 100 -33.63 38.88 -21.82
CA ASN H 100 -32.50 39.54 -22.46
C ASN H 100 -31.25 39.50 -21.61
N THR H 101 -31.37 39.29 -20.31
CA THR H 101 -30.23 39.17 -19.41
C THR H 101 -30.13 37.73 -18.93
N PRO H 102 -29.20 36.93 -19.47
CA PRO H 102 -29.14 35.51 -19.08
C PRO H 102 -28.60 35.32 -17.67
N ASP H 103 -29.49 35.02 -16.73
CA ASP H 103 -29.09 34.68 -15.37
C ASP H 103 -29.74 33.38 -14.94
N SER H 104 -30.97 33.14 -15.38
CA SER H 104 -31.69 31.91 -15.04
C SER H 104 -32.77 31.65 -16.06
N ILE H 105 -32.82 30.42 -16.55
CA ILE H 105 -33.90 29.97 -17.44
C ILE H 105 -35.07 29.52 -16.58
N ILE H 106 -36.28 29.92 -16.97
CA ILE H 106 -37.50 29.56 -16.25
C ILE H 106 -38.16 28.40 -17.00
N LEU H 107 -38.34 27.28 -16.32
CA LEU H 107 -38.97 26.10 -16.90
C LEU H 107 -40.33 25.90 -16.25
N LEU H 108 -41.38 25.89 -17.08
CA LEU H 108 -42.75 25.70 -16.61
C LEU H 108 -43.25 24.35 -17.10
N PHE H 109 -43.76 23.55 -16.18
CA PHE H 109 -44.41 22.29 -16.49
C PHE H 109 -45.92 22.53 -16.51
N GLU H 110 -46.52 22.34 -17.67
CA GLU H 110 -47.96 22.57 -17.88
C GLU H 110 -48.66 21.24 -18.07
N ASP H 111 -49.79 21.07 -17.38
CA ASP H 111 -50.59 19.87 -17.47
C ASP H 111 -51.92 20.18 -18.16
N THR H 112 -52.59 19.11 -18.62
CA THR H 112 -53.91 19.28 -19.21
C THR H 112 -54.90 19.86 -18.22
N LYS H 113 -54.88 19.39 -16.97
CA LYS H 113 -55.65 19.99 -15.90
C LYS H 113 -54.95 21.26 -15.44
N LYS H 114 -55.68 22.38 -15.43
CA LYS H 114 -55.08 23.68 -15.20
C LYS H 114 -54.88 24.01 -13.73
N ASP H 115 -55.12 23.05 -12.82
CA ASP H 115 -54.91 23.27 -11.41
C ASP H 115 -53.56 22.77 -10.91
N ARG H 116 -52.73 22.23 -11.80
CA ARG H 116 -51.41 21.72 -11.44
C ARG H 116 -50.39 22.31 -12.43
N ILE H 117 -49.70 23.36 -12.00
CA ILE H 117 -48.69 24.04 -12.80
C ILE H 117 -47.40 24.07 -12.00
N ALA H 118 -46.29 23.66 -12.61
CA ALA H 118 -45.02 23.59 -11.92
C ALA H 118 -44.06 24.62 -12.48
N GLU H 119 -43.23 25.20 -11.61
CA GLU H 119 -42.23 26.19 -12.01
C GLU H 119 -40.87 25.84 -11.41
N TYR H 120 -39.83 26.00 -12.22
CA TYR H 120 -38.46 25.74 -11.79
C TYR H 120 -37.53 26.73 -12.48
N SER H 121 -36.32 26.85 -11.93
CA SER H 121 -35.32 27.76 -12.48
C SER H 121 -33.99 27.03 -12.63
N LEU H 122 -33.23 27.42 -13.63
CA LEU H 122 -31.92 26.84 -13.91
C LEU H 122 -30.91 27.97 -14.06
N LYS H 123 -29.95 28.03 -13.15
CA LYS H 123 -28.96 29.10 -13.15
C LYS H 123 -27.88 28.83 -14.19
N LEU H 124 -27.49 29.86 -14.92
CA LEU H 124 -26.50 29.74 -15.97
C LEU H 124 -25.08 29.82 -15.42
N MET H 125 -24.19 28.99 -15.99
CA MET H 125 -22.76 29.08 -15.78
C MET H 125 -22.11 29.59 -17.05
N ASP H 126 -20.93 30.20 -16.91
CA ASP H 126 -20.18 30.74 -18.04
C ASP H 126 -19.09 29.75 -18.43
N ILE H 127 -19.13 29.31 -19.69
CA ILE H 127 -18.17 28.33 -20.21
C ILE H 127 -17.63 28.84 -21.53
N ASP H 128 -16.33 28.64 -21.73
CA ASP H 128 -15.66 29.04 -22.97
C ASP H 128 -16.15 28.16 -24.10
N ALA H 129 -16.90 28.73 -25.04
CA ALA H 129 -17.44 27.98 -26.15
C ALA H 129 -16.36 27.64 -27.17
N ASP H 130 -16.65 26.65 -28.00
CA ASP H 130 -15.75 26.20 -29.05
C ASP H 130 -16.45 26.37 -30.39
N PHE H 131 -15.66 26.63 -31.43
CA PHE H 131 -16.20 26.88 -32.75
C PHE H 131 -16.82 25.60 -33.34
N LEU H 132 -17.74 25.81 -34.27
CA LEU H 132 -18.53 24.70 -34.81
C LEU H 132 -17.70 23.85 -35.77
N LYS H 133 -17.84 22.53 -35.64
CA LYS H 133 -17.22 21.58 -36.57
C LYS H 133 -18.32 21.03 -37.46
N ILE H 134 -18.55 21.73 -38.58
CA ILE H 134 -19.62 21.37 -39.50
C ILE H 134 -19.06 21.04 -40.90
N GLU H 135 -17.79 20.64 -40.96
CA GLU H 135 -17.20 20.27 -42.24
C GLU H 135 -17.78 18.96 -42.74
N GLU H 136 -18.29 18.97 -43.96
CA GLU H 136 -18.86 17.76 -44.58
C GLU H 136 -17.82 17.09 -45.48
N LEU H 137 -16.82 16.49 -44.86
CA LEU H 137 -15.79 15.78 -45.60
C LEU H 137 -16.34 14.42 -46.04
N GLN H 138 -15.94 13.99 -47.24
CA GLN H 138 -16.50 12.77 -47.82
C GLN H 138 -16.18 11.54 -46.98
N TYR H 139 -17.16 10.67 -46.84
CA TYR H 139 -17.04 9.44 -46.06
C TYR H 139 -17.10 8.25 -47.01
N ASP H 140 -16.21 7.27 -46.78
CA ASP H 140 -16.11 6.14 -47.69
C ASP H 140 -17.34 5.24 -47.62
N SER H 141 -17.80 4.92 -46.41
CA SER H 141 -18.92 4.00 -46.25
C SER H 141 -20.02 4.64 -45.40
N THR H 142 -21.25 4.18 -45.63
CA THR H 142 -22.41 4.69 -44.89
C THR H 142 -23.33 3.53 -44.58
N LEU H 143 -23.51 3.22 -43.30
CA LEU H 143 -24.43 2.18 -42.87
C LEU H 143 -25.51 2.76 -41.97
N SER H 144 -26.63 2.06 -41.89
CA SER H 144 -27.77 2.47 -41.07
C SER H 144 -28.36 1.22 -40.44
N LEU H 145 -28.41 1.19 -39.11
CA LEU H 145 -28.80 -0.02 -38.40
C LEU H 145 -29.62 0.36 -37.18
N PRO H 146 -30.47 -0.53 -36.68
CA PRO H 146 -31.28 -0.20 -35.50
C PRO H 146 -30.40 0.18 -34.31
N SER H 147 -30.84 1.19 -33.56
CA SER H 147 -30.05 1.69 -32.45
C SER H 147 -29.93 0.67 -31.33
N SER H 148 -31.04 -0.03 -31.02
CA SER H 148 -31.00 -1.02 -29.96
C SER H 148 -30.04 -2.17 -30.31
N GLU H 149 -30.10 -2.65 -31.56
CA GLU H 149 -29.20 -3.72 -31.97
C GLU H 149 -27.75 -3.27 -31.92
N PHE H 150 -27.45 -2.06 -32.40
CA PHE H 150 -26.09 -1.55 -32.37
C PHE H 150 -25.58 -1.42 -30.94
N SER H 151 -26.41 -0.88 -30.04
CA SER H 151 -26.02 -0.78 -28.64
C SER H 151 -25.77 -2.16 -28.04
N LYS H 152 -26.59 -3.14 -28.42
CA LYS H 152 -26.39 -4.50 -27.94
C LYS H 152 -25.04 -5.04 -28.38
N ILE H 153 -24.69 -4.85 -29.66
CA ILE H 153 -23.40 -5.33 -30.15
C ILE H 153 -22.24 -4.62 -29.45
N VAL H 154 -22.36 -3.30 -29.24
CA VAL H 154 -21.29 -2.56 -28.57
C VAL H 154 -21.11 -3.07 -27.13
N ARG H 155 -22.21 -3.22 -26.40
CA ARG H 155 -22.10 -3.70 -25.02
C ARG H 155 -21.61 -5.14 -24.96
N ASP H 156 -21.91 -5.93 -26.00
CA ASP H 156 -21.44 -7.31 -26.03
C ASP H 156 -19.93 -7.37 -26.28
N LEU H 157 -19.45 -6.59 -27.25
CA LEU H 157 -18.04 -6.64 -27.60
C LEU H 157 -17.15 -5.86 -26.64
N SER H 158 -17.73 -4.96 -25.84
CA SER H 158 -16.92 -4.25 -24.85
C SER H 158 -16.43 -5.16 -23.73
N GLN H 159 -17.06 -6.32 -23.54
CA GLN H 159 -16.64 -7.22 -22.49
C GLN H 159 -15.31 -7.89 -22.83
N LEU H 160 -15.09 -8.20 -24.11
CA LEU H 160 -13.88 -8.92 -24.51
C LEU H 160 -12.67 -8.00 -24.52
N SER H 161 -12.71 -6.94 -25.34
CA SER H 161 -11.58 -6.05 -25.51
C SER H 161 -12.06 -4.61 -25.51
N ASP H 162 -11.14 -3.70 -25.22
CA ASP H 162 -11.42 -2.27 -25.18
C ASP H 162 -11.25 -1.61 -26.54
N SER H 163 -10.94 -2.37 -27.59
CA SER H 163 -10.76 -1.84 -28.94
C SER H 163 -11.64 -2.64 -29.88
N ILE H 164 -12.62 -1.97 -30.48
CA ILE H 164 -13.56 -2.60 -31.41
C ILE H 164 -13.12 -2.24 -32.82
N ASN H 165 -12.96 -3.26 -33.66
CA ASN H 165 -12.54 -3.10 -35.04
C ASN H 165 -13.76 -3.15 -35.96
N ILE H 166 -13.94 -2.11 -36.75
CA ILE H 166 -15.03 -2.03 -37.72
C ILE H 166 -14.46 -2.25 -39.12
N MET H 167 -15.04 -3.21 -39.84
CA MET H 167 -14.61 -3.56 -41.19
C MET H 167 -15.80 -3.54 -42.13
N ILE H 168 -15.66 -2.84 -43.24
CA ILE H 168 -16.65 -2.74 -44.30
C ILE H 168 -15.98 -3.36 -45.51
N THR H 169 -16.34 -4.59 -45.85
CA THR H 169 -15.53 -5.37 -46.79
C THR H 169 -16.38 -6.40 -47.52
N LYS H 170 -16.33 -6.36 -48.85
CA LYS H 170 -17.14 -7.22 -49.72
C LYS H 170 -18.61 -7.18 -49.35
N GLU H 171 -19.13 -5.98 -49.10
CA GLU H 171 -20.51 -5.78 -48.67
C GLU H 171 -20.86 -6.66 -47.47
N THR H 172 -19.90 -6.78 -46.56
CA THR H 172 -20.07 -7.46 -45.28
C THR H 172 -19.59 -6.53 -44.19
N ILE H 173 -20.32 -6.50 -43.08
CA ILE H 173 -20.02 -5.60 -41.98
C ILE H 173 -19.54 -6.43 -40.80
N LYS H 174 -18.32 -6.14 -40.34
CA LYS H 174 -17.65 -6.99 -39.36
C LYS H 174 -17.25 -6.16 -38.15
N PHE H 175 -17.68 -6.59 -36.97
CA PHE H 175 -17.27 -6.00 -35.70
C PHE H 175 -16.41 -7.03 -34.97
N VAL H 176 -15.16 -6.67 -34.69
CA VAL H 176 -14.17 -7.58 -34.13
C VAL H 176 -13.75 -7.07 -32.76
N ALA H 177 -13.63 -7.99 -31.81
CA ALA H 177 -13.18 -7.65 -30.45
C ALA H 177 -12.31 -8.79 -29.95
N ASP H 178 -11.00 -8.64 -30.11
CA ASP H 178 -10.04 -9.67 -29.71
C ASP H 178 -9.39 -9.29 -28.37
N GLY H 179 -9.85 -9.93 -27.30
CA GLY H 179 -9.32 -9.70 -25.98
C GLY H 179 -8.30 -10.74 -25.57
N ASP H 180 -7.87 -10.65 -24.30
CA ASP H 180 -6.92 -11.62 -23.77
C ASP H 180 -7.58 -12.97 -23.49
N ILE H 181 -8.86 -12.98 -23.11
CA ILE H 181 -9.54 -14.23 -22.79
C ILE H 181 -9.98 -14.97 -24.05
N GLY H 182 -10.16 -14.26 -25.17
CA GLY H 182 -10.61 -14.90 -26.39
C GLY H 182 -10.73 -13.93 -27.56
N SER H 183 -11.80 -14.07 -28.33
CA SER H 183 -12.01 -13.20 -29.48
C SER H 183 -13.51 -13.04 -29.73
N GLY H 184 -13.86 -11.98 -30.45
CA GLY H 184 -15.24 -11.71 -30.81
C GLY H 184 -15.38 -11.29 -32.26
N SER H 185 -16.43 -11.76 -32.93
CA SER H 185 -16.62 -11.46 -34.34
C SER H 185 -18.12 -11.51 -34.64
N VAL H 186 -18.71 -10.35 -34.92
CA VAL H 186 -20.09 -10.24 -35.34
C VAL H 186 -20.11 -9.83 -36.80
N ILE H 187 -20.71 -10.66 -37.64
CA ILE H 187 -20.76 -10.43 -39.09
C ILE H 187 -22.21 -10.26 -39.50
N ILE H 188 -22.50 -9.18 -40.22
CA ILE H 188 -23.84 -8.92 -40.73
C ILE H 188 -23.76 -8.54 -42.20
N LYS H 189 -24.91 -8.65 -42.88
CA LYS H 189 -25.11 -8.42 -44.30
C LYS H 189 -26.19 -7.37 -44.52
N PRO H 190 -26.18 -6.66 -45.66
CA PRO H 190 -27.20 -5.65 -45.92
C PRO H 190 -28.60 -6.24 -45.92
N PHE H 191 -29.55 -5.48 -45.37
CA PHE H 191 -30.93 -5.92 -45.21
C PHE H 191 -31.86 -4.80 -45.66
N VAL H 192 -32.83 -5.13 -46.50
CA VAL H 192 -33.94 -4.23 -46.82
C VAL H 192 -35.24 -4.96 -46.49
N ASP H 193 -36.11 -4.30 -45.74
CA ASP H 193 -37.38 -4.88 -45.30
C ASP H 193 -38.55 -4.03 -45.75
N MET H 194 -39.65 -4.67 -46.07
CA MET H 194 -40.87 -4.00 -46.51
C MET H 194 -42.00 -4.06 -45.50
N GLU H 195 -41.87 -4.88 -44.46
CA GLU H 195 -42.93 -5.08 -43.49
C GLU H 195 -42.71 -4.32 -42.17
N HIS H 196 -41.48 -4.30 -41.66
CA HIS H 196 -41.08 -3.38 -40.59
C HIS H 196 -40.05 -2.42 -41.15
N PRO H 197 -40.48 -1.20 -41.55
CA PRO H 197 -39.54 -0.18 -42.01
C PRO H 197 -38.86 0.59 -40.87
N GLU H 198 -38.44 -0.14 -39.84
CA GLU H 198 -37.58 0.42 -38.80
C GLU H 198 -36.38 -0.45 -38.46
N THR H 199 -36.41 -1.74 -38.71
CA THR H 199 -35.29 -2.65 -38.43
C THR H 199 -34.75 -3.14 -39.77
N SER H 200 -33.64 -2.55 -40.20
CA SER H 200 -33.04 -2.90 -41.47
C SER H 200 -31.56 -2.56 -41.42
N ILE H 201 -30.79 -3.23 -42.28
CA ILE H 201 -29.35 -2.99 -42.36
C ILE H 201 -29.06 -2.37 -43.72
N LYS H 202 -28.95 -1.04 -43.76
CA LYS H 202 -28.67 -0.33 -45.00
C LYS H 202 -27.17 -0.11 -45.11
N LEU H 203 -26.61 -0.39 -46.29
CA LEU H 203 -25.17 -0.24 -46.49
C LEU H 203 -24.89 0.33 -47.88
N GLU H 204 -24.09 1.39 -47.92
CA GLU H 204 -23.59 1.97 -49.16
C GLU H 204 -22.09 2.10 -49.02
N MET H 205 -21.34 1.29 -49.77
CA MET H 205 -19.90 1.20 -49.65
C MET H 205 -19.24 1.67 -50.94
N ASP H 206 -18.28 2.58 -50.81
CA ASP H 206 -17.49 3.07 -51.94
C ASP H 206 -16.08 2.48 -51.92
N GLN H 207 -15.42 2.53 -50.75
CA GLN H 207 -14.19 1.76 -50.54
C GLN H 207 -14.33 0.93 -49.27
N PRO H 208 -13.67 -0.23 -49.21
CA PRO H 208 -13.65 -0.97 -47.95
C PRO H 208 -13.00 -0.14 -46.84
N VAL H 209 -13.55 -0.26 -45.63
CA VAL H 209 -13.13 0.58 -44.51
C VAL H 209 -12.66 -0.31 -43.37
N ASP H 210 -11.43 -0.10 -42.91
CA ASP H 210 -10.89 -0.81 -41.76
C ASP H 210 -10.50 0.24 -40.72
N LEU H 211 -11.08 0.14 -39.52
CA LEU H 211 -10.76 1.11 -38.49
C LEU H 211 -10.92 0.47 -37.13
N THR H 212 -10.33 1.10 -36.11
CA THR H 212 -10.40 0.65 -34.73
C THR H 212 -10.80 1.82 -33.85
N PHE H 213 -11.71 1.57 -32.91
CA PHE H 213 -12.22 2.59 -32.00
C PHE H 213 -12.22 2.09 -30.57
N GLY H 214 -12.22 3.03 -29.63
CA GLY H 214 -12.26 2.67 -28.23
C GLY H 214 -13.64 2.17 -27.82
N ALA H 215 -13.65 1.19 -26.92
CA ALA H 215 -14.91 0.62 -26.46
C ALA H 215 -15.69 1.60 -25.60
N LYS H 216 -14.99 2.34 -24.72
CA LYS H 216 -15.67 3.29 -23.86
C LYS H 216 -16.32 4.42 -24.65
N TYR H 217 -15.66 4.87 -25.72
CA TYR H 217 -16.24 5.92 -26.56
C TYR H 217 -17.54 5.45 -27.20
N LEU H 218 -17.53 4.24 -27.78
CA LEU H 218 -18.74 3.70 -28.38
C LEU H 218 -19.83 3.45 -27.35
N LEU H 219 -19.45 3.03 -26.14
CA LEU H 219 -20.43 2.87 -25.07
C LEU H 219 -21.06 4.20 -24.71
N ASP H 220 -20.27 5.27 -24.70
CA ASP H 220 -20.82 6.60 -24.48
C ASP H 220 -21.74 7.02 -25.60
N ILE H 221 -21.41 6.67 -26.84
CA ILE H 221 -22.25 7.05 -27.99
C ILE H 221 -23.59 6.33 -27.94
N ILE H 222 -23.60 5.04 -27.62
CA ILE H 222 -24.83 4.24 -27.73
C ILE H 222 -25.81 4.64 -26.63
N LYS H 223 -25.40 5.56 -25.76
CA LYS H 223 -26.31 6.06 -24.72
C LYS H 223 -27.47 6.83 -25.32
N GLY H 224 -27.33 7.31 -26.55
CA GLY H 224 -28.38 8.06 -27.21
C GLY H 224 -29.35 7.20 -27.97
N SER H 225 -29.36 5.89 -27.69
CA SER H 225 -30.26 4.97 -28.38
C SER H 225 -31.71 5.24 -28.07
N SER H 226 -32.02 5.95 -26.99
CA SER H 226 -33.39 6.28 -26.65
C SER H 226 -33.98 7.34 -27.58
N LEU H 227 -33.13 8.07 -28.32
CA LEU H 227 -33.63 9.12 -29.21
C LEU H 227 -34.33 8.53 -30.43
N SER H 228 -33.70 7.52 -31.05
CA SER H 228 -34.15 7.00 -32.34
C SER H 228 -34.27 5.49 -32.30
N ASP H 229 -35.14 4.97 -33.18
CA ASP H 229 -35.23 3.53 -33.38
C ASP H 229 -34.06 3.00 -34.19
N ARG H 230 -33.49 3.82 -35.07
CA ARG H 230 -32.35 3.45 -35.89
C ARG H 230 -31.33 4.57 -35.87
N VAL H 231 -30.07 4.20 -36.13
CA VAL H 231 -28.95 5.12 -36.07
C VAL H 231 -28.15 4.98 -37.35
N GLY H 232 -27.65 6.12 -37.86
CA GLY H 232 -26.85 6.13 -39.06
C GLY H 232 -25.38 6.43 -38.78
N ILE H 233 -24.51 5.57 -39.27
CA ILE H 233 -23.07 5.68 -39.02
C ILE H 233 -22.38 5.91 -40.35
N ARG H 234 -21.51 6.91 -40.40
CA ARG H 234 -20.72 7.21 -41.59
C ARG H 234 -19.24 7.05 -41.26
N LEU H 235 -18.54 6.23 -42.06
CA LEU H 235 -17.16 5.86 -41.82
C LEU H 235 -16.26 6.40 -42.93
N SER H 236 -15.12 6.95 -42.52
CA SER H 236 -14.06 7.34 -43.45
C SER H 236 -12.72 6.94 -42.85
N SER H 237 -11.77 6.64 -43.74
CA SER H 237 -10.44 6.23 -43.30
C SER H 237 -9.54 7.39 -42.91
N GLU H 238 -9.91 8.62 -43.27
CA GLU H 238 -9.12 9.80 -42.94
C GLU H 238 -9.94 10.88 -42.24
N ALA H 239 -11.19 10.59 -41.91
CA ALA H 239 -12.07 11.54 -41.24
C ALA H 239 -12.72 10.88 -40.03
N PRO H 240 -13.07 11.67 -39.01
CA PRO H 240 -13.76 11.10 -37.85
C PRO H 240 -15.09 10.47 -38.25
N ALA H 241 -15.37 9.30 -37.69
CA ALA H 241 -16.64 8.63 -37.96
C ALA H 241 -17.78 9.40 -37.30
N LEU H 242 -18.93 9.41 -37.99
CA LEU H 242 -20.10 10.14 -37.53
C LEU H 242 -21.17 9.17 -37.07
N PHE H 243 -21.76 9.45 -35.91
CA PHE H 243 -22.80 8.64 -35.31
C PHE H 243 -24.02 9.54 -35.17
N GLN H 244 -25.12 9.21 -35.84
CA GLN H 244 -26.25 10.12 -35.98
C GLN H 244 -27.54 9.46 -35.50
N PHE H 245 -28.21 10.12 -34.55
CA PHE H 245 -29.55 9.76 -34.10
C PHE H 245 -30.52 10.91 -34.40
N ASP H 246 -31.77 10.56 -34.70
CA ASP H 246 -32.80 11.56 -34.95
C ASP H 246 -34.18 10.96 -34.69
N LEU H 247 -35.09 11.75 -34.12
CA LEU H 247 -36.44 11.25 -33.86
C LEU H 247 -37.40 11.63 -34.99
N LYS H 248 -37.69 12.92 -35.13
CA LYS H 248 -38.47 13.40 -36.27
C LYS H 248 -37.85 14.63 -36.93
N SER H 249 -37.36 15.58 -36.14
CA SER H 249 -36.68 16.76 -36.66
C SER H 249 -35.42 17.14 -35.90
N GLY H 250 -35.28 16.73 -34.64
CA GLY H 250 -34.09 17.01 -33.86
C GLY H 250 -33.13 15.83 -33.92
N PHE H 251 -31.85 16.14 -34.06
CA PHE H 251 -30.84 15.13 -34.32
C PHE H 251 -29.54 15.45 -33.59
N LEU H 252 -28.75 14.41 -33.37
CA LEU H 252 -27.53 14.45 -32.59
C LEU H 252 -26.45 13.65 -33.31
N GLN H 253 -25.23 14.17 -33.31
CA GLN H 253 -24.09 13.52 -33.95
C GLN H 253 -22.92 13.45 -32.98
N PHE H 254 -22.24 12.31 -33.00
CA PHE H 254 -20.96 12.13 -32.33
C PHE H 254 -19.88 11.95 -33.41
N PHE H 255 -18.86 12.80 -33.37
CA PHE H 255 -17.72 12.74 -34.27
C PHE H 255 -16.57 12.12 -33.50
N LEU H 256 -16.24 10.87 -33.83
CA LEU H 256 -15.19 10.13 -33.14
C LEU H 256 -13.94 10.12 -34.03
N ALA H 257 -12.83 10.62 -33.48
CA ALA H 257 -11.57 10.64 -34.20
C ALA H 257 -10.87 9.30 -34.00
N PRO H 258 -10.69 8.50 -35.06
CA PRO H 258 -10.02 7.21 -34.89
C PRO H 258 -8.52 7.37 -34.67
N LYS H 259 -7.94 6.36 -34.03
CA LYS H 259 -6.51 6.34 -33.76
C LYS H 259 -5.74 5.83 -34.97
PG AGS L . -12.26 11.11 26.31
S1G AGS L . -12.20 12.34 24.80
O2G AGS L . -11.33 9.89 26.03
O3G AGS L . -13.72 10.60 26.50
PB AGS L . -12.85 12.62 28.50
O1B AGS L . -13.99 13.07 27.67
O2B AGS L . -12.08 13.79 29.13
O3B AGS L . -11.80 11.84 27.61
PA AGS L . -14.84 11.83 30.21
O1A AGS L . -15.74 10.99 29.39
O2A AGS L . -15.19 13.32 30.19
O3A AGS L . -13.35 11.71 29.71
O5' AGS L . -14.84 11.26 31.68
C5' AGS L . -15.30 9.92 31.95
C4' AGS L . -15.47 9.75 33.44
O4' AGS L . -14.26 10.14 34.12
C3' AGS L . -16.57 10.60 34.08
O3' AGS L . -17.83 9.95 33.98
C2' AGS L . -16.10 10.68 35.53
O2' AGS L . -16.50 9.55 36.29
C1' AGS L . -14.58 10.72 35.37
N9 AGS L . -14.01 12.07 35.40
C8 AGS L . -13.34 12.70 34.39
N7 AGS L . -12.94 13.91 34.69
C5 AGS L . -13.36 14.08 35.99
C6 AGS L . -13.24 15.17 36.90
N6 AGS L . -12.63 16.31 36.61
N1 AGS L . -13.78 15.01 38.13
C2 AGS L . -14.39 13.86 38.43
N3 AGS L . -14.56 12.78 37.67
C4 AGS L . -14.03 12.96 36.45
MG MG M . -15.08 12.04 25.68
PB ADP N . -2.51 -16.91 25.24
O1B ADP N . -3.86 -16.61 24.61
O2B ADP N . -2.38 -16.46 26.67
O3B ADP N . -1.32 -16.56 24.36
PA ADP N . -3.79 -19.36 25.67
O1A ADP N . -4.63 -19.39 24.42
O2A ADP N . -4.36 -18.85 26.97
O3A ADP N . -2.46 -18.52 25.33
O5' ADP N . -3.18 -20.83 25.92
C5' ADP N . -3.78 -21.97 25.32
C4' ADP N . -3.37 -23.22 26.10
O4' ADP N . -2.26 -22.93 26.95
C3' ADP N . -4.50 -23.70 26.98
O3' ADP N . -5.05 -24.92 26.48
C2' ADP N . -3.89 -23.93 28.35
O2' ADP N . -4.02 -25.29 28.72
C1' ADP N . -2.42 -23.56 28.23
N9 ADP N . -2.05 -22.60 29.29
C8 ADP N . -1.55 -21.36 29.11
N7 ADP N . -1.31 -20.75 30.29
C5 ADP N . -1.67 -21.59 31.28
C6 ADP N . -1.68 -21.56 32.75
N6 ADP N . -1.25 -20.48 33.43
N1 ADP N . -2.13 -22.66 33.40
C2 ADP N . -2.56 -23.75 32.73
N3 ADP N . -2.58 -23.85 31.39
C4 ADP N . -2.15 -22.82 30.61
MG MG O . -4.95 -16.10 22.49
PG AGS P . 11.28 -24.87 -1.54
S1G AGS P . 10.30 -23.88 -0.17
O2G AGS P . 12.34 -23.93 -2.21
O3G AGS P . 10.29 -25.36 -2.64
PB AGS P . 11.38 -27.54 -1.04
O1B AGS P . 9.91 -27.50 -0.87
O2B AGS P . 12.07 -28.40 0.03
O3B AGS P . 12.01 -26.09 -0.91
PA AGS P . 10.93 -29.41 -3.00
O1A AGS P . 9.88 -28.96 -3.94
O2A AGS P . 10.39 -30.17 -1.78
O3A AGS P . 11.78 -28.19 -2.44
O5' AGS P . 11.97 -30.29 -3.81
C5' AGS P . 12.19 -30.09 -5.22
C4' AGS P . 12.64 -31.39 -5.83
O4' AGS P . 13.91 -31.77 -5.27
C3' AGS P . 11.71 -32.58 -5.59
O3' AGS P . 10.69 -32.63 -6.58
C2' AGS P . 12.68 -33.76 -5.69
O2' AGS P . 12.88 -34.16 -7.04
C1' AGS P . 13.96 -33.18 -5.10
N9 AGS P . 14.14 -33.47 -3.68
C8 AGS P . 14.28 -32.56 -2.66
N7 AGS P . 14.44 -33.10 -1.48
C5 AGS P . 14.38 -34.46 -1.73
C6 AGS P . 14.48 -35.59 -0.89
N6 AGS P . 14.65 -35.51 0.43
N1 AGS P . 14.40 -36.81 -1.46
C2 AGS P . 14.23 -36.89 -2.78
N3 AGS P . 14.13 -35.91 -3.68
C4 AGS P . 14.21 -34.71 -3.08
MG MG Q . 8.34 -25.81 -1.67
PG AGS R . 22.13 -7.81 -21.95
S1G AGS R . 21.78 -8.80 -20.31
O2G AGS R . 22.60 -6.38 -21.59
O3G AGS R . 20.82 -7.72 -22.78
PB AGS R . 22.87 -9.76 -23.71
O1B AGS R . 23.37 -11.02 -23.11
O2B AGS R . 21.34 -9.75 -23.87
O3B AGS R . 23.23 -8.53 -22.79
PA AGS R . 22.52 -9.73 -26.44
O1A AGS R . 21.91 -11.07 -26.46
O2A AGS R . 21.50 -8.59 -26.39
O3A AGS R . 23.46 -9.54 -25.17
O5' AGS R . 23.48 -9.58 -27.69
C5' AGS R . 23.67 -8.31 -28.34
C4' AGS R . 24.36 -8.54 -29.66
O4' AGS R . 25.72 -8.94 -29.44
C3' AGS R . 23.75 -9.66 -30.51
O3' AGS R . 22.69 -9.16 -31.32
C2' AGS R . 24.94 -10.11 -31.36
O2' AGS R . 25.13 -9.28 -32.50
C1' AGS R . 26.11 -9.93 -30.37
N9 AGS R . 26.44 -11.15 -29.63
C8 AGS R . 26.46 -11.29 -28.26
N7 AGS R . 26.79 -12.50 -27.86
C5 AGS R . 27.01 -13.18 -29.04
C6 AGS R . 27.40 -14.51 -29.30
N6 AGS R . 27.64 -15.42 -28.35
N1 AGS R . 27.52 -14.90 -30.60
C2 AGS R . 27.28 -13.99 -31.55
N3 AGS R . 26.91 -12.72 -31.43
C4 AGS R . 26.80 -12.37 -30.14
MG MG S . 19.13 -8.88 -23.02
PB ADP T . 26.52 21.25 -22.77
O1B ADP T . 25.12 20.76 -23.08
O2B ADP T . 27.59 20.70 -23.69
O3B ADP T . 26.88 21.20 -21.30
PA ADP T . 25.61 23.35 -24.37
O1A ADP T . 24.26 23.76 -23.85
O2A ADP T . 25.69 22.32 -25.48
O3A ADP T . 26.48 22.81 -23.13
O5' ADP T . 26.41 24.67 -24.83
C5' ADP T . 25.90 25.51 -25.85
C4' ADP T . 26.88 26.65 -26.13
O4' ADP T . 28.15 26.14 -26.52
C3' ADP T . 26.38 27.54 -27.26
O3' ADP T . 25.94 28.80 -26.76
C2' ADP T . 27.59 27.76 -28.17
O2' ADP T . 27.94 29.14 -28.20
C1' ADP T . 28.72 26.95 -27.56
N9 ADP T . 29.32 26.10 -28.61
C8 ADP T . 29.13 24.77 -28.76
N7 ADP T . 29.82 24.30 -29.82
C5 ADP T . 30.46 25.34 -30.39
C6 ADP T . 31.36 25.53 -31.55
N6 ADP T . 31.72 24.50 -32.34
N1 ADP T . 31.81 26.78 -31.79
C2 ADP T . 31.46 27.83 -31.01
N3 ADP T . 30.65 27.72 -29.94
C4 ADP T . 30.13 26.52 -29.58
#